data_2LB9
#
_entry.id   2LB9
#
loop_
_entity.id
_entity.type
_entity.pdbx_description
1 polymer 'Sensor histidine kinase'
2 non-polymer PHYCOCYANOBILIN
#
_entity_poly.entity_id   1
_entity_poly.type   'polypeptide(L)'
_entity_poly.pdbx_seq_one_letter_code
;MDTETWAAAARPSRDALINRITHQIRQSLELDQILRATVEEVRAFLGTDRVKVYRFDPEGHGTVVAEARGGERLPSLLGL
TFPAGDIPEEARRLFRLAQVRVIVDVEAQSRSISQPESWGLSARVPLGEPLQRPVDPCHVHYLKSMGVASSLVVPLMHHQ
ELWGLLVSHHAEPRPYSQEELQVVQLLADQVSIAIAQAELSLHHHHHH
;
_entity_poly.pdbx_strand_id   A
#
loop_
_chem_comp.id
_chem_comp.type
_chem_comp.name
_chem_comp.formula
CYC non-polymer PHYCOCYANOBILIN 'C33 H40 N4 O6'
#
# COMPACT_ATOMS: atom_id res chain seq x y z
N LEU A 31 -11.62 -10.87 -12.19
CA LEU A 31 -10.89 -9.76 -11.58
C LEU A 31 -9.39 -10.05 -11.56
N ASP A 32 -9.04 -11.27 -11.18
CA ASP A 32 -7.64 -11.67 -11.10
C ASP A 32 -6.91 -11.30 -12.40
N GLN A 33 -7.62 -11.38 -13.51
CA GLN A 33 -7.04 -11.03 -14.80
C GLN A 33 -6.94 -9.52 -14.97
N ILE A 34 -8.03 -8.82 -14.68
CA ILE A 34 -8.04 -7.37 -14.77
C ILE A 34 -6.98 -6.76 -13.85
N LEU A 35 -6.93 -7.25 -12.61
CA LEU A 35 -5.98 -6.72 -11.64
C LEU A 35 -4.55 -6.88 -12.16
N ARG A 36 -4.31 -7.92 -12.95
CA ARG A 36 -2.99 -8.17 -13.51
C ARG A 36 -2.62 -7.06 -14.49
N ALA A 37 -3.57 -6.64 -15.30
CA ALA A 37 -3.32 -5.59 -16.29
C ALA A 37 -3.24 -4.23 -15.62
N THR A 38 -3.91 -4.09 -14.48
CA THR A 38 -3.93 -2.83 -13.75
C THR A 38 -2.53 -2.48 -13.23
N VAL A 39 -1.81 -3.51 -12.78
CA VAL A 39 -0.47 -3.30 -12.24
C VAL A 39 0.51 -2.95 -13.35
N GLU A 40 0.20 -3.36 -14.57
CA GLU A 40 1.05 -3.06 -15.71
C GLU A 40 0.95 -1.59 -16.10
N GLU A 41 -0.24 -1.03 -15.99
CA GLU A 41 -0.46 0.37 -16.32
C GLU A 41 0.03 1.27 -15.20
N VAL A 42 -0.17 0.83 -13.95
CA VAL A 42 0.23 1.61 -12.80
C VAL A 42 1.73 1.89 -12.83
N ARG A 43 2.52 0.82 -12.87
CA ARG A 43 3.98 0.96 -12.91
C ARG A 43 4.40 1.96 -13.99
N ALA A 44 3.76 1.89 -15.15
CA ALA A 44 4.09 2.79 -16.25
C ALA A 44 3.87 4.23 -15.83
N PHE A 45 2.71 4.52 -15.27
CA PHE A 45 2.36 5.89 -14.87
C PHE A 45 3.34 6.39 -13.83
N LEU A 46 3.65 5.53 -12.84
CA LEU A 46 4.55 5.92 -11.76
C LEU A 46 5.98 5.53 -12.08
N GLY A 47 6.14 4.71 -13.13
CA GLY A 47 7.48 4.26 -13.52
C GLY A 47 8.21 3.63 -12.35
N THR A 48 7.46 3.11 -11.39
CA THR A 48 8.05 2.48 -10.21
C THR A 48 8.63 1.13 -10.58
N ASP A 49 9.82 0.84 -10.05
CA ASP A 49 10.51 -0.40 -10.36
C ASP A 49 9.60 -1.60 -10.06
N ARG A 50 8.88 -1.52 -8.96
CA ARG A 50 8.02 -2.63 -8.54
C ARG A 50 6.74 -2.11 -7.89
N VAL A 51 5.61 -2.61 -8.37
CA VAL A 51 4.31 -2.27 -7.78
C VAL A 51 3.38 -3.47 -7.85
N LYS A 52 2.72 -3.77 -6.74
CA LYS A 52 1.85 -4.94 -6.67
C LYS A 52 0.53 -4.61 -5.99
N VAL A 53 -0.52 -5.35 -6.36
CA VAL A 53 -1.82 -5.19 -5.74
C VAL A 53 -2.00 -6.23 -4.65
N TYR A 54 -2.57 -5.83 -3.51
CA TYR A 54 -2.74 -6.74 -2.39
C TYR A 54 -4.22 -6.91 -2.05
N ARG A 55 -4.71 -8.14 -2.18
CA ARG A 55 -6.10 -8.44 -1.90
C ARG A 55 -6.25 -8.89 -0.44
N PHE A 56 -7.20 -8.30 0.27
CA PHE A 56 -7.40 -8.63 1.68
C PHE A 56 -8.53 -9.65 1.84
N ASP A 57 -8.23 -10.74 2.53
CA ASP A 57 -9.23 -11.77 2.78
C ASP A 57 -9.90 -11.54 4.12
N PRO A 58 -11.04 -12.16 4.33
CA PRO A 58 -11.84 -11.97 5.56
C PRO A 58 -11.14 -12.55 6.80
N GLU A 59 -10.24 -13.50 6.57
CA GLU A 59 -9.53 -14.14 7.66
C GLU A 59 -8.26 -13.36 8.01
N GLY A 60 -8.05 -12.26 7.31
CA GLY A 60 -6.90 -11.41 7.58
C GLY A 60 -5.76 -11.72 6.61
N HIS A 61 -5.83 -12.88 5.97
CA HIS A 61 -4.80 -13.28 5.02
C HIS A 61 -4.97 -12.55 3.69
N GLY A 62 -3.86 -12.32 3.01
CA GLY A 62 -3.90 -11.64 1.71
C GLY A 62 -2.96 -12.33 0.71
N THR A 63 -3.21 -12.09 -0.57
CA THR A 63 -2.40 -12.70 -1.61
C THR A 63 -2.03 -11.67 -2.68
N VAL A 64 -0.96 -11.95 -3.42
CA VAL A 64 -0.54 -11.06 -4.50
C VAL A 64 -1.11 -11.53 -5.84
N VAL A 65 -2.01 -10.75 -6.40
CA VAL A 65 -2.67 -11.12 -7.65
C VAL A 65 -2.16 -10.24 -8.79
N ALA A 66 -1.25 -9.32 -8.47
CA ALA A 66 -0.71 -8.42 -9.46
C ALA A 66 0.66 -7.90 -9.03
N GLU A 67 1.65 -8.00 -9.91
CA GLU A 67 2.99 -7.54 -9.61
C GLU A 67 3.80 -7.34 -10.90
N ALA A 68 4.62 -6.30 -10.93
CA ALA A 68 5.47 -6.06 -12.09
C ALA A 68 6.89 -5.71 -11.65
N ARG A 69 7.86 -6.19 -12.42
CA ARG A 69 9.27 -5.97 -12.07
C ARG A 69 10.00 -5.34 -13.25
N GLY A 70 10.92 -4.42 -12.94
CA GLY A 70 11.70 -3.74 -13.98
C GLY A 70 13.11 -4.33 -14.07
N GLY A 71 13.46 -4.81 -15.26
CA GLY A 71 14.78 -5.39 -15.46
C GLY A 71 15.04 -6.55 -14.51
N GLU A 72 13.99 -7.32 -14.24
CA GLU A 72 14.11 -8.46 -13.34
C GLU A 72 14.93 -8.10 -12.11
N ARG A 73 15.08 -6.80 -11.87
CA ARG A 73 15.86 -6.33 -10.73
C ARG A 73 15.31 -6.91 -9.43
N LEU A 74 13.98 -6.88 -9.29
CA LEU A 74 13.35 -7.42 -8.09
C LEU A 74 12.61 -8.71 -8.42
N PRO A 75 12.96 -9.78 -7.77
CA PRO A 75 12.32 -11.11 -7.97
C PRO A 75 10.80 -11.02 -7.93
N SER A 76 10.14 -12.09 -8.37
CA SER A 76 8.68 -12.13 -8.39
C SER A 76 8.14 -12.82 -7.15
N LEU A 77 7.05 -12.29 -6.62
CA LEU A 77 6.43 -12.89 -5.42
C LEU A 77 5.01 -13.36 -5.75
N LEU A 78 4.63 -13.25 -7.01
CA LEU A 78 3.27 -13.60 -7.43
C LEU A 78 2.93 -15.02 -6.98
N GLY A 79 1.71 -15.20 -6.49
CA GLY A 79 1.23 -16.52 -6.11
C GLY A 79 1.61 -16.85 -4.67
N LEU A 80 2.41 -15.97 -4.06
CA LEU A 80 2.82 -16.17 -2.68
C LEU A 80 1.79 -15.56 -1.73
N THR A 81 1.58 -16.22 -0.59
CA THR A 81 0.63 -15.74 0.40
C THR A 81 1.36 -15.09 1.57
N PHE A 82 0.92 -13.91 1.96
CA PHE A 82 1.54 -13.20 3.07
C PHE A 82 0.70 -13.35 4.34
N PRO A 83 1.34 -13.58 5.45
CA PRO A 83 0.65 -13.74 6.76
C PRO A 83 0.12 -12.40 7.30
N ALA A 84 -1.14 -12.39 7.71
CA ALA A 84 -1.76 -11.18 8.23
C ALA A 84 -0.96 -10.63 9.40
N GLY A 85 -0.35 -11.52 10.17
CA GLY A 85 0.44 -11.11 11.33
C GLY A 85 1.38 -9.97 10.97
N ASP A 86 1.64 -9.80 9.68
CA ASP A 86 2.53 -8.75 9.21
C ASP A 86 1.94 -7.38 9.54
N ILE A 87 0.62 -7.33 9.71
CA ILE A 87 -0.04 -6.07 10.03
C ILE A 87 -1.12 -6.30 11.09
N PRO A 88 -0.78 -6.10 12.33
CA PRO A 88 -1.71 -6.32 13.48
C PRO A 88 -3.14 -5.96 13.12
N GLU A 89 -3.49 -4.69 13.30
CA GLU A 89 -4.84 -4.23 12.99
C GLU A 89 -4.92 -2.71 13.08
N GLU A 90 -4.20 -2.15 14.05
CA GLU A 90 -4.22 -0.70 14.25
C GLU A 90 -3.78 0.03 12.98
N ALA A 91 -2.72 -0.48 12.35
CA ALA A 91 -2.21 0.14 11.14
C ALA A 91 -3.18 -0.07 9.97
N ARG A 92 -3.78 -1.26 9.91
CA ARG A 92 -4.72 -1.57 8.84
C ARG A 92 -5.94 -0.65 8.91
N ARG A 93 -6.32 -0.27 10.12
CA ARG A 93 -7.47 0.59 10.32
C ARG A 93 -7.24 1.96 9.69
N LEU A 94 -6.00 2.45 9.80
CA LEU A 94 -5.66 3.76 9.28
C LEU A 94 -5.93 3.82 7.77
N PHE A 95 -5.70 2.71 7.09
CA PHE A 95 -5.94 2.64 5.65
C PHE A 95 -7.44 2.71 5.35
N ARG A 96 -8.25 2.20 6.28
CA ARG A 96 -9.69 2.20 6.09
C ARG A 96 -10.32 3.44 6.73
N LEU A 97 -9.60 4.03 7.68
CA LEU A 97 -10.13 5.17 8.43
C LEU A 97 -9.72 6.48 7.76
N ALA A 98 -8.43 6.60 7.46
CA ALA A 98 -7.90 7.84 6.91
C ALA A 98 -7.38 7.60 5.49
N GLN A 99 -7.29 6.34 5.10
CA GLN A 99 -6.78 5.96 3.79
C GLN A 99 -5.55 6.80 3.43
N VAL A 100 -4.53 6.73 4.27
CA VAL A 100 -3.31 7.49 4.06
C VAL A 100 -2.15 6.87 4.81
N ARG A 101 -1.10 6.50 4.08
CA ARG A 101 0.08 5.93 4.70
C ARG A 101 1.23 5.86 3.69
N VAL A 102 2.40 6.35 4.10
CA VAL A 102 3.57 6.33 3.24
C VAL A 102 4.83 6.14 4.06
N ILE A 103 5.85 5.53 3.45
CA ILE A 103 7.10 5.28 4.14
C ILE A 103 8.20 6.20 3.61
N VAL A 104 8.89 6.89 4.52
CA VAL A 104 9.92 7.83 4.12
C VAL A 104 11.25 7.10 3.94
N ASP A 105 12.24 7.82 3.43
CA ASP A 105 13.56 7.24 3.20
C ASP A 105 14.08 6.56 4.45
N VAL A 106 14.26 5.25 4.37
CA VAL A 106 14.77 4.49 5.51
C VAL A 106 16.01 5.17 6.09
N GLU A 107 16.59 6.09 5.33
CA GLU A 107 17.77 6.81 5.79
C GLU A 107 17.41 7.73 6.96
N ALA A 108 16.27 8.39 6.85
CA ALA A 108 15.81 9.28 7.92
C ALA A 108 15.51 8.48 9.18
N GLN A 109 15.67 7.16 9.10
CA GLN A 109 15.44 6.30 10.25
C GLN A 109 14.21 6.78 11.04
N SER A 110 13.04 6.64 10.45
CA SER A 110 11.80 6.99 11.13
C SER A 110 11.26 5.79 11.89
N ARG A 111 11.03 5.97 13.19
CA ARG A 111 10.58 4.87 14.03
C ARG A 111 9.14 5.09 14.51
N SER A 112 8.37 4.01 14.54
CA SER A 112 6.99 4.09 15.02
C SER A 112 6.80 3.18 16.23
N ILE A 113 5.85 3.51 17.09
CA ILE A 113 5.61 2.72 18.29
C ILE A 113 4.17 2.82 18.74
N SER A 114 3.72 1.84 19.52
CA SER A 114 2.36 1.84 20.05
C SER A 114 2.24 2.85 21.18
N GLN A 115 1.00 3.06 21.66
CA GLN A 115 0.76 4.00 22.74
C GLN A 115 -0.43 3.55 23.58
N PRO A 116 -0.42 3.89 24.85
CA PRO A 116 -1.53 3.54 25.78
C PRO A 116 -2.80 4.31 25.48
N GLU A 117 -2.65 5.52 24.95
CA GLU A 117 -3.80 6.36 24.62
C GLU A 117 -4.68 5.67 23.59
N SER A 118 -4.04 4.97 22.64
CA SER A 118 -4.78 4.29 21.59
C SER A 118 -5.91 5.16 21.06
N TRP A 119 -7.14 4.74 21.31
CA TRP A 119 -8.31 5.49 20.86
C TRP A 119 -8.12 5.97 19.43
N GLY A 120 -8.65 5.21 18.48
CA GLY A 120 -8.53 5.56 17.07
C GLY A 120 -9.55 6.64 16.68
N LEU A 121 -9.23 7.40 15.65
CA LEU A 121 -10.12 8.46 15.20
C LEU A 121 -11.06 7.94 14.10
N SER A 122 -12.31 8.37 14.15
CA SER A 122 -13.29 7.94 13.15
C SER A 122 -13.02 8.61 11.81
N ALA A 123 -13.67 8.12 10.77
CA ALA A 123 -13.49 8.67 9.43
C ALA A 123 -14.30 9.97 9.28
N ARG A 124 -15.21 10.20 10.23
CA ARG A 124 -16.04 11.39 10.19
C ARG A 124 -15.20 12.65 10.40
N VAL A 125 -14.26 12.57 11.35
CA VAL A 125 -13.39 13.70 11.64
C VAL A 125 -12.18 13.71 10.71
N PRO A 126 -11.61 14.86 10.50
CA PRO A 126 -10.42 15.02 9.61
C PRO A 126 -9.28 14.08 10.00
N LEU A 127 -8.46 13.73 9.02
CA LEU A 127 -7.33 12.83 9.27
C LEU A 127 -6.50 13.33 10.45
N GLY A 128 -6.05 14.57 10.37
CA GLY A 128 -5.25 15.15 11.44
C GLY A 128 -3.97 14.37 11.64
N GLU A 129 -3.39 13.90 10.54
CA GLU A 129 -2.15 13.12 10.61
C GLU A 129 -1.03 13.83 9.89
N PRO A 130 0.19 13.58 10.28
CA PRO A 130 1.40 14.20 9.66
C PRO A 130 1.57 13.80 8.20
N LEU A 131 2.22 14.67 7.43
CA LEU A 131 2.41 14.42 6.00
C LEU A 131 3.21 13.13 5.80
N GLN A 132 3.73 12.59 6.89
CA GLN A 132 4.53 11.37 6.81
C GLN A 132 4.12 10.39 7.91
N ARG A 133 4.44 9.12 7.71
CA ARG A 133 4.08 8.09 8.68
C ARG A 133 5.27 7.18 8.96
N PRO A 134 5.71 7.12 10.19
CA PRO A 134 6.85 6.27 10.61
C PRO A 134 6.44 4.83 10.84
N VAL A 135 7.31 3.90 10.44
CA VAL A 135 7.05 2.48 10.63
C VAL A 135 8.05 1.86 11.60
N ASP A 136 7.55 1.22 12.65
CA ASP A 136 8.42 0.60 13.64
C ASP A 136 9.63 -0.03 12.98
N PRO A 137 10.70 -0.16 13.71
CA PRO A 137 11.99 -0.70 13.19
C PRO A 137 11.81 -2.11 12.62
N CYS A 138 10.99 -2.91 13.29
CA CYS A 138 10.74 -4.27 12.83
C CYS A 138 10.23 -4.29 11.39
N HIS A 139 9.53 -3.23 11.01
CA HIS A 139 9.04 -3.11 9.65
C HIS A 139 10.09 -2.48 8.75
N VAL A 140 10.91 -1.60 9.34
CA VAL A 140 11.96 -0.94 8.59
C VAL A 140 12.89 -1.97 7.95
N HIS A 141 13.38 -2.90 8.75
CA HIS A 141 14.27 -3.94 8.25
C HIS A 141 13.56 -4.78 7.21
N TYR A 142 12.32 -5.16 7.50
CA TYR A 142 11.54 -5.97 6.56
C TYR A 142 11.64 -5.38 5.16
N LEU A 143 11.53 -4.06 5.07
CA LEU A 143 11.61 -3.38 3.77
C LEU A 143 13.06 -3.35 3.29
N LYS A 144 13.97 -3.01 4.19
CA LYS A 144 15.39 -3.00 3.86
C LYS A 144 15.82 -4.35 3.29
N SER A 145 15.39 -5.42 3.95
CA SER A 145 15.67 -6.76 3.46
C SER A 145 15.05 -6.99 2.10
N MET A 146 14.11 -6.12 1.73
CA MET A 146 13.43 -6.24 0.45
C MET A 146 14.08 -5.30 -0.58
N GLY A 147 15.06 -4.53 -0.14
CA GLY A 147 15.75 -3.60 -1.03
C GLY A 147 14.92 -2.35 -1.26
N VAL A 148 14.01 -2.07 -0.34
CA VAL A 148 13.15 -0.90 -0.46
C VAL A 148 13.56 0.18 0.54
N ALA A 149 13.53 1.43 0.09
CA ALA A 149 13.90 2.55 0.96
C ALA A 149 12.70 3.47 1.17
N SER A 150 12.09 3.88 0.05
CA SER A 150 10.92 4.76 0.11
C SER A 150 9.80 4.20 -0.74
N SER A 151 8.70 3.84 -0.10
CA SER A 151 7.56 3.27 -0.80
C SER A 151 6.26 3.96 -0.41
N LEU A 152 5.37 4.12 -1.37
CA LEU A 152 4.08 4.75 -1.12
C LEU A 152 2.99 3.67 -1.04
N VAL A 153 2.17 3.73 0.00
CA VAL A 153 1.11 2.75 0.18
C VAL A 153 -0.27 3.38 -0.03
N VAL A 154 -0.87 3.09 -1.17
CA VAL A 154 -2.21 3.57 -1.48
C VAL A 154 -3.21 2.43 -1.40
N PRO A 155 -4.21 2.57 -0.57
CA PRO A 155 -5.21 1.49 -0.34
C PRO A 155 -6.27 1.41 -1.44
N LEU A 156 -6.83 0.22 -1.62
CA LEU A 156 -7.90 0.02 -2.59
C LEU A 156 -9.18 -0.43 -1.87
N MET A 157 -10.16 0.45 -1.80
CA MET A 157 -11.38 0.17 -1.04
C MET A 157 -12.61 0.59 -1.83
N HIS A 158 -13.78 0.11 -1.39
CA HIS A 158 -15.04 0.49 -2.03
C HIS A 158 -16.15 0.59 -0.99
N HIS A 159 -16.77 1.77 -0.92
CA HIS A 159 -17.82 2.01 0.06
C HIS A 159 -17.23 2.22 1.45
N GLN A 160 -17.49 1.29 2.35
CA GLN A 160 -16.99 1.40 3.72
C GLN A 160 -16.04 0.24 4.05
N GLU A 161 -15.91 -0.68 3.11
CA GLU A 161 -15.11 -1.87 3.32
C GLU A 161 -13.80 -1.79 2.54
N LEU A 162 -12.81 -2.55 2.97
CA LEU A 162 -11.52 -2.60 2.27
C LEU A 162 -11.36 -3.92 1.53
N TRP A 163 -11.02 -3.84 0.25
CA TRP A 163 -10.90 -5.04 -0.57
C TRP A 163 -9.43 -5.45 -0.71
N GLY A 164 -8.56 -4.46 -0.92
CA GLY A 164 -7.14 -4.75 -1.13
C GLY A 164 -6.28 -3.53 -0.82
N LEU A 165 -4.98 -3.66 -1.05
CA LEU A 165 -4.05 -2.56 -0.78
C LEU A 165 -3.01 -2.44 -1.88
N LEU A 166 -2.77 -1.23 -2.34
CA LEU A 166 -1.78 -0.98 -3.38
C LEU A 166 -0.50 -0.40 -2.77
N VAL A 167 0.62 -0.60 -3.44
CA VAL A 167 1.90 -0.11 -2.94
C VAL A 167 2.94 -0.03 -4.05
N SER A 168 3.73 1.04 -4.03
CA SER A 168 4.80 1.21 -5.01
C SER A 168 6.15 1.26 -4.31
N HIS A 169 7.13 0.56 -4.87
CA HIS A 169 8.45 0.49 -4.27
C HIS A 169 9.47 1.28 -5.09
N HIS A 170 10.17 2.19 -4.44
CA HIS A 170 11.19 2.99 -5.11
C HIS A 170 12.55 2.82 -4.42
N ALA A 171 13.54 2.42 -5.19
CA ALA A 171 14.87 2.20 -4.63
C ALA A 171 15.65 3.51 -4.57
N GLU A 172 14.94 4.59 -4.26
CA GLU A 172 15.57 5.91 -4.17
C GLU A 172 14.58 6.94 -3.66
N PRO A 173 15.06 7.94 -2.98
CA PRO A 173 14.20 9.03 -2.42
C PRO A 173 13.56 9.88 -3.51
N ARG A 174 12.28 10.21 -3.32
CA ARG A 174 11.56 11.00 -4.30
C ARG A 174 10.25 11.51 -3.72
N PRO A 175 10.26 12.69 -3.17
CA PRO A 175 9.04 13.32 -2.57
C PRO A 175 7.87 13.35 -3.54
N TYR A 176 6.66 13.46 -2.99
CA TYR A 176 5.45 13.48 -3.82
C TYR A 176 4.83 14.87 -3.79
N SER A 177 4.19 15.26 -4.90
CA SER A 177 3.54 16.56 -4.98
C SER A 177 2.03 16.40 -4.94
N GLN A 178 1.35 17.44 -4.48
CA GLN A 178 -0.11 17.41 -4.38
C GLN A 178 -0.72 17.02 -5.73
N GLU A 179 -0.18 17.58 -6.80
CA GLU A 179 -0.68 17.30 -8.13
C GLU A 179 -0.39 15.84 -8.51
N GLU A 180 0.87 15.45 -8.40
CA GLU A 180 1.25 14.08 -8.74
C GLU A 180 0.61 13.08 -7.77
N LEU A 181 0.41 13.53 -6.54
CA LEU A 181 -0.19 12.67 -5.52
C LEU A 181 -1.60 12.26 -5.95
N GLN A 182 -2.33 13.21 -6.52
CA GLN A 182 -3.70 12.95 -6.96
C GLN A 182 -3.71 11.92 -8.08
N VAL A 183 -2.84 12.12 -9.07
CA VAL A 183 -2.76 11.20 -10.19
C VAL A 183 -2.75 9.76 -9.70
N VAL A 184 -1.80 9.47 -8.80
CA VAL A 184 -1.67 8.11 -8.27
C VAL A 184 -2.76 7.84 -7.24
N GLN A 185 -2.88 8.73 -6.26
CA GLN A 185 -3.89 8.58 -5.23
C GLN A 185 -5.26 8.37 -5.87
N LEU A 186 -5.52 9.12 -6.93
CA LEU A 186 -6.79 9.02 -7.65
C LEU A 186 -6.82 7.73 -8.47
N LEU A 187 -5.74 7.48 -9.19
CA LEU A 187 -5.65 6.27 -10.01
C LEU A 187 -6.03 5.05 -9.18
N ALA A 188 -5.52 5.00 -7.96
CA ALA A 188 -5.84 3.91 -7.05
C ALA A 188 -7.34 3.89 -6.77
N ASP A 189 -7.90 5.07 -6.55
CA ASP A 189 -9.33 5.18 -6.29
C ASP A 189 -10.12 4.70 -7.51
N GLN A 190 -9.60 5.03 -8.69
CA GLN A 190 -10.22 4.59 -9.93
C GLN A 190 -10.09 3.08 -10.08
N VAL A 191 -9.01 2.53 -9.52
CA VAL A 191 -8.81 1.09 -9.55
C VAL A 191 -9.71 0.41 -8.52
N SER A 192 -9.71 0.95 -7.30
CA SER A 192 -10.57 0.40 -6.26
C SER A 192 -12.01 0.35 -6.74
N ILE A 193 -12.39 1.32 -7.57
CA ILE A 193 -13.74 1.37 -8.11
C ILE A 193 -13.96 0.20 -9.07
N ALA A 194 -12.91 -0.19 -9.77
CA ALA A 194 -12.98 -1.32 -10.69
C ALA A 194 -13.23 -2.61 -9.93
N ILE A 195 -12.61 -2.72 -8.75
CA ILE A 195 -12.80 -3.90 -7.91
C ILE A 195 -14.26 -4.03 -7.52
N ALA A 196 -14.92 -2.89 -7.33
CA ALA A 196 -16.32 -2.89 -6.90
C ALA A 196 -17.23 -3.28 -8.06
N GLN A 197 -17.10 -2.56 -9.17
CA GLN A 197 -17.97 -2.79 -10.32
C GLN A 197 -17.75 -4.19 -10.87
N ALA A 198 -16.50 -4.61 -10.93
CA ALA A 198 -16.16 -5.92 -11.47
C ALA A 198 -16.69 -7.03 -10.55
N GLU A 199 -16.69 -6.75 -9.26
CA GLU A 199 -17.15 -7.73 -8.28
C GLU A 199 -18.54 -8.24 -8.64
N LEU A 200 -19.43 -7.32 -9.02
CA LEU A 200 -20.78 -7.69 -9.38
C LEU A 200 -20.77 -8.86 -10.37
N SER A 201 -19.78 -8.86 -11.26
CA SER A 201 -19.66 -9.92 -12.26
C SER A 201 -19.60 -11.29 -11.57
N LEU A 202 -18.57 -11.49 -10.75
CA LEU A 202 -18.41 -12.75 -10.05
C LEU A 202 -19.53 -12.95 -9.03
CHA CYC B . 3.09 -2.79 8.15
NA CYC B . 4.01 -3.95 6.16
C1A CYC B . 3.21 -3.08 6.78
C2A CYC B . 2.47 -2.43 5.80
C3A CYC B . 2.88 -2.96 4.58
C4A CYC B . 3.85 -3.94 4.85
CMA CYC B . 2.30 -2.51 3.23
CAA CYC B . 1.41 -1.31 6.01
CBA CYC B . 2.03 0.08 6.20
CGA CYC B . 2.29 0.39 7.67
O1A CYC B . 3.46 0.67 8.00
O2A CYC B . 1.31 0.36 8.44
CHB CYC B . 4.56 -4.76 3.95
NB CYC B . 4.81 -4.45 1.47
C1B CYC B . 4.44 -5.09 2.59
C2B CYC B . 3.84 -6.29 2.23
C3B CYC B . 3.85 -6.36 0.84
C4B CYC B . 4.46 -5.20 0.41
CMB CYC B . 3.24 -7.40 3.13
CAB CYC B . 3.32 -7.46 -0.07
CBB CYC B . 2.68 -6.92 -1.35
OB CYC B . 4.65 -4.90 -0.77
NC CYC B . 5.82 -8.02 10.71
C1C CYC B . 5.53 -8.92 11.67
C2C CYC B . 5.54 -8.27 13.04
C3C CYC B . 6.09 -6.89 12.75
C4C CYC B . 6.06 -6.79 11.23
CMC CYC B . 4.15 -8.25 13.67
CAC CYC B . 7.50 -6.60 13.34
CBC CYC B . 7.59 -6.74 14.86
OC CYC B . 5.29 -10.12 11.48
CHD CYC B . 6.27 -5.55 10.63
ND CYC B . 4.79 -4.34 9.06
C1D CYC B . 5.27 -4.66 10.26
C2D CYC B . 4.57 -3.89 11.19
C3D CYC B . 3.66 -3.09 10.50
C4D CYC B . 3.84 -3.40 9.15
CMD CYC B . 4.76 -3.90 12.72
CAD CYC B . 2.68 -2.09 11.13
CBD CYC B . 3.30 -0.71 11.38
CGD CYC B . 3.23 -0.26 12.84
O1D CYC B . 3.94 -0.89 13.66
O2D CYC B . 2.48 0.69 13.12
HHA CYC B . 2.41 -2.10 8.42
HMA1 CYC B . 1.93 -1.59 3.32
HMA2 CYC B . 3.05 -2.49 2.56
HMA3 CYC B . 1.59 -3.14 2.95
HAA1 CYC B . 0.86 -1.54 6.81
HAA2 CYC B . 0.81 -1.29 5.20
HBA1 CYC B . 1.41 0.77 5.83
HBA2 CYC B . 2.89 0.10 5.70
HHB CYC B . 5.31 -5.26 4.40
HB CYC B . 5.29 -3.58 1.42
HMB1 CYC B . 2.60 -6.99 3.78
HMB2 CYC B . 2.76 -8.06 2.57
HMB3 CYC B . 3.98 -7.85 3.63
HAB1 CYC B . 4.07 -8.07 -0.31
HAB2 CYC B . 2.62 -7.98 0.43
HBB1 CYC B . 2.00 -6.22 -1.11
HBB2 CYC B . 3.39 -6.51 -1.92
HBB3 CYC B . 2.25 -7.67 -1.84
HC CYC B . 5.84 -8.22 9.72
H2C CYC B . 6.18 -8.76 13.64
H3C CYC B . 5.41 -6.23 13.13
HMC1 CYC B . 3.87 -9.17 13.92
HMC2 CYC B . 4.18 -7.70 14.51
HMC3 CYC B . 3.49 -7.86 13.03
HAC2 CYC B . 8.09 -7.28 12.90
HBC1 CYC B . 7.69 -5.84 15.28
HBC2 CYC B . 6.74 -7.15 15.20
HBC3 CYC B . 8.36 -7.31 15.10
HHD CYC B . 7.22 -5.26 10.50
HD CYC B . 5.11 -4.74 8.18
HMD1 CYC B . 5.47 -4.55 12.97
HMD2 CYC B . 5.05 -2.98 13.02
HMD3 CYC B . 3.91 -4.15 13.18
HAD1 CYC B . 2.36 -2.45 12.00
HAD2 CYC B . 1.89 -1.99 10.51
HBD1 CYC B . 2.82 -0.04 10.81
HBD2 CYC B . 4.25 -0.75 11.09
HNE CYC B . 4.66 -4.55 6.65
N LEU A 31 -11.33 -10.80 -12.47
CA LEU A 31 -10.70 -9.75 -11.67
C LEU A 31 -9.19 -9.98 -11.59
N ASP A 32 -8.80 -11.20 -11.24
CA ASP A 32 -7.39 -11.55 -11.14
C ASP A 32 -6.64 -11.16 -12.40
N GLN A 33 -7.33 -11.24 -13.54
CA GLN A 33 -6.71 -10.90 -14.81
C GLN A 33 -6.59 -9.39 -14.97
N ILE A 34 -7.68 -8.68 -14.74
CA ILE A 34 -7.68 -7.22 -14.85
C ILE A 34 -6.63 -6.62 -13.92
N LEU A 35 -6.61 -7.07 -12.68
CA LEU A 35 -5.67 -6.54 -11.69
C LEU A 35 -4.24 -6.69 -12.18
N ARG A 36 -3.99 -7.76 -12.94
CA ARG A 36 -2.66 -8.01 -13.48
C ARG A 36 -2.22 -6.88 -14.42
N ALA A 37 -3.16 -6.42 -15.25
CA ALA A 37 -2.86 -5.35 -16.19
C ALA A 37 -2.79 -4.01 -15.48
N THR A 38 -3.50 -3.89 -14.36
CA THR A 38 -3.53 -2.65 -13.61
C THR A 38 -2.16 -2.35 -13.00
N VAL A 39 -1.49 -3.40 -12.53
CA VAL A 39 -0.19 -3.25 -11.89
C VAL A 39 0.86 -2.80 -12.90
N GLU A 40 0.63 -3.14 -14.17
CA GLU A 40 1.57 -2.77 -15.22
C GLU A 40 1.36 -1.31 -15.63
N GLU A 41 0.11 -0.87 -15.63
CA GLU A 41 -0.21 0.50 -16.02
C GLU A 41 0.29 1.49 -14.97
N VAL A 42 -0.11 1.27 -13.72
CA VAL A 42 0.30 2.17 -12.64
C VAL A 42 1.81 2.37 -12.62
N ARG A 43 2.54 1.27 -12.74
CA ARG A 43 4.00 1.34 -12.74
C ARG A 43 4.49 2.43 -13.71
N ALA A 44 3.92 2.46 -14.90
CA ALA A 44 4.30 3.46 -15.90
C ALA A 44 4.15 4.86 -15.33
N PHE A 45 3.01 5.13 -14.71
CA PHE A 45 2.72 6.45 -14.17
C PHE A 45 3.72 6.80 -13.06
N LEU A 46 4.02 5.83 -12.22
CA LEU A 46 4.93 6.05 -11.10
C LEU A 46 6.35 5.62 -11.47
N GLY A 47 6.47 4.91 -12.60
CA GLY A 47 7.77 4.43 -13.04
C GLY A 47 8.56 3.81 -11.90
N THR A 48 7.84 3.26 -10.93
CA THR A 48 8.48 2.62 -9.79
C THR A 48 9.02 1.25 -10.17
N ASP A 49 10.19 0.91 -9.61
CA ASP A 49 10.84 -0.35 -9.96
C ASP A 49 9.88 -1.52 -9.76
N ARG A 50 9.12 -1.48 -8.68
CA ARG A 50 8.23 -2.59 -8.35
C ARG A 50 6.92 -2.07 -7.74
N VAL A 51 5.81 -2.63 -8.20
CA VAL A 51 4.51 -2.30 -7.65
C VAL A 51 3.59 -3.51 -7.70
N LYS A 52 2.92 -3.80 -6.59
CA LYS A 52 2.05 -4.97 -6.52
C LYS A 52 0.74 -4.65 -5.84
N VAL A 53 -0.31 -5.39 -6.21
CA VAL A 53 -1.62 -5.22 -5.61
C VAL A 53 -1.83 -6.30 -4.55
N TYR A 54 -2.43 -5.92 -3.42
CA TYR A 54 -2.65 -6.86 -2.33
C TYR A 54 -4.13 -6.98 -1.98
N ARG A 55 -4.65 -8.19 -2.08
CA ARG A 55 -6.06 -8.43 -1.77
C ARG A 55 -6.18 -9.04 -0.37
N PHE A 56 -7.19 -8.60 0.37
CA PHE A 56 -7.39 -9.10 1.72
C PHE A 56 -8.52 -10.14 1.76
N ASP A 57 -8.30 -11.19 2.53
CA ASP A 57 -9.31 -12.24 2.67
C ASP A 57 -10.08 -12.07 3.96
N PRO A 58 -11.30 -12.54 3.99
CA PRO A 58 -12.19 -12.43 5.19
C PRO A 58 -11.43 -12.72 6.48
N GLU A 59 -10.64 -13.79 6.48
CA GLU A 59 -9.89 -14.19 7.66
C GLU A 59 -8.75 -13.21 7.93
N GLY A 60 -8.49 -12.34 6.97
CA GLY A 60 -7.43 -11.35 7.12
C GLY A 60 -6.21 -11.71 6.27
N HIS A 61 -6.25 -12.91 5.68
CA HIS A 61 -5.15 -13.36 4.83
C HIS A 61 -5.22 -12.68 3.46
N GLY A 62 -4.05 -12.46 2.86
CA GLY A 62 -3.98 -11.79 1.56
C GLY A 62 -3.01 -12.52 0.63
N THR A 63 -3.16 -12.27 -0.67
CA THR A 63 -2.29 -12.89 -1.65
C THR A 63 -1.85 -11.88 -2.72
N VAL A 64 -0.77 -12.21 -3.42
CA VAL A 64 -0.29 -11.34 -4.49
C VAL A 64 -0.89 -11.74 -5.82
N VAL A 65 -1.80 -10.91 -6.33
CA VAL A 65 -2.48 -11.20 -7.58
C VAL A 65 -1.96 -10.30 -8.69
N ALA A 66 -1.07 -9.38 -8.33
CA ALA A 66 -0.52 -8.45 -9.31
C ALA A 66 0.84 -7.93 -8.83
N GLU A 67 1.86 -8.05 -9.68
CA GLU A 67 3.20 -7.61 -9.34
C GLU A 67 4.05 -7.44 -10.60
N ALA A 68 4.87 -6.40 -10.61
CA ALA A 68 5.75 -6.15 -11.74
C ALA A 68 7.17 -5.85 -11.26
N ARG A 69 8.16 -6.42 -11.96
CA ARG A 69 9.55 -6.23 -11.57
C ARG A 69 10.31 -5.45 -12.64
N GLY A 70 11.17 -4.53 -12.19
CA GLY A 70 11.95 -3.72 -13.11
C GLY A 70 13.34 -4.33 -13.32
N GLY A 71 13.64 -4.71 -14.56
CA GLY A 71 14.94 -5.29 -14.87
C GLY A 71 15.19 -6.54 -14.02
N GLU A 72 14.14 -7.36 -13.87
CA GLU A 72 14.26 -8.58 -13.08
C GLU A 72 15.09 -8.32 -11.82
N ARG A 73 15.17 -7.07 -11.41
CA ARG A 73 15.93 -6.70 -10.23
C ARG A 73 15.39 -7.42 -9.00
N LEU A 74 14.07 -7.46 -8.89
CA LEU A 74 13.43 -8.13 -7.75
C LEU A 74 12.60 -9.32 -8.24
N PRO A 75 12.55 -10.36 -7.44
CA PRO A 75 11.78 -11.60 -7.77
C PRO A 75 10.28 -11.36 -7.75
N SER A 76 9.53 -12.32 -8.28
CA SER A 76 8.08 -12.20 -8.34
C SER A 76 7.43 -12.93 -7.16
N LEU A 77 6.56 -12.22 -6.44
CA LEU A 77 5.86 -12.82 -5.31
C LEU A 77 4.48 -13.28 -5.72
N LEU A 78 4.23 -13.32 -7.03
CA LEU A 78 2.92 -13.70 -7.54
C LEU A 78 2.57 -15.12 -7.11
N GLY A 79 1.36 -15.29 -6.62
CA GLY A 79 0.88 -16.62 -6.24
C GLY A 79 1.26 -16.95 -4.80
N LEU A 80 2.16 -16.15 -4.23
CA LEU A 80 2.60 -16.34 -2.86
C LEU A 80 1.58 -15.75 -1.89
N THR A 81 1.39 -16.41 -0.75
CA THR A 81 0.45 -15.93 0.25
C THR A 81 1.19 -15.31 1.42
N PHE A 82 0.75 -14.12 1.84
CA PHE A 82 1.38 -13.44 2.96
C PHE A 82 0.50 -13.54 4.20
N PRO A 83 1.11 -13.74 5.34
CA PRO A 83 0.37 -13.85 6.63
C PRO A 83 -0.18 -12.50 7.08
N ALA A 84 -1.42 -12.52 7.58
CA ALA A 84 -2.07 -11.31 8.06
C ALA A 84 -1.35 -10.76 9.30
N GLY A 85 -0.82 -11.66 10.11
CA GLY A 85 -0.12 -11.25 11.33
C GLY A 85 0.89 -10.14 11.03
N ASP A 86 1.22 -9.98 9.76
CA ASP A 86 2.17 -8.96 9.35
C ASP A 86 1.58 -7.56 9.58
N ILE A 87 0.26 -7.48 9.66
CA ILE A 87 -0.40 -6.21 9.88
C ILE A 87 -1.47 -6.34 10.96
N PRO A 88 -1.10 -6.07 12.19
CA PRO A 88 -2.02 -6.18 13.35
C PRO A 88 -3.44 -5.78 12.99
N GLU A 89 -3.79 -4.53 13.28
CA GLU A 89 -5.12 -4.02 12.97
C GLU A 89 -5.17 -2.50 13.12
N GLU A 90 -4.54 -1.99 14.16
CA GLU A 90 -4.52 -0.56 14.41
C GLU A 90 -4.03 0.19 13.18
N ALA A 91 -2.95 -0.31 12.58
CA ALA A 91 -2.38 0.33 11.39
C ALA A 91 -3.30 0.16 10.19
N ARG A 92 -4.01 -0.96 10.13
CA ARG A 92 -4.92 -1.23 9.03
C ARG A 92 -6.12 -0.29 9.08
N ARG A 93 -6.52 0.08 10.29
CA ARG A 93 -7.66 0.97 10.47
C ARG A 93 -7.38 2.34 9.84
N LEU A 94 -6.15 2.80 9.99
CA LEU A 94 -5.75 4.10 9.45
C LEU A 94 -5.91 4.12 7.94
N PHE A 95 -5.65 2.98 7.30
CA PHE A 95 -5.77 2.88 5.85
C PHE A 95 -7.23 3.07 5.43
N ARG A 96 -8.15 2.53 6.22
CA ARG A 96 -9.57 2.60 5.88
C ARG A 96 -10.20 3.84 6.50
N LEU A 97 -9.56 4.38 7.53
CA LEU A 97 -10.13 5.50 8.26
C LEU A 97 -9.68 6.83 7.66
N ALA A 98 -8.36 6.96 7.49
CA ALA A 98 -7.79 8.24 7.06
C ALA A 98 -7.26 8.11 5.63
N GLN A 99 -7.18 6.88 5.14
CA GLN A 99 -6.68 6.62 3.80
C GLN A 99 -5.47 7.47 3.50
N VAL A 100 -4.45 7.36 4.34
CA VAL A 100 -3.21 8.12 4.14
C VAL A 100 -2.05 7.42 4.84
N ARG A 101 -1.15 6.85 4.04
CA ARG A 101 0.00 6.14 4.59
C ARG A 101 1.15 6.13 3.59
N VAL A 102 2.30 6.64 4.02
CA VAL A 102 3.48 6.67 3.16
C VAL A 102 4.74 6.43 3.98
N ILE A 103 5.75 5.85 3.34
CA ILE A 103 7.01 5.56 4.02
C ILE A 103 8.14 6.44 3.47
N VAL A 104 8.83 7.12 4.38
CA VAL A 104 9.88 8.04 3.97
C VAL A 104 11.20 7.30 3.79
N ASP A 105 12.21 7.99 3.29
CA ASP A 105 13.51 7.38 3.05
C ASP A 105 13.98 6.62 4.29
N VAL A 106 14.15 5.30 4.15
CA VAL A 106 14.61 4.48 5.26
C VAL A 106 15.88 5.07 5.87
N GLU A 107 16.55 5.92 5.11
CA GLU A 107 17.78 6.56 5.59
C GLU A 107 17.46 7.60 6.65
N ALA A 108 16.35 8.32 6.45
CA ALA A 108 15.94 9.34 7.41
C ALA A 108 15.72 8.73 8.78
N GLN A 109 15.66 7.40 8.82
CA GLN A 109 15.46 6.70 10.09
C GLN A 109 14.21 7.21 10.80
N SER A 110 13.05 6.95 10.21
CA SER A 110 11.78 7.32 10.83
C SER A 110 11.17 6.10 11.54
N ARG A 111 10.92 6.25 12.84
CA ARG A 111 10.42 5.14 13.63
C ARG A 111 8.98 5.39 14.07
N SER A 112 8.19 4.32 14.08
CA SER A 112 6.80 4.41 14.53
C SER A 112 6.58 3.49 15.73
N ILE A 113 5.63 3.84 16.59
CA ILE A 113 5.37 3.05 17.78
C ILE A 113 3.90 3.13 18.18
N SER A 114 3.44 2.13 18.93
CA SER A 114 2.07 2.11 19.41
C SER A 114 1.87 3.13 20.53
N GLN A 115 0.61 3.38 20.88
CA GLN A 115 0.31 4.36 21.92
C GLN A 115 -1.19 4.37 22.23
N PRO A 116 -1.69 3.31 22.80
CA PRO A 116 -3.12 3.17 23.13
C PRO A 116 -3.51 4.00 24.36
N GLU A 117 -4.31 5.05 24.14
CA GLU A 117 -4.74 5.92 25.22
C GLU A 117 -5.63 5.14 26.20
N SER A 118 -6.42 4.22 25.67
CA SER A 118 -7.31 3.41 26.49
C SER A 118 -8.28 2.62 25.64
N TRP A 119 -9.41 3.24 25.30
CA TRP A 119 -10.42 2.59 24.48
C TRP A 119 -9.83 2.16 23.15
N GLY A 120 -9.05 3.04 22.53
CA GLY A 120 -8.44 2.76 21.25
C GLY A 120 -9.48 2.79 20.13
N LEU A 121 -10.28 3.84 20.10
CA LEU A 121 -11.32 3.98 19.09
C LEU A 121 -10.71 3.91 17.68
N SER A 122 -9.46 4.33 17.57
CA SER A 122 -8.77 4.31 16.28
C SER A 122 -9.30 5.43 15.39
N ALA A 123 -10.47 5.95 15.71
CA ALA A 123 -11.07 7.02 14.93
C ALA A 123 -10.11 8.21 14.82
N ARG A 124 -9.13 8.24 15.72
CA ARG A 124 -8.14 9.32 15.70
C ARG A 124 -8.79 10.65 15.34
N VAL A 125 -8.09 11.44 14.53
CA VAL A 125 -8.62 12.74 14.12
C VAL A 125 -8.39 12.96 12.62
N PRO A 126 -9.41 13.37 11.93
CA PRO A 126 -9.33 13.64 10.46
C PRO A 126 -8.08 14.43 10.09
N LEU A 127 -7.42 14.01 9.01
CA LEU A 127 -6.21 14.69 8.56
C LEU A 127 -5.36 15.10 9.76
N GLY A 128 -4.42 16.01 9.51
CA GLY A 128 -3.54 16.50 10.58
C GLY A 128 -2.34 15.58 10.76
N GLU A 129 -1.81 15.08 9.63
CA GLU A 129 -0.66 14.19 9.67
C GLU A 129 0.53 14.83 8.97
N PRO A 130 1.72 14.49 9.38
CA PRO A 130 2.97 15.04 8.79
C PRO A 130 3.21 14.53 7.37
N LEU A 131 4.19 15.12 6.69
CA LEU A 131 4.48 14.76 5.31
C LEU A 131 5.19 13.40 5.25
N GLN A 132 5.09 12.66 6.34
CA GLN A 132 5.73 11.35 6.41
C GLN A 132 5.16 10.54 7.57
N ARG A 133 4.88 9.27 7.31
CA ARG A 133 4.32 8.39 8.33
C ARG A 133 5.31 7.30 8.70
N PRO A 134 6.05 7.50 9.75
CA PRO A 134 7.06 6.51 10.24
C PRO A 134 6.47 5.11 10.37
N VAL A 135 7.26 4.10 10.02
CA VAL A 135 6.83 2.72 10.13
C VAL A 135 7.74 1.95 11.08
N ASP A 136 7.15 1.22 12.02
CA ASP A 136 7.93 0.45 12.98
C ASP A 136 9.09 -0.25 12.30
N PRO A 137 10.21 -0.37 12.98
CA PRO A 137 11.42 -1.04 12.45
C PRO A 137 11.07 -2.35 11.73
N CYS A 138 9.84 -2.81 11.91
CA CYS A 138 9.38 -4.03 11.26
C CYS A 138 9.41 -3.88 9.75
N HIS A 139 8.99 -2.71 9.27
CA HIS A 139 8.97 -2.46 7.84
C HIS A 139 10.33 -1.97 7.36
N VAL A 140 11.10 -1.41 8.28
CA VAL A 140 12.43 -0.91 7.93
C VAL A 140 13.28 -2.03 7.32
N HIS A 141 13.56 -3.05 8.13
CA HIS A 141 14.36 -4.18 7.66
C HIS A 141 13.64 -4.90 6.52
N TYR A 142 12.36 -5.17 6.72
CA TYR A 142 11.58 -5.86 5.70
C TYR A 142 11.81 -5.22 4.33
N LEU A 143 11.76 -3.89 4.30
CA LEU A 143 11.97 -3.16 3.05
C LEU A 143 13.44 -3.21 2.65
N LYS A 144 14.32 -2.94 3.60
CA LYS A 144 15.75 -2.99 3.33
C LYS A 144 16.15 -4.36 2.80
N SER A 145 15.62 -5.41 3.42
CA SER A 145 15.89 -6.77 2.96
C SER A 145 15.28 -6.99 1.57
N MET A 146 14.36 -6.10 1.20
CA MET A 146 13.72 -6.20 -0.11
C MET A 146 14.38 -5.27 -1.11
N GLY A 147 15.35 -4.49 -0.63
CA GLY A 147 16.05 -3.55 -1.49
C GLY A 147 15.23 -2.29 -1.71
N VAL A 148 14.30 -2.03 -0.81
CA VAL A 148 13.44 -0.85 -0.92
C VAL A 148 13.79 0.16 0.17
N ALA A 149 13.75 1.45 -0.19
CA ALA A 149 14.08 2.50 0.75
C ALA A 149 12.87 3.40 0.98
N SER A 150 12.25 3.83 -0.11
CA SER A 150 11.10 4.71 -0.03
C SER A 150 9.96 4.17 -0.90
N SER A 151 8.84 3.85 -0.27
CA SER A 151 7.70 3.30 -0.99
C SER A 151 6.41 4.02 -0.61
N LEU A 152 5.52 4.18 -1.59
CA LEU A 152 4.24 4.81 -1.33
C LEU A 152 3.14 3.76 -1.29
N VAL A 153 2.29 3.83 -0.27
CA VAL A 153 1.23 2.85 -0.10
C VAL A 153 -0.14 3.49 -0.28
N VAL A 154 -0.98 2.84 -1.08
CA VAL A 154 -2.34 3.33 -1.33
C VAL A 154 -3.33 2.18 -1.22
N PRO A 155 -4.30 2.32 -0.36
CA PRO A 155 -5.30 1.24 -0.08
C PRO A 155 -6.37 1.12 -1.17
N LEU A 156 -6.86 -0.10 -1.36
CA LEU A 156 -7.94 -0.34 -2.31
C LEU A 156 -9.22 -0.75 -1.56
N MET A 157 -10.20 0.16 -1.53
CA MET A 157 -11.41 -0.08 -0.75
C MET A 157 -12.64 0.30 -1.55
N HIS A 158 -13.78 -0.29 -1.20
CA HIS A 158 -15.05 0.04 -1.84
C HIS A 158 -16.10 0.40 -0.81
N HIS A 159 -16.66 1.60 -0.93
CA HIS A 159 -17.66 2.07 0.02
C HIS A 159 -17.06 2.19 1.41
N GLN A 160 -17.39 1.24 2.29
CA GLN A 160 -16.89 1.26 3.66
C GLN A 160 -16.02 0.05 3.94
N GLU A 161 -15.93 -0.84 2.96
CA GLU A 161 -15.20 -2.08 3.13
C GLU A 161 -13.83 -2.00 2.45
N LEU A 162 -12.85 -2.72 3.00
CA LEU A 162 -11.52 -2.77 2.40
C LEU A 162 -11.32 -4.09 1.67
N TRP A 163 -10.93 -4.02 0.41
CA TRP A 163 -10.76 -5.21 -0.41
C TRP A 163 -9.29 -5.59 -0.53
N GLY A 164 -8.44 -4.59 -0.76
CA GLY A 164 -7.02 -4.84 -0.96
C GLY A 164 -6.20 -3.58 -0.72
N LEU A 165 -4.89 -3.68 -0.95
CA LEU A 165 -3.99 -2.54 -0.74
C LEU A 165 -2.97 -2.45 -1.86
N LEU A 166 -2.75 -1.23 -2.33
CA LEU A 166 -1.77 -1.00 -3.40
C LEU A 166 -0.49 -0.41 -2.82
N VAL A 167 0.64 -0.68 -3.47
CA VAL A 167 1.92 -0.19 -2.97
C VAL A 167 2.95 -0.11 -4.10
N SER A 168 3.71 0.97 -4.13
CA SER A 168 4.77 1.14 -5.12
C SER A 168 6.12 1.29 -4.43
N HIS A 169 7.11 0.54 -4.89
CA HIS A 169 8.44 0.58 -4.29
C HIS A 169 9.41 1.37 -5.15
N HIS A 170 10.14 2.29 -4.51
CA HIS A 170 11.13 3.09 -5.22
C HIS A 170 12.48 2.98 -4.53
N ALA A 171 13.51 2.65 -5.30
CA ALA A 171 14.85 2.47 -4.74
C ALA A 171 15.59 3.80 -4.71
N GLU A 172 14.85 4.88 -4.43
CA GLU A 172 15.45 6.21 -4.37
C GLU A 172 14.57 7.15 -3.55
N PRO A 173 15.17 8.09 -2.89
CA PRO A 173 14.44 9.09 -2.06
C PRO A 173 13.77 10.17 -2.91
N ARG A 174 12.53 10.49 -2.56
CA ARG A 174 11.79 11.50 -3.31
C ARG A 174 10.47 11.83 -2.61
N PRO A 175 10.19 13.09 -2.42
CA PRO A 175 8.93 13.55 -1.76
C PRO A 175 7.73 13.47 -2.70
N TYR A 176 6.53 13.58 -2.12
CA TYR A 176 5.31 13.52 -2.92
C TYR A 176 4.59 14.87 -2.90
N SER A 177 3.91 15.19 -3.99
CA SER A 177 3.18 16.45 -4.07
C SER A 177 1.68 16.19 -4.12
N GLN A 178 0.91 17.17 -3.67
CA GLN A 178 -0.55 17.04 -3.66
C GLN A 178 -1.07 16.74 -5.07
N GLU A 179 -0.44 17.37 -6.07
CA GLU A 179 -0.85 17.16 -7.45
C GLU A 179 -0.49 15.76 -7.91
N GLU A 180 0.78 15.40 -7.77
CA GLU A 180 1.24 14.07 -8.18
C GLU A 180 0.58 12.99 -7.33
N LEU A 181 0.37 13.30 -6.05
CA LEU A 181 -0.24 12.35 -5.13
C LEU A 181 -1.65 11.99 -5.62
N GLN A 182 -2.36 12.98 -6.14
CA GLN A 182 -3.71 12.75 -6.62
C GLN A 182 -3.71 11.72 -7.74
N VAL A 183 -2.81 11.90 -8.70
CA VAL A 183 -2.71 10.97 -9.82
C VAL A 183 -2.76 9.54 -9.31
N VAL A 184 -1.89 9.22 -8.34
CA VAL A 184 -1.83 7.88 -7.79
C VAL A 184 -3.03 7.63 -6.88
N GLN A 185 -3.23 8.55 -5.92
CA GLN A 185 -4.35 8.43 -5.00
C GLN A 185 -5.65 8.24 -5.79
N LEU A 186 -5.72 8.89 -6.94
CA LEU A 186 -6.91 8.78 -7.79
C LEU A 186 -6.91 7.43 -8.50
N LEU A 187 -5.80 7.13 -9.17
CA LEU A 187 -5.70 5.87 -9.90
C LEU A 187 -6.09 4.71 -8.98
N ALA A 188 -5.58 4.74 -7.75
CA ALA A 188 -5.91 3.71 -6.78
C ALA A 188 -7.42 3.69 -6.53
N ASP A 189 -7.98 4.88 -6.35
CA ASP A 189 -9.42 5.01 -6.13
C ASP A 189 -10.17 4.49 -7.35
N GLN A 190 -9.62 4.76 -8.53
CA GLN A 190 -10.21 4.29 -9.77
C GLN A 190 -10.09 2.77 -9.85
N VAL A 191 -9.03 2.23 -9.26
CA VAL A 191 -8.82 0.79 -9.25
C VAL A 191 -9.75 0.14 -8.23
N SER A 192 -9.77 0.69 -7.01
CA SER A 192 -10.65 0.19 -5.97
C SER A 192 -12.09 0.16 -6.47
N ILE A 193 -12.43 1.13 -7.32
CA ILE A 193 -13.77 1.20 -7.89
C ILE A 193 -13.99 0.03 -8.85
N ALA A 194 -12.92 -0.38 -9.52
CA ALA A 194 -12.98 -1.49 -10.44
C ALA A 194 -13.25 -2.79 -9.69
N ILE A 195 -12.66 -2.91 -8.50
CA ILE A 195 -12.88 -4.08 -7.66
C ILE A 195 -14.36 -4.18 -7.28
N ALA A 196 -15.00 -3.03 -7.11
CA ALA A 196 -16.40 -3.01 -6.70
C ALA A 196 -17.30 -3.38 -7.88
N GLN A 197 -17.13 -2.67 -8.99
CA GLN A 197 -17.98 -2.89 -10.16
C GLN A 197 -17.78 -4.30 -10.70
N ALA A 198 -16.52 -4.74 -10.72
CA ALA A 198 -16.18 -6.05 -11.25
C ALA A 198 -16.75 -7.14 -10.34
N GLU A 199 -16.80 -6.86 -9.05
CA GLU A 199 -17.29 -7.84 -8.08
C GLU A 199 -18.68 -8.33 -8.47
N LEU A 200 -19.54 -7.39 -8.84
CA LEU A 200 -20.91 -7.72 -9.24
C LEU A 200 -20.89 -8.87 -10.26
N SER A 201 -19.88 -8.87 -11.12
CA SER A 201 -19.77 -9.90 -12.13
C SER A 201 -19.82 -11.29 -11.50
N LEU A 202 -18.88 -11.57 -10.61
CA LEU A 202 -18.84 -12.86 -9.93
C LEU A 202 -19.88 -12.90 -8.80
CHA CYC B . 3.05 -2.56 8.92
NA CYC B . 3.62 -4.00 7.00
C1A CYC B . 3.10 -2.92 7.57
C2A CYC B . 2.59 -2.12 6.56
C3A CYC B . 2.82 -2.79 5.36
C4A CYC B . 3.49 -3.99 5.67
CMA CYC B . 2.40 -2.25 3.99
CAA CYC B . 1.87 -0.75 6.71
CBA CYC B . 2.80 0.36 7.22
CGA CYC B . 2.29 0.99 8.52
O1A CYC B . 2.32 0.29 9.55
O2A CYC B . 1.86 2.16 8.45
CHB CYC B . 3.94 -5.01 4.82
NB CYC B . 4.38 -4.43 2.41
C1B CYC B . 3.96 -5.20 3.42
C2B CYC B . 3.47 -6.40 2.88
C3B CYC B . 3.62 -6.32 1.51
C4B CYC B . 4.19 -5.08 1.25
CMB CYC B . 2.87 -7.61 3.63
CAB CYC B . 3.24 -7.35 0.45
CBB CYC B . 2.64 -6.71 -0.80
OB CYC B . 4.47 -4.66 0.13
NC CYC B . 5.54 -7.31 9.40
C1C CYC B . 6.20 -8.43 9.01
C2C CYC B . 6.99 -9.02 10.17
C3C CYC B . 6.89 -7.93 11.23
C4C CYC B . 5.78 -7.02 10.71
CMC CYC B . 6.38 -10.33 10.66
CAC CYC B . 8.21 -7.15 11.49
CBC CYC B . 9.38 -8.04 11.94
OC CYC B . 6.19 -8.91 7.89
CHD CYC B . 5.22 -6.08 11.56
ND CYC B . 4.19 -4.51 9.91
C1D CYC B . 4.55 -4.92 11.13
C2D CYC B . 4.12 -3.94 12.02
C3D CYC B . 3.50 -2.92 11.29
C4D CYC B . 3.57 -3.33 9.95
CMD CYC B . 4.29 -3.94 13.56
CAD CYC B . 2.87 -1.64 11.87
CBD CYC B . 1.55 -1.89 12.59
CGD CYC B . 1.55 -1.39 14.05
O1D CYC B . 1.95 -2.19 14.92
O2D CYC B . 1.15 -0.23 14.26
HHA CYC B . 2.62 -1.68 9.16
HMA1 CYC B . 3.18 -2.25 3.37
HMA2 CYC B . 1.69 -2.85 3.61
HMA3 CYC B . 2.05 -1.32 4.09
HAA1 CYC B . 1.11 -0.85 7.34
HAA2 CYC B . 1.51 -0.48 5.81
HBA1 CYC B . 2.88 1.06 6.53
HBA2 CYC B . 3.70 -0.04 7.40
HHB CYC B . 4.29 -5.79 5.32
HB CYC B . 4.79 -3.53 2.50
HMB1 CYC B . 3.53 -7.96 4.29
HMB2 CYC B . 2.04 -7.32 4.11
HMB3 CYC B . 2.64 -8.33 2.97
HAB1 CYC B . 4.06 -7.87 0.19
HAB2 CYC B . 2.56 -7.99 0.84
HBB1 CYC B . 3.37 -6.35 -1.38
HBB2 CYC B . 2.13 -7.41 -1.32
HBB3 CYC B . 2.03 -5.98 -0.54
HC CYC B . 4.93 -6.77 8.81
H2C CYC B . 7.94 -9.16 9.89
H3C CYC B . 6.57 -8.35 12.08
HMC1 CYC B . 5.58 -10.14 11.22
HMC2 CYC B . 6.10 -10.87 9.87
HMC3 CYC B . 7.05 -10.84 11.20
HAC2 CYC B . 8.42 -6.73 10.60
HBC1 CYC B . 10.15 -7.92 11.31
HBC2 CYC B . 9.67 -7.76 12.86
HBC3 CYC B . 9.10 -8.99 11.95
HHD CYC B . 5.26 -6.25 12.54
HD CYC B . 4.38 -5.02 9.07
HMD1 CYC B . 3.40 -4.09 13.99
HMD2 CYC B . 4.89 -4.71 13.81
HMD3 CYC B . 4.68 -3.09 13.86
HAD1 CYC B . 2.71 -1.00 11.12
HAD2 CYC B . 3.53 -1.24 12.52
HBD1 CYC B . 1.35 -2.88 12.59
HBD2 CYC B . 0.82 -1.42 12.09
HNE CYC B . 4.08 -4.75 7.50
N LEU A 31 -11.39 -11.10 -12.26
CA LEU A 31 -10.73 -10.09 -11.43
C LEU A 31 -9.22 -10.31 -11.42
N ASP A 32 -8.82 -11.55 -11.16
CA ASP A 32 -7.40 -11.89 -11.12
C ASP A 32 -6.71 -11.44 -12.41
N GLN A 33 -7.44 -11.47 -13.51
CA GLN A 33 -6.89 -11.08 -14.80
C GLN A 33 -6.79 -9.56 -14.91
N ILE A 34 -7.89 -8.88 -14.58
CA ILE A 34 -7.90 -7.42 -14.64
C ILE A 34 -6.82 -6.83 -13.74
N LEU A 35 -6.77 -7.29 -12.49
CA LEU A 35 -5.79 -6.78 -11.54
C LEU A 35 -4.38 -6.96 -12.08
N ARG A 36 -4.17 -8.02 -12.85
CA ARG A 36 -2.87 -8.28 -13.44
C ARG A 36 -2.47 -7.17 -14.40
N ALA A 37 -3.44 -6.69 -15.19
CA ALA A 37 -3.17 -5.62 -16.14
C ALA A 37 -3.04 -4.28 -15.44
N THR A 38 -3.70 -4.16 -14.29
CA THR A 38 -3.66 -2.91 -13.53
C THR A 38 -2.25 -2.63 -13.00
N VAL A 39 -1.56 -3.69 -12.62
CA VAL A 39 -0.21 -3.55 -12.07
C VAL A 39 0.76 -3.08 -13.16
N GLU A 40 0.45 -3.42 -14.41
CA GLU A 40 1.31 -3.04 -15.53
C GLU A 40 1.05 -1.59 -15.93
N GLU A 41 -0.22 -1.20 -15.91
CA GLU A 41 -0.60 0.16 -16.30
C GLU A 41 -0.09 1.18 -15.28
N VAL A 42 -0.45 0.97 -14.02
CA VAL A 42 -0.04 1.89 -12.96
C VAL A 42 1.47 2.10 -12.99
N ARG A 43 2.22 1.01 -13.11
CA ARG A 43 3.67 1.10 -13.17
C ARG A 43 4.11 2.20 -14.13
N ALA A 44 3.48 2.26 -15.29
CA ALA A 44 3.82 3.28 -16.28
C ALA A 44 3.65 4.67 -15.70
N PHE A 45 2.51 4.92 -15.06
CA PHE A 45 2.22 6.23 -14.51
C PHE A 45 3.26 6.60 -13.45
N LEU A 46 3.59 5.65 -12.58
CA LEU A 46 4.54 5.89 -11.51
C LEU A 46 5.95 5.48 -11.93
N GLY A 47 6.05 4.79 -13.06
CA GLY A 47 7.34 4.33 -13.57
C GLY A 47 8.17 3.73 -12.44
N THR A 48 7.50 3.21 -11.42
CA THR A 48 8.19 2.63 -10.28
C THR A 48 8.76 1.26 -10.65
N ASP A 49 9.94 0.96 -10.13
CA ASP A 49 10.61 -0.30 -10.45
C ASP A 49 9.67 -1.48 -10.25
N ARG A 50 8.93 -1.45 -9.14
CA ARG A 50 8.03 -2.55 -8.80
C ARG A 50 6.76 -2.04 -8.14
N VAL A 51 5.63 -2.58 -8.57
CA VAL A 51 4.34 -2.24 -7.97
C VAL A 51 3.45 -3.48 -7.92
N LYS A 52 2.83 -3.71 -6.77
CA LYS A 52 1.99 -4.90 -6.61
C LYS A 52 0.67 -4.55 -5.92
N VAL A 53 -0.36 -5.32 -6.25
CA VAL A 53 -1.67 -5.14 -5.62
C VAL A 53 -1.87 -6.21 -4.56
N TYR A 54 -2.41 -5.81 -3.41
CA TYR A 54 -2.61 -6.76 -2.31
C TYR A 54 -4.08 -6.93 -1.98
N ARG A 55 -4.58 -8.14 -2.17
CA ARG A 55 -5.98 -8.43 -1.90
C ARG A 55 -6.13 -9.01 -0.49
N PHE A 56 -7.13 -8.53 0.24
CA PHE A 56 -7.35 -8.99 1.61
C PHE A 56 -8.48 -10.02 1.67
N ASP A 57 -8.27 -11.07 2.45
CA ASP A 57 -9.29 -12.10 2.62
C ASP A 57 -10.04 -11.90 3.92
N PRO A 58 -11.27 -12.34 3.96
CA PRO A 58 -12.14 -12.19 5.17
C PRO A 58 -11.38 -12.50 6.46
N GLU A 59 -10.63 -13.59 6.46
CA GLU A 59 -9.89 -14.00 7.64
C GLU A 59 -8.72 -13.06 7.90
N GLY A 60 -8.46 -12.17 6.94
CA GLY A 60 -7.38 -11.20 7.09
C GLY A 60 -6.18 -11.59 6.24
N HIS A 61 -6.24 -12.80 5.67
CA HIS A 61 -5.16 -13.28 4.82
C HIS A 61 -5.21 -12.61 3.46
N GLY A 62 -4.04 -12.41 2.85
CA GLY A 62 -3.97 -11.76 1.55
C GLY A 62 -3.02 -12.51 0.62
N THR A 63 -3.17 -12.28 -0.69
CA THR A 63 -2.33 -12.95 -1.67
C THR A 63 -1.89 -11.96 -2.74
N VAL A 64 -0.82 -12.30 -3.46
CA VAL A 64 -0.33 -11.45 -4.55
C VAL A 64 -1.02 -11.80 -5.85
N VAL A 65 -1.95 -10.95 -6.28
CA VAL A 65 -2.70 -11.19 -7.51
C VAL A 65 -2.16 -10.30 -8.64
N ALA A 66 -1.24 -9.41 -8.29
CA ALA A 66 -0.66 -8.51 -9.28
C ALA A 66 0.72 -8.03 -8.83
N GLU A 67 1.73 -8.29 -9.66
CA GLU A 67 3.10 -7.91 -9.33
C GLU A 67 3.90 -7.66 -10.60
N ALA A 68 4.72 -6.62 -10.57
CA ALA A 68 5.57 -6.30 -11.71
C ALA A 68 7.00 -6.01 -11.25
N ARG A 69 7.96 -6.60 -11.96
CA ARG A 69 9.36 -6.44 -11.59
C ARG A 69 10.08 -5.55 -12.59
N GLY A 70 10.89 -4.62 -12.08
CA GLY A 70 11.63 -3.71 -12.94
C GLY A 70 12.99 -4.31 -13.32
N GLY A 71 13.21 -4.50 -14.61
CA GLY A 71 14.46 -5.07 -15.09
C GLY A 71 14.84 -6.32 -14.30
N GLU A 72 13.84 -7.17 -14.05
CA GLU A 72 14.08 -8.40 -13.30
C GLU A 72 15.02 -8.15 -12.14
N ARG A 73 15.12 -6.90 -11.71
CA ARG A 73 16.01 -6.54 -10.62
C ARG A 73 15.73 -7.38 -9.38
N LEU A 74 14.44 -7.52 -9.05
CA LEU A 74 14.05 -8.32 -7.91
C LEU A 74 13.24 -9.53 -8.36
N PRO A 75 13.10 -10.51 -7.51
CA PRO A 75 12.33 -11.75 -7.82
C PRO A 75 10.83 -11.48 -7.88
N SER A 76 10.09 -12.46 -8.40
CA SER A 76 8.64 -12.32 -8.52
C SER A 76 7.94 -13.00 -7.36
N LEU A 77 7.14 -12.23 -6.61
CA LEU A 77 6.40 -12.78 -5.49
C LEU A 77 4.98 -13.14 -5.91
N LEU A 78 4.73 -13.15 -7.21
CA LEU A 78 3.40 -13.45 -7.73
C LEU A 78 3.00 -14.88 -7.40
N GLY A 79 1.76 -15.06 -6.97
CA GLY A 79 1.26 -16.40 -6.69
C GLY A 79 1.58 -16.82 -5.26
N LEU A 80 2.39 -16.00 -4.58
CA LEU A 80 2.75 -16.28 -3.20
C LEU A 80 1.70 -15.70 -2.25
N THR A 81 1.49 -16.39 -1.14
CA THR A 81 0.50 -15.94 -0.16
C THR A 81 1.20 -15.37 1.08
N PHE A 82 0.69 -14.24 1.57
CA PHE A 82 1.27 -13.61 2.75
C PHE A 82 0.39 -13.86 3.97
N PRO A 83 1.01 -14.10 5.09
CA PRO A 83 0.28 -14.35 6.37
C PRO A 83 -0.39 -13.09 6.90
N ALA A 84 -1.62 -13.26 7.37
CA ALA A 84 -2.38 -12.13 7.90
C ALA A 84 -1.65 -11.49 9.08
N GLY A 85 -1.09 -12.33 9.96
CA GLY A 85 -0.37 -11.83 11.12
C GLY A 85 0.65 -10.78 10.72
N ASP A 86 0.97 -10.73 9.42
CA ASP A 86 1.93 -9.76 8.91
C ASP A 86 1.37 -8.35 9.02
N ILE A 87 0.06 -8.23 8.98
CA ILE A 87 -0.59 -6.93 9.07
C ILE A 87 -1.26 -6.77 10.43
N PRO A 88 -0.67 -5.97 11.29
CA PRO A 88 -1.20 -5.71 12.66
C PRO A 88 -2.69 -5.39 12.64
N GLU A 89 -3.07 -4.31 13.32
CA GLU A 89 -4.46 -3.90 13.37
C GLU A 89 -4.59 -2.39 13.41
N GLU A 90 -3.90 -1.78 14.37
CA GLU A 90 -3.93 -0.33 14.53
C GLU A 90 -3.59 0.37 13.21
N ALA A 91 -2.57 -0.15 12.53
CA ALA A 91 -2.13 0.44 11.27
C ALA A 91 -3.15 0.18 10.17
N ARG A 92 -3.71 -1.02 10.16
CA ARG A 92 -4.70 -1.38 9.13
C ARG A 92 -5.92 -0.47 9.21
N ARG A 93 -6.31 -0.11 10.42
CA ARG A 93 -7.47 0.73 10.62
C ARG A 93 -7.27 2.10 9.97
N LEU A 94 -6.03 2.59 10.01
CA LEU A 94 -5.72 3.91 9.47
C LEU A 94 -6.05 3.96 7.98
N PHE A 95 -5.81 2.85 7.29
CA PHE A 95 -6.08 2.77 5.86
C PHE A 95 -7.59 2.83 5.60
N ARG A 96 -8.37 2.28 6.51
CA ARG A 96 -9.82 2.27 6.36
C ARG A 96 -10.43 3.56 6.90
N LEU A 97 -9.68 4.24 7.77
CA LEU A 97 -10.19 5.45 8.42
C LEU A 97 -9.61 6.69 7.74
N ALA A 98 -8.29 6.71 7.59
CA ALA A 98 -7.60 7.89 7.09
C ALA A 98 -7.19 7.69 5.64
N GLN A 99 -7.19 6.44 5.20
CA GLN A 99 -6.81 6.11 3.84
C GLN A 99 -5.56 6.86 3.42
N VAL A 100 -4.51 6.75 4.24
CA VAL A 100 -3.26 7.44 3.97
C VAL A 100 -2.12 6.79 4.73
N ARG A 101 -1.05 6.44 4.02
CA ARG A 101 0.13 5.86 4.65
C ARG A 101 1.27 5.75 3.65
N VAL A 102 2.45 6.24 4.03
CA VAL A 102 3.62 6.16 3.17
C VAL A 102 4.88 6.01 3.99
N ILE A 103 5.90 5.38 3.39
CA ILE A 103 7.16 5.16 4.10
C ILE A 103 8.24 6.09 3.57
N VAL A 104 8.89 6.80 4.48
CA VAL A 104 9.94 7.75 4.10
C VAL A 104 11.27 7.04 3.92
N ASP A 105 12.26 7.76 3.41
CA ASP A 105 13.57 7.17 3.17
C ASP A 105 14.07 6.46 4.41
N VAL A 106 14.22 5.13 4.29
CA VAL A 106 14.70 4.34 5.42
C VAL A 106 15.97 4.94 6.01
N GLU A 107 16.60 5.84 5.26
CA GLU A 107 17.80 6.50 5.72
C GLU A 107 17.47 7.54 6.78
N ALA A 108 16.35 8.21 6.59
CA ALA A 108 15.91 9.24 7.54
C ALA A 108 15.70 8.62 8.93
N GLN A 109 15.60 7.29 8.97
CA GLN A 109 15.40 6.59 10.23
C GLN A 109 14.18 7.13 10.96
N SER A 110 13.01 6.91 10.37
CA SER A 110 11.75 7.31 11.02
C SER A 110 11.13 6.13 11.75
N ARG A 111 10.86 6.31 13.04
CA ARG A 111 10.33 5.23 13.85
C ARG A 111 8.89 5.52 14.27
N SER A 112 8.07 4.47 14.26
CA SER A 112 6.68 4.60 14.68
C SER A 112 6.36 3.56 15.75
N ILE A 113 5.26 3.77 16.48
CA ILE A 113 4.89 2.85 17.54
C ILE A 113 3.45 3.07 17.96
N SER A 114 2.93 2.16 18.79
CA SER A 114 1.57 2.27 19.29
C SER A 114 1.48 3.32 20.38
N GLN A 115 0.26 3.68 20.77
CA GLN A 115 0.06 4.69 21.80
C GLN A 115 -1.28 4.50 22.49
N PRO A 116 -1.37 4.85 23.75
CA PRO A 116 -2.63 4.73 24.54
C PRO A 116 -3.85 5.15 23.73
N GLU A 117 -3.63 5.99 22.73
CA GLU A 117 -4.72 6.46 21.89
C GLU A 117 -5.08 5.42 20.83
N SER A 118 -5.98 5.78 19.93
CA SER A 118 -6.39 4.86 18.87
C SER A 118 -7.08 3.64 19.45
N TRP A 119 -8.08 3.87 20.29
CA TRP A 119 -8.81 2.77 20.92
C TRP A 119 -9.88 2.24 19.97
N GLY A 120 -10.28 3.06 19.01
CA GLY A 120 -11.29 2.66 18.04
C GLY A 120 -11.96 3.88 17.41
N LEU A 121 -12.11 4.93 18.20
CA LEU A 121 -12.74 6.16 17.71
C LEU A 121 -11.70 7.09 17.10
N SER A 122 -12.03 7.67 15.95
CA SER A 122 -11.11 8.57 15.28
C SER A 122 -11.85 9.77 14.70
N ALA A 123 -11.31 10.34 13.63
CA ALA A 123 -11.94 11.49 13.00
C ALA A 123 -13.11 11.06 12.13
N ARG A 124 -13.31 9.75 12.03
CA ARG A 124 -14.41 9.22 11.22
C ARG A 124 -14.16 9.49 9.73
N VAL A 125 -13.53 10.62 9.44
CA VAL A 125 -13.25 10.99 8.07
C VAL A 125 -11.82 11.51 7.92
N PRO A 126 -11.10 11.02 6.95
CA PRO A 126 -9.69 11.43 6.71
C PRO A 126 -9.51 12.94 6.79
N LEU A 127 -8.60 13.37 7.67
CA LEU A 127 -8.34 14.79 7.82
C LEU A 127 -7.22 15.02 8.84
N GLY A 128 -6.26 15.87 8.48
CA GLY A 128 -5.15 16.17 9.37
C GLY A 128 -4.12 15.04 9.35
N GLU A 129 -3.88 14.49 8.17
CA GLU A 129 -2.93 13.39 8.04
C GLU A 129 -1.68 13.85 7.28
N PRO A 130 -0.59 13.98 7.97
CA PRO A 130 0.69 14.47 7.37
C PRO A 130 1.01 13.79 6.04
N LEU A 131 1.89 14.41 5.27
CA LEU A 131 2.26 13.85 3.97
C LEU A 131 3.14 12.62 4.15
N GLN A 132 3.87 12.58 5.26
CA GLN A 132 4.76 11.47 5.54
C GLN A 132 4.53 10.92 6.94
N ARG A 133 4.42 9.60 7.04
CA ARG A 133 4.21 8.96 8.34
C ARG A 133 5.31 7.94 8.63
N PRO A 134 5.74 7.88 9.86
CA PRO A 134 6.81 6.94 10.29
C PRO A 134 6.29 5.51 10.47
N VAL A 135 7.12 4.53 10.08
CA VAL A 135 6.75 3.14 10.25
C VAL A 135 7.68 2.45 11.23
N ASP A 136 7.11 1.80 12.24
CA ASP A 136 7.90 1.12 13.25
C ASP A 136 9.13 0.48 12.64
N PRO A 137 10.24 0.55 13.32
CA PRO A 137 11.52 -0.05 12.86
C PRO A 137 11.33 -1.46 12.31
N CYS A 138 10.50 -2.24 12.99
CA CYS A 138 10.24 -3.61 12.56
C CYS A 138 9.80 -3.65 11.10
N HIS A 139 9.16 -2.57 10.65
CA HIS A 139 8.74 -2.48 9.26
C HIS A 139 9.86 -1.87 8.42
N VAL A 140 10.67 -1.03 9.05
CA VAL A 140 11.77 -0.38 8.35
C VAL A 140 12.72 -1.42 7.78
N HIS A 141 13.13 -2.36 8.63
CA HIS A 141 14.04 -3.42 8.19
C HIS A 141 13.35 -4.31 7.16
N TYR A 142 12.12 -4.69 7.45
CA TYR A 142 11.36 -5.55 6.54
C TYR A 142 11.48 -5.02 5.11
N LEU A 143 11.41 -3.71 4.96
CA LEU A 143 11.54 -3.09 3.65
C LEU A 143 13.00 -3.10 3.19
N LYS A 144 13.91 -2.79 4.11
CA LYS A 144 15.32 -2.82 3.81
C LYS A 144 15.73 -4.20 3.31
N SER A 145 15.26 -5.24 3.99
CA SER A 145 15.53 -6.61 3.57
C SER A 145 14.92 -6.88 2.21
N MET A 146 14.00 -6.01 1.79
CA MET A 146 13.36 -6.17 0.49
C MET A 146 14.03 -5.29 -0.56
N GLY A 147 15.03 -4.53 -0.13
CA GLY A 147 15.76 -3.65 -1.03
C GLY A 147 14.96 -2.38 -1.31
N VAL A 148 14.02 -2.07 -0.42
CA VAL A 148 13.19 -0.88 -0.58
C VAL A 148 13.60 0.19 0.42
N ALA A 149 13.59 1.45 -0.04
CA ALA A 149 13.96 2.57 0.82
C ALA A 149 12.78 3.51 1.01
N SER A 150 12.16 3.89 -0.10
CA SER A 150 11.01 4.79 -0.05
C SER A 150 9.89 4.25 -0.92
N SER A 151 8.77 3.90 -0.30
CA SER A 151 7.64 3.35 -1.03
C SER A 151 6.34 4.04 -0.63
N LEU A 152 5.44 4.19 -1.60
CA LEU A 152 4.15 4.80 -1.33
C LEU A 152 3.07 3.72 -1.23
N VAL A 153 2.28 3.79 -0.16
CA VAL A 153 1.23 2.78 0.05
C VAL A 153 -0.16 3.41 -0.09
N VAL A 154 -0.83 3.10 -1.20
CA VAL A 154 -2.18 3.57 -1.42
C VAL A 154 -3.17 2.42 -1.31
N PRO A 155 -4.12 2.53 -0.44
CA PRO A 155 -5.10 1.44 -0.16
C PRO A 155 -6.19 1.33 -1.23
N LEU A 156 -6.73 0.13 -1.38
CA LEU A 156 -7.82 -0.10 -2.33
C LEU A 156 -9.09 -0.51 -1.57
N MET A 157 -10.08 0.38 -1.54
CA MET A 157 -11.29 0.13 -0.77
C MET A 157 -12.53 0.46 -1.59
N HIS A 158 -13.66 -0.15 -1.23
CA HIS A 158 -14.93 0.14 -1.89
C HIS A 158 -15.97 0.59 -0.87
N HIS A 159 -16.51 1.79 -1.07
CA HIS A 159 -17.48 2.34 -0.14
C HIS A 159 -16.89 2.47 1.25
N GLN A 160 -17.18 1.51 2.12
CA GLN A 160 -16.71 1.55 3.49
C GLN A 160 -15.83 0.33 3.79
N GLU A 161 -15.77 -0.59 2.83
CA GLU A 161 -15.05 -1.84 3.03
C GLU A 161 -13.68 -1.78 2.36
N LEU A 162 -12.72 -2.50 2.94
CA LEU A 162 -11.38 -2.57 2.37
C LEU A 162 -11.19 -3.89 1.62
N TRP A 163 -10.80 -3.80 0.35
CA TRP A 163 -10.64 -5.00 -0.47
C TRP A 163 -9.17 -5.38 -0.58
N GLY A 164 -8.32 -4.39 -0.83
CA GLY A 164 -6.90 -4.65 -1.04
C GLY A 164 -6.06 -3.40 -0.81
N LEU A 165 -4.76 -3.51 -1.02
CA LEU A 165 -3.85 -2.38 -0.82
C LEU A 165 -2.87 -2.27 -1.97
N LEU A 166 -2.63 -1.04 -2.43
CA LEU A 166 -1.67 -0.80 -3.51
C LEU A 166 -0.39 -0.21 -2.93
N VAL A 167 0.73 -0.50 -3.58
CA VAL A 167 2.02 -0.02 -3.10
C VAL A 167 3.07 -0.02 -4.20
N SER A 168 3.88 1.03 -4.26
CA SER A 168 4.95 1.12 -5.23
C SER A 168 6.30 1.12 -4.53
N HIS A 169 7.27 0.39 -5.09
CA HIS A 169 8.58 0.27 -4.48
C HIS A 169 9.61 1.13 -5.21
N HIS A 170 10.23 2.05 -4.49
CA HIS A 170 11.27 2.90 -5.07
C HIS A 170 12.60 2.66 -4.38
N ALA A 171 13.57 2.14 -5.13
CA ALA A 171 14.88 1.83 -4.56
C ALA A 171 15.80 3.05 -4.61
N GLU A 172 15.19 4.23 -4.72
CA GLU A 172 15.96 5.47 -4.80
C GLU A 172 15.17 6.63 -4.21
N PRO A 173 15.64 7.16 -3.11
CA PRO A 173 14.98 8.31 -2.43
C PRO A 173 14.53 9.39 -3.41
N ARG A 174 13.22 9.58 -3.52
CA ARG A 174 12.67 10.57 -4.43
C ARG A 174 11.33 11.09 -3.91
N PRO A 175 11.33 12.27 -3.34
CA PRO A 175 10.09 12.90 -2.81
C PRO A 175 8.97 12.95 -3.85
N TYR A 176 7.74 13.04 -3.37
CA TYR A 176 6.59 13.10 -4.27
C TYR A 176 6.01 14.52 -4.30
N SER A 177 5.44 14.89 -5.42
CA SER A 177 4.85 16.22 -5.57
C SER A 177 3.40 16.23 -5.06
N GLN A 178 2.96 17.39 -4.59
CA GLN A 178 1.60 17.52 -4.08
C GLN A 178 0.58 17.26 -5.19
N GLU A 179 0.95 17.64 -6.40
CA GLU A 179 0.05 17.47 -7.54
C GLU A 179 0.01 16.01 -7.98
N GLU A 180 1.20 15.42 -8.14
CA GLU A 180 1.29 14.02 -8.54
C GLU A 180 0.75 13.11 -7.45
N LEU A 181 0.87 13.55 -6.21
CA LEU A 181 0.41 12.77 -5.07
C LEU A 181 -1.08 12.45 -5.22
N GLN A 182 -1.85 13.44 -5.64
CA GLN A 182 -3.28 13.25 -5.83
C GLN A 182 -3.54 12.46 -7.10
N VAL A 183 -2.93 12.89 -8.20
CA VAL A 183 -3.14 12.24 -9.49
C VAL A 183 -3.08 10.72 -9.31
N VAL A 184 -2.02 10.25 -8.63
CA VAL A 184 -1.83 8.84 -8.44
C VAL A 184 -2.80 8.30 -7.40
N GLN A 185 -2.85 8.96 -6.24
CA GLN A 185 -3.77 8.58 -5.18
C GLN A 185 -5.16 8.37 -5.76
N LEU A 186 -5.50 9.18 -6.76
CA LEU A 186 -6.79 9.07 -7.42
C LEU A 186 -6.84 7.81 -8.28
N LEU A 187 -5.76 7.56 -8.99
CA LEU A 187 -5.68 6.38 -9.84
C LEU A 187 -6.06 5.15 -9.04
N ALA A 188 -5.53 5.06 -7.82
CA ALA A 188 -5.85 3.94 -6.94
C ALA A 188 -7.34 3.92 -6.65
N ASP A 189 -7.89 5.10 -6.36
CA ASP A 189 -9.32 5.21 -6.08
C ASP A 189 -10.11 4.75 -7.30
N GLN A 190 -9.59 5.05 -8.48
CA GLN A 190 -10.22 4.62 -9.73
C GLN A 190 -10.11 3.11 -9.87
N VAL A 191 -9.03 2.55 -9.32
CA VAL A 191 -8.82 1.10 -9.36
C VAL A 191 -9.72 0.42 -8.33
N SER A 192 -9.71 0.93 -7.11
CA SER A 192 -10.57 0.39 -6.07
C SER A 192 -12.01 0.35 -6.53
N ILE A 193 -12.37 1.30 -7.40
CA ILE A 193 -13.72 1.34 -7.95
C ILE A 193 -13.95 0.18 -8.89
N ALA A 194 -12.89 -0.21 -9.61
CA ALA A 194 -12.99 -1.34 -10.53
C ALA A 194 -13.20 -2.63 -9.76
N ILE A 195 -12.54 -2.76 -8.62
CA ILE A 195 -12.72 -3.93 -7.76
C ILE A 195 -14.19 -4.12 -7.42
N ALA A 196 -14.83 -3.04 -7.00
CA ALA A 196 -16.24 -3.09 -6.64
C ALA A 196 -17.09 -3.43 -7.86
N GLN A 197 -16.84 -2.72 -8.96
CA GLN A 197 -17.60 -2.94 -10.19
C GLN A 197 -17.44 -4.37 -10.66
N ALA A 198 -16.19 -4.83 -10.72
CA ALA A 198 -15.90 -6.18 -11.19
C ALA A 198 -16.47 -7.21 -10.23
N GLU A 199 -16.52 -6.86 -8.94
CA GLU A 199 -17.02 -7.80 -7.94
C GLU A 199 -18.42 -8.28 -8.29
N LEU A 200 -19.28 -7.35 -8.68
CA LEU A 200 -20.64 -7.69 -9.05
C LEU A 200 -20.66 -8.86 -10.03
N SER A 201 -19.68 -8.88 -10.94
CA SER A 201 -19.59 -9.94 -11.93
C SER A 201 -19.63 -11.30 -11.25
N LEU A 202 -18.66 -11.55 -10.37
CA LEU A 202 -18.61 -12.82 -9.65
C LEU A 202 -19.70 -12.89 -8.59
CHA CYC B . 2.97 -2.19 7.39
NA CYC B . 3.76 -3.65 5.55
C1A CYC B . 3.08 -2.63 6.06
C2A CYC B . 2.41 -2.01 5.00
C3A CYC B . 2.75 -2.72 3.85
C4A CYC B . 3.61 -3.76 4.23
CMA CYC B . 2.23 -2.36 2.46
CAA CYC B . 1.49 -0.76 5.08
CBA CYC B . 2.26 0.54 5.32
CGA CYC B . 2.23 0.98 6.79
O1A CYC B . 3.33 1.16 7.36
O2A CYC B . 1.11 1.12 7.31
CHB CYC B . 4.21 -4.76 3.44
NB CYC B . 4.66 -4.39 0.99
C1B CYC B . 4.22 -5.06 2.06
C2B CYC B . 3.68 -6.27 1.63
C3B CYC B . 3.81 -6.31 0.24
C4B CYC B . 4.44 -5.12 -0.12
CMB CYC B . 3.02 -7.40 2.46
CAB CYC B . 3.39 -7.40 -0.73
CBB CYC B . 2.76 -6.84 -2.00
OB CYC B . 4.74 -4.80 -1.26
NC CYC B . 5.28 -7.39 10.38
C1C CYC B . 4.91 -8.22 11.39
C2C CYC B . 4.91 -7.47 12.72
C3C CYC B . 5.52 -6.14 12.36
C4C CYC B . 5.58 -6.14 10.84
CMC CYC B . 3.50 -7.35 13.30
CAC CYC B . 6.91 -5.85 13.00
CBC CYC B . 6.91 -5.89 14.53
OC CYC B . 4.61 -9.40 11.27
CHD CYC B . 5.91 -4.97 10.18
ND CYC B . 4.53 -3.79 8.47
C1D CYC B . 4.98 -4.04 9.69
C2D CYC B . 4.35 -3.11 10.53
C3D CYC B . 3.52 -2.31 9.76
C4D CYC B . 3.66 -2.78 8.45
CMD CYC B . 4.54 -2.98 12.07
CAD CYC B . 2.63 -1.17 10.28
CBD CYC B . 3.42 0.08 10.65
CGD CYC B . 2.64 1.05 11.57
O1D CYC B . 2.08 2.03 11.01
O2D CYC B . 2.60 0.79 12.79
HHA CYC B . 2.37 -1.42 7.58
HMA1 CYC B . 1.91 -1.41 2.46
HMA2 CYC B . 2.98 -2.45 1.80
HMA3 CYC B . 1.48 -2.96 2.21
HAA1 CYC B . 0.83 -0.89 5.82
HAA2 CYC B . 1.00 -0.69 4.21
HBA1 CYC B . 1.88 1.26 4.76
HBA2 CYC B . 3.23 0.39 5.05
HHB CYC B . 4.73 -5.42 3.98
HB CYC B . 5.13 -3.50 1.01
HMB1 CYC B . 2.12 -7.11 2.75
HMB2 CYC B . 2.94 -8.22 1.89
HMB3 CYC B . 3.60 -7.60 3.26
HAB1 CYC B . 4.18 -7.95 -0.97
HAB2 CYC B . 2.71 -8.00 -0.28
HBB1 CYC B . 3.47 -6.46 -2.59
HBB2 CYC B . 2.29 -7.59 -2.49
HBB3 CYC B . 2.10 -6.13 -1.76
HC CYC B . 5.34 -7.65 9.41
H2C CYC B . 5.51 -7.94 13.36
H3C CYC B . 4.85 -5.43 12.66
HMC1 CYC B . 2.94 -6.76 12.72
HMC2 CYC B . 3.08 -8.27 13.32
HMC3 CYC B . 3.54 -6.98 14.22
HAC2 CYC B . 7.49 -6.58 12.64
HBC1 CYC B . 7.69 -6.43 14.86
HBC2 CYC B . 7.00 -4.96 14.88
HBC3 CYC B . 6.05 -6.30 14.87
HHD CYC B . 6.87 -4.76 10.06
HD CYC B . 4.80 -4.31 7.65
HMD1 CYC B . 4.74 -2.03 12.29
HMD2 CYC B . 3.69 -3.26 12.53
HMD3 CYC B . 5.29 -3.57 12.37
HAD1 CYC B . 2.12 -1.49 11.08
HAD2 CYC B . 1.97 -0.93 9.56
HBD1 CYC B . 3.68 0.57 9.83
HBD2 CYC B . 4.25 -0.21 11.13
HNE CYC B . 4.34 -4.27 6.09
N LEU A 31 -11.30 -10.81 -12.45
CA LEU A 31 -10.65 -9.80 -11.61
C LEU A 31 -9.14 -10.01 -11.59
N ASP A 32 -8.73 -11.25 -11.33
CA ASP A 32 -7.31 -11.58 -11.29
C ASP A 32 -6.61 -11.11 -12.56
N GLN A 33 -7.34 -11.11 -13.67
CA GLN A 33 -6.77 -10.68 -14.95
C GLN A 33 -6.69 -9.16 -15.01
N ILE A 34 -7.79 -8.50 -14.67
CA ILE A 34 -7.82 -7.04 -14.67
C ILE A 34 -6.72 -6.46 -13.79
N LEU A 35 -6.67 -6.94 -12.55
CA LEU A 35 -5.68 -6.44 -11.59
C LEU A 35 -4.27 -6.61 -12.14
N ARG A 36 -4.07 -7.68 -12.91
CA ARG A 36 -2.76 -7.96 -13.49
C ARG A 36 -2.36 -6.86 -14.47
N ALA A 37 -3.32 -6.45 -15.31
CA ALA A 37 -3.05 -5.42 -16.30
C ALA A 37 -2.97 -4.04 -15.65
N THR A 38 -3.65 -3.89 -14.51
CA THR A 38 -3.66 -2.61 -13.81
C THR A 38 -2.29 -2.30 -13.23
N VAL A 39 -1.60 -3.34 -12.76
CA VAL A 39 -0.28 -3.15 -12.16
C VAL A 39 0.76 -2.81 -13.22
N GLU A 40 0.48 -3.19 -14.45
CA GLU A 40 1.40 -2.91 -15.56
C GLU A 40 1.35 -1.44 -15.94
N GLU A 41 0.15 -0.86 -15.92
CA GLU A 41 -0.02 0.54 -16.26
C GLU A 41 0.43 1.44 -15.11
N VAL A 42 0.24 0.95 -13.88
CA VAL A 42 0.61 1.73 -12.71
C VAL A 42 2.12 1.98 -12.67
N ARG A 43 2.89 0.90 -12.69
CA ARG A 43 4.34 1.01 -12.65
C ARG A 43 4.84 2.04 -13.66
N ALA A 44 4.24 2.03 -14.84
CA ALA A 44 4.62 2.98 -15.88
C ALA A 44 4.46 4.41 -15.39
N PHE A 45 3.31 4.70 -14.79
CA PHE A 45 3.02 6.05 -14.33
C PHE A 45 4.00 6.46 -13.24
N LEU A 46 4.28 5.53 -12.32
CA LEU A 46 5.18 5.83 -11.20
C LEU A 46 6.61 5.41 -11.55
N GLY A 47 6.75 4.62 -12.60
CA GLY A 47 8.07 4.15 -13.02
C GLY A 47 8.83 3.55 -11.84
N THR A 48 8.08 3.04 -10.85
CA THR A 48 8.69 2.44 -9.68
C THR A 48 9.22 1.05 -10.00
N ASP A 49 10.37 0.70 -9.42
CA ASP A 49 10.99 -0.59 -9.70
C ASP A 49 9.97 -1.71 -9.58
N ARG A 50 9.17 -1.66 -8.53
CA ARG A 50 8.19 -2.72 -8.28
C ARG A 50 6.92 -2.16 -7.67
N VAL A 51 5.77 -2.60 -8.20
CA VAL A 51 4.48 -2.22 -7.64
C VAL A 51 3.51 -3.38 -7.76
N LYS A 52 2.82 -3.68 -6.66
CA LYS A 52 1.92 -4.82 -6.64
C LYS A 52 0.60 -4.49 -5.95
N VAL A 53 -0.46 -5.19 -6.33
CA VAL A 53 -1.75 -5.02 -5.69
C VAL A 53 -1.96 -6.10 -4.63
N TYR A 54 -2.54 -5.72 -3.50
CA TYR A 54 -2.71 -6.66 -2.40
C TYR A 54 -4.18 -6.76 -2.00
N ARG A 55 -4.71 -7.99 -2.07
CA ARG A 55 -6.10 -8.23 -1.70
C ARG A 55 -6.19 -8.72 -0.26
N PHE A 56 -7.10 -8.15 0.52
CA PHE A 56 -7.23 -8.52 1.92
C PHE A 56 -8.34 -9.56 2.10
N ASP A 57 -7.99 -10.68 2.73
CA ASP A 57 -8.97 -11.72 3.00
C ASP A 57 -9.63 -11.50 4.36
N PRO A 58 -10.85 -11.96 4.50
CA PRO A 58 -11.64 -11.78 5.76
C PRO A 58 -10.95 -12.43 6.95
N GLU A 59 -10.05 -13.37 6.68
CA GLU A 59 -9.35 -14.07 7.74
C GLU A 59 -8.06 -13.34 8.11
N GLY A 60 -7.77 -12.28 7.39
CA GLY A 60 -6.57 -11.49 7.67
C GLY A 60 -5.45 -11.81 6.68
N HIS A 61 -5.59 -12.95 6.02
CA HIS A 61 -4.58 -13.38 5.04
C HIS A 61 -4.69 -12.57 3.76
N GLY A 62 -3.55 -12.29 3.14
CA GLY A 62 -3.53 -11.53 1.91
C GLY A 62 -2.68 -12.23 0.84
N THR A 63 -3.02 -12.00 -0.42
CA THR A 63 -2.29 -12.62 -1.52
C THR A 63 -1.94 -11.59 -2.59
N VAL A 64 -0.89 -11.87 -3.35
CA VAL A 64 -0.48 -10.97 -4.43
C VAL A 64 -1.09 -11.41 -5.75
N VAL A 65 -2.01 -10.61 -6.27
CA VAL A 65 -2.68 -10.94 -7.52
C VAL A 65 -2.18 -10.07 -8.66
N ALA A 66 -1.25 -9.17 -8.33
CA ALA A 66 -0.68 -8.28 -9.33
C ALA A 66 0.68 -7.77 -8.88
N GLU A 67 1.67 -7.89 -9.76
CA GLU A 67 3.03 -7.45 -9.45
C GLU A 67 3.84 -7.27 -10.72
N ALA A 68 4.68 -6.23 -10.74
CA ALA A 68 5.53 -5.98 -11.89
C ALA A 68 6.96 -5.65 -11.45
N ARG A 69 7.93 -6.11 -12.23
CA ARG A 69 9.33 -5.89 -11.89
C ARG A 69 10.07 -5.21 -13.05
N GLY A 70 10.96 -4.29 -12.72
CA GLY A 70 11.73 -3.58 -13.73
C GLY A 70 13.13 -4.17 -13.87
N GLY A 71 13.44 -4.67 -15.06
CA GLY A 71 14.76 -5.26 -15.31
C GLY A 71 14.99 -6.45 -14.39
N GLU A 72 13.95 -7.26 -14.18
CA GLU A 72 14.06 -8.43 -13.33
C GLU A 72 14.88 -8.11 -12.08
N ARG A 73 14.98 -6.82 -11.76
CA ARG A 73 15.75 -6.40 -10.60
C ARG A 73 15.19 -7.02 -9.33
N LEU A 74 13.86 -6.99 -9.19
CA LEU A 74 13.22 -7.57 -8.02
C LEU A 74 12.43 -8.82 -8.41
N PRO A 75 12.37 -9.78 -7.53
CA PRO A 75 11.65 -11.06 -7.76
C PRO A 75 10.13 -10.87 -7.70
N SER A 76 9.40 -11.87 -8.19
CA SER A 76 7.95 -11.81 -8.19
C SER A 76 7.36 -12.51 -6.98
N LEU A 77 6.39 -11.89 -6.33
CA LEU A 77 5.75 -12.47 -5.16
C LEU A 77 4.36 -12.97 -5.51
N LEU A 78 4.02 -12.96 -6.79
CA LEU A 78 2.70 -13.37 -7.24
C LEU A 78 2.37 -14.76 -6.70
N GLY A 79 1.19 -14.88 -6.09
CA GLY A 79 0.72 -16.17 -5.60
C GLY A 79 1.18 -16.41 -4.16
N LEU A 80 2.11 -15.59 -3.71
CA LEU A 80 2.60 -15.69 -2.33
C LEU A 80 1.64 -15.02 -1.36
N THR A 81 1.46 -15.64 -0.20
CA THR A 81 0.57 -15.08 0.81
C THR A 81 1.37 -14.64 2.04
N PHE A 82 0.84 -13.66 2.76
CA PHE A 82 1.51 -13.16 3.96
C PHE A 82 0.67 -13.48 5.20
N PRO A 83 1.32 -13.79 6.28
CA PRO A 83 0.63 -14.11 7.57
C PRO A 83 0.04 -12.86 8.21
N ALA A 84 -1.10 -13.04 8.89
CA ALA A 84 -1.77 -11.94 9.54
C ALA A 84 -1.02 -11.51 10.80
N GLY A 85 -0.48 -12.49 11.53
CA GLY A 85 0.25 -12.20 12.76
C GLY A 85 1.28 -11.10 12.53
N ASP A 86 1.61 -10.87 11.27
CA ASP A 86 2.60 -9.84 10.92
C ASP A 86 2.09 -8.47 11.33
N ILE A 87 0.80 -8.25 11.21
CA ILE A 87 0.20 -6.97 11.57
C ILE A 87 -1.28 -7.14 11.88
N PRO A 88 -1.76 -6.47 12.89
CA PRO A 88 -3.20 -6.45 13.24
C PRO A 88 -4.00 -5.50 12.35
N GLU A 89 -5.27 -5.82 12.13
CA GLU A 89 -6.12 -5.00 11.27
C GLU A 89 -6.00 -3.52 11.64
N GLU A 90 -5.46 -3.26 12.82
CA GLU A 90 -5.31 -1.89 13.30
C GLU A 90 -4.72 -1.00 12.21
N ALA A 91 -3.60 -1.45 11.63
CA ALA A 91 -2.96 -0.71 10.55
C ALA A 91 -3.85 -0.69 9.31
N ARG A 92 -4.68 -1.71 9.16
CA ARG A 92 -5.59 -1.80 8.03
C ARG A 92 -6.73 -0.80 8.19
N ARG A 93 -7.08 -0.49 9.44
CA ARG A 93 -8.18 0.42 9.71
C ARG A 93 -7.83 1.83 9.27
N LEU A 94 -6.66 2.31 9.68
CA LEU A 94 -6.23 3.66 9.35
C LEU A 94 -6.28 3.88 7.84
N PHE A 95 -5.88 2.86 7.09
CA PHE A 95 -5.89 2.96 5.63
C PHE A 95 -7.32 2.99 5.11
N ARG A 96 -8.26 2.48 5.91
CA ARG A 96 -9.66 2.51 5.52
C ARG A 96 -10.36 3.74 6.11
N LEU A 97 -9.78 4.29 7.17
CA LEU A 97 -10.39 5.43 7.85
C LEU A 97 -9.90 6.74 7.22
N ALA A 98 -8.59 6.83 7.02
CA ALA A 98 -7.98 8.07 6.53
C ALA A 98 -7.44 7.87 5.13
N GLN A 99 -7.32 6.61 4.71
CA GLN A 99 -6.78 6.28 3.39
C GLN A 99 -5.56 7.14 3.08
N VAL A 100 -4.56 7.07 3.94
CA VAL A 100 -3.33 7.84 3.75
C VAL A 100 -2.19 7.24 4.55
N ARG A 101 -1.10 6.91 3.87
CA ARG A 101 0.07 6.37 4.55
C ARG A 101 1.20 6.12 3.53
N VAL A 102 2.38 6.62 3.86
CA VAL A 102 3.54 6.41 2.99
C VAL A 102 4.80 6.23 3.83
N ILE A 103 5.80 5.57 3.25
CA ILE A 103 7.05 5.30 3.96
C ILE A 103 8.16 6.20 3.44
N VAL A 104 8.85 6.88 4.34
CA VAL A 104 9.90 7.81 3.97
C VAL A 104 11.22 7.07 3.77
N ASP A 105 12.23 7.80 3.28
CA ASP A 105 13.53 7.19 3.01
C ASP A 105 14.02 6.43 4.24
N VAL A 106 14.18 5.12 4.10
CA VAL A 106 14.66 4.30 5.20
C VAL A 106 15.93 4.88 5.80
N GLU A 107 16.56 5.79 5.05
CA GLU A 107 17.78 6.44 5.53
C GLU A 107 17.46 7.42 6.65
N ALA A 108 16.32 8.11 6.53
CA ALA A 108 15.90 9.06 7.54
C ALA A 108 15.74 8.37 8.89
N GLN A 109 15.72 7.04 8.87
CA GLN A 109 15.57 6.26 10.10
C GLN A 109 14.35 6.73 10.89
N SER A 110 13.17 6.45 10.36
CA SER A 110 11.93 6.76 11.06
C SER A 110 11.50 5.56 11.92
N ARG A 111 11.40 5.77 13.22
CA ARG A 111 11.07 4.68 14.13
C ARG A 111 9.66 4.83 14.69
N SER A 112 8.94 3.72 14.77
CA SER A 112 7.59 3.72 15.32
C SER A 112 7.56 2.88 16.59
N ILE A 113 6.72 3.27 17.54
CA ILE A 113 6.62 2.54 18.80
C ILE A 113 5.21 2.58 19.36
N SER A 114 4.86 1.57 20.14
CA SER A 114 3.53 1.51 20.76
C SER A 114 3.46 2.46 21.95
N GLN A 115 2.25 2.65 22.46
CA GLN A 115 2.05 3.54 23.60
C GLN A 115 0.73 3.25 24.29
N PRO A 116 0.67 2.15 25.00
CA PRO A 116 -0.57 1.74 25.72
C PRO A 116 -1.18 2.89 26.53
N GLU A 117 -2.31 3.39 26.05
CA GLU A 117 -2.98 4.49 26.74
C GLU A 117 -4.36 4.75 26.11
N SER A 118 -4.36 5.32 24.92
CA SER A 118 -5.61 5.61 24.23
C SER A 118 -5.38 5.69 22.72
N TRP A 119 -6.42 5.36 21.95
CA TRP A 119 -6.33 5.41 20.49
C TRP A 119 -7.69 5.71 19.88
N GLY A 120 -7.70 5.97 18.58
CA GLY A 120 -8.94 6.28 17.87
C GLY A 120 -9.98 5.19 18.12
N LEU A 121 -11.16 5.60 18.55
CA LEU A 121 -12.24 4.65 18.82
C LEU A 121 -12.57 3.84 17.57
N SER A 122 -12.47 4.49 16.41
CA SER A 122 -12.76 3.82 15.14
C SER A 122 -12.82 4.83 14.01
N ALA A 123 -13.84 5.70 14.04
CA ALA A 123 -14.01 6.71 13.01
C ALA A 123 -12.75 7.58 12.90
N ARG A 124 -11.98 7.63 13.99
CA ARG A 124 -10.76 8.43 14.00
C ARG A 124 -11.07 9.88 13.66
N VAL A 125 -10.08 10.58 13.10
CA VAL A 125 -10.27 11.98 12.73
C VAL A 125 -9.66 12.23 11.35
N PRO A 126 -10.18 13.21 10.66
CA PRO A 126 -9.70 13.58 9.29
C PRO A 126 -8.26 14.07 9.31
N LEU A 127 -7.41 13.46 8.49
CA LEU A 127 -6.01 13.85 8.42
C LEU A 127 -5.58 14.53 9.72
N GLY A 128 -5.26 15.81 9.62
CA GLY A 128 -4.85 16.57 10.80
C GLY A 128 -3.40 16.27 11.17
N GLU A 129 -2.73 15.52 10.31
CA GLU A 129 -1.33 15.17 10.56
C GLU A 129 -0.60 14.91 9.25
N PRO A 130 0.69 15.10 9.24
CA PRO A 130 1.54 14.87 8.02
C PRO A 130 1.22 13.53 7.35
N LEU A 131 1.22 13.54 6.01
CA LEU A 131 0.90 12.33 5.26
C LEU A 131 2.03 11.31 5.38
N GLN A 132 2.94 11.57 6.32
CA GLN A 132 4.05 10.66 6.55
C GLN A 132 4.10 10.21 8.00
N ARG A 133 4.19 8.90 8.21
CA ARG A 133 4.25 8.36 9.56
C ARG A 133 5.37 7.33 9.68
N PRO A 134 5.92 7.19 10.86
CA PRO A 134 7.01 6.22 11.12
C PRO A 134 6.51 4.78 11.21
N VAL A 135 7.30 3.85 10.69
CA VAL A 135 6.93 2.43 10.75
C VAL A 135 7.95 1.65 11.58
N ASP A 136 7.43 0.85 12.52
CA ASP A 136 8.29 0.06 13.39
C ASP A 136 9.43 -0.56 12.59
N PRO A 137 10.62 -0.55 13.14
CA PRO A 137 11.84 -1.11 12.48
C PRO A 137 11.54 -2.42 11.78
N CYS A 138 10.42 -3.05 12.15
CA CYS A 138 10.03 -4.32 11.53
C CYS A 138 9.76 -4.13 10.05
N HIS A 139 9.10 -3.02 9.71
CA HIS A 139 8.79 -2.74 8.31
C HIS A 139 9.98 -2.08 7.63
N VAL A 140 10.76 -1.33 8.40
CA VAL A 140 11.92 -0.64 7.85
C VAL A 140 12.88 -1.65 7.22
N HIS A 141 13.38 -2.58 8.02
CA HIS A 141 14.30 -3.59 7.52
C HIS A 141 13.63 -4.44 6.45
N TYR A 142 12.39 -4.83 6.70
CA TYR A 142 11.64 -5.62 5.73
C TYR A 142 11.79 -5.02 4.33
N LEU A 143 11.75 -3.70 4.26
CA LEU A 143 11.90 -3.01 2.98
C LEU A 143 13.35 -3.03 2.54
N LYS A 144 14.26 -2.77 3.47
CA LYS A 144 15.69 -2.81 3.18
C LYS A 144 16.08 -4.18 2.64
N SER A 145 15.60 -5.23 3.30
CA SER A 145 15.85 -6.59 2.84
C SER A 145 15.24 -6.81 1.46
N MET A 146 14.31 -5.94 1.08
CA MET A 146 13.66 -6.05 -0.22
C MET A 146 14.35 -5.17 -1.25
N GLY A 147 15.39 -4.47 -0.81
CA GLY A 147 16.15 -3.59 -1.70
C GLY A 147 15.38 -2.30 -1.96
N VAL A 148 14.47 -1.96 -1.05
CA VAL A 148 13.67 -0.74 -1.20
C VAL A 148 14.08 0.30 -0.17
N ALA A 149 14.08 1.56 -0.58
CA ALA A 149 14.46 2.65 0.32
C ALA A 149 13.26 3.52 0.64
N SER A 150 12.46 3.80 -0.38
CA SER A 150 11.27 4.63 -0.20
C SER A 150 10.10 4.04 -0.98
N SER A 151 9.01 3.75 -0.28
CA SER A 151 7.83 3.16 -0.92
C SER A 151 6.57 3.90 -0.52
N LEU A 152 5.66 4.08 -1.47
CA LEU A 152 4.40 4.74 -1.21
C LEU A 152 3.27 3.72 -1.13
N VAL A 153 2.41 3.86 -0.12
CA VAL A 153 1.31 2.91 0.06
C VAL A 153 -0.03 3.59 -0.20
N VAL A 154 -0.81 3.00 -1.11
CA VAL A 154 -2.13 3.53 -1.43
C VAL A 154 -3.16 2.41 -1.39
N PRO A 155 -4.08 2.49 -0.47
CA PRO A 155 -5.09 1.42 -0.23
C PRO A 155 -6.18 1.38 -1.30
N LEU A 156 -6.77 0.20 -1.48
CA LEU A 156 -7.85 0.03 -2.44
C LEU A 156 -9.13 -0.38 -1.72
N MET A 157 -10.10 0.52 -1.68
CA MET A 157 -11.34 0.26 -0.94
C MET A 157 -12.55 0.72 -1.75
N HIS A 158 -13.73 0.23 -1.37
CA HIS A 158 -14.96 0.63 -2.02
C HIS A 158 -16.12 0.67 -1.02
N HIS A 159 -16.76 1.83 -0.90
CA HIS A 159 -17.83 2.01 0.05
C HIS A 159 -17.28 2.18 1.46
N GLN A 160 -17.57 1.22 2.34
CA GLN A 160 -17.11 1.29 3.72
C GLN A 160 -16.19 0.11 4.02
N GLU A 161 -16.04 -0.79 3.06
CA GLU A 161 -15.24 -1.99 3.25
C GLU A 161 -13.92 -1.88 2.51
N LEU A 162 -12.93 -2.64 2.95
CA LEU A 162 -11.62 -2.66 2.30
C LEU A 162 -11.42 -3.97 1.54
N TRP A 163 -11.03 -3.87 0.27
CA TRP A 163 -10.86 -5.05 -0.56
C TRP A 163 -9.38 -5.42 -0.68
N GLY A 164 -8.54 -4.40 -0.86
CA GLY A 164 -7.11 -4.64 -1.05
C GLY A 164 -6.30 -3.37 -0.83
N LEU A 165 -4.99 -3.46 -1.05
CA LEU A 165 -4.12 -2.31 -0.85
C LEU A 165 -3.07 -2.24 -1.95
N LEU A 166 -2.74 -1.03 -2.39
CA LEU A 166 -1.73 -0.83 -3.42
C LEU A 166 -0.45 -0.29 -2.81
N VAL A 167 0.68 -0.53 -3.48
CA VAL A 167 1.97 -0.07 -2.97
C VAL A 167 3.01 -0.03 -4.07
N SER A 168 3.80 1.04 -4.08
CA SER A 168 4.88 1.19 -5.07
C SER A 168 6.23 1.23 -4.36
N HIS A 169 7.19 0.49 -4.88
CA HIS A 169 8.51 0.42 -4.27
C HIS A 169 9.59 0.97 -5.20
N HIS A 170 10.49 1.76 -4.65
CA HIS A 170 11.58 2.35 -5.44
C HIS A 170 12.90 2.22 -4.69
N ALA A 171 13.99 2.12 -5.44
CA ALA A 171 15.31 1.99 -4.83
C ALA A 171 15.82 3.34 -4.37
N GLU A 172 15.28 4.41 -4.95
CA GLU A 172 15.69 5.76 -4.59
C GLU A 172 14.55 6.50 -3.89
N PRO A 173 14.87 7.51 -3.14
CA PRO A 173 13.86 8.33 -2.40
C PRO A 173 12.74 8.81 -3.32
N ARG A 174 13.05 9.75 -4.20
CA ARG A 174 12.06 10.27 -5.13
C ARG A 174 10.79 10.69 -4.39
N PRO A 175 10.62 11.97 -4.19
CA PRO A 175 9.42 12.52 -3.48
C PRO A 175 8.21 12.62 -4.39
N TYR A 176 7.04 12.81 -3.79
CA TYR A 176 5.81 12.93 -4.55
C TYR A 176 5.31 14.37 -4.57
N SER A 177 4.81 14.79 -5.72
CA SER A 177 4.31 16.16 -5.86
C SER A 177 2.84 16.23 -5.48
N GLN A 178 2.40 17.41 -5.03
CA GLN A 178 1.01 17.59 -4.63
C GLN A 178 0.07 17.20 -5.76
N GLU A 179 0.50 17.47 -6.99
CA GLU A 179 -0.32 17.15 -8.17
C GLU A 179 -0.28 15.65 -8.44
N GLU A 180 0.92 15.09 -8.44
CA GLU A 180 1.08 13.66 -8.70
C GLU A 180 0.41 12.84 -7.60
N LEU A 181 0.42 13.39 -6.39
CA LEU A 181 -0.18 12.68 -5.25
C LEU A 181 -1.64 12.34 -5.56
N GLN A 182 -2.43 13.34 -5.89
CA GLN A 182 -3.84 13.13 -6.18
C GLN A 182 -4.00 12.27 -7.42
N VAL A 183 -3.28 12.62 -8.47
CA VAL A 183 -3.35 11.87 -9.73
C VAL A 183 -3.29 10.37 -9.44
N VAL A 184 -2.28 9.97 -8.67
CA VAL A 184 -2.09 8.56 -8.35
C VAL A 184 -3.12 8.13 -7.31
N GLN A 185 -3.18 8.85 -6.20
CA GLN A 185 -4.14 8.54 -5.15
C GLN A 185 -5.52 8.34 -5.75
N LEU A 186 -5.83 9.13 -6.77
CA LEU A 186 -7.11 9.02 -7.45
C LEU A 186 -7.14 7.76 -8.31
N LEU A 187 -6.04 7.53 -9.02
CA LEU A 187 -5.94 6.34 -9.87
C LEU A 187 -6.27 5.10 -9.07
N ALA A 188 -5.71 5.01 -7.87
CA ALA A 188 -5.98 3.89 -6.99
C ALA A 188 -7.47 3.85 -6.64
N ASP A 189 -8.01 5.01 -6.31
CA ASP A 189 -9.43 5.12 -5.98
C ASP A 189 -10.25 4.64 -7.16
N GLN A 190 -9.77 4.94 -8.37
CA GLN A 190 -10.46 4.51 -9.58
C GLN A 190 -10.33 3.01 -9.76
N VAL A 191 -9.23 2.45 -9.24
CA VAL A 191 -9.01 1.01 -9.32
C VAL A 191 -9.89 0.29 -8.32
N SER A 192 -9.86 0.75 -7.07
CA SER A 192 -10.69 0.16 -6.03
C SER A 192 -12.15 0.13 -6.48
N ILE A 193 -12.53 1.14 -7.26
CA ILE A 193 -13.90 1.21 -7.77
C ILE A 193 -14.15 0.09 -8.76
N ALA A 194 -13.11 -0.29 -9.50
CA ALA A 194 -13.22 -1.37 -10.47
C ALA A 194 -13.42 -2.71 -9.76
N ILE A 195 -12.73 -2.88 -8.63
CA ILE A 195 -12.85 -4.10 -7.84
C ILE A 195 -14.32 -4.34 -7.47
N ALA A 196 -14.94 -3.33 -6.87
CA ALA A 196 -16.33 -3.45 -6.46
C ALA A 196 -17.23 -3.64 -7.67
N GLN A 197 -17.02 -2.80 -8.68
CA GLN A 197 -17.83 -2.89 -9.90
C GLN A 197 -17.67 -4.26 -10.55
N ALA A 198 -16.42 -4.70 -10.67
CA ALA A 198 -16.14 -5.98 -11.29
C ALA A 198 -16.69 -7.12 -10.42
N GLU A 199 -16.68 -6.90 -9.11
CA GLU A 199 -17.13 -7.93 -8.18
C GLU A 199 -18.53 -8.42 -8.57
N LEU A 200 -19.39 -7.48 -8.94
CA LEU A 200 -20.75 -7.83 -9.34
C LEU A 200 -20.74 -8.99 -10.34
N SER A 201 -19.73 -9.00 -11.20
CA SER A 201 -19.61 -10.05 -12.21
C SER A 201 -19.64 -11.42 -11.54
N LEU A 202 -18.65 -11.67 -10.69
CA LEU A 202 -18.58 -12.95 -9.99
C LEU A 202 -19.60 -13.01 -8.86
CHA CYC B . 2.75 -1.63 8.56
NA CYC B . 3.42 -3.27 6.83
C1A CYC B . 2.80 -2.18 7.27
C2A CYC B . 2.16 -1.59 6.18
C3A CYC B . 2.44 -2.40 5.08
C4A CYC B . 3.24 -3.47 5.53
CMA CYC B . 1.94 -2.11 3.67
CAA CYC B . 1.30 -0.30 6.17
CBA CYC B . 0.04 -0.41 7.05
CGA CYC B . -1.11 -1.10 6.32
O1A CYC B . -1.35 -2.29 6.61
O2A CYC B . -1.74 -0.42 5.49
CHB CYC B . 3.78 -4.54 4.81
NB CYC B . 4.34 -4.26 2.37
C1B CYC B . 3.85 -4.89 3.44
C2B CYC B . 3.34 -6.12 3.01
C3B CYC B . 3.53 -6.20 1.64
C4B CYC B . 4.16 -5.02 1.28
CMB CYC B . 2.66 -7.23 3.86
CAB CYC B . 3.16 -7.32 0.69
CBB CYC B . 2.58 -6.80 -0.64
OB CYC B . 4.51 -4.72 0.13
NC CYC B . 3.86 -5.52 13.18
C1C CYC B . 3.96 -6.43 14.19
C2C CYC B . 5.41 -6.88 14.34
C3C CYC B . 6.13 -6.12 13.29
C4C CYC B . 5.06 -5.28 12.60
CMC CYC B . 5.96 -6.57 15.74
CAC CYC B . 6.95 -6.97 12.28
CBC CYC B . 7.97 -7.92 12.93
OC CYC B . 3.05 -6.82 14.89
CHD CYC B . 5.43 -4.45 11.55
ND CYC B . 4.16 -3.27 9.76
C1D CYC B . 4.60 -3.46 11.00
C2D CYC B . 4.10 -2.40 11.76
C3D CYC B . 3.33 -1.59 10.93
C4D CYC B . 3.40 -2.18 9.65
CMD CYC B . 4.34 -2.16 13.27
CAD CYC B . 2.58 -0.31 11.35
CBD CYC B . 3.38 0.96 11.13
CGD CYC B . 2.65 2.24 11.57
O1D CYC B . 1.82 2.74 10.77
O2D CYC B . 2.92 2.68 12.71
HHA CYC B . 2.23 -0.78 8.69
HMA1 CYC B . 1.12 -2.66 3.48
HMA2 CYC B . 1.69 -1.13 3.61
HMA3 CYC B . 2.64 -2.32 3.00
HAA1 CYC B . 1.03 -0.11 5.24
HAA2 CYC B . 1.87 0.45 6.51
HBA1 CYC B . -0.24 0.51 7.32
HBA2 CYC B . 0.28 -0.94 7.87
HHB CYC B . 4.16 -5.25 5.40
HB CYC B . 4.79 -3.36 2.38
HMB1 CYC B . 1.74 -7.38 3.54
HMB2 CYC B . 3.19 -8.08 3.73
HMB3 CYC B . 2.66 -6.97 4.82
HAB1 CYC B . 3.96 -7.87 0.49
HAB2 CYC B . 2.46 -7.91 1.12
HBB1 CYC B . 3.34 -6.49 -1.21
HBB2 CYC B . 2.10 -7.55 -1.10
HBB3 CYC B . 1.96 -6.05 -0.45
HC CYC B . 3.00 -5.08 12.90
H2C CYC B . 5.47 -7.86 14.16
H3C CYC B . 6.75 -5.50 13.79
HMC1 CYC B . 5.64 -7.28 16.38
HMC2 CYC B . 6.96 -6.60 15.70
HMC3 CYC B . 5.65 -5.67 16.03
HAC2 CYC B . 6.25 -7.50 11.79
HBC1 CYC B . 8.84 -7.86 12.45
HBC2 CYC B . 8.10 -7.64 13.88
HBC3 CYC B . 7.62 -8.85 12.91
HHD CYC B . 6.36 -4.54 11.18
HD CYC B . 4.37 -3.89 8.97
HMD1 CYC B . 5.11 -2.70 13.58
HMD2 CYC B . 4.54 -1.18 13.41
HMD3 CYC B . 3.52 -2.40 13.79
HAD1 CYC B . 2.34 -0.38 12.31
HAD2 CYC B . 1.73 -0.26 10.82
HBD1 CYC B . 3.59 1.05 10.15
HBD2 CYC B . 4.24 0.89 11.63
HNE CYC B . 3.96 -3.88 7.41
N LEU A 31 -11.44 -10.88 -12.41
CA LEU A 31 -10.74 -9.81 -11.71
C LEU A 31 -9.24 -10.08 -11.69
N ASP A 32 -8.87 -11.30 -11.33
CA ASP A 32 -7.47 -11.69 -11.27
C ASP A 32 -6.74 -11.28 -12.56
N GLN A 33 -7.47 -11.32 -13.67
CA GLN A 33 -6.88 -10.95 -14.96
C GLN A 33 -6.79 -9.43 -15.09
N ILE A 34 -7.89 -8.75 -14.78
CA ILE A 34 -7.90 -7.29 -14.86
C ILE A 34 -6.85 -6.69 -13.92
N LEU A 35 -6.81 -7.19 -12.69
CA LEU A 35 -5.88 -6.67 -11.69
C LEU A 35 -4.44 -6.82 -12.18
N ARG A 36 -4.19 -7.86 -12.97
CA ARG A 36 -2.86 -8.11 -13.51
C ARG A 36 -2.45 -6.98 -14.47
N ALA A 37 -3.42 -6.53 -15.28
CA ALA A 37 -3.15 -5.47 -16.24
C ALA A 37 -3.06 -4.12 -15.54
N THR A 38 -3.73 -4.01 -14.40
CA THR A 38 -3.75 -2.75 -13.66
C THR A 38 -2.37 -2.42 -13.11
N VAL A 39 -1.66 -3.45 -12.66
CA VAL A 39 -0.33 -3.27 -12.10
C VAL A 39 0.68 -2.91 -13.19
N GLU A 40 0.38 -3.31 -14.43
CA GLU A 40 1.26 -3.03 -15.55
C GLU A 40 1.15 -1.57 -15.96
N GLU A 41 -0.07 -1.04 -15.98
CA GLU A 41 -0.29 0.34 -16.35
C GLU A 41 0.08 1.27 -15.20
N VAL A 42 -0.14 0.82 -13.98
CA VAL A 42 0.15 1.63 -12.81
C VAL A 42 1.64 1.91 -12.70
N ARG A 43 2.43 0.84 -12.61
CA ARG A 43 3.89 0.99 -12.51
C ARG A 43 4.41 1.97 -13.56
N ALA A 44 3.88 1.87 -14.77
CA ALA A 44 4.29 2.77 -15.84
C ALA A 44 4.12 4.23 -15.42
N PHE A 45 2.97 4.53 -14.82
CA PHE A 45 2.69 5.90 -14.40
C PHE A 45 3.67 6.36 -13.34
N LEU A 46 4.00 5.46 -12.41
CA LEU A 46 4.92 5.78 -11.34
C LEU A 46 6.35 5.39 -11.71
N GLY A 47 6.48 4.63 -12.79
CA GLY A 47 7.79 4.18 -13.25
C GLY A 47 8.57 3.51 -12.11
N THR A 48 7.84 2.95 -11.15
CA THR A 48 8.47 2.29 -10.02
C THR A 48 8.98 0.91 -10.43
N ASP A 49 10.13 0.52 -9.89
CA ASP A 49 10.74 -0.75 -10.25
C ASP A 49 9.84 -1.91 -9.86
N ARG A 50 9.08 -1.72 -8.78
CA ARG A 50 8.23 -2.79 -8.27
C ARG A 50 6.93 -2.23 -7.72
N VAL A 51 5.82 -2.73 -8.25
CA VAL A 51 4.50 -2.34 -7.75
C VAL A 51 3.57 -3.54 -7.76
N LYS A 52 2.90 -3.79 -6.63
CA LYS A 52 2.03 -4.95 -6.52
C LYS A 52 0.70 -4.58 -5.88
N VAL A 53 -0.35 -5.31 -6.25
CA VAL A 53 -1.66 -5.12 -5.65
C VAL A 53 -1.89 -6.17 -4.57
N TYR A 54 -2.46 -5.74 -3.45
CA TYR A 54 -2.67 -6.65 -2.31
C TYR A 54 -4.16 -6.79 -2.00
N ARG A 55 -4.66 -8.01 -2.15
CA ARG A 55 -6.07 -8.30 -1.86
C ARG A 55 -6.20 -8.87 -0.46
N PHE A 56 -7.22 -8.41 0.27
CA PHE A 56 -7.42 -8.89 1.64
C PHE A 56 -8.52 -9.94 1.69
N ASP A 57 -8.29 -10.99 2.48
CA ASP A 57 -9.28 -12.06 2.63
C ASP A 57 -10.03 -11.89 3.95
N PRO A 58 -11.24 -12.35 3.99
CA PRO A 58 -12.11 -12.25 5.20
C PRO A 58 -11.33 -12.54 6.48
N GLU A 59 -10.54 -13.61 6.46
CA GLU A 59 -9.78 -14.01 7.64
C GLU A 59 -8.63 -13.04 7.89
N GLY A 60 -8.41 -12.13 6.94
CA GLY A 60 -7.35 -11.14 7.09
C GLY A 60 -6.16 -11.49 6.22
N HIS A 61 -6.18 -12.70 5.64
CA HIS A 61 -5.09 -13.15 4.78
C HIS A 61 -5.18 -12.47 3.42
N GLY A 62 -4.02 -12.26 2.79
CA GLY A 62 -3.99 -11.62 1.49
C GLY A 62 -3.05 -12.35 0.54
N THR A 63 -3.24 -12.15 -0.76
CA THR A 63 -2.40 -12.79 -1.76
C THR A 63 -1.98 -11.80 -2.84
N VAL A 64 -0.92 -12.12 -3.56
CA VAL A 64 -0.45 -11.27 -4.65
C VAL A 64 -1.14 -11.64 -5.96
N VAL A 65 -2.07 -10.80 -6.39
CA VAL A 65 -2.81 -11.06 -7.61
C VAL A 65 -2.31 -10.18 -8.74
N ALA A 66 -1.39 -9.27 -8.41
CA ALA A 66 -0.83 -8.37 -9.41
C ALA A 66 0.56 -7.89 -8.98
N GLU A 67 1.54 -8.12 -9.84
CA GLU A 67 2.92 -7.73 -9.52
C GLU A 67 3.72 -7.53 -10.80
N ALA A 68 4.56 -6.50 -10.83
CA ALA A 68 5.41 -6.24 -11.97
C ALA A 68 6.83 -5.90 -11.53
N ARG A 69 7.82 -6.38 -12.28
CA ARG A 69 9.22 -6.14 -11.94
C ARG A 69 9.96 -5.50 -13.11
N GLY A 70 10.88 -4.59 -12.79
CA GLY A 70 11.65 -3.92 -13.83
C GLY A 70 13.06 -4.51 -13.91
N GLY A 71 13.55 -4.67 -15.14
CA GLY A 71 14.88 -5.22 -15.34
C GLY A 71 15.14 -6.39 -14.41
N GLU A 72 14.09 -7.18 -14.16
CA GLU A 72 14.20 -8.33 -13.26
C GLU A 72 15.04 -7.98 -12.04
N ARG A 73 15.16 -6.68 -11.76
CA ARG A 73 15.93 -6.23 -10.61
C ARG A 73 15.41 -6.86 -9.33
N LEU A 74 14.09 -6.87 -9.18
CA LEU A 74 13.48 -7.45 -8.00
C LEU A 74 12.76 -8.76 -8.34
N PRO A 75 12.73 -9.67 -7.41
CA PRO A 75 12.08 -11.00 -7.62
C PRO A 75 10.55 -10.88 -7.72
N SER A 76 9.92 -11.90 -8.29
CA SER A 76 8.48 -11.90 -8.44
C SER A 76 7.81 -12.64 -7.28
N LEU A 77 7.01 -11.92 -6.51
CA LEU A 77 6.29 -12.51 -5.40
C LEU A 77 4.88 -12.91 -5.81
N LEU A 78 4.64 -12.92 -7.12
CA LEU A 78 3.31 -13.24 -7.63
C LEU A 78 2.93 -14.68 -7.30
N GLY A 79 1.69 -14.88 -6.85
CA GLY A 79 1.20 -16.22 -6.57
C GLY A 79 1.53 -16.62 -5.14
N LEU A 80 2.33 -15.78 -4.47
CA LEU A 80 2.71 -16.05 -3.08
C LEU A 80 1.66 -15.49 -2.13
N THR A 81 1.46 -16.17 -1.01
CA THR A 81 0.49 -15.73 -0.02
C THR A 81 1.20 -15.14 1.21
N PHE A 82 0.68 -14.03 1.72
CA PHE A 82 1.27 -13.39 2.89
C PHE A 82 0.41 -13.64 4.12
N PRO A 83 1.03 -13.88 5.24
CA PRO A 83 0.32 -14.12 6.52
C PRO A 83 -0.32 -12.85 7.08
N ALA A 84 -1.49 -13.00 7.67
CA ALA A 84 -2.20 -11.86 8.24
C ALA A 84 -1.45 -11.27 9.41
N GLY A 85 -0.86 -12.14 10.23
CA GLY A 85 -0.11 -11.69 11.41
C GLY A 85 0.91 -10.62 11.02
N ASP A 86 1.23 -10.56 9.74
CA ASP A 86 2.20 -9.59 9.25
C ASP A 86 1.60 -8.17 9.28
N ILE A 87 0.28 -8.10 9.20
CA ILE A 87 -0.41 -6.82 9.21
C ILE A 87 -1.31 -6.71 10.43
N PRO A 88 -0.80 -6.11 11.48
CA PRO A 88 -1.56 -5.94 12.75
C PRO A 88 -3.02 -5.54 12.51
N GLU A 89 -3.38 -4.33 12.91
CA GLU A 89 -4.74 -3.85 12.73
C GLU A 89 -4.80 -2.33 12.83
N GLU A 90 -4.20 -1.80 13.89
CA GLU A 90 -4.21 -0.36 14.12
C GLU A 90 -3.75 0.38 12.86
N ALA A 91 -2.70 -0.12 12.23
CA ALA A 91 -2.17 0.50 11.02
C ALA A 91 -3.13 0.30 9.85
N ARG A 92 -3.79 -0.85 9.80
CA ARG A 92 -4.72 -1.15 8.73
C ARG A 92 -5.92 -0.21 8.79
N ARG A 93 -6.30 0.16 10.00
CA ARG A 93 -7.45 1.05 10.18
C ARG A 93 -7.19 2.41 9.56
N LEU A 94 -5.95 2.88 9.67
CA LEU A 94 -5.59 4.19 9.12
C LEU A 94 -5.84 4.22 7.62
N PHE A 95 -5.59 3.09 6.96
CA PHE A 95 -5.81 3.01 5.52
C PHE A 95 -7.30 3.08 5.19
N ARG A 96 -8.13 2.60 6.11
CA ARG A 96 -9.57 2.61 5.90
C ARG A 96 -10.20 3.86 6.51
N LEU A 97 -9.50 4.47 7.47
CA LEU A 97 -10.04 5.61 8.18
C LEU A 97 -9.62 6.91 7.50
N ALA A 98 -8.32 7.02 7.21
CA ALA A 98 -7.78 8.26 6.65
C ALA A 98 -7.25 8.00 5.24
N GLN A 99 -7.12 6.72 4.88
CA GLN A 99 -6.61 6.35 3.58
C GLN A 99 -5.38 7.17 3.22
N VAL A 100 -4.37 7.11 4.07
CA VAL A 100 -3.14 7.87 3.85
C VAL A 100 -1.99 7.28 4.66
N ARG A 101 -0.93 6.90 3.99
CA ARG A 101 0.25 6.37 4.66
C ARG A 101 1.40 6.17 3.68
N VAL A 102 2.58 6.63 4.05
CA VAL A 102 3.75 6.47 3.20
C VAL A 102 5.00 6.24 4.04
N ILE A 103 6.00 5.59 3.45
CA ILE A 103 7.24 5.31 4.15
C ILE A 103 8.38 6.17 3.60
N VAL A 104 9.09 6.83 4.50
CA VAL A 104 10.16 7.74 4.09
C VAL A 104 11.47 6.97 3.91
N ASP A 105 12.50 7.67 3.44
CA ASP A 105 13.79 7.03 3.21
C ASP A 105 14.25 6.30 4.46
N VAL A 106 14.38 4.97 4.35
CA VAL A 106 14.82 4.16 5.47
C VAL A 106 16.10 4.74 6.08
N GLU A 107 16.72 5.66 5.36
CA GLU A 107 17.94 6.29 5.84
C GLU A 107 17.62 7.34 6.90
N ALA A 108 16.49 8.02 6.71
CA ALA A 108 16.06 9.04 7.67
C ALA A 108 15.90 8.45 9.06
N GLN A 109 15.88 7.12 9.13
CA GLN A 109 15.75 6.43 10.42
C GLN A 109 14.52 6.94 11.17
N SER A 110 13.34 6.65 10.64
CA SER A 110 12.10 7.00 11.32
C SER A 110 11.59 5.81 12.13
N ARG A 111 11.39 6.03 13.42
CA ARG A 111 10.98 4.95 14.31
C ARG A 111 9.56 5.17 14.82
N SER A 112 8.80 4.08 14.91
CA SER A 112 7.44 4.15 15.44
C SER A 112 7.21 3.02 16.43
N ILE A 113 7.08 3.37 17.71
CA ILE A 113 6.89 2.35 18.74
C ILE A 113 5.51 2.49 19.38
N SER A 114 5.17 1.53 20.24
CA SER A 114 3.88 1.53 20.91
C SER A 114 3.88 2.53 22.07
N GLN A 115 2.70 2.78 22.63
CA GLN A 115 2.59 3.71 23.74
C GLN A 115 1.75 3.11 24.87
N PRO A 116 2.00 3.53 26.08
CA PRO A 116 1.25 3.03 27.27
C PRO A 116 -0.22 3.43 27.24
N GLU A 117 -0.48 4.64 26.75
CA GLU A 117 -1.85 5.13 26.67
C GLU A 117 -2.35 5.07 25.23
N SER A 118 -3.51 4.43 25.04
CA SER A 118 -4.10 4.30 23.71
C SER A 118 -5.50 4.87 23.68
N TRP A 119 -5.86 5.52 22.57
CA TRP A 119 -7.18 6.11 22.43
C TRP A 119 -7.97 5.38 21.35
N GLY A 120 -9.27 5.21 21.60
CA GLY A 120 -10.13 4.52 20.64
C GLY A 120 -10.00 5.13 19.25
N LEU A 121 -9.36 4.40 18.34
CA LEU A 121 -9.17 4.87 16.98
C LEU A 121 -10.43 4.64 16.15
N SER A 122 -10.78 5.62 15.33
CA SER A 122 -11.97 5.51 14.49
C SER A 122 -12.24 6.84 13.78
N ALA A 123 -12.40 7.90 14.58
CA ALA A 123 -12.68 9.22 14.03
C ALA A 123 -11.39 9.86 13.51
N ARG A 124 -10.26 9.39 14.00
CA ARG A 124 -8.97 9.92 13.58
C ARG A 124 -9.11 10.72 12.29
N VAL A 125 -8.88 12.03 12.37
CA VAL A 125 -9.00 12.90 11.22
C VAL A 125 -7.96 12.53 10.16
N PRO A 126 -8.16 12.98 8.95
CA PRO A 126 -7.23 12.70 7.83
C PRO A 126 -5.77 12.90 8.22
N LEU A 127 -4.90 12.03 7.73
CA LEU A 127 -3.48 12.11 8.04
C LEU A 127 -3.26 12.11 9.55
N GLY A 128 -3.12 13.30 10.13
CA GLY A 128 -2.91 13.41 11.56
C GLY A 128 -1.43 13.27 11.92
N GLU A 129 -0.60 13.13 10.90
CA GLU A 129 0.83 12.98 11.10
C GLU A 129 1.62 13.72 10.02
N PRO A 130 2.83 14.08 10.32
CA PRO A 130 3.73 14.79 9.36
C PRO A 130 3.70 14.16 7.97
N LEU A 131 4.24 14.87 6.99
CA LEU A 131 4.25 14.38 5.61
C LEU A 131 4.90 13.00 5.55
N GLN A 132 5.36 12.52 6.69
CA GLN A 132 6.04 11.23 6.76
C GLN A 132 5.49 10.40 7.92
N ARG A 133 5.27 9.11 7.66
CA ARG A 133 4.76 8.22 8.71
C ARG A 133 5.84 7.23 9.13
N PRO A 134 6.21 7.25 10.38
CA PRO A 134 7.26 6.35 10.93
C PRO A 134 6.74 4.94 11.18
N VAL A 135 7.55 3.94 10.84
CA VAL A 135 7.17 2.55 11.05
C VAL A 135 8.18 1.85 11.95
N ASP A 136 7.67 1.11 12.94
CA ASP A 136 8.53 0.41 13.88
C ASP A 136 9.73 -0.18 13.16
N PRO A 137 10.88 -0.13 13.78
CA PRO A 137 12.14 -0.68 13.21
C PRO A 137 11.93 -2.07 12.61
N CYS A 138 11.03 -2.84 13.22
CA CYS A 138 10.76 -4.19 12.75
C CYS A 138 10.26 -4.17 11.31
N HIS A 139 9.55 -3.11 10.95
CA HIS A 139 9.06 -2.96 9.59
C HIS A 139 10.12 -2.29 8.72
N VAL A 140 10.92 -1.41 9.33
CA VAL A 140 11.96 -0.72 8.58
C VAL A 140 12.91 -1.72 7.94
N HIS A 141 13.44 -2.63 8.75
CA HIS A 141 14.35 -3.65 8.24
C HIS A 141 13.66 -4.53 7.22
N TYR A 142 12.44 -4.94 7.53
CA TYR A 142 11.66 -5.78 6.62
C TYR A 142 11.75 -5.24 5.20
N LEU A 143 11.64 -3.92 5.07
CA LEU A 143 11.71 -3.28 3.76
C LEU A 143 13.16 -3.25 3.27
N LYS A 144 14.08 -2.92 4.17
CA LYS A 144 15.50 -2.93 3.83
C LYS A 144 15.92 -4.29 3.28
N SER A 145 15.47 -5.35 3.95
CA SER A 145 15.75 -6.70 3.48
C SER A 145 15.11 -6.94 2.12
N MET A 146 14.15 -6.10 1.76
CA MET A 146 13.47 -6.23 0.48
C MET A 146 14.11 -5.33 -0.56
N GLY A 147 15.11 -4.56 -0.15
CA GLY A 147 15.81 -3.66 -1.05
C GLY A 147 14.99 -2.40 -1.31
N VAL A 148 14.07 -2.10 -0.39
CA VAL A 148 13.23 -0.91 -0.53
C VAL A 148 13.66 0.17 0.46
N ALA A 149 13.66 1.41 0.00
CA ALA A 149 14.07 2.53 0.84
C ALA A 149 12.90 3.49 1.03
N SER A 150 12.32 3.94 -0.08
CA SER A 150 11.20 4.86 -0.03
C SER A 150 10.05 4.34 -0.90
N SER A 151 8.94 4.00 -0.27
CA SER A 151 7.80 3.47 -1.00
C SER A 151 6.51 4.19 -0.61
N LEU A 152 5.63 4.38 -1.59
CA LEU A 152 4.35 5.03 -1.34
C LEU A 152 3.24 3.99 -1.25
N VAL A 153 2.40 4.11 -0.23
CA VAL A 153 1.31 3.15 -0.04
C VAL A 153 -0.05 3.79 -0.32
N VAL A 154 -0.83 3.12 -1.16
CA VAL A 154 -2.16 3.61 -1.50
C VAL A 154 -3.18 2.48 -1.40
N PRO A 155 -4.20 2.67 -0.61
CA PRO A 155 -5.22 1.61 -0.35
C PRO A 155 -6.27 1.51 -1.46
N LEU A 156 -6.81 0.31 -1.64
CA LEU A 156 -7.88 0.09 -2.61
C LEU A 156 -9.16 -0.32 -1.88
N MET A 157 -10.13 0.58 -1.83
CA MET A 157 -11.35 0.33 -1.08
C MET A 157 -12.58 0.77 -1.87
N HIS A 158 -13.72 0.16 -1.57
CA HIS A 158 -14.98 0.53 -2.21
C HIS A 158 -16.10 0.63 -1.18
N HIS A 159 -16.74 1.80 -1.10
CA HIS A 159 -17.79 2.01 -0.12
C HIS A 159 -17.19 2.29 1.26
N GLN A 160 -17.47 1.40 2.20
CA GLN A 160 -16.98 1.56 3.56
C GLN A 160 -16.03 0.43 3.93
N GLU A 161 -15.89 -0.52 3.02
CA GLU A 161 -15.06 -1.70 3.28
C GLU A 161 -13.75 -1.63 2.51
N LEU A 162 -12.75 -2.37 2.96
CA LEU A 162 -11.47 -2.42 2.28
C LEU A 162 -11.30 -3.76 1.55
N TRP A 163 -10.96 -3.68 0.28
CA TRP A 163 -10.82 -4.89 -0.54
C TRP A 163 -9.36 -5.30 -0.66
N GLY A 164 -8.48 -4.32 -0.85
CA GLY A 164 -7.06 -4.61 -1.05
C GLY A 164 -6.21 -3.38 -0.75
N LEU A 165 -4.91 -3.51 -0.97
CA LEU A 165 -3.98 -2.41 -0.71
C LEU A 165 -2.96 -2.29 -1.83
N LEU A 166 -2.73 -1.06 -2.29
CA LEU A 166 -1.76 -0.82 -3.35
C LEU A 166 -0.48 -0.21 -2.77
N VAL A 167 0.63 -0.44 -3.44
CA VAL A 167 1.92 0.08 -2.96
C VAL A 167 2.95 0.10 -4.08
N SER A 168 3.74 1.17 -4.12
CA SER A 168 4.81 1.28 -5.11
C SER A 168 6.16 1.38 -4.41
N HIS A 169 7.13 0.61 -4.89
CA HIS A 169 8.46 0.59 -4.28
C HIS A 169 9.49 1.26 -5.17
N HIS A 170 10.31 2.12 -4.58
CA HIS A 170 11.37 2.81 -5.32
C HIS A 170 12.71 2.63 -4.62
N ALA A 171 13.72 2.22 -5.38
CA ALA A 171 15.05 2.00 -4.82
C ALA A 171 15.83 3.32 -4.75
N GLU A 172 15.12 4.40 -4.48
CA GLU A 172 15.76 5.71 -4.40
C GLU A 172 14.90 6.67 -3.56
N PRO A 173 15.55 7.60 -2.90
CA PRO A 173 14.85 8.60 -2.05
C PRO A 173 14.00 9.57 -2.88
N ARG A 174 14.07 9.44 -4.20
CA ARG A 174 13.31 10.31 -5.10
C ARG A 174 11.97 10.66 -4.47
N PRO A 175 11.87 11.82 -3.89
CA PRO A 175 10.61 12.30 -3.25
C PRO A 175 9.43 12.27 -4.21
N TYR A 176 8.22 12.34 -3.66
CA TYR A 176 7.02 12.34 -4.48
C TYR A 176 6.40 13.73 -4.55
N SER A 177 5.80 14.06 -5.68
CA SER A 177 5.19 15.37 -5.86
C SER A 177 3.75 15.36 -5.37
N GLN A 178 3.27 16.51 -4.93
CA GLN A 178 1.90 16.62 -4.43
C GLN A 178 0.91 16.46 -5.58
N GLU A 179 1.36 16.78 -6.79
CA GLU A 179 0.49 16.68 -7.96
C GLU A 179 0.21 15.22 -8.29
N GLU A 180 1.27 14.44 -8.49
CA GLU A 180 1.11 13.03 -8.82
C GLU A 180 0.53 12.27 -7.63
N LEU A 181 0.77 12.79 -6.42
CA LEU A 181 0.28 12.15 -5.22
C LEU A 181 -1.22 11.93 -5.31
N GLN A 182 -1.95 12.99 -5.63
CA GLN A 182 -3.41 12.92 -5.73
C GLN A 182 -3.80 12.12 -6.97
N VAL A 183 -3.31 12.55 -8.13
CA VAL A 183 -3.61 11.86 -9.37
C VAL A 183 -3.52 10.35 -9.18
N VAL A 184 -2.51 9.92 -8.45
CA VAL A 184 -2.32 8.50 -8.17
C VAL A 184 -3.32 8.02 -7.13
N GLN A 185 -3.40 8.75 -6.02
CA GLN A 185 -4.35 8.42 -4.96
C GLN A 185 -5.72 8.19 -5.56
N LEU A 186 -6.06 8.99 -6.57
CA LEU A 186 -7.35 8.87 -7.23
C LEU A 186 -7.37 7.61 -8.10
N LEU A 187 -6.28 7.40 -8.84
CA LEU A 187 -6.17 6.23 -9.70
C LEU A 187 -6.51 4.97 -8.90
N ALA A 188 -5.96 4.88 -7.70
CA ALA A 188 -6.25 3.75 -6.83
C ALA A 188 -7.74 3.69 -6.52
N ASP A 189 -8.33 4.85 -6.23
CA ASP A 189 -9.75 4.93 -5.96
C ASP A 189 -10.54 4.47 -7.18
N GLN A 190 -10.05 4.83 -8.36
CA GLN A 190 -10.68 4.42 -9.61
C GLN A 190 -10.55 2.92 -9.80
N VAL A 191 -9.45 2.36 -9.28
CA VAL A 191 -9.21 0.93 -9.38
C VAL A 191 -10.09 0.20 -8.37
N SER A 192 -10.07 0.67 -7.12
CA SER A 192 -10.90 0.07 -6.07
C SER A 192 -12.35 0.00 -6.54
N ILE A 193 -12.74 0.96 -7.37
CA ILE A 193 -14.10 1.00 -7.90
C ILE A 193 -14.32 -0.16 -8.85
N ALA A 194 -13.29 -0.52 -9.60
CA ALA A 194 -13.37 -1.62 -10.53
C ALA A 194 -13.54 -2.94 -9.79
N ILE A 195 -12.83 -3.08 -8.67
CA ILE A 195 -12.93 -4.28 -7.85
C ILE A 195 -14.39 -4.54 -7.48
N ALA A 196 -15.03 -3.54 -6.88
CA ALA A 196 -16.41 -3.67 -6.45
C ALA A 196 -17.32 -3.89 -7.66
N GLN A 197 -17.15 -3.07 -8.68
CA GLN A 197 -17.96 -3.16 -9.89
C GLN A 197 -17.77 -4.52 -10.54
N ALA A 198 -16.51 -4.92 -10.69
CA ALA A 198 -16.20 -6.20 -11.32
C ALA A 198 -16.70 -7.35 -10.47
N GLU A 199 -16.64 -7.17 -9.15
CA GLU A 199 -17.05 -8.22 -8.22
C GLU A 199 -18.43 -8.73 -8.58
N LEU A 200 -19.32 -7.82 -8.97
CA LEU A 200 -20.68 -8.19 -9.34
C LEU A 200 -20.67 -9.38 -10.31
N SER A 201 -19.61 -9.44 -11.12
CA SER A 201 -19.49 -10.51 -12.10
C SER A 201 -19.62 -11.87 -11.43
N LEU A 202 -18.71 -12.14 -10.48
CA LEU A 202 -18.73 -13.40 -9.76
C LEU A 202 -19.99 -13.51 -8.89
CHA CYC B . 3.06 -2.64 8.01
NA CYC B . 3.93 -3.89 6.06
C1A CYC B . 3.16 -2.98 6.66
C2A CYC B . 2.40 -2.35 5.68
C3A CYC B . 2.77 -2.93 4.46
C4A CYC B . 3.74 -3.91 4.74
CMA CYC B . 2.18 -2.51 3.12
CAA CYC B . 1.35 -1.23 5.87
CBA CYC B . 1.98 0.17 5.92
CGA CYC B . 2.43 0.55 7.34
O1A CYC B . 1.56 0.55 8.24
O2A CYC B . 3.64 0.82 7.49
CHB CYC B . 4.41 -4.77 3.85
NB CYC B . 4.75 -4.27 1.41
C1B CYC B . 4.37 -5.01 2.47
C2B CYC B . 3.85 -6.21 1.99
C3B CYC B . 3.93 -6.17 0.60
C4B CYC B . 4.50 -4.95 0.28
CMB CYC B . 3.27 -7.40 2.79
CAB CYC B . 3.49 -7.24 -0.41
CBB CYC B . 2.78 -6.64 -1.61
OB CYC B . 4.73 -4.56 -0.85
NC CYC B . 5.77 -7.84 10.61
C1C CYC B . 5.46 -8.75 11.57
C2C CYC B . 5.46 -8.08 12.93
C3C CYC B . 6.04 -6.71 12.65
C4C CYC B . 6.02 -6.62 11.13
CMC CYC B . 4.06 -8.02 13.53
CAC CYC B . 7.46 -6.45 13.24
CBC CYC B . 7.52 -6.58 14.76
OC CYC B . 5.21 -9.93 11.39
CHD CYC B . 6.26 -5.39 10.52
ND CYC B . 4.76 -4.19 8.94
C1D CYC B . 5.26 -4.49 10.14
C2D CYC B . 4.60 -3.67 11.06
C3D CYC B . 3.69 -2.88 10.36
C4D CYC B . 3.83 -3.24 9.02
CMD CYC B . 4.83 -3.63 12.59
CAD CYC B . 2.74 -1.83 10.98
CBD CYC B . 3.27 -0.41 10.87
CGD CYC B . 3.03 0.43 12.14
O1D CYC B . 4.04 0.95 12.69
O2D CYC B . 1.85 0.55 12.54
HHA CYC B . 2.42 -1.93 8.28
HMA1 CYC B . 1.76 -1.60 3.20
HMA2 CYC B . 2.92 -2.46 2.44
HMA3 CYC B . 1.49 -3.17 2.82
HAA1 CYC B . 0.85 -1.39 6.72
HAA2 CYC B . 0.70 -1.26 5.10
HBA1 CYC B . 1.31 0.84 5.61
HBA2 CYC B . 2.77 0.19 5.32
HHB CYC B . 5.04 -5.39 4.33
HB CYC B . 5.13 -3.35 1.46
HMB1 CYC B . 2.36 -7.62 2.45
HMB2 CYC B . 3.87 -8.19 2.66
HMB3 CYC B . 3.21 -7.16 3.77
HAB1 CYC B . 4.31 -7.73 -0.73
HAB2 CYC B . 2.88 -7.88 0.05
HBB1 CYC B . 2.10 -5.98 -1.29
HBB2 CYC B . 3.44 -6.18 -2.20
HBB3 CYC B . 2.32 -7.37 -2.12
HC CYC B . 5.81 -8.05 9.62
H2C CYC B . 6.08 -8.57 13.55
H3C CYC B . 5.39 -6.03 13.01
HMC1 CYC B . 3.46 -7.46 12.97
HMC2 CYC B . 3.69 -8.95 13.59
HMC3 CYC B . 4.10 -7.63 14.46
HAC2 CYC B . 8.03 -7.15 12.81
HBC1 CYC B . 8.30 -7.17 15.01
HBC2 CYC B . 7.69 -5.67 15.16
HBC3 CYC B . 6.67 -6.96 15.11
HHD CYC B . 7.21 -5.12 10.38
HD CYC B . 5.05 -4.63 8.07
HMD1 CYC B . 3.96 -3.74 13.06
HMD2 CYC B . 5.44 -4.39 12.83
HMD3 CYC B . 5.24 -2.77 12.85
HAD1 CYC B . 2.61 -2.05 11.94
HAD2 CYC B . 1.86 -1.89 10.50
HBD1 CYC B . 2.82 0.05 10.10
HBD2 CYC B . 4.26 -0.44 10.70
HNE CYC B . 4.57 -4.49 6.54
N LEU A 31 -11.18 -11.04 -12.45
CA LEU A 31 -10.51 -10.12 -11.54
C LEU A 31 -9.01 -10.32 -11.57
N ASP A 32 -8.58 -11.57 -11.43
CA ASP A 32 -7.14 -11.89 -11.46
C ASP A 32 -6.50 -11.33 -12.72
N GLN A 33 -7.27 -11.28 -13.80
CA GLN A 33 -6.75 -10.77 -15.07
C GLN A 33 -6.71 -9.24 -15.06
N ILE A 34 -7.80 -8.63 -14.63
CA ILE A 34 -7.86 -7.17 -14.57
C ILE A 34 -6.76 -6.62 -13.70
N LEU A 35 -6.63 -7.15 -12.48
CA LEU A 35 -5.62 -6.67 -11.54
C LEU A 35 -4.23 -6.79 -12.15
N ARG A 36 -4.01 -7.87 -12.89
CA ARG A 36 -2.70 -8.11 -13.51
C ARG A 36 -2.38 -7.01 -14.51
N ALA A 37 -3.36 -6.62 -15.31
CA ALA A 37 -3.17 -5.58 -16.31
C ALA A 37 -3.10 -4.21 -15.66
N THR A 38 -3.74 -4.07 -14.50
CA THR A 38 -3.77 -2.80 -13.81
C THR A 38 -2.40 -2.45 -13.23
N VAL A 39 -1.70 -3.47 -12.74
CA VAL A 39 -0.39 -3.27 -12.14
C VAL A 39 0.65 -2.95 -13.21
N GLU A 40 0.38 -3.38 -14.44
CA GLU A 40 1.31 -3.12 -15.54
C GLU A 40 1.27 -1.66 -15.95
N GLU A 41 0.07 -1.11 -16.08
CA GLU A 41 -0.10 0.28 -16.48
C GLU A 41 0.36 1.21 -15.35
N VAL A 42 0.07 0.82 -14.12
CA VAL A 42 0.44 1.63 -12.96
C VAL A 42 1.94 1.88 -12.94
N ARG A 43 2.72 0.80 -13.01
CA ARG A 43 4.18 0.92 -12.99
C ARG A 43 4.64 1.91 -14.06
N ALA A 44 4.07 1.81 -15.25
CA ALA A 44 4.44 2.70 -16.34
C ALA A 44 4.26 4.16 -15.94
N PHE A 45 3.11 4.46 -15.35
CA PHE A 45 2.81 5.83 -14.97
C PHE A 45 3.78 6.32 -13.89
N LEU A 46 4.09 5.44 -12.95
CA LEU A 46 4.99 5.80 -11.85
C LEU A 46 6.42 5.40 -12.18
N GLY A 47 6.58 4.57 -13.21
CA GLY A 47 7.90 4.10 -13.60
C GLY A 47 8.69 3.59 -12.40
N THR A 48 7.96 3.17 -11.36
CA THR A 48 8.60 2.67 -10.15
C THR A 48 9.14 1.27 -10.37
N ASP A 49 10.27 0.97 -9.73
CA ASP A 49 10.90 -0.33 -9.90
C ASP A 49 9.85 -1.44 -9.93
N ARG A 50 8.97 -1.44 -8.93
CA ARG A 50 7.96 -2.48 -8.83
C ARG A 50 6.72 -1.96 -8.10
N VAL A 51 5.56 -2.47 -8.49
CA VAL A 51 4.31 -2.12 -7.83
C VAL A 51 3.37 -3.31 -7.80
N LYS A 52 2.73 -3.55 -6.67
CA LYS A 52 1.89 -4.73 -6.51
C LYS A 52 0.57 -4.37 -5.83
N VAL A 53 -0.48 -5.11 -6.19
CA VAL A 53 -1.78 -4.92 -5.56
C VAL A 53 -1.98 -5.98 -4.47
N TYR A 54 -2.54 -5.57 -3.34
CA TYR A 54 -2.73 -6.50 -2.23
C TYR A 54 -4.21 -6.67 -1.90
N ARG A 55 -4.71 -7.89 -2.11
CA ARG A 55 -6.11 -8.19 -1.83
C ARG A 55 -6.25 -8.77 -0.43
N PHE A 56 -7.25 -8.30 0.30
CA PHE A 56 -7.45 -8.77 1.68
C PHE A 56 -8.56 -9.82 1.74
N ASP A 57 -8.34 -10.84 2.55
CA ASP A 57 -9.34 -11.89 2.73
C ASP A 57 -10.08 -11.70 4.04
N PRO A 58 -11.31 -12.13 4.10
CA PRO A 58 -12.16 -12.00 5.31
C PRO A 58 -11.40 -12.29 6.58
N GLU A 59 -10.62 -13.38 6.57
CA GLU A 59 -9.87 -13.78 7.74
C GLU A 59 -8.71 -12.83 7.99
N GLY A 60 -8.48 -11.92 7.06
CA GLY A 60 -7.40 -10.94 7.18
C GLY A 60 -6.22 -11.33 6.31
N HIS A 61 -6.25 -12.54 5.77
CA HIS A 61 -5.17 -13.02 4.91
C HIS A 61 -5.24 -12.34 3.55
N GLY A 62 -4.07 -12.13 2.94
CA GLY A 62 -4.01 -11.48 1.64
C GLY A 62 -3.06 -12.21 0.70
N THR A 63 -3.22 -12.00 -0.60
CA THR A 63 -2.36 -12.65 -1.58
C THR A 63 -1.94 -11.66 -2.66
N VAL A 64 -0.87 -12.00 -3.38
CA VAL A 64 -0.39 -11.15 -4.46
C VAL A 64 -1.06 -11.54 -5.78
N VAL A 65 -1.97 -10.69 -6.24
CA VAL A 65 -2.70 -10.97 -7.49
C VAL A 65 -2.19 -10.07 -8.60
N ALA A 66 -1.27 -9.17 -8.27
CA ALA A 66 -0.72 -8.24 -9.25
C ALA A 66 0.65 -7.74 -8.80
N GLU A 67 1.64 -7.87 -9.68
CA GLU A 67 2.99 -7.44 -9.35
C GLU A 67 3.82 -7.28 -10.62
N ALA A 68 4.66 -6.25 -10.66
CA ALA A 68 5.52 -6.03 -11.80
C ALA A 68 6.95 -5.74 -11.36
N ARG A 69 7.92 -6.34 -12.04
CA ARG A 69 9.32 -6.18 -11.68
C ARG A 69 10.06 -5.38 -12.74
N GLY A 70 10.94 -4.48 -12.30
CA GLY A 70 11.71 -3.66 -13.23
C GLY A 70 13.08 -4.30 -13.50
N GLY A 71 13.42 -4.42 -14.77
CA GLY A 71 14.71 -5.01 -15.15
C GLY A 71 14.99 -6.26 -14.32
N GLU A 72 13.96 -7.08 -14.11
CA GLU A 72 14.11 -8.29 -13.32
C GLU A 72 14.99 -8.04 -12.10
N ARG A 73 15.15 -6.77 -11.74
CA ARG A 73 15.98 -6.40 -10.60
C ARG A 73 15.52 -7.15 -9.35
N LEU A 74 14.21 -7.22 -9.16
CA LEU A 74 13.65 -7.92 -8.00
C LEU A 74 12.80 -9.10 -8.43
N PRO A 75 12.68 -10.08 -7.60
CA PRO A 75 11.88 -11.30 -7.90
C PRO A 75 10.37 -11.04 -7.84
N SER A 76 9.60 -11.99 -8.33
CA SER A 76 8.14 -11.85 -8.34
C SER A 76 7.52 -12.58 -7.16
N LEU A 77 6.44 -12.03 -6.62
CA LEU A 77 5.76 -12.64 -5.48
C LEU A 77 4.37 -13.12 -5.89
N LEU A 78 4.13 -13.20 -7.18
CA LEU A 78 2.81 -13.59 -7.69
C LEU A 78 2.48 -15.02 -7.27
N GLY A 79 1.27 -15.22 -6.77
CA GLY A 79 0.81 -16.55 -6.41
C GLY A 79 1.21 -16.89 -4.98
N LEU A 80 2.05 -16.05 -4.38
CA LEU A 80 2.49 -16.26 -3.01
C LEU A 80 1.44 -15.71 -2.03
N THR A 81 1.26 -16.41 -0.93
CA THR A 81 0.29 -15.98 0.08
C THR A 81 1.00 -15.35 1.28
N PHE A 82 0.52 -14.18 1.70
CA PHE A 82 1.13 -13.49 2.83
C PHE A 82 0.31 -13.74 4.11
N PRO A 83 0.88 -14.45 5.04
CA PRO A 83 0.22 -14.75 6.33
C PRO A 83 -0.45 -13.53 6.93
N ALA A 84 -1.56 -13.76 7.64
CA ALA A 84 -2.30 -12.66 8.26
C ALA A 84 -1.50 -12.06 9.41
N GLY A 85 -0.90 -12.93 10.23
CA GLY A 85 -0.13 -12.47 11.37
C GLY A 85 0.90 -11.42 10.96
N ASP A 86 1.24 -11.41 9.68
CA ASP A 86 2.21 -10.45 9.16
C ASP A 86 1.67 -9.03 9.23
N ILE A 87 0.41 -8.91 9.60
CA ILE A 87 -0.23 -7.60 9.70
C ILE A 87 -1.04 -7.49 10.98
N PRO A 88 -0.87 -6.41 11.70
CA PRO A 88 -1.59 -6.15 12.97
C PRO A 88 -3.03 -5.73 12.73
N GLU A 89 -3.34 -4.48 13.08
CA GLU A 89 -4.68 -3.96 12.89
C GLU A 89 -4.69 -2.43 13.02
N GLU A 90 -4.09 -1.93 14.09
CA GLU A 90 -4.05 -0.50 14.34
C GLU A 90 -3.59 0.25 13.09
N ALA A 91 -2.53 -0.25 12.46
CA ALA A 91 -2.01 0.39 11.26
C ALA A 91 -2.96 0.21 10.08
N ARG A 92 -3.58 -0.97 10.01
CA ARG A 92 -4.52 -1.26 8.93
C ARG A 92 -5.73 -0.33 9.00
N ARG A 93 -6.11 0.05 10.22
CA ARG A 93 -7.26 0.93 10.41
C ARG A 93 -7.00 2.29 9.77
N LEU A 94 -5.76 2.78 9.91
CA LEU A 94 -5.41 4.08 9.37
C LEU A 94 -5.67 4.14 7.87
N PHE A 95 -5.41 3.02 7.19
CA PHE A 95 -5.65 2.94 5.75
C PHE A 95 -7.13 3.01 5.44
N ARG A 96 -7.95 2.51 6.36
CA ARG A 96 -9.40 2.52 6.16
C ARG A 96 -10.03 3.76 6.78
N LEU A 97 -9.33 4.36 7.73
CA LEU A 97 -9.87 5.51 8.46
C LEU A 97 -9.48 6.81 7.76
N ALA A 98 -8.19 6.95 7.46
CA ALA A 98 -7.68 8.19 6.89
C ALA A 98 -7.19 7.96 5.47
N GLN A 99 -7.15 6.68 5.06
CA GLN A 99 -6.69 6.32 3.72
C GLN A 99 -5.47 7.15 3.33
N VAL A 100 -4.42 7.07 4.14
CA VAL A 100 -3.20 7.82 3.89
C VAL A 100 -2.03 7.23 4.64
N ARG A 101 -1.00 6.82 3.91
CA ARG A 101 0.18 6.24 4.53
C ARG A 101 1.33 6.18 3.53
N VAL A 102 2.51 6.64 3.96
CA VAL A 102 3.68 6.62 3.09
C VAL A 102 4.94 6.38 3.92
N ILE A 103 5.95 5.79 3.30
CA ILE A 103 7.21 5.51 3.99
C ILE A 103 8.31 6.42 3.48
N VAL A 104 8.97 7.11 4.41
CA VAL A 104 10.02 8.05 4.04
C VAL A 104 11.35 7.33 3.86
N ASP A 105 12.35 8.06 3.38
CA ASP A 105 13.66 7.46 3.16
C ASP A 105 14.16 6.74 4.40
N VAL A 106 14.31 5.42 4.31
CA VAL A 106 14.78 4.64 5.44
C VAL A 106 16.05 5.25 6.02
N GLU A 107 16.67 6.15 5.27
CA GLU A 107 17.88 6.82 5.73
C GLU A 107 17.54 7.84 6.81
N ALA A 108 16.40 8.50 6.66
CA ALA A 108 15.96 9.50 7.64
C ALA A 108 15.79 8.86 9.01
N GLN A 109 15.76 7.53 9.04
CA GLN A 109 15.60 6.80 10.29
C GLN A 109 14.38 7.30 11.06
N SER A 110 13.20 7.04 10.52
CA SER A 110 11.96 7.40 11.20
C SER A 110 11.40 6.19 11.94
N ARG A 111 11.17 6.35 13.24
CA ARG A 111 10.70 5.24 14.07
C ARG A 111 9.30 5.48 14.58
N SER A 112 8.50 4.42 14.64
CA SER A 112 7.15 4.51 15.16
C SER A 112 6.99 3.56 16.35
N ILE A 113 6.02 3.86 17.22
CA ILE A 113 5.80 3.04 18.40
C ILE A 113 4.36 3.14 18.88
N SER A 114 3.94 2.16 19.68
CA SER A 114 2.59 2.16 20.22
C SER A 114 2.48 3.16 21.37
N GLN A 115 1.25 3.38 21.84
CA GLN A 115 1.02 4.33 22.93
C GLN A 115 -0.07 3.83 23.86
N PRO A 116 -0.02 4.21 25.10
CA PRO A 116 -1.03 3.80 26.12
C PRO A 116 -2.45 3.81 25.56
N GLU A 117 -2.71 4.76 24.66
CA GLU A 117 -4.03 4.86 24.05
C GLU A 117 -3.90 5.11 22.55
N SER A 118 -4.99 4.84 21.82
CA SER A 118 -4.98 5.05 20.37
C SER A 118 -6.05 6.06 19.97
N TRP A 119 -5.79 6.80 18.90
CA TRP A 119 -6.74 7.79 18.42
C TRP A 119 -6.60 8.00 16.92
N GLY A 120 -7.27 9.02 16.40
CA GLY A 120 -7.20 9.31 14.96
C GLY A 120 -8.48 8.86 14.26
N LEU A 121 -9.59 9.48 14.61
CA LEU A 121 -10.87 9.12 14.00
C LEU A 121 -10.83 9.38 12.49
N SER A 122 -10.10 10.41 12.08
CA SER A 122 -9.99 10.73 10.67
C SER A 122 -11.30 11.33 10.15
N ALA A 123 -12.38 10.59 10.32
CA ALA A 123 -13.69 11.05 9.87
C ALA A 123 -14.03 12.40 10.49
N ARG A 124 -13.18 12.84 11.42
CA ARG A 124 -13.40 14.12 12.08
C ARG A 124 -12.11 14.94 12.10
N VAL A 125 -11.00 14.29 12.44
CA VAL A 125 -9.71 14.97 12.50
C VAL A 125 -8.74 14.37 11.48
N PRO A 126 -8.65 14.96 10.33
CA PRO A 126 -7.72 14.50 9.25
C PRO A 126 -6.27 14.51 9.73
N LEU A 127 -5.37 13.97 8.90
CA LEU A 127 -3.97 13.93 9.23
C LEU A 127 -3.77 13.38 10.65
N GLY A 128 -3.37 14.26 11.56
CA GLY A 128 -3.14 13.86 12.94
C GLY A 128 -1.66 13.53 13.18
N GLU A 129 -0.91 13.47 12.09
CA GLU A 129 0.52 13.16 12.18
C GLU A 129 1.30 13.93 11.13
N PRO A 130 2.60 14.06 11.32
CA PRO A 130 3.49 14.77 10.37
C PRO A 130 3.31 14.31 8.93
N LEU A 131 3.89 15.04 7.99
CA LEU A 131 3.77 14.70 6.58
C LEU A 131 4.38 13.34 6.31
N GLN A 132 4.67 12.60 7.38
CA GLN A 132 5.29 11.29 7.23
C GLN A 132 4.69 10.31 8.24
N ARG A 133 4.83 9.02 7.97
CA ARG A 133 4.30 8.00 8.86
C ARG A 133 5.38 6.97 9.20
N PRO A 134 6.16 7.24 10.21
CA PRO A 134 7.26 6.34 10.65
C PRO A 134 6.79 4.91 10.86
N VAL A 135 7.61 3.95 10.45
CA VAL A 135 7.27 2.54 10.61
C VAL A 135 8.22 1.88 11.60
N ASP A 136 7.66 1.21 12.61
CA ASP A 136 8.47 0.54 13.61
C ASP A 136 9.70 -0.10 12.98
N PRO A 137 10.76 -0.23 13.73
CA PRO A 137 12.04 -0.81 13.23
C PRO A 137 11.85 -2.22 12.68
N CYS A 138 10.85 -2.91 13.20
CA CYS A 138 10.56 -4.28 12.75
C CYS A 138 10.12 -4.28 11.29
N HIS A 139 9.44 -3.21 10.88
CA HIS A 139 9.01 -3.08 9.50
C HIS A 139 10.12 -2.45 8.65
N VAL A 140 10.97 -1.66 9.30
CA VAL A 140 12.08 -1.02 8.61
C VAL A 140 12.96 -2.08 7.95
N HIS A 141 13.42 -3.04 8.74
CA HIS A 141 14.26 -4.11 8.22
C HIS A 141 13.52 -4.90 7.14
N TYR A 142 12.26 -5.22 7.42
CA TYR A 142 11.45 -5.95 6.46
C TYR A 142 11.56 -5.32 5.07
N LEU A 143 11.47 -4.00 5.03
CA LEU A 143 11.57 -3.27 3.76
C LEU A 143 13.02 -3.27 3.27
N LYS A 144 13.94 -2.97 4.17
CA LYS A 144 15.36 -2.97 3.84
C LYS A 144 15.76 -4.33 3.27
N SER A 145 15.30 -5.40 3.91
CA SER A 145 15.57 -6.75 3.43
C SER A 145 14.93 -6.96 2.06
N MET A 146 13.99 -6.09 1.71
CA MET A 146 13.31 -6.19 0.43
C MET A 146 13.96 -5.27 -0.60
N GLY A 147 14.97 -4.52 -0.15
CA GLY A 147 15.66 -3.60 -1.04
C GLY A 147 14.84 -2.33 -1.25
N VAL A 148 13.95 -2.04 -0.32
CA VAL A 148 13.09 -0.86 -0.43
C VAL A 148 13.58 0.25 0.51
N ALA A 149 13.58 1.47 0.02
CA ALA A 149 14.02 2.61 0.82
C ALA A 149 12.87 3.58 1.03
N SER A 150 12.28 4.04 -0.08
CA SER A 150 11.17 4.98 -0.01
C SER A 150 10.03 4.50 -0.91
N SER A 151 8.90 4.14 -0.30
CA SER A 151 7.76 3.63 -1.05
C SER A 151 6.49 4.35 -0.67
N LEU A 152 5.61 4.55 -1.65
CA LEU A 152 4.32 5.19 -1.40
C LEU A 152 3.23 4.14 -1.31
N VAL A 153 2.40 4.23 -0.27
CA VAL A 153 1.33 3.27 -0.07
C VAL A 153 -0.04 3.90 -0.32
N VAL A 154 -0.84 3.26 -1.16
CA VAL A 154 -2.18 3.74 -1.45
C VAL A 154 -3.18 2.61 -1.34
N PRO A 155 -4.12 2.71 -0.43
CA PRO A 155 -5.12 1.64 -0.16
C PRO A 155 -6.22 1.58 -1.21
N LEU A 156 -6.84 0.41 -1.32
CA LEU A 156 -7.95 0.23 -2.25
C LEU A 156 -9.20 -0.20 -1.50
N MET A 157 -10.19 0.68 -1.44
CA MET A 157 -11.41 0.41 -0.68
C MET A 157 -12.66 0.75 -1.51
N HIS A 158 -13.76 0.07 -1.20
CA HIS A 158 -15.02 0.33 -1.88
C HIS A 158 -16.15 0.47 -0.87
N HIS A 159 -16.83 1.62 -0.88
CA HIS A 159 -17.89 1.88 0.08
C HIS A 159 -17.33 2.17 1.45
N GLN A 160 -17.58 1.27 2.40
CA GLN A 160 -17.12 1.45 3.77
C GLN A 160 -16.14 0.34 4.15
N GLU A 161 -15.99 -0.64 3.26
CA GLU A 161 -15.14 -1.78 3.54
C GLU A 161 -13.84 -1.69 2.74
N LEU A 162 -12.84 -2.45 3.17
CA LEU A 162 -11.56 -2.48 2.47
C LEU A 162 -11.37 -3.82 1.76
N TRP A 163 -11.01 -3.76 0.48
CA TRP A 163 -10.84 -4.97 -0.31
C TRP A 163 -9.36 -5.33 -0.45
N GLY A 164 -8.53 -4.30 -0.68
CA GLY A 164 -7.11 -4.53 -0.89
C GLY A 164 -6.31 -3.24 -0.71
N LEU A 165 -5.01 -3.32 -0.98
CA LEU A 165 -4.14 -2.16 -0.81
C LEU A 165 -3.14 -2.08 -1.96
N LEU A 166 -2.82 -0.85 -2.38
CA LEU A 166 -1.84 -0.65 -3.44
C LEU A 166 -0.57 -0.04 -2.87
N VAL A 167 0.55 -0.25 -3.56
CA VAL A 167 1.84 0.26 -3.07
C VAL A 167 2.86 0.29 -4.19
N SER A 168 3.66 1.35 -4.23
CA SER A 168 4.74 1.46 -5.20
C SER A 168 6.09 1.55 -4.50
N HIS A 169 7.04 0.75 -4.94
CA HIS A 169 8.36 0.71 -4.32
C HIS A 169 9.41 1.40 -5.18
N HIS A 170 10.22 2.25 -4.56
CA HIS A 170 11.28 2.94 -5.27
C HIS A 170 12.62 2.72 -4.59
N ALA A 171 13.61 2.26 -5.36
CA ALA A 171 14.92 1.97 -4.80
C ALA A 171 15.79 3.22 -4.78
N GLU A 172 15.14 4.38 -4.79
CA GLU A 172 15.87 5.65 -4.81
C GLU A 172 15.04 6.75 -4.15
N PRO A 173 15.68 7.72 -3.57
CA PRO A 173 15.00 8.86 -2.91
C PRO A 173 14.29 9.77 -3.92
N ARG A 174 13.04 10.12 -3.62
CA ARG A 174 12.27 10.97 -4.52
C ARG A 174 10.95 11.38 -3.86
N PRO A 175 10.92 12.54 -3.26
CA PRO A 175 9.69 13.06 -2.59
C PRO A 175 8.47 13.06 -3.52
N TYR A 176 7.29 13.19 -2.94
CA TYR A 176 6.06 13.19 -3.72
C TYR A 176 5.36 14.54 -3.61
N SER A 177 4.67 14.94 -4.67
CA SER A 177 3.94 16.20 -4.67
C SER A 177 2.44 15.97 -4.49
N GLN A 178 1.77 16.94 -3.90
CA GLN A 178 0.34 16.83 -3.65
C GLN A 178 -0.41 16.65 -4.97
N GLU A 179 0.02 17.39 -5.99
CA GLU A 179 -0.63 17.32 -7.30
C GLU A 179 -0.45 15.93 -7.91
N GLU A 180 0.81 15.50 -8.02
CA GLU A 180 1.10 14.19 -8.59
C GLU A 180 0.61 13.08 -7.67
N LEU A 181 0.72 13.31 -6.36
CA LEU A 181 0.28 12.31 -5.39
C LEU A 181 -1.21 12.06 -5.52
N GLN A 182 -1.97 13.12 -5.79
CA GLN A 182 -3.41 13.00 -5.92
C GLN A 182 -3.76 12.24 -7.20
N VAL A 183 -3.22 12.68 -8.33
CA VAL A 183 -3.49 12.02 -9.60
C VAL A 183 -3.39 10.51 -9.43
N VAL A 184 -2.35 10.07 -8.74
CA VAL A 184 -2.15 8.65 -8.51
C VAL A 184 -3.14 8.14 -7.47
N GLN A 185 -3.21 8.82 -6.34
CA GLN A 185 -4.15 8.46 -5.28
C GLN A 185 -5.53 8.22 -5.88
N LEU A 186 -5.87 8.99 -6.91
CA LEU A 186 -7.15 8.85 -7.57
C LEU A 186 -7.15 7.58 -8.41
N LEU A 187 -6.06 7.35 -9.13
CA LEU A 187 -5.95 6.15 -9.97
C LEU A 187 -6.28 4.92 -9.14
N ALA A 188 -5.72 4.86 -7.93
CA ALA A 188 -6.00 3.74 -7.04
C ALA A 188 -7.49 3.69 -6.71
N ASP A 189 -8.05 4.87 -6.43
CA ASP A 189 -9.47 4.95 -6.14
C ASP A 189 -10.28 4.46 -7.33
N GLN A 190 -9.78 4.76 -8.53
CA GLN A 190 -10.45 4.31 -9.75
C GLN A 190 -10.31 2.80 -9.89
N VAL A 191 -9.23 2.26 -9.34
CA VAL A 191 -8.99 0.83 -9.39
C VAL A 191 -9.87 0.12 -8.34
N SER A 192 -9.86 0.66 -7.12
CA SER A 192 -10.68 0.11 -6.06
C SER A 192 -12.12 -0.02 -6.53
N ILE A 193 -12.51 0.84 -7.46
CA ILE A 193 -13.86 0.82 -7.99
C ILE A 193 -14.03 -0.33 -8.98
N ALA A 194 -12.95 -0.63 -9.71
CA ALA A 194 -12.99 -1.69 -10.70
C ALA A 194 -13.22 -3.04 -10.05
N ILE A 195 -12.55 -3.26 -8.92
CA ILE A 195 -12.70 -4.52 -8.19
C ILE A 195 -14.09 -4.62 -7.60
N ALA A 196 -14.70 -3.47 -7.33
CA ALA A 196 -16.04 -3.45 -6.75
C ALA A 196 -17.09 -3.77 -7.82
N GLN A 197 -17.06 -3.02 -8.92
CA GLN A 197 -18.03 -3.21 -9.98
C GLN A 197 -17.82 -4.58 -10.64
N ALA A 198 -16.56 -4.98 -10.76
CA ALA A 198 -16.22 -6.26 -11.37
C ALA A 198 -16.71 -7.40 -10.49
N GLU A 199 -16.67 -7.19 -9.18
CA GLU A 199 -17.08 -8.22 -8.23
C GLU A 199 -18.48 -8.73 -8.58
N LEU A 200 -19.37 -7.79 -8.90
CA LEU A 200 -20.74 -8.16 -9.25
C LEU A 200 -20.75 -9.31 -10.25
N SER A 201 -19.78 -9.30 -11.17
CA SER A 201 -19.69 -10.34 -12.18
C SER A 201 -19.79 -11.72 -11.54
N LEU A 202 -18.85 -12.01 -10.64
CA LEU A 202 -18.84 -13.30 -9.96
C LEU A 202 -20.20 -13.61 -9.38
CHA CYC B . 2.66 -2.46 7.87
NA CYC B . 3.56 -3.73 5.94
C1A CYC B . 2.78 -2.83 6.52
C2A CYC B . 2.01 -2.23 5.52
C3A CYC B . 2.40 -2.83 4.32
C4A CYC B . 3.39 -3.79 4.62
CMA CYC B . 1.81 -2.46 2.97
CAA CYC B . 0.95 -1.12 5.68
CBA CYC B . -0.45 -1.67 5.99
CGA CYC B . -0.67 -1.90 7.48
O1A CYC B . -1.28 -1.01 8.12
O2A CYC B . -0.22 -2.96 7.97
CHB CYC B . 4.08 -4.66 3.77
NB CYC B . 4.50 -4.12 1.34
C1B CYC B . 4.10 -4.88 2.38
C2B CYC B . 3.62 -6.09 1.86
C3B CYC B . 3.76 -6.03 0.48
C4B CYC B . 4.31 -4.79 0.19
CMB CYC B . 3.04 -7.30 2.62
CAB CYC B . 3.39 -7.09 -0.55
CBB CYC B . 2.67 -6.50 -1.76
OB CYC B . 4.58 -4.39 -0.93
NC CYC B . 5.40 -7.57 10.52
C1C CYC B . 5.04 -8.47 11.48
C2C CYC B . 5.01 -7.80 12.84
C3C CYC B . 5.66 -6.45 12.57
C4C CYC B . 5.64 -6.34 11.05
CMC CYC B . 3.58 -7.68 13.38
CAC CYC B . 7.09 -6.32 13.16
CBC CYC B . 7.17 -6.47 14.68
OC CYC B . 4.79 -9.66 11.29
CHD CYC B . 5.88 -5.12 10.45
ND CYC B . 4.38 -3.96 8.84
C1D CYC B . 4.88 -4.23 10.05
C2D CYC B . 4.20 -3.39 10.94
C3D CYC B . 3.28 -2.64 10.22
C4D CYC B . 3.44 -3.02 8.89
CMD CYC B . 4.42 -3.32 12.47
CAD CYC B . 2.32 -1.59 10.81
CBD CYC B . 3.01 -0.25 11.15
CGD CYC B . 3.08 0.71 9.96
O1D CYC B . 3.84 0.39 9.01
O2D CYC B . 2.37 1.74 10.00
HHA CYC B . 2.00 -1.76 8.11
HMA1 CYC B . 1.49 -1.51 2.99
HMA2 CYC B . 2.52 -2.54 2.27
HMA3 CYC B . 1.05 -3.06 2.74
HAA1 CYC B . 0.90 -0.59 4.84
HAA2 CYC B . 1.24 -0.52 6.43
HBA1 CYC B . -0.57 -2.53 5.51
HBA2 CYC B . -1.13 -1.01 5.65
HHB CYC B . 4.66 -5.30 4.27
HB CYC B . 4.87 -3.20 1.42
HMB1 CYC B . 3.78 -7.88 2.95
HMB2 CYC B . 2.52 -6.96 3.42
HMB3 CYC B . 2.43 -7.82 2.02
HAB1 CYC B . 4.23 -7.55 -0.86
HAB2 CYC B . 2.80 -7.77 -0.13
HBB1 CYC B . 3.33 -6.06 -2.38
HBB2 CYC B . 2.19 -7.23 -2.26
HBB3 CYC B . 2.00 -5.82 -1.45
HC CYC B . 5.47 -7.78 9.54
H2C CYC B . 5.56 -8.32 13.48
H3C CYC B . 5.06 -5.73 12.94
HMC1 CYC B . 3.03 -7.13 12.75
HMC2 CYC B . 3.17 -8.61 13.43
HMC3 CYC B . 3.58 -7.26 14.28
HAC2 CYC B . 7.60 -7.05 12.71
HBC1 CYC B . 6.29 -6.80 15.03
HBC2 CYC B . 7.87 -7.15 14.91
HBC3 CYC B . 7.39 -5.60 15.11
HHD CYC B . 6.83 -4.83 10.35
HD CYC B . 4.68 -4.41 7.98
HMD1 CYC B . 3.54 -3.34 12.93
HMD2 CYC B . 4.95 -4.13 12.76
HMD3 CYC B . 4.91 -2.49 12.71
HAD1 CYC B . 1.92 -1.95 11.64
HAD2 CYC B . 1.60 -1.41 10.13
HBD1 CYC B . 3.94 -0.44 11.46
HBD2 CYC B . 2.50 0.18 11.88
HNE CYC B . 4.22 -4.30 6.44
N LEU A 31 -11.46 -11.21 -12.52
CA LEU A 31 -10.83 -10.18 -11.71
C LEU A 31 -9.31 -10.37 -11.67
N ASP A 32 -8.87 -11.59 -11.39
CA ASP A 32 -7.45 -11.89 -11.35
C ASP A 32 -6.76 -11.44 -12.64
N GLN A 33 -7.50 -11.48 -13.73
CA GLN A 33 -6.96 -11.08 -15.03
C GLN A 33 -6.88 -9.56 -15.13
N ILE A 34 -7.99 -8.89 -14.80
CA ILE A 34 -8.04 -7.43 -14.85
C ILE A 34 -6.95 -6.83 -13.97
N LEU A 35 -6.89 -7.28 -12.71
CA LEU A 35 -5.93 -6.74 -11.77
C LEU A 35 -4.50 -6.92 -12.31
N ARG A 36 -4.29 -7.99 -13.07
CA ARG A 36 -2.97 -8.25 -13.64
C ARG A 36 -2.58 -7.17 -14.63
N ALA A 37 -3.54 -6.75 -15.44
CA ALA A 37 -3.29 -5.71 -16.44
C ALA A 37 -3.19 -4.34 -15.78
N THR A 38 -3.86 -4.19 -14.64
CA THR A 38 -3.87 -2.91 -13.93
C THR A 38 -2.47 -2.58 -13.40
N VAL A 39 -1.77 -3.61 -12.95
CA VAL A 39 -0.43 -3.43 -12.39
C VAL A 39 0.56 -3.07 -13.49
N GLU A 40 0.26 -3.48 -14.72
CA GLU A 40 1.13 -3.18 -15.85
C GLU A 40 1.10 -1.70 -16.19
N GLU A 41 -0.08 -1.10 -16.07
CA GLU A 41 -0.23 0.33 -16.36
C GLU A 41 0.27 1.17 -15.19
N VAL A 42 -0.04 0.73 -13.98
CA VAL A 42 0.36 1.46 -12.78
C VAL A 42 1.87 1.72 -12.79
N ARG A 43 2.65 0.65 -12.86
CA ARG A 43 4.10 0.76 -12.87
C ARG A 43 4.55 1.79 -13.91
N ALA A 44 3.95 1.73 -15.09
CA ALA A 44 4.29 2.65 -16.16
C ALA A 44 4.09 4.10 -15.71
N PHE A 45 2.93 4.38 -15.12
CA PHE A 45 2.62 5.74 -14.69
C PHE A 45 3.60 6.19 -13.61
N LEU A 46 3.90 5.31 -12.67
CA LEU A 46 4.80 5.64 -11.57
C LEU A 46 6.23 5.24 -11.91
N GLY A 47 6.38 4.45 -12.97
CA GLY A 47 7.70 3.99 -13.39
C GLY A 47 8.46 3.37 -12.20
N THR A 48 7.71 2.86 -11.23
CA THR A 48 8.32 2.24 -10.07
C THR A 48 8.88 0.86 -10.40
N ASP A 49 10.04 0.55 -9.86
CA ASP A 49 10.71 -0.71 -10.16
C ASP A 49 9.77 -1.88 -9.90
N ARG A 50 9.02 -1.80 -8.80
CA ARG A 50 8.13 -2.90 -8.42
C ARG A 50 6.85 -2.35 -7.79
N VAL A 51 5.72 -2.86 -8.28
CA VAL A 51 4.42 -2.48 -7.72
C VAL A 51 3.44 -3.64 -7.85
N LYS A 52 2.72 -3.94 -6.78
CA LYS A 52 1.79 -5.06 -6.79
C LYS A 52 0.48 -4.70 -6.11
N VAL A 53 -0.57 -5.44 -6.45
CA VAL A 53 -1.88 -5.24 -5.82
C VAL A 53 -2.10 -6.29 -4.74
N TYR A 54 -2.67 -5.87 -3.62
CA TYR A 54 -2.88 -6.79 -2.50
C TYR A 54 -4.36 -6.88 -2.13
N ARG A 55 -4.90 -8.09 -2.21
CA ARG A 55 -6.30 -8.32 -1.89
C ARG A 55 -6.43 -8.85 -0.46
N PHE A 56 -7.42 -8.36 0.26
CA PHE A 56 -7.62 -8.79 1.64
C PHE A 56 -8.74 -9.83 1.74
N ASP A 57 -8.49 -10.88 2.50
CA ASP A 57 -9.49 -11.93 2.69
C ASP A 57 -10.24 -11.73 4.00
N PRO A 58 -11.46 -12.19 4.06
CA PRO A 58 -12.32 -12.04 5.27
C PRO A 58 -11.54 -12.32 6.55
N GLU A 59 -10.74 -13.39 6.54
CA GLU A 59 -9.98 -13.77 7.72
C GLU A 59 -8.83 -12.80 7.96
N GLY A 60 -8.58 -11.93 6.97
CA GLY A 60 -7.52 -10.94 7.09
C GLY A 60 -6.32 -11.32 6.21
N HIS A 61 -6.37 -12.53 5.65
CA HIS A 61 -5.29 -13.00 4.79
C HIS A 61 -5.39 -12.36 3.41
N GLY A 62 -4.24 -12.17 2.77
CA GLY A 62 -4.21 -11.56 1.45
C GLY A 62 -3.24 -12.30 0.53
N THR A 63 -3.39 -12.08 -0.77
CA THR A 63 -2.52 -12.74 -1.75
C THR A 63 -2.08 -11.75 -2.83
N VAL A 64 -1.00 -12.09 -3.51
CA VAL A 64 -0.50 -11.23 -4.58
C VAL A 64 -1.04 -11.70 -5.94
N VAL A 65 -1.93 -10.90 -6.52
CA VAL A 65 -2.56 -11.27 -7.78
C VAL A 65 -2.06 -10.37 -8.91
N ALA A 66 -1.17 -9.44 -8.57
CA ALA A 66 -0.62 -8.51 -9.55
C ALA A 66 0.72 -7.98 -9.09
N GLU A 67 1.72 -8.05 -9.98
CA GLU A 67 3.05 -7.55 -9.66
C GLU A 67 3.89 -7.42 -10.93
N ALA A 68 4.72 -6.38 -10.98
CA ALA A 68 5.58 -6.17 -12.13
C ALA A 68 7.00 -5.82 -11.68
N ARG A 69 7.98 -6.29 -12.46
CA ARG A 69 9.38 -6.05 -12.11
C ARG A 69 10.03 -5.11 -13.11
N GLY A 70 10.79 -4.14 -12.59
CA GLY A 70 11.48 -3.19 -13.46
C GLY A 70 12.85 -3.71 -13.85
N GLY A 71 13.05 -3.92 -15.15
CA GLY A 71 14.34 -4.41 -15.64
C GLY A 71 14.77 -5.65 -14.85
N GLU A 72 13.82 -6.53 -14.55
CA GLU A 72 14.12 -7.74 -13.80
C GLU A 72 15.08 -7.44 -12.65
N ARG A 73 14.84 -6.32 -11.97
CA ARG A 73 15.70 -5.91 -10.87
C ARG A 73 15.32 -6.66 -9.59
N LEU A 74 14.02 -6.69 -9.30
CA LEU A 74 13.53 -7.37 -8.11
C LEU A 74 12.84 -8.67 -8.48
N PRO A 75 13.13 -9.72 -7.76
CA PRO A 75 12.53 -11.06 -8.00
C PRO A 75 11.01 -11.00 -8.09
N SER A 76 10.41 -12.04 -8.66
CA SER A 76 8.96 -12.08 -8.81
C SER A 76 8.31 -12.74 -7.60
N LEU A 77 7.35 -12.05 -7.00
CA LEU A 77 6.64 -12.59 -5.85
C LEU A 77 5.25 -13.05 -6.23
N LEU A 78 4.98 -13.10 -7.53
CA LEU A 78 3.65 -13.45 -8.02
C LEU A 78 3.27 -14.85 -7.54
N GLY A 79 2.05 -14.98 -7.04
CA GLY A 79 1.54 -16.28 -6.63
C GLY A 79 1.88 -16.56 -5.17
N LEU A 80 2.68 -15.69 -4.58
CA LEU A 80 3.05 -15.84 -3.17
C LEU A 80 2.01 -15.21 -2.27
N THR A 81 1.71 -15.87 -1.16
CA THR A 81 0.72 -15.37 -0.22
C THR A 81 1.38 -14.78 1.01
N PHE A 82 0.86 -13.66 1.50
CA PHE A 82 1.42 -13.01 2.68
C PHE A 82 0.47 -13.17 3.86
N PRO A 83 1.01 -13.42 5.03
CA PRO A 83 0.22 -13.57 6.27
C PRO A 83 -0.33 -12.24 6.78
N ALA A 84 -1.50 -12.28 7.39
CA ALA A 84 -2.12 -11.08 7.93
C ALA A 84 -1.39 -10.58 9.17
N GLY A 85 -0.85 -11.51 9.94
CA GLY A 85 -0.12 -11.15 11.16
C GLY A 85 0.87 -10.03 10.88
N ASP A 86 1.17 -9.80 9.60
CA ASP A 86 2.10 -8.74 9.22
C ASP A 86 1.56 -7.39 9.63
N ILE A 87 0.29 -7.35 10.01
CA ILE A 87 -0.33 -6.10 10.44
C ILE A 87 -1.40 -6.36 11.49
N PRO A 88 -1.12 -6.05 12.72
CA PRO A 88 -2.07 -6.26 13.85
C PRO A 88 -3.50 -5.86 13.47
N GLU A 89 -3.82 -4.59 13.63
CA GLU A 89 -5.15 -4.09 13.29
C GLU A 89 -5.21 -2.57 13.43
N GLU A 90 -4.33 -2.03 14.25
CA GLU A 90 -4.30 -0.59 14.47
C GLU A 90 -3.81 0.14 13.22
N ALA A 91 -2.73 -0.36 12.64
CA ALA A 91 -2.17 0.26 11.44
C ALA A 91 -3.09 0.06 10.24
N ARG A 92 -3.66 -1.13 10.13
CA ARG A 92 -4.56 -1.43 9.03
C ARG A 92 -5.80 -0.54 9.08
N ARG A 93 -6.21 -0.18 10.29
CA ARG A 93 -7.39 0.67 10.46
C ARG A 93 -7.16 2.04 9.82
N LEU A 94 -5.94 2.55 9.95
CA LEU A 94 -5.61 3.87 9.42
C LEU A 94 -5.85 3.91 7.92
N PHE A 95 -5.55 2.80 7.24
CA PHE A 95 -5.75 2.74 5.80
C PHE A 95 -7.24 2.77 5.46
N ARG A 96 -8.07 2.26 6.37
CA ARG A 96 -9.50 2.25 6.15
C ARG A 96 -10.15 3.53 6.68
N LEU A 97 -9.49 4.18 7.63
CA LEU A 97 -10.04 5.36 8.27
C LEU A 97 -9.48 6.62 7.63
N ALA A 98 -8.16 6.68 7.52
CA ALA A 98 -7.48 7.88 7.03
C ALA A 98 -6.99 7.67 5.61
N GLN A 99 -6.99 6.42 5.17
CA GLN A 99 -6.53 6.08 3.82
C GLN A 99 -5.27 6.86 3.46
N VAL A 100 -4.25 6.74 4.29
CA VAL A 100 -3.00 7.46 4.07
C VAL A 100 -1.86 6.81 4.84
N ARG A 101 -0.80 6.44 4.12
CA ARG A 101 0.37 5.84 4.75
C ARG A 101 1.51 5.73 3.76
N VAL A 102 2.68 6.21 4.15
CA VAL A 102 3.86 6.15 3.30
C VAL A 102 5.12 5.96 4.13
N ILE A 103 6.14 5.36 3.52
CA ILE A 103 7.39 5.12 4.22
C ILE A 103 8.49 6.01 3.67
N VAL A 104 9.19 6.71 4.56
CA VAL A 104 10.24 7.63 4.15
C VAL A 104 11.56 6.90 3.96
N ASP A 105 12.56 7.61 3.44
CA ASP A 105 13.86 7.00 3.20
C ASP A 105 14.37 6.33 4.46
N VAL A 106 14.57 5.01 4.39
CA VAL A 106 15.07 4.26 5.53
C VAL A 106 16.31 4.94 6.11
N GLU A 107 16.89 5.85 5.34
CA GLU A 107 18.08 6.58 5.79
C GLU A 107 17.69 7.62 6.84
N ALA A 108 16.54 8.25 6.63
CA ALA A 108 16.06 9.27 7.57
C ALA A 108 15.83 8.65 8.95
N GLN A 109 15.73 7.33 8.99
CA GLN A 109 15.52 6.63 10.25
C GLN A 109 14.28 7.17 10.95
N SER A 110 13.11 6.95 10.36
CA SER A 110 11.85 7.34 10.99
C SER A 110 11.30 6.19 11.83
N ARG A 111 11.06 6.47 13.11
CA ARG A 111 10.61 5.43 14.03
C ARG A 111 9.15 5.66 14.43
N SER A 112 8.38 4.58 14.44
CA SER A 112 6.98 4.66 14.84
C SER A 112 6.74 3.75 16.04
N ILE A 113 5.75 4.10 16.87
CA ILE A 113 5.47 3.30 18.05
C ILE A 113 4.00 3.43 18.45
N SER A 114 3.53 2.47 19.23
CA SER A 114 2.15 2.48 19.71
C SER A 114 1.97 3.55 20.79
N GLN A 115 0.72 3.76 21.22
CA GLN A 115 0.43 4.76 22.23
C GLN A 115 -1.01 4.66 22.69
N PRO A 116 -1.33 3.64 23.45
CA PRO A 116 -2.71 3.41 23.95
C PRO A 116 -3.07 4.36 25.09
N GLU A 117 -2.12 5.21 25.47
CA GLU A 117 -2.35 6.17 26.55
C GLU A 117 -3.48 7.13 26.17
N SER A 118 -3.61 7.41 24.87
CA SER A 118 -4.65 8.31 24.40
C SER A 118 -5.74 7.53 23.67
N TRP A 119 -6.98 8.00 23.80
CA TRP A 119 -8.11 7.33 23.15
C TRP A 119 -8.03 7.54 21.64
N GLY A 120 -8.39 6.49 20.89
CA GLY A 120 -8.37 6.56 19.44
C GLY A 120 -8.11 5.19 18.83
N LEU A 121 -8.64 4.15 19.48
CA LEU A 121 -8.46 2.79 19.00
C LEU A 121 -9.49 2.47 17.93
N SER A 122 -10.32 3.44 17.60
CA SER A 122 -11.35 3.25 16.58
C SER A 122 -11.26 4.34 15.50
N ALA A 123 -12.11 5.34 15.62
CA ALA A 123 -12.13 6.43 14.65
C ALA A 123 -10.73 7.04 14.51
N ARG A 124 -9.90 6.85 15.54
CA ARG A 124 -8.54 7.36 15.51
C ARG A 124 -8.55 8.89 15.34
N VAL A 125 -7.36 9.48 15.31
CA VAL A 125 -7.24 10.92 15.15
C VAL A 125 -7.15 11.30 13.68
N PRO A 126 -7.96 12.25 13.26
CA PRO A 126 -7.97 12.72 11.85
C PRO A 126 -6.76 13.60 11.52
N LEU A 127 -6.13 13.33 10.38
CA LEU A 127 -4.96 14.10 9.97
C LEU A 127 -4.03 14.33 11.16
N GLY A 128 -3.69 15.59 11.39
CA GLY A 128 -2.80 15.94 12.50
C GLY A 128 -1.45 15.25 12.35
N GLU A 129 -1.00 15.13 11.11
CA GLU A 129 0.28 14.47 10.84
C GLU A 129 0.99 15.12 9.66
N PRO A 130 2.30 15.07 9.64
CA PRO A 130 3.11 15.65 8.54
C PRO A 130 2.93 14.91 7.23
N LEU A 131 3.44 15.48 6.14
CA LEU A 131 3.29 14.89 4.82
C LEU A 131 3.95 13.51 4.79
N GLN A 132 4.39 13.05 5.95
CA GLN A 132 5.08 11.76 6.03
C GLN A 132 4.63 11.00 7.27
N ARG A 133 4.48 9.69 7.13
CA ARG A 133 4.10 8.86 8.27
C ARG A 133 5.19 7.86 8.61
N PRO A 134 5.62 7.85 9.85
CA PRO A 134 6.70 6.95 10.32
C PRO A 134 6.21 5.52 10.55
N VAL A 135 7.04 4.55 10.19
CA VAL A 135 6.68 3.15 10.38
C VAL A 135 7.65 2.48 11.35
N ASP A 136 7.11 1.80 12.36
CA ASP A 136 7.93 1.13 13.36
C ASP A 136 9.15 0.49 12.71
N PRO A 137 10.28 0.57 13.36
CA PRO A 137 11.55 -0.03 12.85
C PRO A 137 11.34 -1.44 12.31
N CYS A 138 10.55 -2.23 13.03
CA CYS A 138 10.29 -3.60 12.64
C CYS A 138 9.80 -3.67 11.19
N HIS A 139 9.09 -2.63 10.78
CA HIS A 139 8.60 -2.57 9.40
C HIS A 139 9.66 -1.94 8.50
N VAL A 140 10.47 -1.06 9.08
CA VAL A 140 11.52 -0.39 8.31
C VAL A 140 12.48 -1.42 7.73
N HIS A 141 12.93 -2.35 8.57
CA HIS A 141 13.86 -3.38 8.14
C HIS A 141 13.19 -4.29 7.11
N TYR A 142 11.95 -4.69 7.40
CA TYR A 142 11.21 -5.55 6.50
C TYR A 142 11.36 -5.06 5.05
N LEU A 143 11.31 -3.74 4.89
CA LEU A 143 11.47 -3.14 3.56
C LEU A 143 12.92 -3.15 3.14
N LYS A 144 13.81 -2.85 4.09
CA LYS A 144 15.24 -2.89 3.81
C LYS A 144 15.67 -4.28 3.36
N SER A 145 15.18 -5.30 4.05
CA SER A 145 15.45 -6.68 3.67
C SER A 145 14.91 -6.98 2.28
N MET A 146 14.03 -6.11 1.80
CA MET A 146 13.44 -6.29 0.48
C MET A 146 14.18 -5.45 -0.55
N GLY A 147 15.25 -4.79 -0.12
CA GLY A 147 16.05 -3.97 -1.02
C GLY A 147 15.34 -2.64 -1.31
N VAL A 148 14.43 -2.25 -0.42
CA VAL A 148 13.68 -1.01 -0.59
C VAL A 148 14.15 0.04 0.41
N ALA A 149 14.18 1.30 -0.04
CA ALA A 149 14.61 2.39 0.83
C ALA A 149 13.44 3.33 1.09
N SER A 150 12.57 3.48 0.10
CA SER A 150 11.42 4.36 0.21
C SER A 150 10.25 3.80 -0.59
N SER A 151 9.14 3.51 0.08
CA SER A 151 7.98 2.96 -0.59
C SER A 151 6.71 3.73 -0.22
N LEU A 152 5.83 3.91 -1.19
CA LEU A 152 4.56 4.60 -0.96
C LEU A 152 3.41 3.60 -0.96
N VAL A 153 2.52 3.72 0.02
CA VAL A 153 1.39 2.80 0.13
C VAL A 153 0.08 3.51 -0.19
N VAL A 154 -0.70 2.91 -1.08
CA VAL A 154 -2.01 3.47 -1.44
C VAL A 154 -3.07 2.38 -1.36
N PRO A 155 -4.01 2.53 -0.45
CA PRO A 155 -5.05 1.50 -0.19
C PRO A 155 -6.12 1.45 -1.27
N LEU A 156 -6.73 0.28 -1.42
CA LEU A 156 -7.81 0.10 -2.39
C LEU A 156 -9.09 -0.31 -1.68
N MET A 157 -10.07 0.60 -1.66
CA MET A 157 -11.31 0.34 -0.93
C MET A 157 -12.52 0.78 -1.75
N HIS A 158 -13.68 0.24 -1.41
CA HIS A 158 -14.93 0.62 -2.07
C HIS A 158 -16.07 0.71 -1.07
N HIS A 159 -16.71 1.87 -1.01
CA HIS A 159 -17.80 2.09 -0.07
C HIS A 159 -17.24 2.31 1.34
N GLN A 160 -17.54 1.37 2.24
CA GLN A 160 -17.09 1.48 3.62
C GLN A 160 -16.16 0.33 3.97
N GLU A 161 -16.03 -0.62 3.05
CA GLU A 161 -15.23 -1.81 3.29
C GLU A 161 -13.90 -1.73 2.53
N LEU A 162 -12.92 -2.50 3.00
CA LEU A 162 -11.62 -2.55 2.33
C LEU A 162 -11.46 -3.86 1.58
N TRP A 163 -11.08 -3.77 0.31
CA TRP A 163 -10.94 -4.96 -0.53
C TRP A 163 -9.48 -5.36 -0.65
N GLY A 164 -8.61 -4.38 -0.90
CA GLY A 164 -7.20 -4.66 -1.11
C GLY A 164 -6.35 -3.42 -0.88
N LEU A 165 -5.04 -3.56 -1.09
CA LEU A 165 -4.12 -2.44 -0.91
C LEU A 165 -3.13 -2.36 -2.06
N LEU A 166 -2.64 -1.14 -2.32
CA LEU A 166 -1.65 -0.93 -3.37
C LEU A 166 -0.37 -0.36 -2.77
N VAL A 167 0.76 -0.66 -3.41
CA VAL A 167 2.05 -0.20 -2.89
C VAL A 167 3.11 -0.22 -3.99
N SER A 168 3.94 0.82 -4.02
CA SER A 168 5.04 0.90 -4.98
C SER A 168 6.37 0.89 -4.25
N HIS A 169 7.35 0.20 -4.80
CA HIS A 169 8.66 0.09 -4.17
C HIS A 169 9.73 0.82 -4.96
N HIS A 170 10.49 1.67 -4.28
CA HIS A 170 11.57 2.41 -4.91
C HIS A 170 12.89 2.16 -4.19
N ALA A 171 13.87 1.65 -4.91
CA ALA A 171 15.17 1.35 -4.32
C ALA A 171 15.86 2.63 -3.86
N GLU A 172 15.42 3.76 -4.40
CA GLU A 172 16.01 5.05 -4.05
C GLU A 172 14.91 6.08 -3.79
N PRO A 173 15.19 7.03 -2.93
CA PRO A 173 14.23 8.11 -2.58
C PRO A 173 13.47 8.63 -3.81
N ARG A 174 12.17 8.84 -3.66
CA ARG A 174 11.36 9.33 -4.76
C ARG A 174 10.14 10.08 -4.23
N PRO A 175 10.33 11.28 -3.77
CA PRO A 175 9.24 12.13 -3.23
C PRO A 175 8.10 12.31 -4.24
N TYR A 176 6.89 12.53 -3.73
CA TYR A 176 5.74 12.72 -4.59
C TYR A 176 5.26 14.17 -4.55
N SER A 177 4.81 14.67 -5.69
CA SER A 177 4.32 16.05 -5.76
C SER A 177 2.87 16.14 -5.29
N GLN A 178 2.49 17.30 -4.77
CA GLN A 178 1.14 17.50 -4.28
C GLN A 178 0.12 17.19 -5.39
N GLU A 179 0.49 17.52 -6.63
CA GLU A 179 -0.40 17.28 -7.76
C GLU A 179 -0.38 15.82 -8.16
N GLU A 180 0.81 15.29 -8.42
CA GLU A 180 0.96 13.90 -8.82
C GLU A 180 0.46 12.98 -7.70
N LEU A 181 0.69 13.39 -6.46
CA LEU A 181 0.27 12.58 -5.32
C LEU A 181 -1.20 12.20 -5.45
N GLN A 182 -2.04 13.20 -5.71
CA GLN A 182 -3.48 12.96 -5.84
C GLN A 182 -3.75 12.13 -7.10
N VAL A 183 -3.15 12.53 -8.21
CA VAL A 183 -3.35 11.82 -9.47
C VAL A 183 -3.28 10.32 -9.23
N VAL A 184 -2.28 9.90 -8.46
CA VAL A 184 -2.12 8.47 -8.17
C VAL A 184 -3.15 8.03 -7.14
N GLN A 185 -3.25 8.77 -6.05
CA GLN A 185 -4.23 8.46 -5.01
C GLN A 185 -5.60 8.23 -5.64
N LEU A 186 -5.89 9.00 -6.69
CA LEU A 186 -7.15 8.87 -7.40
C LEU A 186 -7.16 7.58 -8.21
N LEU A 187 -6.06 7.34 -8.91
CA LEU A 187 -5.94 6.13 -9.72
C LEU A 187 -6.30 4.91 -8.89
N ALA A 188 -5.78 4.86 -7.67
CA ALA A 188 -6.08 3.76 -6.76
C ALA A 188 -7.57 3.74 -6.47
N ASP A 189 -8.13 4.90 -6.17
CA ASP A 189 -9.56 5.00 -5.90
C ASP A 189 -10.35 4.52 -7.11
N GLN A 190 -9.85 4.87 -8.29
CA GLN A 190 -10.50 4.45 -9.53
C GLN A 190 -10.36 2.95 -9.71
N VAL A 191 -9.27 2.39 -9.18
CA VAL A 191 -9.03 0.96 -9.26
C VAL A 191 -9.91 0.22 -8.26
N SER A 192 -9.89 0.69 -7.01
CA SER A 192 -10.72 0.10 -5.97
C SER A 192 -12.18 0.06 -6.42
N ILE A 193 -12.57 1.05 -7.22
CA ILE A 193 -13.93 1.14 -7.72
C ILE A 193 -14.19 0.00 -8.71
N ALA A 194 -13.16 -0.35 -9.47
CA ALA A 194 -13.27 -1.43 -10.44
C ALA A 194 -13.46 -2.77 -9.72
N ILE A 195 -12.76 -2.94 -8.61
CA ILE A 195 -12.89 -4.15 -7.82
C ILE A 195 -14.35 -4.40 -7.45
N ALA A 196 -14.97 -3.39 -6.86
CA ALA A 196 -16.37 -3.52 -6.44
C ALA A 196 -17.27 -3.74 -7.65
N GLN A 197 -17.06 -2.92 -8.68
CA GLN A 197 -17.87 -3.03 -9.90
C GLN A 197 -17.68 -4.40 -10.53
N ALA A 198 -16.44 -4.83 -10.65
CA ALA A 198 -16.13 -6.13 -11.24
C ALA A 198 -16.67 -7.25 -10.36
N GLU A 199 -16.66 -7.02 -9.05
CA GLU A 199 -17.10 -8.03 -8.10
C GLU A 199 -18.49 -8.54 -8.48
N LEU A 200 -19.37 -7.61 -8.88
CA LEU A 200 -20.73 -7.98 -9.26
C LEU A 200 -20.70 -9.15 -10.25
N SER A 201 -19.71 -9.16 -11.13
CA SER A 201 -19.58 -10.22 -12.12
C SER A 201 -19.63 -11.59 -11.44
N LEU A 202 -18.67 -11.83 -10.56
CA LEU A 202 -18.62 -13.10 -9.84
C LEU A 202 -19.70 -13.16 -8.76
CHA CYC B . 2.49 -2.38 7.76
NA CYC B . 3.50 -3.65 5.88
C1A CYC B . 2.65 -2.77 6.42
C2A CYC B . 1.89 -2.22 5.39
C3A CYC B . 2.35 -2.82 4.22
C4A CYC B . 3.36 -3.73 4.56
CMA CYC B . 1.77 -2.49 2.83
CAA CYC B . 0.78 -1.15 5.50
CBA CYC B . -0.43 -1.63 6.31
CGA CYC B . -1.69 -1.78 5.44
O1A CYC B . -2.08 -0.77 4.81
O2A CYC B . -2.23 -2.90 5.43
CHB CYC B . 4.11 -4.58 3.74
NB CYC B . 4.45 -4.38 1.25
C1B CYC B . 4.05 -4.98 2.39
C2B CYC B . 3.47 -6.19 2.04
C3B CYC B . 3.55 -6.32 0.67
C4B CYC B . 4.17 -5.17 0.21
CMB CYC B . 2.84 -7.25 2.97
CAB CYC B . 3.05 -7.47 -0.22
CBB CYC B . 2.44 -6.98 -1.52
OB CYC B . 4.42 -4.92 -0.97
NC CYC B . 5.30 -7.33 10.67
C1C CYC B . 4.99 -8.18 11.67
C2C CYC B . 4.97 -7.46 13.00
C3C CYC B . 5.55 -6.10 12.67
C4C CYC B . 5.52 -6.07 11.14
CMC CYC B . 3.56 -7.38 13.59
CAC CYC B . 6.97 -5.83 13.23
CBC CYC B . 7.06 -5.89 14.76
OC CYC B . 4.76 -9.38 11.54
CHD CYC B . 5.73 -4.86 10.48
ND CYC B . 4.23 -3.80 8.80
C1D CYC B . 4.71 -4.02 10.03
C2D CYC B . 3.98 -3.19 10.89
C3D CYC B . 3.06 -2.48 10.12
C4D CYC B . 3.26 -2.90 8.81
CMD CYC B . 4.16 -3.08 12.42
CAD CYC B . 2.05 -1.46 10.67
CBD CYC B . 2.66 -0.07 10.91
CGD CYC B . 2.43 0.46 12.33
O1D CYC B . 2.78 -0.28 13.28
O2D CYC B . 1.91 1.59 12.45
HHA CYC B . 1.80 -1.69 7.97
HMA1 CYC B . 2.48 -2.64 2.14
HMA2 CYC B . 1.00 -3.10 2.65
HMA3 CYC B . 1.47 -1.54 2.81
HAA1 CYC B . 0.48 -0.90 4.58
HAA2 CYC B . 1.16 -0.34 5.94
HBA1 CYC B . -0.62 -0.98 7.04
HBA2 CYC B . -0.21 -2.52 6.72
HHB CYC B . 4.84 -5.05 4.24
HB CYC B . 4.92 -3.50 1.19
HMB1 CYC B . 2.12 -7.74 2.49
HMB2 CYC B . 3.55 -7.91 3.24
HMB3 CYC B . 2.46 -6.81 3.79
HAB1 CYC B . 3.81 -8.07 -0.43
HAB2 CYC B . 2.36 -7.99 0.28
HBB1 CYC B . 3.15 -6.59 -2.11
HBB2 CYC B . 2.00 -7.74 -2.00
HBB3 CYC B . 1.75 -6.27 -1.33
HC CYC B . 5.35 -7.57 9.70
H2C CYC B . 5.58 -7.92 13.64
H3C CYC B . 4.91 -5.41 13.01
HMC1 CYC B . 2.95 -6.96 12.93
HMC2 CYC B . 3.24 -8.32 13.78
HMC3 CYC B . 3.57 -6.85 14.44
HAC2 CYC B . 7.53 -6.55 12.83
HBC1 CYC B . 6.19 -6.23 15.13
HBC2 CYC B . 7.79 -6.53 15.01
HBC3 CYC B . 7.26 -4.98 15.12
HHD CYC B . 6.67 -4.56 10.37
HD CYC B . 4.56 -4.26 7.97
HMD1 CYC B . 3.26 -3.08 12.87
HMD2 CYC B . 4.67 -3.87 12.74
HMD3 CYC B . 4.65 -2.24 12.65
HAD1 CYC B . 1.67 -1.79 11.54
HAD2 CYC B . 1.30 -1.37 10.00
HBD1 CYC B . 2.26 0.57 10.26
HBD2 CYC B . 3.64 -0.13 10.74
HNE CYC B . 4.16 -4.18 6.41
N LEU A 31 -11.65 -10.60 -12.50
CA LEU A 31 -11.05 -9.56 -11.68
C LEU A 31 -9.55 -9.78 -11.54
N ASP A 32 -9.17 -10.98 -11.10
CA ASP A 32 -7.75 -11.31 -10.94
C ASP A 32 -6.98 -11.00 -12.22
N GLN A 33 -7.65 -11.15 -13.36
CA GLN A 33 -7.01 -10.88 -14.64
C GLN A 33 -6.84 -9.38 -14.86
N ILE A 34 -7.92 -8.63 -14.64
CA ILE A 34 -7.87 -7.18 -14.78
C ILE A 34 -6.77 -6.59 -13.89
N LEU A 35 -6.72 -7.04 -12.65
CA LEU A 35 -5.74 -6.53 -11.70
C LEU A 35 -4.33 -6.70 -12.25
N ARG A 36 -4.12 -7.78 -13.01
CA ARG A 36 -2.81 -8.05 -13.59
C ARG A 36 -2.38 -6.92 -14.52
N ALA A 37 -3.32 -6.45 -15.35
CA ALA A 37 -3.02 -5.39 -16.30
C ALA A 37 -2.91 -4.04 -15.59
N THR A 38 -3.58 -3.93 -14.44
CA THR A 38 -3.58 -2.68 -13.70
C THR A 38 -2.21 -2.41 -13.10
N VAL A 39 -1.54 -3.47 -12.67
CA VAL A 39 -0.23 -3.33 -12.04
C VAL A 39 0.81 -2.88 -13.06
N GLU A 40 0.57 -3.20 -14.33
CA GLU A 40 1.50 -2.83 -15.39
C GLU A 40 1.32 -1.35 -15.77
N GLU A 41 0.06 -0.89 -15.74
CA GLU A 41 -0.23 0.49 -16.10
C GLU A 41 0.18 1.44 -14.99
N VAL A 42 -0.31 1.19 -13.79
CA VAL A 42 -0.02 2.06 -12.64
C VAL A 42 1.49 2.24 -12.48
N ARG A 43 2.22 1.13 -12.49
CA ARG A 43 3.67 1.19 -12.33
C ARG A 43 4.27 2.21 -13.30
N ALA A 44 3.81 2.18 -14.55
CA ALA A 44 4.33 3.11 -15.56
C ALA A 44 4.22 4.54 -15.06
N PHE A 45 3.11 4.86 -14.39
CA PHE A 45 2.90 6.22 -13.90
C PHE A 45 3.89 6.55 -12.80
N LEU A 46 4.21 5.55 -11.97
CA LEU A 46 5.15 5.76 -10.87
C LEU A 46 6.55 5.32 -11.28
N GLY A 47 6.64 4.63 -12.40
CA GLY A 47 7.94 4.16 -12.89
C GLY A 47 8.74 3.51 -11.77
N THR A 48 8.04 2.96 -10.79
CA THR A 48 8.70 2.32 -9.67
C THR A 48 9.22 0.93 -10.06
N ASP A 49 10.37 0.55 -9.50
CA ASP A 49 11.00 -0.71 -9.86
C ASP A 49 9.99 -1.85 -9.75
N ARG A 50 9.20 -1.84 -8.68
CA ARG A 50 8.27 -2.93 -8.41
C ARG A 50 6.96 -2.40 -7.81
N VAL A 51 5.85 -2.85 -8.37
CA VAL A 51 4.54 -2.48 -7.85
C VAL A 51 3.60 -3.69 -7.91
N LYS A 52 2.92 -3.97 -6.81
CA LYS A 52 2.04 -5.13 -6.74
C LYS A 52 0.72 -4.78 -6.07
N VAL A 53 -0.33 -5.50 -6.46
CA VAL A 53 -1.64 -5.32 -5.86
C VAL A 53 -1.88 -6.40 -4.81
N TYR A 54 -2.46 -6.02 -3.68
CA TYR A 54 -2.68 -6.97 -2.60
C TYR A 54 -4.16 -7.06 -2.23
N ARG A 55 -4.70 -8.27 -2.28
CA ARG A 55 -6.09 -8.50 -1.93
C ARG A 55 -6.20 -9.12 -0.55
N PHE A 56 -7.19 -8.69 0.22
CA PHE A 56 -7.36 -9.20 1.57
C PHE A 56 -8.49 -10.22 1.64
N ASP A 57 -8.26 -11.30 2.37
CA ASP A 57 -9.29 -12.33 2.55
C ASP A 57 -10.06 -12.10 3.84
N PRO A 58 -11.30 -12.52 3.88
CA PRO A 58 -12.18 -12.34 5.07
C PRO A 58 -11.54 -12.89 6.34
N GLU A 59 -10.57 -13.78 6.18
CA GLU A 59 -9.90 -14.38 7.32
C GLU A 59 -8.65 -13.58 7.69
N GLY A 60 -8.37 -12.54 6.91
CA GLY A 60 -7.22 -11.69 7.17
C GLY A 60 -6.06 -12.05 6.25
N HIS A 61 -6.15 -13.21 5.61
CA HIS A 61 -5.11 -13.65 4.69
C HIS A 61 -5.18 -12.88 3.37
N GLY A 62 -4.02 -12.62 2.79
CA GLY A 62 -3.96 -11.89 1.53
C GLY A 62 -3.04 -12.59 0.54
N THR A 63 -3.27 -12.34 -0.75
CA THR A 63 -2.45 -12.97 -1.79
C THR A 63 -2.04 -11.93 -2.84
N VAL A 64 -0.98 -12.23 -3.57
CA VAL A 64 -0.52 -11.34 -4.63
C VAL A 64 -1.13 -11.76 -5.96
N VAL A 65 -2.03 -10.94 -6.48
CA VAL A 65 -2.70 -11.25 -7.73
C VAL A 65 -2.16 -10.36 -8.86
N ALA A 66 -1.25 -9.47 -8.52
CA ALA A 66 -0.66 -8.57 -9.50
C ALA A 66 0.70 -8.09 -9.04
N GLU A 67 1.71 -8.26 -9.89
CA GLU A 67 3.07 -7.84 -9.55
C GLU A 67 3.89 -7.64 -10.82
N ALA A 68 4.71 -6.59 -10.84
CA ALA A 68 5.56 -6.30 -11.98
C ALA A 68 6.98 -5.98 -11.53
N ARG A 69 7.96 -6.50 -12.25
CA ARG A 69 9.36 -6.29 -11.89
C ARG A 69 10.12 -5.60 -13.02
N GLY A 70 11.00 -4.69 -12.66
CA GLY A 70 11.79 -3.96 -13.65
C GLY A 70 13.19 -4.55 -13.77
N GLY A 71 13.64 -4.76 -15.00
CA GLY A 71 14.97 -5.31 -15.24
C GLY A 71 15.24 -6.48 -14.30
N GLU A 72 14.22 -7.30 -14.08
CA GLU A 72 14.35 -8.46 -13.20
C GLU A 72 15.19 -8.11 -11.97
N ARG A 73 15.25 -6.81 -11.66
CA ARG A 73 16.03 -6.36 -10.51
C ARG A 73 15.50 -6.96 -9.22
N LEU A 74 14.19 -6.93 -9.05
CA LEU A 74 13.56 -7.50 -7.86
C LEU A 74 12.88 -8.82 -8.18
N PRO A 75 12.85 -9.72 -7.24
CA PRO A 75 12.24 -11.07 -7.42
C PRO A 75 10.71 -10.99 -7.52
N SER A 76 10.11 -12.01 -8.13
CA SER A 76 8.67 -12.05 -8.30
C SER A 76 8.01 -12.75 -7.12
N LEU A 77 7.21 -12.01 -6.36
CA LEU A 77 6.51 -12.58 -5.23
C LEU A 77 5.08 -12.97 -5.61
N LEU A 78 4.80 -12.91 -6.91
CA LEU A 78 3.46 -13.22 -7.41
C LEU A 78 3.07 -14.64 -7.02
N GLY A 79 1.83 -14.80 -6.56
CA GLY A 79 1.31 -16.12 -6.23
C GLY A 79 1.66 -16.49 -4.79
N LEU A 80 2.49 -15.68 -4.16
CA LEU A 80 2.88 -15.91 -2.77
C LEU A 80 1.85 -15.29 -1.82
N THR A 81 1.62 -15.94 -0.70
CA THR A 81 0.66 -15.45 0.29
C THR A 81 1.39 -14.96 1.54
N PHE A 82 0.84 -13.93 2.18
CA PHE A 82 1.44 -13.39 3.39
C PHE A 82 0.49 -13.59 4.58
N PRO A 83 1.04 -13.88 5.72
CA PRO A 83 0.24 -14.08 6.96
C PRO A 83 -0.34 -12.77 7.48
N ALA A 84 -1.58 -12.83 7.97
CA ALA A 84 -2.24 -11.64 8.49
C ALA A 84 -1.50 -11.10 9.71
N GLY A 85 -0.94 -12.00 10.52
CA GLY A 85 -0.21 -11.59 11.71
C GLY A 85 0.80 -10.51 11.38
N ASP A 86 1.12 -10.37 10.10
CA ASP A 86 2.08 -9.36 9.66
C ASP A 86 1.62 -7.97 10.10
N ILE A 87 0.41 -7.89 10.63
CA ILE A 87 -0.13 -6.62 11.08
C ILE A 87 -1.15 -6.83 12.21
N PRO A 88 -1.25 -5.89 13.10
CA PRO A 88 -2.20 -5.96 14.24
C PRO A 88 -3.62 -5.58 13.82
N GLU A 89 -3.97 -4.32 13.98
CA GLU A 89 -5.30 -3.84 13.61
C GLU A 89 -5.37 -2.32 13.67
N GLU A 90 -4.70 -1.74 14.66
CA GLU A 90 -4.70 -0.29 14.83
C GLU A 90 -4.22 0.39 13.56
N ALA A 91 -3.16 -0.15 12.96
CA ALA A 91 -2.60 0.43 11.75
C ALA A 91 -3.52 0.20 10.56
N ARG A 92 -4.06 -1.02 10.46
CA ARG A 92 -4.94 -1.36 9.36
C ARG A 92 -6.17 -0.46 9.34
N ARG A 93 -6.62 -0.05 10.52
CA ARG A 93 -7.78 0.82 10.64
C ARG A 93 -7.50 2.16 9.98
N LEU A 94 -6.25 2.62 10.08
CA LEU A 94 -5.88 3.91 9.50
C LEU A 94 -6.11 3.91 8.00
N PHE A 95 -5.91 2.75 7.36
CA PHE A 95 -6.13 2.63 5.93
C PHE A 95 -7.62 2.71 5.60
N ARG A 96 -8.45 2.18 6.48
CA ARG A 96 -9.89 2.21 6.26
C ARG A 96 -10.51 3.50 6.78
N LEU A 97 -9.78 4.18 7.67
CA LEU A 97 -10.29 5.39 8.30
C LEU A 97 -9.67 6.62 7.64
N ALA A 98 -8.35 6.61 7.52
CA ALA A 98 -7.62 7.78 7.05
C ALA A 98 -7.18 7.58 5.61
N GLN A 99 -7.19 6.33 5.16
CA GLN A 99 -6.79 5.99 3.80
C GLN A 99 -5.51 6.74 3.42
N VAL A 100 -4.48 6.60 4.24
CA VAL A 100 -3.21 7.28 3.98
C VAL A 100 -2.05 6.49 4.59
N ARG A 101 -1.09 6.14 3.75
CA ARG A 101 0.10 5.42 4.23
C ARG A 101 1.26 5.62 3.26
N VAL A 102 2.38 6.10 3.78
CA VAL A 102 3.57 6.30 2.97
C VAL A 102 4.83 6.06 3.79
N ILE A 103 5.86 5.54 3.14
CA ILE A 103 7.13 5.27 3.82
C ILE A 103 8.22 6.19 3.31
N VAL A 104 8.89 6.89 4.23
CA VAL A 104 9.92 7.84 3.86
C VAL A 104 11.25 7.12 3.66
N ASP A 105 12.25 7.87 3.17
CA ASP A 105 13.56 7.29 2.92
C ASP A 105 14.08 6.57 4.17
N VAL A 106 14.28 5.26 4.06
CA VAL A 106 14.79 4.49 5.19
C VAL A 106 16.03 5.15 5.78
N GLU A 107 16.63 6.05 5.01
CA GLU A 107 17.82 6.76 5.48
C GLU A 107 17.44 7.80 6.53
N ALA A 108 16.30 8.46 6.32
CA ALA A 108 15.83 9.46 7.26
C ALA A 108 15.55 8.82 8.63
N GLN A 109 15.43 7.50 8.64
CA GLN A 109 15.17 6.78 9.88
C GLN A 109 13.93 7.33 10.58
N SER A 110 12.78 7.17 9.95
CA SER A 110 11.52 7.56 10.56
C SER A 110 10.92 6.41 11.36
N ARG A 111 10.64 6.64 12.63
CA ARG A 111 10.14 5.59 13.50
C ARG A 111 8.68 5.84 13.88
N SER A 112 7.89 4.78 13.84
CA SER A 112 6.48 4.87 14.21
C SER A 112 6.23 4.01 15.46
N ILE A 113 5.30 4.45 16.29
CA ILE A 113 4.99 3.70 17.51
C ILE A 113 3.52 3.86 17.89
N SER A 114 3.02 2.89 18.66
CA SER A 114 1.64 2.94 19.12
C SER A 114 1.48 3.95 20.24
N GLN A 115 0.25 4.19 20.66
CA GLN A 115 -0.02 5.15 21.73
C GLN A 115 -1.51 5.14 22.09
N PRO A 116 -1.81 5.48 23.31
CA PRO A 116 -3.22 5.52 23.81
C PRO A 116 -3.99 6.71 23.24
N GLU A 117 -4.36 6.61 21.96
CA GLU A 117 -5.11 7.68 21.32
C GLU A 117 -6.46 7.87 21.98
N SER A 118 -6.86 9.13 22.17
CA SER A 118 -8.14 9.43 22.79
C SER A 118 -9.21 9.68 21.73
N TRP A 119 -8.79 10.23 20.60
CA TRP A 119 -9.72 10.51 19.51
C TRP A 119 -9.05 10.32 18.16
N GLY A 120 -9.67 10.83 17.11
CA GLY A 120 -9.11 10.70 15.76
C GLY A 120 -9.86 9.65 14.96
N LEU A 121 -10.91 9.10 15.55
CA LEU A 121 -11.72 8.08 14.89
C LEU A 121 -12.92 8.71 14.18
N SER A 122 -12.92 8.68 12.86
CA SER A 122 -14.01 9.25 12.09
C SER A 122 -13.79 9.03 10.59
N ALA A 123 -14.32 7.92 10.08
CA ALA A 123 -14.17 7.60 8.66
C ALA A 123 -14.91 8.62 7.80
N ARG A 124 -16.15 8.93 8.19
CA ARG A 124 -16.96 9.88 7.44
C ARG A 124 -16.11 11.07 7.00
N VAL A 125 -15.32 11.62 7.92
CA VAL A 125 -14.47 12.75 7.61
C VAL A 125 -13.09 12.57 8.22
N PRO A 126 -12.16 12.02 7.47
CA PRO A 126 -10.76 11.86 7.90
C PRO A 126 -9.88 13.03 7.46
N LEU A 127 -8.89 13.38 8.28
CA LEU A 127 -7.99 14.48 7.96
C LEU A 127 -6.86 14.55 8.97
N GLY A 128 -5.77 15.21 8.58
CA GLY A 128 -4.62 15.37 9.47
C GLY A 128 -3.61 14.26 9.23
N GLU A 129 -3.43 13.87 7.97
CA GLU A 129 -2.49 12.82 7.62
C GLU A 129 -1.30 13.39 6.84
N PRO A 130 -0.20 13.59 7.51
CA PRO A 130 1.03 14.17 6.87
C PRO A 130 1.37 13.49 5.55
N LEU A 131 2.02 14.25 4.67
CA LEU A 131 2.41 13.71 3.37
C LEU A 131 3.24 12.45 3.53
N GLN A 132 3.91 12.34 4.67
CA GLN A 132 4.77 11.19 4.93
C GLN A 132 4.46 10.59 6.30
N ARG A 133 4.28 9.28 6.33
CA ARG A 133 3.97 8.60 7.60
C ARG A 133 5.10 7.64 7.97
N PRO A 134 5.49 7.65 9.22
CA PRO A 134 6.58 6.76 9.74
C PRO A 134 6.08 5.34 9.98
N VAL A 135 6.93 4.37 9.67
CA VAL A 135 6.58 2.96 9.89
C VAL A 135 7.58 2.30 10.83
N ASP A 136 7.07 1.63 11.85
CA ASP A 136 7.92 0.96 12.83
C ASP A 136 9.08 0.26 12.14
N PRO A 137 10.19 0.13 12.82
CA PRO A 137 11.41 -0.52 12.27
C PRO A 137 11.08 -1.84 11.59
N CYS A 138 9.91 -2.39 11.90
CA CYS A 138 9.48 -3.65 11.29
C CYS A 138 9.43 -3.53 9.77
N HIS A 139 8.94 -2.38 9.29
CA HIS A 139 8.83 -2.17 7.86
C HIS A 139 10.15 -1.64 7.31
N VAL A 140 10.95 -1.03 8.18
CA VAL A 140 12.23 -0.49 7.76
C VAL A 140 13.12 -1.60 7.21
N HIS A 141 13.37 -2.61 8.04
CA HIS A 141 14.21 -3.73 7.63
C HIS A 141 13.52 -4.53 6.51
N TYR A 142 12.25 -4.84 6.72
CA TYR A 142 11.50 -5.58 5.72
C TYR A 142 11.72 -4.99 4.34
N LEU A 143 11.71 -3.66 4.27
CA LEU A 143 11.93 -2.97 3.00
C LEU A 143 13.41 -3.02 2.61
N LYS A 144 14.28 -2.75 3.58
CA LYS A 144 15.71 -2.82 3.34
C LYS A 144 16.12 -4.21 2.84
N SER A 145 15.61 -5.24 3.51
CA SER A 145 15.87 -6.61 3.10
C SER A 145 15.29 -6.87 1.71
N MET A 146 14.38 -5.99 1.27
CA MET A 146 13.77 -6.14 -0.03
C MET A 146 14.47 -5.26 -1.05
N GLY A 147 15.49 -4.54 -0.61
CA GLY A 147 16.25 -3.65 -1.49
C GLY A 147 15.48 -2.37 -1.77
N VAL A 148 14.53 -2.04 -0.89
CA VAL A 148 13.73 -0.85 -1.06
C VAL A 148 14.09 0.20 0.00
N ALA A 149 14.06 1.47 -0.40
CA ALA A 149 14.41 2.55 0.50
C ALA A 149 13.18 3.41 0.79
N SER A 150 12.42 3.70 -0.26
CA SER A 150 11.22 4.53 -0.12
C SER A 150 10.08 3.93 -0.93
N SER A 151 8.97 3.60 -0.26
CA SER A 151 7.83 3.01 -0.93
C SER A 151 6.54 3.77 -0.58
N LEU A 152 5.69 3.95 -1.58
CA LEU A 152 4.42 4.62 -1.36
C LEU A 152 3.28 3.60 -1.29
N VAL A 153 2.42 3.74 -0.29
CA VAL A 153 1.33 2.80 -0.10
C VAL A 153 -0.02 3.47 -0.35
N VAL A 154 -0.83 2.85 -1.19
CA VAL A 154 -2.16 3.37 -1.48
C VAL A 154 -3.21 2.26 -1.34
N PRO A 155 -4.17 2.44 -0.48
CA PRO A 155 -5.19 1.40 -0.17
C PRO A 155 -6.26 1.28 -1.25
N LEU A 156 -6.74 0.06 -1.46
CA LEU A 156 -7.81 -0.19 -2.41
C LEU A 156 -9.08 -0.60 -1.68
N MET A 157 -10.06 0.30 -1.65
CA MET A 157 -11.28 0.05 -0.88
C MET A 157 -12.51 0.47 -1.68
N HIS A 158 -13.67 -0.04 -1.28
CA HIS A 158 -14.92 0.32 -1.93
C HIS A 158 -16.00 0.64 -0.89
N HIS A 159 -16.56 1.84 -0.96
CA HIS A 159 -17.58 2.26 -0.01
C HIS A 159 -16.99 2.34 1.39
N GLN A 160 -17.33 1.37 2.23
CA GLN A 160 -16.85 1.36 3.61
C GLN A 160 -15.98 0.13 3.87
N GLU A 161 -15.91 -0.75 2.87
CA GLU A 161 -15.18 -1.99 3.03
C GLU A 161 -13.83 -1.93 2.34
N LEU A 162 -12.86 -2.68 2.85
CA LEU A 162 -11.54 -2.74 2.24
C LEU A 162 -11.36 -4.06 1.48
N TRP A 163 -10.98 -3.96 0.22
CA TRP A 163 -10.84 -5.15 -0.62
C TRP A 163 -9.38 -5.57 -0.73
N GLY A 164 -8.50 -4.59 -0.91
CA GLY A 164 -7.08 -4.88 -1.11
C GLY A 164 -6.22 -3.67 -0.79
N LEU A 165 -4.91 -3.81 -0.98
CA LEU A 165 -3.98 -2.73 -0.70
C LEU A 165 -2.92 -2.61 -1.80
N LEU A 166 -2.68 -1.39 -2.26
CA LEU A 166 -1.68 -1.16 -3.30
C LEU A 166 -0.38 -0.64 -2.67
N VAL A 167 0.74 -0.91 -3.33
CA VAL A 167 2.03 -0.47 -2.81
C VAL A 167 3.08 -0.42 -3.92
N SER A 168 3.83 0.68 -3.95
CA SER A 168 4.90 0.84 -4.93
C SER A 168 6.25 0.93 -4.24
N HIS A 169 7.23 0.21 -4.77
CA HIS A 169 8.56 0.17 -4.16
C HIS A 169 9.58 0.91 -5.04
N HIS A 170 10.34 1.80 -4.41
CA HIS A 170 11.38 2.54 -5.12
C HIS A 170 12.72 2.43 -4.40
N ALA A 171 13.77 2.17 -5.17
CA ALA A 171 15.10 2.02 -4.57
C ALA A 171 15.61 3.37 -4.09
N GLU A 172 15.09 4.44 -4.65
CA GLU A 172 15.51 5.79 -4.27
C GLU A 172 14.33 6.60 -3.76
N PRO A 173 14.59 7.54 -2.89
CA PRO A 173 13.52 8.41 -2.31
C PRO A 173 12.47 8.80 -3.34
N ARG A 174 12.87 9.60 -4.33
CA ARG A 174 11.95 10.03 -5.37
C ARG A 174 10.67 10.58 -4.75
N PRO A 175 10.75 11.76 -4.20
CA PRO A 175 9.58 12.44 -3.56
C PRO A 175 8.40 12.56 -4.51
N TYR A 176 7.21 12.80 -3.96
CA TYR A 176 6.00 12.94 -4.77
C TYR A 176 5.50 14.38 -4.71
N SER A 177 5.00 14.87 -5.84
CA SER A 177 4.48 16.23 -5.91
C SER A 177 3.02 16.27 -5.46
N GLN A 178 2.59 17.41 -4.94
CA GLN A 178 1.22 17.57 -4.47
C GLN A 178 0.25 17.22 -5.59
N GLU A 179 0.61 17.55 -6.81
CA GLU A 179 -0.25 17.26 -7.96
C GLU A 179 -0.20 15.78 -8.30
N GLU A 180 1.01 15.24 -8.40
CA GLU A 180 1.18 13.83 -8.72
C GLU A 180 0.55 12.95 -7.63
N LEU A 181 0.66 13.41 -6.39
CA LEU A 181 0.10 12.66 -5.26
C LEU A 181 -1.36 12.30 -5.53
N GLN A 182 -2.17 13.32 -5.77
CA GLN A 182 -3.58 13.11 -6.02
C GLN A 182 -3.78 12.25 -7.27
N VAL A 183 -3.07 12.60 -8.34
CA VAL A 183 -3.17 11.86 -9.59
C VAL A 183 -3.12 10.36 -9.31
N VAL A 184 -2.12 9.96 -8.53
CA VAL A 184 -1.95 8.55 -8.20
C VAL A 184 -2.99 8.11 -7.18
N GLN A 185 -3.06 8.84 -6.07
CA GLN A 185 -4.04 8.53 -5.03
C GLN A 185 -5.41 8.34 -5.66
N LEU A 186 -5.71 9.14 -6.67
CA LEU A 186 -6.99 9.02 -7.36
C LEU A 186 -7.00 7.78 -8.24
N LEU A 187 -5.89 7.55 -8.94
CA LEU A 187 -5.77 6.38 -9.80
C LEU A 187 -6.13 5.12 -9.01
N ALA A 188 -5.61 5.02 -7.80
CA ALA A 188 -5.91 3.90 -6.94
C ALA A 188 -7.39 3.87 -6.61
N ASP A 189 -7.94 5.04 -6.31
CA ASP A 189 -9.36 5.16 -6.02
C ASP A 189 -10.17 4.69 -7.23
N GLN A 190 -9.66 5.01 -8.42
CA GLN A 190 -10.31 4.59 -9.66
C GLN A 190 -10.17 3.08 -9.82
N VAL A 191 -9.09 2.53 -9.29
CA VAL A 191 -8.86 1.09 -9.36
C VAL A 191 -9.75 0.37 -8.36
N SER A 192 -9.74 0.84 -7.12
CA SER A 192 -10.59 0.27 -6.09
C SER A 192 -12.04 0.24 -6.55
N ILE A 193 -12.41 1.24 -7.35
CA ILE A 193 -13.77 1.31 -7.88
C ILE A 193 -14.00 0.18 -8.88
N ALA A 194 -12.94 -0.20 -9.58
CA ALA A 194 -13.02 -1.29 -10.55
C ALA A 194 -13.29 -2.61 -9.84
N ILE A 195 -12.68 -2.77 -8.66
CA ILE A 195 -12.89 -3.97 -7.86
C ILE A 195 -14.35 -4.08 -7.46
N ALA A 196 -14.98 -2.94 -7.23
CA ALA A 196 -16.38 -2.92 -6.80
C ALA A 196 -17.29 -3.26 -7.96
N GLN A 197 -17.16 -2.51 -9.05
CA GLN A 197 -18.03 -2.70 -10.21
C GLN A 197 -17.83 -4.09 -10.79
N ALA A 198 -16.58 -4.54 -10.83
CA ALA A 198 -16.27 -5.85 -11.37
C ALA A 198 -16.85 -6.95 -10.49
N GLU A 199 -16.87 -6.69 -9.18
CA GLU A 199 -17.37 -7.68 -8.23
C GLU A 199 -18.76 -8.16 -8.64
N LEU A 200 -19.62 -7.22 -9.04
CA LEU A 200 -20.97 -7.56 -9.45
C LEU A 200 -20.95 -8.73 -10.43
N SER A 201 -19.85 -8.85 -11.17
CA SER A 201 -19.71 -9.93 -12.14
C SER A 201 -19.95 -11.28 -11.48
N LEU A 202 -19.13 -11.59 -10.47
CA LEU A 202 -19.27 -12.86 -9.76
C LEU A 202 -20.60 -12.91 -9.00
CHA CYC B . 2.82 -2.73 8.87
NA CYC B . 3.66 -4.11 6.99
C1A CYC B . 2.96 -3.12 7.53
C2A CYC B . 2.33 -2.43 6.49
C3A CYC B . 2.70 -3.07 5.31
C4A CYC B . 3.56 -4.14 5.67
CMA CYC B . 2.23 -2.63 3.92
CAA CYC B . 1.39 -1.20 6.60
CBA CYC B . -0.07 -1.60 6.90
CGA CYC B . -0.33 -1.77 8.40
O1A CYC B . 0.35 -1.06 9.18
O2A CYC B . -1.20 -2.60 8.73
CHB CYC B . 4.19 -5.09 4.84
NB CYC B . 4.54 -4.78 2.36
C1B CYC B . 4.12 -5.42 3.47
C2B CYC B . 3.54 -6.63 3.09
C3B CYC B . 3.60 -6.69 1.70
C4B CYC B . 4.23 -5.53 1.28
CMB CYC B . 2.90 -7.72 3.97
CAB CYC B . 3.11 -7.80 0.77
CBB CYC B . 2.56 -7.26 -0.54
OB CYC B . 4.47 -5.24 0.13
NC CYC B . 5.88 -7.09 9.51
C1C CYC B . 6.58 -8.19 9.16
C2C CYC B . 7.34 -8.74 10.36
C3C CYC B . 7.20 -7.62 11.39
C4C CYC B . 6.08 -6.75 10.81
CMC CYC B . 6.74 -10.04 10.88
CAC CYC B . 8.50 -6.79 11.64
CBC CYC B . 9.68 -7.64 12.13
OC CYC B . 6.61 -8.70 8.05
CHD CYC B . 5.46 -5.81 11.63
ND CYC B . 4.24 -4.45 9.93
C1D CYC B . 4.64 -4.78 11.16
C2D CYC B . 4.04 -3.85 12.02
C3D CYC B . 3.29 -2.97 11.25
C4D CYC B . 3.45 -3.39 9.93
CMD CYC B . 4.19 -3.79 13.55
CAD CYC B . 2.46 -1.79 11.79
CBD CYC B . 3.22 -0.46 11.76
CGD CYC B . 2.37 0.72 11.24
O1D CYC B . 2.29 0.85 10.00
O2D CYC B . 1.81 1.45 12.09
HHA CYC B . 2.25 -1.93 9.07
HMA1 CYC B . 1.83 -1.73 3.98
HMA2 CYC B . 3.02 -2.60 3.31
HMA3 CYC B . 1.56 -3.28 3.58
HAA1 CYC B . 1.41 -0.70 5.75
HAA2 CYC B . 1.72 -0.62 7.33
HBA1 CYC B . -0.28 -2.45 6.43
HBA2 CYC B . -0.67 -0.87 6.54
HHB CYC B . 4.79 -5.69 5.35
HB CYC B . 4.97 -3.89 2.34
HMB1 CYC B . 3.62 -8.33 4.32
HMB2 CYC B . 2.44 -7.29 4.75
HMB3 CYC B . 2.24 -8.25 3.44
HAB1 CYC B . 3.86 -8.43 0.57
HAB2 CYC B . 2.38 -8.31 1.23
HBB1 CYC B . 3.32 -6.96 -1.12
HBB2 CYC B . 2.03 -7.98 -1.01
HBB3 CYC B . 1.95 -6.48 -0.35
HC CYC B . 5.29 -6.56 8.88
H2C CYC B . 8.30 -8.87 10.11
H3C CYC B . 6.87 -8.02 12.25
HMC1 CYC B . 7.35 -10.46 11.53
HMC2 CYC B . 5.87 -9.84 11.33
HMC3 CYC B . 6.59 -10.67 10.11
HAC2 CYC B . 8.70 -6.38 10.76
HBC1 CYC B . 9.93 -7.38 13.05
HBC2 CYC B . 9.41 -8.61 12.12
HBC3 CYC B . 10.47 -7.51 11.51
HHD CYC B . 5.59 -5.91 12.62
HD CYC B . 4.52 -4.96 9.09
HMD1 CYC B . 3.31 -3.93 13.99
HMD2 CYC B . 4.82 -4.53 13.85
HMD3 CYC B . 4.58 -2.91 13.82
HAD1 CYC B . 2.19 -1.99 12.73
HAD2 CYC B . 1.63 -1.70 11.23
HBD1 CYC B . 4.02 -0.56 11.18
HBD2 CYC B . 3.52 -0.26 12.69
HNE CYC B . 4.22 -4.75 7.52
N LEU A 31 -11.42 -11.02 -12.86
CA LEU A 31 -10.82 -10.10 -11.90
C LEU A 31 -9.31 -10.29 -11.85
N ASP A 32 -8.88 -11.53 -11.62
CA ASP A 32 -7.46 -11.84 -11.56
C ASP A 32 -6.74 -11.34 -12.81
N GLN A 33 -7.47 -11.35 -13.93
CA GLN A 33 -6.89 -10.89 -15.19
C GLN A 33 -6.80 -9.37 -15.24
N ILE A 34 -7.89 -8.71 -14.86
CA ILE A 34 -7.93 -7.25 -14.84
C ILE A 34 -6.81 -6.70 -13.97
N LEU A 35 -6.69 -7.23 -12.75
CA LEU A 35 -5.68 -6.75 -11.83
C LEU A 35 -4.29 -6.88 -12.44
N ARG A 36 -4.08 -7.94 -13.22
CA ARG A 36 -2.79 -8.17 -13.86
C ARG A 36 -2.44 -7.02 -14.80
N ALA A 37 -3.42 -6.57 -15.57
CA ALA A 37 -3.20 -5.48 -16.52
C ALA A 37 -3.09 -4.14 -15.79
N THR A 38 -3.74 -4.05 -14.64
CA THR A 38 -3.75 -2.81 -13.87
C THR A 38 -2.35 -2.51 -13.32
N VAL A 39 -1.64 -3.56 -12.91
CA VAL A 39 -0.31 -3.39 -12.34
C VAL A 39 0.70 -3.00 -13.42
N GLU A 40 0.39 -3.36 -14.66
CA GLU A 40 1.27 -3.04 -15.78
C GLU A 40 1.16 -1.56 -16.15
N GLU A 41 -0.07 -1.07 -16.24
CA GLU A 41 -0.31 0.33 -16.58
C GLU A 41 0.11 1.24 -15.43
N VAL A 42 -0.19 0.81 -14.20
CA VAL A 42 0.16 1.60 -13.03
C VAL A 42 1.67 1.87 -12.97
N ARG A 43 2.46 0.80 -13.05
CA ARG A 43 3.91 0.94 -13.03
C ARG A 43 4.37 2.00 -14.02
N ALA A 44 3.78 1.97 -15.21
CA ALA A 44 4.14 2.92 -16.26
C ALA A 44 3.93 4.35 -15.77
N PHE A 45 2.76 4.61 -15.21
CA PHE A 45 2.42 5.96 -14.75
C PHE A 45 3.40 6.42 -13.68
N LEU A 46 3.72 5.52 -12.75
CA LEU A 46 4.62 5.86 -11.65
C LEU A 46 6.06 5.47 -12.01
N GLY A 47 6.21 4.69 -13.08
CA GLY A 47 7.52 4.23 -13.50
C GLY A 47 8.31 3.66 -12.32
N THR A 48 7.58 3.18 -11.32
CA THR A 48 8.22 2.61 -10.14
C THR A 48 8.80 1.24 -10.44
N ASP A 49 9.96 0.95 -9.88
CA ASP A 49 10.64 -0.32 -10.14
C ASP A 49 9.69 -1.49 -9.93
N ARG A 50 8.90 -1.41 -8.86
CA ARG A 50 7.99 -2.51 -8.52
C ARG A 50 6.69 -1.97 -7.93
N VAL A 51 5.58 -2.45 -8.44
CA VAL A 51 4.27 -2.09 -7.89
C VAL A 51 3.33 -3.29 -7.96
N LYS A 52 2.65 -3.58 -6.86
CA LYS A 52 1.78 -4.76 -6.80
C LYS A 52 0.46 -4.43 -6.10
N VAL A 53 -0.58 -5.18 -6.46
CA VAL A 53 -1.87 -5.02 -5.82
C VAL A 53 -2.08 -6.12 -4.78
N TYR A 54 -2.65 -5.75 -3.65
CA TYR A 54 -2.85 -6.71 -2.57
C TYR A 54 -4.30 -6.74 -2.11
N ARG A 55 -4.88 -7.95 -2.08
CA ARG A 55 -6.27 -8.12 -1.66
C ARG A 55 -6.32 -8.75 -0.28
N PHE A 56 -7.33 -8.39 0.50
CA PHE A 56 -7.48 -8.94 1.85
C PHE A 56 -8.57 -9.99 1.89
N ASP A 57 -8.34 -11.05 2.68
CA ASP A 57 -9.32 -12.11 2.82
C ASP A 57 -10.08 -11.95 4.13
N PRO A 58 -11.30 -12.43 4.17
CA PRO A 58 -12.15 -12.34 5.38
C PRO A 58 -11.37 -12.62 6.67
N GLU A 59 -10.57 -13.68 6.65
CA GLU A 59 -9.79 -14.06 7.81
C GLU A 59 -8.65 -13.07 8.06
N GLY A 60 -8.40 -12.21 7.07
CA GLY A 60 -7.35 -11.21 7.19
C GLY A 60 -6.15 -11.57 6.31
N HIS A 61 -6.20 -12.77 5.72
CA HIS A 61 -5.12 -13.21 4.84
C HIS A 61 -5.20 -12.49 3.50
N GLY A 62 -4.04 -12.23 2.91
CA GLY A 62 -3.98 -11.53 1.63
C GLY A 62 -3.07 -12.26 0.64
N THR A 63 -3.31 -12.05 -0.64
CA THR A 63 -2.50 -12.68 -1.68
C THR A 63 -2.12 -11.67 -2.75
N VAL A 64 -1.04 -11.96 -3.48
CA VAL A 64 -0.60 -11.09 -4.55
C VAL A 64 -1.19 -11.54 -5.89
N VAL A 65 -2.11 -10.73 -6.40
CA VAL A 65 -2.78 -11.06 -7.66
C VAL A 65 -2.26 -10.17 -8.79
N ALA A 66 -1.37 -9.26 -8.45
CA ALA A 66 -0.80 -8.34 -9.43
C ALA A 66 0.57 -7.83 -8.98
N GLU A 67 1.58 -8.05 -9.80
CA GLU A 67 2.93 -7.63 -9.47
C GLU A 67 3.76 -7.42 -10.73
N ALA A 68 4.57 -6.37 -10.74
CA ALA A 68 5.44 -6.09 -11.89
C ALA A 68 6.84 -5.73 -11.41
N ARG A 69 7.85 -6.17 -12.18
CA ARG A 69 9.23 -5.92 -11.82
C ARG A 69 10.00 -5.35 -13.01
N GLY A 70 10.94 -4.45 -12.73
CA GLY A 70 11.74 -3.86 -13.79
C GLY A 70 13.16 -4.43 -13.78
N GLY A 71 13.71 -4.65 -14.97
CA GLY A 71 15.06 -5.21 -15.07
C GLY A 71 15.24 -6.36 -14.11
N GLU A 72 14.18 -7.14 -13.91
CA GLU A 72 14.24 -8.28 -12.99
C GLU A 72 15.02 -7.91 -11.73
N ARG A 73 15.11 -6.61 -11.45
CA ARG A 73 15.82 -6.14 -10.28
C ARG A 73 15.20 -6.72 -9.00
N LEU A 74 13.86 -6.73 -8.96
CA LEU A 74 13.16 -7.26 -7.81
C LEU A 74 12.42 -8.54 -8.18
N PRO A 75 12.74 -9.62 -7.52
CA PRO A 75 12.11 -10.96 -7.78
C PRO A 75 10.58 -10.86 -7.81
N SER A 76 9.95 -11.87 -8.39
CA SER A 76 8.49 -11.88 -8.50
C SER A 76 7.87 -12.53 -7.26
N LEU A 77 7.05 -11.77 -6.55
CA LEU A 77 6.38 -12.28 -5.37
C LEU A 77 4.96 -12.71 -5.71
N LEU A 78 4.61 -12.64 -6.99
CA LEU A 78 3.26 -12.99 -7.43
C LEU A 78 2.90 -14.40 -6.97
N GLY A 79 1.68 -14.55 -6.45
CA GLY A 79 1.20 -15.87 -6.06
C GLY A 79 1.57 -16.17 -4.62
N LEU A 80 2.39 -15.31 -4.03
CA LEU A 80 2.80 -15.48 -2.64
C LEU A 80 1.77 -14.84 -1.71
N THR A 81 1.57 -15.47 -0.55
CA THR A 81 0.62 -14.96 0.42
C THR A 81 1.35 -14.46 1.67
N PHE A 82 0.78 -13.45 2.33
CA PHE A 82 1.39 -12.92 3.54
C PHE A 82 0.44 -13.10 4.73
N PRO A 83 1.00 -13.26 5.90
CA PRO A 83 0.20 -13.43 7.14
C PRO A 83 -0.35 -12.10 7.65
N ALA A 84 -1.52 -12.16 8.28
CA ALA A 84 -2.16 -10.96 8.81
C ALA A 84 -1.39 -10.44 10.03
N GLY A 85 -0.82 -11.35 10.80
CA GLY A 85 -0.07 -10.97 11.99
C GLY A 85 0.93 -9.86 11.67
N ASP A 86 1.25 -9.71 10.39
CA ASP A 86 2.20 -8.68 9.97
C ASP A 86 1.61 -7.29 10.20
N ILE A 87 0.28 -7.20 10.15
CA ILE A 87 -0.38 -5.92 10.36
C ILE A 87 -1.52 -6.08 11.38
N PRO A 88 -1.22 -5.86 12.63
CA PRO A 88 -2.22 -5.98 13.72
C PRO A 88 -3.62 -5.55 13.28
N GLU A 89 -3.92 -4.26 13.44
CA GLU A 89 -5.21 -3.73 13.04
C GLU A 89 -5.24 -2.21 13.16
N GLU A 90 -4.62 -1.69 14.22
CA GLU A 90 -4.58 -0.26 14.44
C GLU A 90 -4.06 0.47 13.20
N ALA A 91 -2.99 -0.06 12.62
CA ALA A 91 -2.40 0.56 11.44
C ALA A 91 -3.29 0.34 10.22
N ARG A 92 -3.91 -0.83 10.14
CA ARG A 92 -4.80 -1.15 9.02
C ARG A 92 -6.00 -0.21 9.01
N ARG A 93 -6.42 0.23 10.20
CA ARG A 93 -7.56 1.13 10.31
C ARG A 93 -7.24 2.47 9.65
N LEU A 94 -6.00 2.93 9.82
CA LEU A 94 -5.59 4.21 9.25
C LEU A 94 -5.81 4.22 7.74
N PHE A 95 -5.58 3.08 7.10
CA PHE A 95 -5.77 2.96 5.67
C PHE A 95 -7.25 3.01 5.32
N ARG A 96 -8.09 2.48 6.20
CA ARG A 96 -9.53 2.46 5.96
C ARG A 96 -10.19 3.72 6.48
N LEU A 97 -9.55 4.36 7.45
CA LEU A 97 -10.12 5.54 8.09
C LEU A 97 -9.55 6.81 7.46
N ALA A 98 -8.22 6.86 7.36
CA ALA A 98 -7.54 8.06 6.90
C ALA A 98 -7.06 7.88 5.46
N GLN A 99 -7.06 6.63 4.99
CA GLN A 99 -6.62 6.32 3.65
C GLN A 99 -5.38 7.12 3.29
N VAL A 100 -4.34 6.99 4.12
CA VAL A 100 -3.11 7.73 3.90
C VAL A 100 -1.95 7.10 4.68
N ARG A 101 -0.89 6.75 3.97
CA ARG A 101 0.27 6.16 4.63
C ARG A 101 1.44 6.07 3.64
N VAL A 102 2.61 6.53 4.07
CA VAL A 102 3.80 6.47 3.24
C VAL A 102 5.04 6.21 4.08
N ILE A 103 6.05 5.60 3.47
CA ILE A 103 7.28 5.29 4.18
C ILE A 103 8.43 6.16 3.66
N VAL A 104 9.13 6.80 4.58
CA VAL A 104 10.22 7.70 4.19
C VAL A 104 11.52 6.93 4.01
N ASP A 105 12.54 7.60 3.53
CA ASP A 105 13.84 6.97 3.30
C ASP A 105 14.28 6.20 4.55
N VAL A 106 14.41 4.88 4.42
CA VAL A 106 14.85 4.05 5.52
C VAL A 106 16.11 4.62 6.16
N GLU A 107 16.73 5.59 5.49
CA GLU A 107 17.93 6.23 6.01
C GLU A 107 17.58 7.11 7.21
N ALA A 108 16.44 7.79 7.12
CA ALA A 108 15.98 8.65 8.21
C ALA A 108 15.72 7.83 9.46
N GLN A 109 15.95 6.52 9.38
CA GLN A 109 15.75 5.64 10.52
C GLN A 109 14.53 6.07 11.32
N SER A 110 13.34 5.84 10.76
CA SER A 110 12.10 6.16 11.45
C SER A 110 11.60 4.94 12.21
N ARG A 111 11.41 5.10 13.51
CA ARG A 111 10.99 3.97 14.35
C ARG A 111 9.57 4.18 14.88
N SER A 112 8.80 3.10 14.89
CA SER A 112 7.43 3.15 15.42
C SER A 112 7.31 2.22 16.62
N ILE A 113 6.33 2.49 17.48
CA ILE A 113 6.14 1.66 18.67
C ILE A 113 4.69 1.74 19.15
N SER A 114 4.29 0.76 19.94
CA SER A 114 2.94 0.72 20.49
C SER A 114 2.80 1.73 21.63
N GLN A 115 1.58 1.91 22.11
CA GLN A 115 1.32 2.86 23.19
C GLN A 115 0.33 2.28 24.19
N PRO A 116 0.76 1.35 25.00
CA PRO A 116 -0.10 0.69 26.01
C PRO A 116 -0.88 1.70 26.84
N GLU A 117 -0.35 2.92 26.92
CA GLU A 117 -1.00 3.98 27.69
C GLU A 117 -1.79 4.91 26.77
N SER A 118 -2.93 4.42 26.29
CA SER A 118 -3.77 5.22 25.39
C SER A 118 -5.22 4.78 25.49
N TRP A 119 -6.13 5.63 25.05
CA TRP A 119 -7.55 5.32 25.08
C TRP A 119 -8.23 5.73 23.78
N GLY A 120 -8.87 4.75 23.12
CA GLY A 120 -9.55 5.02 21.86
C GLY A 120 -8.73 5.96 20.98
N LEU A 121 -7.94 5.36 20.08
CA LEU A 121 -7.10 6.15 19.18
C LEU A 121 -7.96 7.08 18.34
N SER A 122 -9.14 6.61 17.96
CA SER A 122 -10.05 7.43 17.15
C SER A 122 -9.28 8.13 16.04
N ALA A 123 -9.25 7.52 14.86
CA ALA A 123 -8.55 8.09 13.71
C ALA A 123 -9.39 9.22 13.10
N ARG A 124 -10.54 9.49 13.69
CA ARG A 124 -11.42 10.54 13.18
C ARG A 124 -10.63 11.82 12.93
N VAL A 125 -9.47 11.91 13.54
CA VAL A 125 -8.62 13.10 13.38
C VAL A 125 -7.71 12.95 12.16
N PRO A 126 -7.69 13.93 11.31
CA PRO A 126 -6.84 13.93 10.09
C PRO A 126 -5.37 14.17 10.40
N LEU A 127 -4.49 13.44 9.72
CA LEU A 127 -3.06 13.59 9.94
C LEU A 127 -2.71 13.32 11.40
N GLY A 128 -2.93 14.33 12.24
CA GLY A 128 -2.65 14.21 13.66
C GLY A 128 -1.17 13.91 13.89
N GLU A 129 -0.41 13.81 12.81
CA GLU A 129 1.01 13.50 12.89
C GLU A 129 1.79 14.23 11.80
N PRO A 130 3.07 14.39 12.00
CA PRO A 130 3.96 15.08 11.02
C PRO A 130 3.74 14.58 9.60
N LEU A 131 4.32 15.29 8.63
CA LEU A 131 4.15 14.92 7.23
C LEU A 131 4.79 13.57 6.94
N GLN A 132 5.10 12.84 8.00
CA GLN A 132 5.75 11.54 7.86
C GLN A 132 5.17 10.54 8.86
N ARG A 133 5.33 9.26 8.56
CA ARG A 133 4.82 8.21 9.44
C ARG A 133 5.87 7.13 9.67
N PRO A 134 6.30 6.96 10.89
CA PRO A 134 7.34 5.96 11.25
C PRO A 134 6.79 4.54 11.34
N VAL A 135 7.56 3.57 10.84
CA VAL A 135 7.15 2.18 10.89
C VAL A 135 8.12 1.36 11.74
N ASP A 136 7.57 0.56 12.64
CA ASP A 136 8.39 -0.27 13.51
C ASP A 136 9.55 -0.89 12.74
N PRO A 137 10.67 -1.02 13.38
CA PRO A 137 11.90 -1.59 12.75
C PRO A 137 11.61 -2.92 12.05
N CYS A 138 10.43 -3.47 12.31
CA CYS A 138 10.03 -4.73 11.68
C CYS A 138 9.77 -4.53 10.19
N HIS A 139 9.13 -3.41 9.86
CA HIS A 139 8.84 -3.11 8.47
C HIS A 139 10.05 -2.45 7.80
N VAL A 140 10.81 -1.71 8.59
CA VAL A 140 12.00 -1.04 8.07
C VAL A 140 12.94 -2.05 7.43
N HIS A 141 13.44 -2.98 8.23
CA HIS A 141 14.34 -4.00 7.72
C HIS A 141 13.68 -4.81 6.62
N TYR A 142 12.40 -5.13 6.82
CA TYR A 142 11.65 -5.86 5.81
C TYR A 142 11.83 -5.22 4.43
N LEU A 143 11.76 -3.89 4.40
CA LEU A 143 11.94 -3.17 3.14
C LEU A 143 13.40 -3.20 2.72
N LYS A 144 14.29 -2.91 3.66
CA LYS A 144 15.72 -2.95 3.37
C LYS A 144 16.13 -4.32 2.85
N SER A 145 15.61 -5.37 3.48
CA SER A 145 15.87 -6.73 3.02
C SER A 145 15.26 -6.96 1.64
N MET A 146 14.33 -6.08 1.25
CA MET A 146 13.69 -6.19 -0.04
C MET A 146 14.39 -5.29 -1.06
N GLY A 147 15.39 -4.55 -0.60
CA GLY A 147 16.13 -3.64 -1.46
C GLY A 147 15.34 -2.35 -1.70
N VAL A 148 14.46 -2.04 -0.77
CA VAL A 148 13.64 -0.83 -0.89
C VAL A 148 14.00 0.17 0.20
N ALA A 149 13.98 1.46 -0.15
CA ALA A 149 14.32 2.51 0.80
C ALA A 149 13.13 3.42 1.03
N SER A 150 12.47 3.81 -0.06
CA SER A 150 11.31 4.68 0.02
C SER A 150 10.17 4.12 -0.81
N SER A 151 9.05 3.80 -0.16
CA SER A 151 7.91 3.24 -0.86
C SER A 151 6.63 4.00 -0.52
N LEU A 152 5.78 4.19 -1.51
CA LEU A 152 4.50 4.86 -1.31
C LEU A 152 3.38 3.82 -1.19
N VAL A 153 2.52 4.02 -0.19
CA VAL A 153 1.43 3.08 0.04
C VAL A 153 0.08 3.73 -0.24
N VAL A 154 -0.72 3.08 -1.09
CA VAL A 154 -2.04 3.58 -1.42
C VAL A 154 -3.06 2.46 -1.32
N PRO A 155 -4.02 2.60 -0.44
CA PRO A 155 -5.04 1.55 -0.18
C PRO A 155 -6.12 1.49 -1.25
N LEU A 156 -6.76 0.32 -1.37
CA LEU A 156 -7.86 0.15 -2.31
C LEU A 156 -9.13 -0.26 -1.58
N MET A 157 -10.12 0.64 -1.56
CA MET A 157 -11.34 0.39 -0.80
C MET A 157 -12.56 0.72 -1.64
N HIS A 158 -13.70 0.12 -1.27
CA HIS A 158 -14.95 0.40 -1.96
C HIS A 158 -16.08 0.60 -0.96
N HIS A 159 -16.75 1.75 -1.04
CA HIS A 159 -17.82 2.08 -0.11
C HIS A 159 -17.25 2.35 1.28
N GLN A 160 -17.52 1.46 2.21
CA GLN A 160 -17.06 1.64 3.59
C GLN A 160 -16.12 0.51 4.00
N GLU A 161 -15.96 -0.46 3.10
CA GLU A 161 -15.13 -1.62 3.40
C GLU A 161 -13.81 -1.56 2.64
N LEU A 162 -12.83 -2.34 3.09
CA LEU A 162 -11.54 -2.40 2.42
C LEU A 162 -11.37 -3.73 1.70
N TRP A 163 -11.00 -3.68 0.43
CA TRP A 163 -10.86 -4.89 -0.38
C TRP A 163 -9.39 -5.27 -0.52
N GLY A 164 -8.56 -4.28 -0.79
CA GLY A 164 -7.13 -4.53 -1.04
C GLY A 164 -6.30 -3.29 -0.79
N LEU A 165 -4.99 -3.39 -1.05
CA LEU A 165 -4.09 -2.27 -0.83
C LEU A 165 -3.03 -2.22 -1.92
N LEU A 166 -2.71 -1.00 -2.37
CA LEU A 166 -1.69 -0.81 -3.41
C LEU A 166 -0.40 -0.28 -2.77
N VAL A 167 0.72 -0.57 -3.41
CA VAL A 167 2.01 -0.11 -2.89
C VAL A 167 3.07 -0.07 -4.00
N SER A 168 3.84 1.01 -4.02
CA SER A 168 4.90 1.16 -4.99
C SER A 168 6.25 1.25 -4.29
N HIS A 169 7.23 0.49 -4.79
CA HIS A 169 8.55 0.46 -4.16
C HIS A 169 9.58 1.18 -5.03
N HIS A 170 10.32 2.10 -4.41
CA HIS A 170 11.35 2.86 -5.12
C HIS A 170 12.69 2.70 -4.41
N ALA A 171 13.70 2.30 -5.18
CA ALA A 171 15.04 2.07 -4.61
C ALA A 171 15.81 3.39 -4.55
N GLU A 172 15.09 4.49 -4.33
CA GLU A 172 15.72 5.80 -4.27
C GLU A 172 14.81 6.80 -3.56
N PRO A 173 15.38 7.68 -2.79
CA PRO A 173 14.62 8.73 -2.06
C PRO A 173 13.51 9.34 -2.91
N ARG A 174 13.89 10.25 -3.80
CA ARG A 174 12.92 10.89 -4.68
C ARG A 174 11.60 11.11 -3.94
N PRO A 175 11.46 12.23 -3.28
CA PRO A 175 10.21 12.58 -2.54
C PRO A 175 8.98 12.54 -3.44
N TYR A 176 7.81 12.70 -2.84
CA TYR A 176 6.56 12.68 -3.59
C TYR A 176 5.95 14.06 -3.63
N SER A 177 5.34 14.41 -4.77
CA SER A 177 4.72 15.71 -4.92
C SER A 177 3.26 15.67 -4.44
N GLN A 178 2.77 16.81 -3.98
CA GLN A 178 1.39 16.89 -3.50
C GLN A 178 0.41 16.69 -4.64
N GLU A 179 0.84 17.01 -5.85
CA GLU A 179 -0.02 16.88 -7.02
C GLU A 179 -0.02 15.44 -7.51
N GLU A 180 1.17 14.88 -7.75
CA GLU A 180 1.29 13.51 -8.23
C GLU A 180 0.78 12.53 -7.19
N LEU A 181 0.71 12.99 -5.93
CA LEU A 181 0.26 12.13 -4.84
C LEU A 181 -1.26 11.94 -4.91
N GLN A 182 -1.97 13.05 -5.13
CA GLN A 182 -3.44 12.99 -5.18
C GLN A 182 -3.88 12.30 -6.47
N VAL A 183 -3.44 12.82 -7.60
CA VAL A 183 -3.82 12.26 -8.89
C VAL A 183 -3.66 10.74 -8.86
N VAL A 184 -2.59 10.28 -8.21
CA VAL A 184 -2.34 8.85 -8.09
C VAL A 184 -3.31 8.23 -7.10
N GLN A 185 -3.39 8.80 -5.90
CA GLN A 185 -4.31 8.31 -4.89
C GLN A 185 -5.68 8.10 -5.51
N LEU A 186 -6.01 8.90 -6.51
CA LEU A 186 -7.28 8.78 -7.21
C LEU A 186 -7.27 7.53 -8.08
N LEU A 187 -6.16 7.33 -8.80
CA LEU A 187 -6.04 6.16 -9.66
C LEU A 187 -6.37 4.90 -8.88
N ALA A 188 -5.82 4.80 -7.67
CA ALA A 188 -6.10 3.64 -6.81
C ALA A 188 -7.59 3.59 -6.50
N ASP A 189 -8.16 4.74 -6.14
CA ASP A 189 -9.59 4.82 -5.85
C ASP A 189 -10.39 4.34 -7.07
N GLN A 190 -9.89 4.70 -8.25
CA GLN A 190 -10.54 4.29 -9.50
C GLN A 190 -10.38 2.79 -9.69
N VAL A 191 -9.28 2.25 -9.19
CA VAL A 191 -9.01 0.82 -9.29
C VAL A 191 -9.87 0.05 -8.29
N SER A 192 -9.86 0.50 -7.04
CA SER A 192 -10.67 -0.13 -6.01
C SER A 192 -12.12 -0.23 -6.48
N ILE A 193 -12.51 0.67 -7.37
CA ILE A 193 -13.86 0.68 -7.90
C ILE A 193 -14.02 -0.44 -8.94
N ALA A 194 -12.95 -0.71 -9.66
CA ALA A 194 -12.99 -1.72 -10.70
C ALA A 194 -13.20 -3.10 -10.11
N ILE A 195 -12.51 -3.38 -9.01
CA ILE A 195 -12.63 -4.67 -8.35
C ILE A 195 -14.05 -4.86 -7.81
N ALA A 196 -14.68 -3.74 -7.45
CA ALA A 196 -16.06 -3.80 -6.95
C ALA A 196 -17.02 -4.08 -8.09
N GLN A 197 -16.89 -3.32 -9.18
CA GLN A 197 -17.76 -3.49 -10.32
C GLN A 197 -17.57 -4.87 -10.94
N ALA A 198 -16.31 -5.29 -11.04
CA ALA A 198 -15.98 -6.58 -11.61
C ALA A 198 -16.52 -7.71 -10.73
N GLU A 199 -16.55 -7.47 -9.42
CA GLU A 199 -17.01 -8.47 -8.47
C GLU A 199 -18.39 -8.97 -8.86
N LEU A 200 -19.27 -8.04 -9.23
CA LEU A 200 -20.62 -8.39 -9.63
C LEU A 200 -20.60 -9.55 -10.62
N SER A 201 -19.53 -9.63 -11.41
CA SER A 201 -19.40 -10.70 -12.40
C SER A 201 -19.61 -12.05 -11.76
N LEU A 202 -18.78 -12.37 -10.77
CA LEU A 202 -18.88 -13.65 -10.06
C LEU A 202 -20.19 -13.72 -9.28
CHA CYC B . 3.02 -1.74 8.67
NA CYC B . 3.63 -3.34 6.88
C1A CYC B . 3.07 -2.24 7.36
C2A CYC B . 2.50 -1.55 6.28
C3A CYC B . 2.76 -2.33 5.15
C4A CYC B . 3.48 -3.47 5.57
CMA CYC B . 2.31 -1.93 3.74
CAA CYC B . 1.72 -0.22 6.32
CBA CYC B . 2.60 0.97 6.76
CGA CYC B . 3.39 1.57 5.59
O1A CYC B . 3.28 2.80 5.40
O2A CYC B . 4.09 0.78 4.92
CHB CYC B . 3.96 -4.54 4.81
NB CYC B . 4.37 -4.23 2.34
C1B CYC B . 3.95 -4.88 3.44
C2B CYC B . 3.41 -6.10 3.04
C3B CYC B . 3.52 -6.18 1.66
C4B CYC B . 4.12 -5.00 1.26
CMB CYC B . 2.79 -7.22 3.92
CAB CYC B . 3.09 -7.31 0.72
CBB CYC B . 2.49 -6.79 -0.58
OB CYC B . 4.39 -4.70 0.10
NC CYC B . 3.82 -5.91 13.17
C1C CYC B . 3.89 -6.79 14.20
C2C CYC B . 5.33 -7.25 14.41
C3C CYC B . 6.09 -6.50 13.37
C4C CYC B . 5.04 -5.68 12.63
CMC CYC B . 5.82 -6.91 15.81
CAC CYC B . 6.94 -7.37 12.39
CBC CYC B . 7.94 -8.31 13.11
OC CYC B . 2.95 -7.18 14.87
CHD CYC B . 5.44 -4.85 11.58
ND CYC B . 4.30 -3.52 9.82
C1D CYC B . 4.70 -3.80 11.07
C2D CYC B . 4.22 -2.76 11.87
C3D CYC B . 3.52 -1.87 11.05
C4D CYC B . 3.60 -2.39 9.76
CMD CYC B . 4.42 -2.61 13.39
CAD CYC B . 2.83 -0.57 11.52
CBD CYC B . 3.78 0.63 11.64
CGD CYC B . 3.33 1.65 12.68
O1D CYC B . 3.30 1.28 13.88
O2D CYC B . 3.03 2.79 12.28
HHA CYC B . 2.53 -0.88 8.83
HMA1 CYC B . 1.57 -2.54 3.44
HMA2 CYC B . 1.96 -0.99 3.77
HMA3 CYC B . 3.08 -2.00 3.10
HAA1 CYC B . 0.95 -0.30 6.95
HAA2 CYC B . 1.38 -0.03 5.39
HBA1 CYC B . 3.23 0.66 7.46
HBA2 CYC B . 2.00 1.67 7.14
HHB CYC B . 4.39 -5.25 5.37
HB CYC B . 4.78 -3.33 2.31
HMB1 CYC B . 1.80 -7.17 3.88
HMB2 CYC B . 3.07 -8.11 3.56
HMB3 CYC B . 3.09 -7.12 4.86
HAB1 CYC B . 3.87 -7.89 0.52
HAB2 CYC B . 2.39 -7.87 1.19
HBB1 CYC B . 3.22 -6.47 -1.18
HBB2 CYC B . 1.99 -7.52 -1.04
HBB3 CYC B . 1.87 -6.03 -0.39
HC CYC B . 2.97 -5.47 12.84
H2C CYC B . 5.38 -8.23 14.25
H3C CYC B . 6.68 -5.87 13.88
HMC1 CYC B . 5.20 -7.28 16.49
HMC2 CYC B . 6.74 -7.32 15.94
HMC3 CYC B . 5.90 -5.91 15.92
HAC2 CYC B . 6.25 -7.92 11.91
HBC1 CYC B . 7.58 -9.23 13.12
HBC2 CYC B . 8.79 -8.31 12.59
HBC3 CYC B . 8.10 -7.98 14.03
HHD CYC B . 6.36 -5.01 11.19
HD CYC B . 4.50 -4.11 9.02
HMD1 CYC B . 3.62 -2.95 13.87
HMD2 CYC B . 5.22 -3.15 13.67
HMD3 CYC B . 4.56 -1.64 13.62
HAD1 CYC B . 2.40 -0.73 12.40
HAD2 CYC B . 2.11 -0.34 10.86
HBD1 CYC B . 3.85 1.07 10.75
HBD2 CYC B . 4.69 0.27 11.90
HNE CYC B . 4.12 -4.02 7.45
N LEU A 31 -11.45 -11.05 -12.36
CA LEU A 31 -10.78 -10.08 -11.50
C LEU A 31 -9.26 -10.26 -11.53
N ASP A 32 -8.83 -11.51 -11.36
CA ASP A 32 -7.41 -11.81 -11.37
C ASP A 32 -6.77 -11.31 -12.67
N GLN A 33 -7.53 -11.32 -13.75
CA GLN A 33 -7.02 -10.88 -15.03
C GLN A 33 -6.96 -9.35 -15.10
N ILE A 34 -8.06 -8.71 -14.72
CA ILE A 34 -8.11 -7.24 -14.73
C ILE A 34 -7.00 -6.66 -13.85
N LEU A 35 -6.92 -7.13 -12.61
CA LEU A 35 -5.93 -6.62 -11.68
C LEU A 35 -4.52 -6.78 -12.25
N ARG A 36 -4.34 -7.83 -13.04
CA ARG A 36 -3.03 -8.08 -13.65
C ARG A 36 -2.66 -6.96 -14.61
N ALA A 37 -3.64 -6.49 -15.38
CA ALA A 37 -3.40 -5.42 -16.34
C ALA A 37 -3.27 -4.07 -15.63
N THR A 38 -3.91 -3.96 -14.47
CA THR A 38 -3.89 -2.70 -13.72
C THR A 38 -2.48 -2.41 -13.23
N VAL A 39 -1.77 -3.45 -12.80
CA VAL A 39 -0.41 -3.29 -12.30
C VAL A 39 0.55 -2.93 -13.43
N GLU A 40 0.19 -3.32 -14.64
CA GLU A 40 1.03 -3.02 -15.80
C GLU A 40 0.98 -1.54 -16.14
N GLU A 41 -0.18 -0.93 -15.97
CA GLU A 41 -0.35 0.49 -16.24
C GLU A 41 0.20 1.33 -15.08
N VAL A 42 -0.06 0.87 -13.85
CA VAL A 42 0.39 1.59 -12.67
C VAL A 42 1.91 1.81 -12.72
N ARG A 43 2.66 0.72 -12.84
CA ARG A 43 4.11 0.81 -12.89
C ARG A 43 4.55 1.81 -13.97
N ALA A 44 3.92 1.73 -15.13
CA ALA A 44 4.24 2.63 -16.23
C ALA A 44 4.08 4.09 -15.80
N PHE A 45 2.94 4.39 -15.21
CA PHE A 45 2.65 5.76 -14.80
C PHE A 45 3.66 6.23 -13.74
N LEU A 46 3.96 5.36 -12.79
CA LEU A 46 4.86 5.71 -11.71
C LEU A 46 6.29 5.27 -12.04
N GLY A 47 6.42 4.44 -13.07
CA GLY A 47 7.73 3.95 -13.48
C GLY A 47 8.48 3.37 -12.30
N THR A 48 7.74 2.90 -11.30
CA THR A 48 8.36 2.31 -10.11
C THR A 48 8.90 0.92 -10.43
N ASP A 49 10.07 0.62 -9.88
CA ASP A 49 10.73 -0.67 -10.15
C ASP A 49 9.75 -1.82 -9.90
N ARG A 50 9.02 -1.73 -8.80
CA ARG A 50 8.13 -2.82 -8.41
C ARG A 50 6.85 -2.27 -7.77
N VAL A 51 5.71 -2.76 -8.24
CA VAL A 51 4.43 -2.38 -7.67
C VAL A 51 3.43 -3.52 -7.81
N LYS A 52 2.71 -3.81 -6.73
CA LYS A 52 1.77 -4.93 -6.74
C LYS A 52 0.47 -4.56 -6.02
N VAL A 53 -0.59 -5.28 -6.38
CA VAL A 53 -1.88 -5.08 -5.72
C VAL A 53 -2.09 -6.13 -4.65
N TYR A 54 -2.64 -5.73 -3.51
CA TYR A 54 -2.84 -6.67 -2.41
C TYR A 54 -4.32 -6.77 -2.04
N ARG A 55 -4.86 -7.99 -2.14
CA ARG A 55 -6.26 -8.23 -1.82
C ARG A 55 -6.36 -8.84 -0.42
N PHE A 56 -7.39 -8.43 0.32
CA PHE A 56 -7.58 -8.95 1.68
C PHE A 56 -8.64 -10.03 1.70
N ASP A 57 -8.31 -11.18 2.29
CA ASP A 57 -9.25 -12.28 2.40
C ASP A 57 -9.98 -12.23 3.74
N PRO A 58 -11.15 -12.81 3.80
CA PRO A 58 -11.98 -12.84 5.04
C PRO A 58 -11.13 -13.01 6.30
N GLU A 59 -10.30 -14.05 6.30
CA GLU A 59 -9.46 -14.33 7.46
C GLU A 59 -8.37 -13.28 7.61
N GLY A 60 -8.19 -12.47 6.57
CA GLY A 60 -7.19 -11.41 6.61
C GLY A 60 -5.95 -11.81 5.83
N HIS A 61 -5.92 -13.04 5.34
CA HIS A 61 -4.79 -13.53 4.57
C HIS A 61 -4.90 -13.07 3.12
N GLY A 62 -4.14 -12.05 2.77
CA GLY A 62 -4.17 -11.50 1.41
C GLY A 62 -3.19 -12.23 0.51
N THR A 63 -3.30 -11.98 -0.79
CA THR A 63 -2.43 -12.63 -1.77
C THR A 63 -2.02 -11.64 -2.85
N VAL A 64 -0.96 -11.98 -3.58
CA VAL A 64 -0.50 -11.13 -4.68
C VAL A 64 -1.16 -11.54 -5.98
N VAL A 65 -2.09 -10.71 -6.46
CA VAL A 65 -2.80 -11.01 -7.69
C VAL A 65 -2.30 -10.13 -8.83
N ALA A 66 -1.38 -9.23 -8.51
CA ALA A 66 -0.83 -8.32 -9.52
C ALA A 66 0.55 -7.83 -9.08
N GLU A 67 1.54 -8.01 -9.96
CA GLU A 67 2.90 -7.60 -9.66
C GLU A 67 3.70 -7.39 -10.94
N ALA A 68 4.53 -6.36 -10.96
CA ALA A 68 5.37 -6.10 -12.13
C ALA A 68 6.80 -5.78 -11.69
N ARG A 69 7.76 -6.33 -12.42
CA ARG A 69 9.16 -6.14 -12.07
C ARG A 69 9.93 -5.56 -13.27
N GLY A 70 10.89 -4.69 -12.97
CA GLY A 70 11.69 -4.07 -14.01
C GLY A 70 13.08 -4.69 -14.07
N GLY A 71 13.60 -4.87 -15.28
CA GLY A 71 14.93 -5.45 -15.46
C GLY A 71 15.14 -6.61 -14.48
N GLU A 72 14.07 -7.35 -14.20
CA GLU A 72 14.15 -8.48 -13.28
C GLU A 72 15.00 -8.11 -12.06
N ARG A 73 15.17 -6.81 -11.83
CA ARG A 73 15.97 -6.36 -10.70
C ARG A 73 15.44 -6.93 -9.40
N LEU A 74 14.12 -6.91 -9.25
CA LEU A 74 13.49 -7.45 -8.04
C LEU A 74 12.78 -8.75 -8.34
N PRO A 75 13.08 -9.78 -7.60
CA PRO A 75 12.46 -11.12 -7.76
C PRO A 75 10.93 -11.04 -7.83
N SER A 76 10.31 -12.08 -8.38
CA SER A 76 8.86 -12.10 -8.51
C SER A 76 8.22 -12.77 -7.31
N LEU A 77 7.42 -12.00 -6.56
CA LEU A 77 6.72 -12.54 -5.41
C LEU A 77 5.27 -12.87 -5.76
N LEU A 78 4.96 -12.81 -7.05
CA LEU A 78 3.60 -13.06 -7.51
C LEU A 78 3.18 -14.49 -7.20
N GLY A 79 1.93 -14.67 -6.79
CA GLY A 79 1.40 -16.00 -6.52
C GLY A 79 1.69 -16.42 -5.09
N LEU A 80 2.46 -15.59 -4.38
CA LEU A 80 2.79 -15.87 -2.99
C LEU A 80 1.72 -15.31 -2.06
N THR A 81 1.49 -15.98 -0.95
CA THR A 81 0.49 -15.54 0.02
C THR A 81 1.16 -14.91 1.23
N PHE A 82 0.66 -13.75 1.64
CA PHE A 82 1.22 -13.06 2.80
C PHE A 82 0.31 -13.21 4.01
N PRO A 83 0.73 -13.99 4.98
CA PRO A 83 -0.07 -14.23 6.20
C PRO A 83 -0.64 -12.94 6.79
N ALA A 84 -1.82 -13.05 7.38
CA ALA A 84 -2.48 -11.89 7.98
C ALA A 84 -1.67 -11.36 9.17
N GLY A 85 -1.11 -12.27 9.94
CA GLY A 85 -0.32 -11.89 11.12
C GLY A 85 0.70 -10.82 10.75
N ASP A 86 1.00 -10.70 9.47
CA ASP A 86 1.97 -9.72 9.01
C ASP A 86 1.40 -8.31 9.16
N ILE A 87 0.08 -8.20 9.18
CA ILE A 87 -0.58 -6.90 9.32
C ILE A 87 -1.45 -6.88 10.58
N PRO A 88 -0.90 -6.39 11.66
CA PRO A 88 -1.63 -6.31 12.95
C PRO A 88 -3.09 -5.91 12.78
N GLU A 89 -3.43 -4.72 13.24
CA GLU A 89 -4.81 -4.23 13.13
C GLU A 89 -4.85 -2.71 13.23
N GLU A 90 -4.26 -2.18 14.30
CA GLU A 90 -4.24 -0.74 14.52
C GLU A 90 -3.82 -0.01 13.24
N ALA A 91 -2.77 -0.51 12.59
CA ALA A 91 -2.28 0.10 11.37
C ALA A 91 -3.27 -0.10 10.23
N ARG A 92 -4.01 -1.20 10.27
CA ARG A 92 -5.00 -1.50 9.24
C ARG A 92 -6.18 -0.54 9.34
N ARG A 93 -6.50 -0.12 10.56
CA ARG A 93 -7.61 0.81 10.77
C ARG A 93 -7.33 2.14 10.09
N LEU A 94 -6.08 2.59 10.16
CA LEU A 94 -5.70 3.85 9.54
C LEU A 94 -5.94 3.81 8.03
N PHE A 95 -5.75 2.64 7.44
CA PHE A 95 -5.97 2.47 6.01
C PHE A 95 -7.46 2.61 5.68
N ARG A 96 -8.31 2.20 6.62
CA ARG A 96 -9.75 2.26 6.40
C ARG A 96 -10.33 3.55 6.97
N LEU A 97 -9.61 4.16 7.92
CA LEU A 97 -10.12 5.32 8.62
C LEU A 97 -9.65 6.60 7.91
N ALA A 98 -8.35 6.67 7.62
CA ALA A 98 -7.78 7.87 7.03
C ALA A 98 -7.24 7.57 5.64
N GLN A 99 -7.13 6.28 5.32
CA GLN A 99 -6.61 5.86 4.02
C GLN A 99 -5.36 6.66 3.65
N VAL A 100 -4.35 6.60 4.51
CA VAL A 100 -3.12 7.33 4.26
C VAL A 100 -1.96 6.66 5.00
N ARG A 101 -0.95 6.24 4.23
CA ARG A 101 0.23 5.62 4.83
C ARG A 101 1.38 5.60 3.82
N VAL A 102 2.54 6.08 4.25
CA VAL A 102 3.71 6.09 3.38
C VAL A 102 4.99 5.92 4.20
N ILE A 103 6.01 5.34 3.59
CA ILE A 103 7.28 5.14 4.27
C ILE A 103 8.36 6.05 3.70
N VAL A 104 9.02 6.80 4.57
CA VAL A 104 10.04 7.74 4.14
C VAL A 104 11.38 7.04 3.98
N ASP A 105 12.36 7.75 3.43
CA ASP A 105 13.68 7.18 3.20
C ASP A 105 14.20 6.51 4.47
N VAL A 106 14.35 5.19 4.42
CA VAL A 106 14.84 4.44 5.56
C VAL A 106 16.10 5.09 6.13
N GLU A 107 16.68 6.02 5.36
CA GLU A 107 17.87 6.72 5.80
C GLU A 107 17.50 7.81 6.81
N ALA A 108 16.35 8.44 6.60
CA ALA A 108 15.89 9.49 7.50
C ALA A 108 15.67 8.92 8.91
N GLN A 109 15.55 7.60 9.00
CA GLN A 109 15.35 6.95 10.28
C GLN A 109 14.12 7.53 11.00
N SER A 110 12.96 7.31 10.43
CA SER A 110 11.71 7.74 11.06
C SER A 110 11.10 6.58 11.85
N ARG A 111 10.86 6.82 13.15
CA ARG A 111 10.35 5.78 14.02
C ARG A 111 8.92 6.07 14.45
N SER A 112 8.10 5.02 14.49
CA SER A 112 6.72 5.15 14.93
C SER A 112 6.45 4.19 16.10
N ILE A 113 5.44 4.51 16.90
CA ILE A 113 5.13 3.68 18.05
C ILE A 113 3.67 3.86 18.48
N SER A 114 3.18 2.93 19.28
CA SER A 114 1.80 3.01 19.79
C SER A 114 1.70 4.07 20.87
N GLN A 115 0.47 4.31 21.33
CA GLN A 115 0.25 5.31 22.38
C GLN A 115 -1.15 5.16 22.97
N PRO A 116 -1.38 4.08 23.67
CA PRO A 116 -2.70 3.81 24.31
C PRO A 116 -3.19 4.99 25.14
N GLU A 117 -2.26 5.73 25.72
CA GLU A 117 -2.61 6.89 26.54
C GLU A 117 -3.41 7.89 25.73
N SER A 118 -3.07 8.02 24.45
CA SER A 118 -3.78 8.95 23.57
C SER A 118 -4.57 8.20 22.50
N TRP A 119 -5.82 8.58 22.33
CA TRP A 119 -6.67 7.94 21.33
C TRP A 119 -7.88 8.81 21.02
N GLY A 120 -8.26 8.85 19.75
CA GLY A 120 -9.41 9.65 19.33
C GLY A 120 -9.29 10.05 17.86
N LEU A 121 -8.99 9.08 17.01
CA LEU A 121 -8.85 9.33 15.58
C LEU A 121 -10.20 9.24 14.89
N SER A 122 -10.45 10.15 13.95
CA SER A 122 -11.71 10.17 13.21
C SER A 122 -11.47 10.45 11.73
N ALA A 123 -12.16 9.71 10.88
CA ALA A 123 -12.02 9.88 9.44
C ALA A 123 -12.63 11.21 9.00
N ARG A 124 -13.59 11.70 9.79
CA ARG A 124 -14.25 12.95 9.45
C ARG A 124 -13.24 14.09 9.36
N VAL A 125 -12.12 13.94 10.05
CA VAL A 125 -11.08 14.96 10.04
C VAL A 125 -10.00 14.61 9.02
N PRO A 126 -9.93 15.35 7.95
CA PRO A 126 -8.93 15.12 6.87
C PRO A 126 -7.51 14.97 7.42
N LEU A 127 -6.64 14.36 6.64
CA LEU A 127 -5.26 14.16 7.05
C LEU A 127 -5.20 13.60 8.47
N GLY A 128 -4.88 14.47 9.43
CA GLY A 128 -4.77 14.05 10.82
C GLY A 128 -3.34 13.70 11.18
N GLU A 129 -2.53 13.40 10.15
CA GLU A 129 -1.14 13.05 10.38
C GLU A 129 -0.24 13.81 9.40
N PRO A 130 1.02 13.92 9.72
CA PRO A 130 2.03 14.62 8.87
C PRO A 130 2.07 14.05 7.45
N LEU A 131 2.65 14.82 6.53
CA LEU A 131 2.72 14.39 5.13
C LEU A 131 3.37 13.02 5.04
N GLN A 132 3.81 12.50 6.18
CA GLN A 132 4.47 11.20 6.20
C GLN A 132 3.93 10.35 7.34
N ARG A 133 4.23 9.05 7.31
CA ARG A 133 3.76 8.14 8.34
C ARG A 133 4.87 7.21 8.78
N PRO A 134 5.70 7.65 9.69
CA PRO A 134 6.83 6.83 10.24
C PRO A 134 6.41 5.42 10.61
N VAL A 135 7.28 4.45 10.34
CA VAL A 135 6.99 3.07 10.67
C VAL A 135 8.06 2.50 11.59
N ASP A 136 7.63 1.88 12.68
CA ASP A 136 8.56 1.29 13.64
C ASP A 136 9.71 0.61 12.93
N PRO A 137 10.81 0.45 13.62
CA PRO A 137 12.04 -0.17 13.04
C PRO A 137 11.76 -1.57 12.48
N CYS A 138 10.79 -2.25 13.07
CA CYS A 138 10.46 -3.61 12.65
C CYS A 138 10.00 -3.62 11.21
N HIS A 139 9.39 -2.52 10.77
CA HIS A 139 8.96 -2.39 9.39
C HIS A 139 10.10 -1.84 8.54
N VAL A 140 10.96 -1.06 9.16
CA VAL A 140 12.11 -0.47 8.46
C VAL A 140 12.98 -1.58 7.87
N HIS A 141 13.34 -2.54 8.72
CA HIS A 141 14.17 -3.66 8.27
C HIS A 141 13.43 -4.49 7.23
N TYR A 142 12.17 -4.80 7.51
CA TYR A 142 11.35 -5.56 6.57
C TYR A 142 11.51 -5.01 5.16
N LEU A 143 11.48 -3.69 5.04
CA LEU A 143 11.62 -3.05 3.74
C LEU A 143 13.08 -3.09 3.28
N LYS A 144 14.00 -2.78 4.20
CA LYS A 144 15.42 -2.84 3.89
C LYS A 144 15.81 -4.23 3.41
N SER A 145 15.33 -5.25 4.12
CA SER A 145 15.59 -6.63 3.71
C SER A 145 14.97 -6.91 2.34
N MET A 146 14.08 -6.03 1.91
CA MET A 146 13.42 -6.20 0.62
C MET A 146 14.11 -5.34 -0.43
N GLY A 147 15.15 -4.63 -0.02
CA GLY A 147 15.90 -3.78 -0.94
C GLY A 147 15.14 -2.48 -1.22
N VAL A 148 14.25 -2.12 -0.29
CA VAL A 148 13.45 -0.91 -0.46
C VAL A 148 13.94 0.17 0.50
N ALA A 149 13.95 1.42 0.02
CA ALA A 149 14.39 2.54 0.84
C ALA A 149 13.23 3.49 1.09
N SER A 150 12.35 3.60 0.10
CA SER A 150 11.20 4.48 0.20
C SER A 150 10.05 3.96 -0.65
N SER A 151 8.93 3.64 -0.02
CA SER A 151 7.78 3.11 -0.74
C SER A 151 6.52 3.92 -0.43
N LEU A 152 5.70 4.13 -1.45
CA LEU A 152 4.45 4.86 -1.27
C LEU A 152 3.27 3.88 -1.28
N VAL A 153 2.39 4.02 -0.29
CA VAL A 153 1.23 3.13 -0.19
C VAL A 153 -0.07 3.89 -0.42
N VAL A 154 -0.88 3.37 -1.34
CA VAL A 154 -2.17 4.00 -1.64
C VAL A 154 -3.28 2.97 -1.51
N PRO A 155 -3.93 2.94 -0.38
CA PRO A 155 -4.99 1.94 -0.08
C PRO A 155 -6.05 1.83 -1.18
N LEU A 156 -6.59 0.63 -1.35
CA LEU A 156 -7.65 0.40 -2.33
C LEU A 156 -8.94 -0.01 -1.64
N MET A 157 -9.94 0.86 -1.68
CA MET A 157 -11.19 0.61 -0.96
C MET A 157 -12.39 1.00 -1.82
N HIS A 158 -13.56 0.50 -1.44
CA HIS A 158 -14.80 0.85 -2.13
C HIS A 158 -15.95 0.97 -1.15
N HIS A 159 -16.59 2.13 -1.11
CA HIS A 159 -17.67 2.37 -0.18
C HIS A 159 -17.13 2.61 1.22
N GLN A 160 -17.41 1.69 2.14
CA GLN A 160 -16.96 1.82 3.51
C GLN A 160 -16.03 0.68 3.87
N GLU A 161 -15.91 -0.29 2.98
CA GLU A 161 -15.10 -1.48 3.23
C GLU A 161 -13.78 -1.41 2.48
N LEU A 162 -12.79 -2.17 2.94
CA LEU A 162 -11.50 -2.22 2.28
C LEU A 162 -11.33 -3.55 1.55
N TRP A 163 -10.95 -3.47 0.27
CA TRP A 163 -10.82 -4.67 -0.55
C TRP A 163 -9.36 -5.09 -0.66
N GLY A 164 -8.48 -4.11 -0.90
CA GLY A 164 -7.07 -4.40 -1.10
C GLY A 164 -6.21 -3.18 -0.83
N LEU A 165 -4.90 -3.32 -1.03
CA LEU A 165 -3.97 -2.22 -0.78
C LEU A 165 -2.94 -2.12 -1.90
N LEU A 166 -2.67 -0.90 -2.33
CA LEU A 166 -1.68 -0.66 -3.38
C LEU A 166 -0.36 -0.19 -2.75
N VAL A 167 0.75 -0.52 -3.40
CA VAL A 167 2.06 -0.15 -2.87
C VAL A 167 3.12 -0.16 -3.97
N SER A 168 3.95 0.88 -3.98
CA SER A 168 5.03 0.98 -4.96
C SER A 168 6.38 1.00 -4.24
N HIS A 169 7.35 0.27 -4.79
CA HIS A 169 8.66 0.17 -4.17
C HIS A 169 9.71 0.93 -4.99
N HIS A 170 10.44 1.81 -4.32
CA HIS A 170 11.50 2.57 -4.99
C HIS A 170 12.84 2.36 -4.28
N ALA A 171 13.84 1.93 -5.03
CA ALA A 171 15.16 1.67 -4.45
C ALA A 171 15.81 2.99 -4.03
N GLU A 172 15.35 4.09 -4.61
CA GLU A 172 15.90 5.40 -4.29
C GLU A 172 14.79 6.36 -3.90
N PRO A 173 15.13 7.40 -3.18
CA PRO A 173 14.15 8.43 -2.73
C PRO A 173 13.43 9.10 -3.89
N ARG A 174 12.14 9.35 -3.72
CA ARG A 174 11.35 9.98 -4.78
C ARG A 174 10.09 10.60 -4.20
N PRO A 175 10.19 11.81 -3.69
CA PRO A 175 9.04 12.54 -3.10
C PRO A 175 7.86 12.64 -4.07
N TYR A 176 6.67 12.83 -3.51
CA TYR A 176 5.47 12.93 -4.34
C TYR A 176 4.94 14.37 -4.34
N SER A 177 4.39 14.80 -5.46
CA SER A 177 3.85 16.14 -5.58
C SER A 177 2.32 16.11 -5.51
N GLN A 178 1.73 17.24 -5.12
CA GLN A 178 0.27 17.33 -5.02
C GLN A 178 -0.38 16.90 -6.33
N GLU A 179 0.17 17.38 -7.44
CA GLU A 179 -0.37 17.05 -8.75
C GLU A 179 -0.17 15.57 -9.04
N GLU A 180 1.02 15.07 -8.74
CA GLU A 180 1.33 13.66 -8.97
C GLU A 180 0.63 12.78 -7.94
N LEU A 181 0.03 13.42 -6.94
CA LEU A 181 -0.66 12.69 -5.89
C LEU A 181 -2.07 12.31 -6.33
N GLN A 182 -2.75 13.25 -6.98
CA GLN A 182 -4.11 13.02 -7.43
C GLN A 182 -4.14 11.93 -8.50
N VAL A 183 -3.29 12.09 -9.51
CA VAL A 183 -3.25 11.12 -10.60
C VAL A 183 -3.20 9.70 -10.04
N VAL A 184 -2.25 9.45 -9.15
CA VAL A 184 -2.10 8.13 -8.56
C VAL A 184 -3.18 7.89 -7.51
N GLN A 185 -3.27 8.81 -6.55
CA GLN A 185 -4.28 8.70 -5.50
C GLN A 185 -5.65 8.44 -6.12
N LEU A 186 -5.91 9.10 -7.24
CA LEU A 186 -7.17 8.93 -7.95
C LEU A 186 -7.18 7.59 -8.68
N LEU A 187 -6.07 7.29 -9.34
CA LEU A 187 -5.96 6.03 -10.08
C LEU A 187 -6.30 4.87 -9.17
N ALA A 188 -5.74 4.87 -7.97
CA ALA A 188 -6.01 3.82 -7.00
C ALA A 188 -7.50 3.81 -6.65
N ASP A 189 -8.04 4.99 -6.39
CA ASP A 189 -9.46 5.11 -6.09
C ASP A 189 -10.29 4.61 -7.25
N GLN A 190 -9.81 4.88 -8.47
CA GLN A 190 -10.48 4.43 -9.67
C GLN A 190 -10.35 2.91 -9.80
N VAL A 191 -9.24 2.38 -9.30
CA VAL A 191 -9.00 0.95 -9.36
C VAL A 191 -9.86 0.24 -8.31
N SER A 192 -9.78 0.72 -7.07
CA SER A 192 -10.58 0.14 -6.00
C SER A 192 -12.05 0.11 -6.39
N ILE A 193 -12.45 1.09 -7.19
CA ILE A 193 -13.83 1.17 -7.65
C ILE A 193 -14.13 0.04 -8.63
N ALA A 194 -13.12 -0.32 -9.42
CA ALA A 194 -13.26 -1.40 -10.38
C ALA A 194 -13.46 -2.74 -9.66
N ILE A 195 -12.74 -2.91 -8.56
CA ILE A 195 -12.86 -4.13 -7.77
C ILE A 195 -14.31 -4.37 -7.38
N ALA A 196 -14.93 -3.35 -6.77
CA ALA A 196 -16.31 -3.46 -6.33
C ALA A 196 -17.23 -3.69 -7.53
N GLN A 197 -17.03 -2.88 -8.58
CA GLN A 197 -17.84 -3.01 -9.78
C GLN A 197 -17.69 -4.38 -10.39
N ALA A 198 -16.44 -4.84 -10.51
CA ALA A 198 -16.16 -6.15 -11.10
C ALA A 198 -16.69 -7.25 -10.18
N GLU A 199 -16.66 -6.99 -8.88
CA GLU A 199 -17.10 -7.99 -7.91
C GLU A 199 -18.50 -8.48 -8.25
N LEU A 200 -19.37 -7.56 -8.65
CA LEU A 200 -20.73 -7.91 -9.01
C LEU A 200 -20.74 -9.10 -9.97
N SER A 201 -19.76 -9.14 -10.85
CA SER A 201 -19.66 -10.24 -11.82
C SER A 201 -19.76 -11.58 -11.11
N LEU A 202 -18.84 -11.84 -10.19
CA LEU A 202 -18.83 -13.09 -9.44
C LEU A 202 -20.09 -13.19 -8.58
CHA CYC B . 2.52 -2.84 7.92
NA CYC B . 3.65 -3.80 5.95
C1A CYC B . 2.73 -3.08 6.56
C2A CYC B . 1.91 -2.52 5.58
C3A CYC B . 2.42 -2.95 4.36
C4A CYC B . 3.53 -3.78 4.62
CMA CYC B . 1.82 -2.54 3.00
CAA CYC B . 0.68 -1.59 5.78
CBA CYC B . -0.52 -2.32 6.36
CGA CYC B . -1.47 -1.38 7.11
O1A CYC B . -2.63 -1.25 6.67
O2A CYC B . -1.01 -0.81 8.13
CHB CYC B . 4.37 -4.46 3.72
NB CYC B . 4.63 -4.31 1.23
C1B CYC B . 4.26 -4.88 2.39
C2B CYC B . 3.68 -6.12 2.10
C3B CYC B . 3.71 -6.27 0.72
C4B CYC B . 4.31 -5.13 0.21
CMB CYC B . 3.10 -7.16 3.08
CAB CYC B . 3.20 -7.45 -0.11
CBB CYC B . 2.58 -7.00 -1.44
OB CYC B . 4.51 -4.91 -0.97
NC CYC B . 5.73 -7.74 10.54
C1C CYC B . 5.58 -8.67 11.52
C2C CYC B . 5.63 -7.99 12.89
C3C CYC B . 6.03 -6.58 12.56
C4C CYC B . 5.91 -6.49 11.05
CMC CYC B . 4.29 -8.07 13.61
CAC CYC B . 7.43 -6.14 13.06
CBC CYC B . 7.62 -6.22 14.59
OC CYC B . 5.41 -9.86 11.35
CHD CYC B . 5.99 -5.24 10.43
ND CYC B . 4.40 -4.17 8.84
C1D CYC B . 4.89 -4.47 10.05
C2D CYC B . 4.07 -3.82 10.98
C3D CYC B . 3.09 -3.13 10.28
C4D CYC B . 3.32 -3.39 8.93
CMD CYC B . 4.23 -3.84 12.51
CAD CYC B . 1.96 -2.27 10.92
CBD CYC B . 2.44 -0.89 11.36
CGD CYC B . 2.31 -0.68 12.88
O1D CYC B . 2.92 -1.47 13.63
O2D CYC B . 1.60 0.28 13.26
HHA CYC B . 1.76 -2.26 8.20
HMA1 CYC B . 1.53 -1.59 3.04
HMA2 CYC B . 2.53 -2.64 2.30
HMA3 CYC B . 1.04 -3.13 2.79
HAA1 CYC B . 0.44 -1.18 4.90
HAA2 CYC B . 0.95 -0.86 6.41
HBA1 CYC B . -0.22 -3.04 6.97
HBA2 CYC B . -1.03 -2.74 5.60
HHB CYC B . 5.23 -4.74 4.15
HB CYC B . 5.05 -3.41 1.13
HMB1 CYC B . 3.26 -8.08 2.72
HMB2 CYC B . 3.56 -7.07 3.97
HMB3 CYC B . 2.11 -7.01 3.19
HAB1 CYC B . 3.96 -8.06 -0.31
HAB2 CYC B . 2.51 -7.95 0.41
HBB1 CYC B . 3.29 -6.62 -2.02
HBB2 CYC B . 2.15 -7.79 -1.88
HBB3 CYC B . 1.89 -6.30 -1.25
HC CYC B . 5.71 -7.94 9.55
H2C CYC B . 6.35 -8.43 13.44
H3C CYC B . 5.33 -5.99 12.98
HMC1 CYC B . 3.57 -7.74 13.02
HMC2 CYC B . 4.10 -9.04 13.84
HMC3 CYC B . 4.32 -7.53 14.45
HAC2 CYC B . 8.06 -6.79 12.61
HBC1 CYC B . 6.87 -6.73 14.98
HBC2 CYC B . 8.47 -6.69 14.78
HBC3 CYC B . 7.65 -5.29 14.97
HHD CYC B . 6.90 -4.86 10.29
HD CYC B . 4.78 -4.52 7.97
HMD1 CYC B . 4.98 -4.46 12.77
HMD2 CYC B . 4.47 -2.92 12.83
HMD3 CYC B . 3.38 -4.15 12.94
HAD1 CYC B . 1.59 -2.76 11.70
HAD2 CYC B . 1.24 -2.16 10.23
HBD1 CYC B . 1.91 -0.20 10.89
HBD2 CYC B . 3.41 -0.80 11.11
HNE CYC B . 4.37 -4.32 6.42
N LEU A 31 -11.32 -10.95 -12.75
CA LEU A 31 -10.69 -9.98 -11.86
C LEU A 31 -9.19 -10.19 -11.81
N ASP A 32 -8.78 -11.44 -11.60
CA ASP A 32 -7.36 -11.76 -11.55
C ASP A 32 -6.64 -11.26 -12.79
N GLN A 33 -7.34 -11.25 -13.92
CA GLN A 33 -6.77 -10.79 -15.18
C GLN A 33 -6.70 -9.27 -15.21
N ILE A 34 -7.80 -8.62 -14.88
CA ILE A 34 -7.85 -7.17 -14.86
C ILE A 34 -6.77 -6.60 -13.94
N LEU A 35 -6.75 -7.09 -12.70
CA LEU A 35 -5.79 -6.60 -11.71
C LEU A 35 -4.36 -6.75 -12.23
N ARG A 36 -4.13 -7.80 -13.01
CA ARG A 36 -2.81 -8.05 -13.56
C ARG A 36 -2.37 -6.91 -14.50
N ALA A 37 -3.31 -6.45 -15.32
CA ALA A 37 -3.00 -5.37 -16.26
C ALA A 37 -2.94 -4.04 -15.54
N THR A 38 -3.63 -3.93 -14.41
CA THR A 38 -3.65 -2.69 -13.65
C THR A 38 -2.30 -2.40 -13.03
N VAL A 39 -1.62 -3.46 -12.59
CA VAL A 39 -0.31 -3.31 -11.95
C VAL A 39 0.74 -2.86 -12.97
N GLU A 40 0.51 -3.22 -14.23
CA GLU A 40 1.46 -2.86 -15.29
C GLU A 40 1.28 -1.41 -15.70
N GLU A 41 0.05 -0.92 -15.64
CA GLU A 41 -0.25 0.46 -16.05
C GLU A 41 0.14 1.43 -14.95
N VAL A 42 -0.37 1.20 -13.74
CA VAL A 42 -0.12 2.11 -12.63
C VAL A 42 1.38 2.35 -12.45
N ARG A 43 2.14 1.26 -12.34
CA ARG A 43 3.58 1.36 -12.15
C ARG A 43 4.19 2.31 -13.18
N ALA A 44 3.74 2.20 -14.43
CA ALA A 44 4.25 3.06 -15.49
C ALA A 44 4.14 4.53 -15.09
N PHE A 45 3.01 4.89 -14.48
CA PHE A 45 2.79 6.27 -14.08
C PHE A 45 3.75 6.66 -12.95
N LEU A 46 4.05 5.70 -12.08
CA LEU A 46 4.95 5.96 -10.96
C LEU A 46 6.38 5.52 -11.31
N GLY A 47 6.50 4.79 -12.41
CA GLY A 47 7.82 4.31 -12.85
C GLY A 47 8.57 3.66 -11.71
N THR A 48 7.82 3.08 -10.77
CA THR A 48 8.43 2.41 -9.62
C THR A 48 8.96 1.03 -10.03
N ASP A 49 10.10 0.66 -9.47
CA ASP A 49 10.75 -0.60 -9.83
C ASP A 49 9.78 -1.76 -9.66
N ARG A 50 8.97 -1.71 -8.60
CA ARG A 50 8.06 -2.80 -8.30
C ARG A 50 6.75 -2.27 -7.73
N VAL A 51 5.63 -2.77 -8.26
CA VAL A 51 4.32 -2.41 -7.74
C VAL A 51 3.41 -3.63 -7.76
N LYS A 52 2.73 -3.89 -6.64
CA LYS A 52 1.87 -5.06 -6.54
C LYS A 52 0.54 -4.71 -5.87
N VAL A 53 -0.50 -5.46 -6.22
CA VAL A 53 -1.81 -5.27 -5.62
C VAL A 53 -2.01 -6.27 -4.49
N TYR A 54 -2.57 -5.82 -3.39
CA TYR A 54 -2.75 -6.69 -2.23
C TYR A 54 -4.23 -6.87 -1.90
N ARG A 55 -4.72 -8.11 -2.08
CA ARG A 55 -6.12 -8.41 -1.81
C ARG A 55 -6.28 -8.90 -0.37
N PHE A 56 -7.24 -8.34 0.35
CA PHE A 56 -7.47 -8.72 1.73
C PHE A 56 -8.60 -9.74 1.85
N ASP A 57 -8.32 -10.85 2.52
CA ASP A 57 -9.34 -11.89 2.72
C ASP A 57 -10.03 -11.70 4.06
N PRO A 58 -11.18 -12.29 4.21
CA PRO A 58 -12.01 -12.14 5.45
C PRO A 58 -11.33 -12.75 6.67
N GLU A 59 -10.42 -13.68 6.43
CA GLU A 59 -9.73 -14.37 7.51
C GLU A 59 -8.45 -13.61 7.89
N GLY A 60 -8.12 -12.60 7.10
CA GLY A 60 -6.93 -11.80 7.37
C GLY A 60 -5.80 -12.15 6.40
N HIS A 61 -5.94 -13.30 5.73
CA HIS A 61 -4.94 -13.74 4.78
C HIS A 61 -5.00 -12.92 3.50
N GLY A 62 -3.84 -12.62 2.94
CA GLY A 62 -3.77 -11.83 1.71
C GLY A 62 -2.95 -12.54 0.65
N THR A 63 -3.30 -12.35 -0.62
CA THR A 63 -2.58 -12.98 -1.72
C THR A 63 -2.21 -11.94 -2.77
N VAL A 64 -1.12 -12.21 -3.48
CA VAL A 64 -0.67 -11.30 -4.54
C VAL A 64 -1.30 -11.68 -5.87
N VAL A 65 -2.21 -10.86 -6.37
CA VAL A 65 -2.90 -11.13 -7.61
C VAL A 65 -2.34 -10.26 -8.73
N ALA A 66 -1.43 -9.37 -8.36
CA ALA A 66 -0.81 -8.47 -9.35
C ALA A 66 0.55 -8.00 -8.87
N GLU A 67 1.57 -8.20 -9.70
CA GLU A 67 2.93 -7.80 -9.34
C GLU A 67 3.78 -7.62 -10.60
N ALA A 68 4.61 -6.58 -10.60
CA ALA A 68 5.49 -6.33 -11.73
C ALA A 68 6.91 -6.02 -11.24
N ARG A 69 7.91 -6.57 -11.94
CA ARG A 69 9.29 -6.38 -11.54
C ARG A 69 10.07 -5.66 -12.64
N GLY A 70 10.95 -4.76 -12.24
CA GLY A 70 11.76 -4.01 -13.20
C GLY A 70 13.15 -4.61 -13.33
N GLY A 71 13.62 -4.73 -14.56
CA GLY A 71 14.95 -5.30 -14.80
C GLY A 71 15.18 -6.51 -13.91
N GLU A 72 14.14 -7.29 -13.70
CA GLU A 72 14.24 -8.49 -12.86
C GLU A 72 15.08 -8.20 -11.62
N ARG A 73 15.22 -6.92 -11.28
CA ARG A 73 16.01 -6.52 -10.13
C ARG A 73 15.51 -7.22 -8.87
N LEU A 74 14.19 -7.23 -8.70
CA LEU A 74 13.59 -7.89 -7.54
C LEU A 74 12.89 -9.18 -7.94
N PRO A 75 12.91 -10.16 -7.08
CA PRO A 75 12.29 -11.48 -7.35
C PRO A 75 10.77 -11.39 -7.44
N SER A 76 10.15 -12.38 -8.09
CA SER A 76 8.70 -12.38 -8.25
C SER A 76 8.02 -13.00 -7.03
N LEU A 77 7.19 -12.21 -6.35
CA LEU A 77 6.47 -12.70 -5.18
C LEU A 77 5.05 -13.08 -5.56
N LEU A 78 4.74 -12.98 -6.84
CA LEU A 78 3.39 -13.28 -7.32
C LEU A 78 2.99 -14.70 -6.93
N GLY A 79 1.75 -14.85 -6.46
CA GLY A 79 1.24 -16.18 -6.13
C GLY A 79 1.57 -16.54 -4.69
N LEU A 80 2.40 -15.72 -4.06
CA LEU A 80 2.78 -15.95 -2.66
C LEU A 80 1.74 -15.36 -1.72
N THR A 81 1.52 -16.02 -0.60
CA THR A 81 0.55 -15.54 0.39
C THR A 81 1.28 -14.99 1.61
N PHE A 82 0.79 -13.87 2.13
CA PHE A 82 1.40 -13.24 3.30
C PHE A 82 0.54 -13.47 4.53
N PRO A 83 1.16 -13.70 5.66
CA PRO A 83 0.45 -13.92 6.94
C PRO A 83 -0.13 -12.63 7.50
N ALA A 84 -1.32 -12.73 8.10
CA ALA A 84 -1.99 -11.57 8.67
C ALA A 84 -1.25 -11.09 9.92
N GLY A 85 -0.71 -12.03 10.68
CA GLY A 85 0.01 -11.69 11.90
C GLY A 85 1.00 -10.56 11.65
N ASP A 86 1.31 -10.32 10.38
CA ASP A 86 2.24 -9.26 10.03
C ASP A 86 1.66 -7.89 10.41
N ILE A 87 0.34 -7.84 10.56
CA ILE A 87 -0.31 -6.59 10.93
C ILE A 87 -1.52 -6.87 11.82
N PRO A 88 -1.35 -6.70 13.10
CA PRO A 88 -2.42 -6.95 14.10
C PRO A 88 -3.79 -6.52 13.59
N GLU A 89 -4.09 -5.24 13.72
CA GLU A 89 -5.37 -4.70 13.26
C GLU A 89 -5.41 -3.19 13.41
N GLU A 90 -4.73 -2.68 14.43
CA GLU A 90 -4.71 -1.25 14.69
C GLU A 90 -4.20 -0.48 13.46
N ALA A 91 -3.12 -0.99 12.88
CA ALA A 91 -2.53 -0.34 11.71
C ALA A 91 -3.45 -0.47 10.49
N ARG A 92 -4.21 -1.56 10.44
CA ARG A 92 -5.13 -1.79 9.33
C ARG A 92 -6.29 -0.81 9.39
N ARG A 93 -6.68 -0.42 10.60
CA ARG A 93 -7.80 0.50 10.78
C ARG A 93 -7.46 1.86 10.20
N LEU A 94 -6.24 2.33 10.44
CA LEU A 94 -5.81 3.63 9.96
C LEU A 94 -5.91 3.70 8.45
N PHE A 95 -5.66 2.58 7.79
CA PHE A 95 -5.75 2.52 6.32
C PHE A 95 -7.22 2.55 5.89
N ARG A 96 -8.12 2.13 6.76
CA ARG A 96 -9.53 2.13 6.45
C ARG A 96 -10.16 3.48 6.79
N LEU A 97 -9.57 4.17 7.76
CA LEU A 97 -10.10 5.47 8.21
C LEU A 97 -9.25 6.60 7.65
N ALA A 98 -7.94 6.40 7.64
CA ALA A 98 -7.01 7.44 7.21
C ALA A 98 -6.65 7.27 5.74
N GLN A 99 -6.73 6.02 5.27
CA GLN A 99 -6.39 5.71 3.89
C GLN A 99 -5.17 6.52 3.43
N VAL A 100 -4.11 6.46 4.23
CA VAL A 100 -2.90 7.21 3.91
C VAL A 100 -1.71 6.66 4.69
N ARG A 101 -0.64 6.33 3.97
CA ARG A 101 0.57 5.85 4.61
C ARG A 101 1.70 5.72 3.60
N VAL A 102 2.86 6.28 3.93
CA VAL A 102 4.03 6.17 3.05
C VAL A 102 5.31 6.05 3.87
N ILE A 103 6.33 5.46 3.28
CA ILE A 103 7.59 5.25 3.97
C ILE A 103 8.67 6.18 3.43
N VAL A 104 9.35 6.88 4.33
CA VAL A 104 10.38 7.83 3.92
C VAL A 104 11.71 7.12 3.72
N ASP A 105 12.70 7.85 3.21
CA ASP A 105 14.01 7.28 2.95
C ASP A 105 14.50 6.50 4.17
N VAL A 106 14.70 5.20 4.01
CA VAL A 106 15.18 4.36 5.10
C VAL A 106 16.43 4.98 5.74
N GLU A 107 17.04 5.92 5.02
CA GLU A 107 18.23 6.60 5.54
C GLU A 107 17.84 7.59 6.64
N ALA A 108 16.70 8.25 6.45
CA ALA A 108 16.23 9.21 7.43
C ALA A 108 15.99 8.53 8.79
N GLN A 109 15.94 7.21 8.76
CA GLN A 109 15.75 6.44 10.00
C GLN A 109 14.50 6.93 10.73
N SER A 110 13.33 6.67 10.16
CA SER A 110 12.08 7.00 10.82
C SER A 110 11.58 5.82 11.64
N ARG A 111 11.39 6.04 12.93
CA ARG A 111 10.99 4.95 13.83
C ARG A 111 9.56 5.14 14.31
N SER A 112 8.81 4.04 14.36
CA SER A 112 7.43 4.08 14.85
C SER A 112 7.28 3.14 16.04
N ILE A 113 6.32 3.43 16.90
CA ILE A 113 6.11 2.60 18.08
C ILE A 113 4.66 2.70 18.57
N SER A 114 4.26 1.73 19.38
CA SER A 114 2.91 1.72 19.93
C SER A 114 2.80 2.71 21.08
N GLN A 115 1.58 2.95 21.54
CA GLN A 115 1.37 3.90 22.64
C GLN A 115 -0.03 3.71 23.22
N PRO A 116 -0.20 4.06 24.47
CA PRO A 116 -1.51 3.94 25.17
C PRO A 116 -2.55 4.92 24.62
N GLU A 117 -2.12 6.16 24.40
CA GLU A 117 -3.01 7.17 23.87
C GLU A 117 -2.73 7.42 22.39
N SER A 118 -3.78 7.37 21.57
CA SER A 118 -3.63 7.58 20.14
C SER A 118 -4.92 8.16 19.54
N TRP A 119 -4.81 8.76 18.37
CA TRP A 119 -5.97 9.34 17.70
C TRP A 119 -6.50 8.39 16.63
N GLY A 120 -7.73 8.63 16.20
CA GLY A 120 -8.35 7.79 15.18
C GLY A 120 -9.30 6.78 15.81
N LEU A 121 -9.60 6.99 17.08
CA LEU A 121 -10.51 6.09 17.80
C LEU A 121 -11.85 6.01 17.07
N SER A 122 -12.26 7.11 16.47
CA SER A 122 -13.53 7.14 15.73
C SER A 122 -13.30 6.92 14.25
N ALA A 123 -14.29 6.34 13.58
CA ALA A 123 -14.18 6.07 12.16
C ALA A 123 -13.93 7.37 11.38
N ARG A 124 -14.78 8.36 11.61
CA ARG A 124 -14.64 9.64 10.91
C ARG A 124 -14.23 9.41 9.46
N VAL A 125 -13.50 10.37 8.90
CA VAL A 125 -13.04 10.28 7.53
C VAL A 125 -11.61 10.79 7.40
N PRO A 126 -10.89 10.29 6.42
CA PRO A 126 -9.47 10.71 6.17
C PRO A 126 -9.29 12.22 6.23
N LEU A 127 -8.37 12.67 7.07
CA LEU A 127 -8.11 14.10 7.22
C LEU A 127 -7.10 14.36 8.33
N GLY A 128 -6.07 15.13 8.03
CA GLY A 128 -5.05 15.45 9.01
C GLY A 128 -4.01 14.34 9.10
N GLU A 129 -3.66 13.77 7.96
CA GLU A 129 -2.68 12.70 7.92
C GLU A 129 -1.36 13.21 7.32
N PRO A 130 -0.35 13.31 8.15
CA PRO A 130 0.99 13.83 7.72
C PRO A 130 1.46 13.21 6.41
N LEU A 131 2.28 13.95 5.67
CA LEU A 131 2.79 13.47 4.39
C LEU A 131 3.63 12.21 4.58
N GLN A 132 4.26 12.10 5.75
CA GLN A 132 5.08 10.95 6.06
C GLN A 132 4.73 10.37 7.43
N ARG A 133 4.51 9.06 7.47
CA ARG A 133 4.16 8.39 8.72
C ARG A 133 5.16 7.29 9.04
N PRO A 134 6.00 7.50 10.02
CA PRO A 134 7.01 6.51 10.46
C PRO A 134 6.43 5.10 10.61
N VAL A 135 7.23 4.10 10.27
CA VAL A 135 6.78 2.71 10.40
C VAL A 135 7.74 1.93 11.29
N ASP A 136 7.19 1.14 12.20
CA ASP A 136 8.00 0.35 13.11
C ASP A 136 9.20 -0.26 12.39
N PRO A 137 10.32 -0.30 13.04
CA PRO A 137 11.58 -0.84 12.45
C PRO A 137 11.33 -2.17 11.73
N CYS A 138 10.33 -2.91 12.19
CA CYS A 138 10.00 -4.20 11.58
C CYS A 138 9.69 -4.03 10.09
N HIS A 139 8.98 -2.96 9.76
CA HIS A 139 8.63 -2.69 8.38
C HIS A 139 9.79 -1.99 7.66
N VAL A 140 10.54 -1.19 8.42
CA VAL A 140 11.67 -0.47 7.85
C VAL A 140 12.67 -1.45 7.24
N HIS A 141 13.20 -2.35 8.06
CA HIS A 141 14.16 -3.34 7.59
C HIS A 141 13.52 -4.22 6.53
N TYR A 142 12.28 -4.64 6.77
CA TYR A 142 11.56 -5.46 5.81
C TYR A 142 11.71 -4.88 4.40
N LEU A 143 11.63 -3.57 4.30
CA LEU A 143 11.78 -2.90 3.01
C LEU A 143 13.25 -2.88 2.58
N LYS A 144 14.14 -2.60 3.55
CA LYS A 144 15.56 -2.63 3.27
C LYS A 144 15.99 -3.99 2.74
N SER A 145 15.50 -5.05 3.39
CA SER A 145 15.79 -6.40 2.94
C SER A 145 15.20 -6.65 1.56
N MET A 146 14.28 -5.77 1.15
CA MET A 146 13.66 -5.89 -0.16
C MET A 146 14.36 -4.99 -1.18
N GLY A 147 15.36 -4.25 -0.71
CA GLY A 147 16.10 -3.35 -1.58
C GLY A 147 15.31 -2.08 -1.85
N VAL A 148 14.36 -1.77 -0.98
CA VAL A 148 13.54 -0.58 -1.14
C VAL A 148 13.90 0.47 -0.10
N ALA A 149 13.89 1.74 -0.52
CA ALA A 149 14.24 2.83 0.38
C ALA A 149 13.02 3.69 0.66
N SER A 150 12.29 4.03 -0.40
CA SER A 150 11.11 4.87 -0.29
C SER A 150 9.96 4.27 -1.08
N SER A 151 8.86 3.98 -0.39
CA SER A 151 7.70 3.38 -1.05
C SER A 151 6.42 4.16 -0.71
N LEU A 152 5.59 4.36 -1.73
CA LEU A 152 4.32 5.04 -1.51
C LEU A 152 3.16 4.09 -1.77
N VAL A 153 2.21 4.04 -0.84
CA VAL A 153 1.08 3.13 -0.97
C VAL A 153 -0.23 3.89 -1.04
N VAL A 154 -1.15 3.40 -1.87
CA VAL A 154 -2.47 4.02 -2.00
C VAL A 154 -3.55 2.96 -1.87
N PRO A 155 -4.12 2.83 -0.70
CA PRO A 155 -5.13 1.77 -0.39
C PRO A 155 -6.24 1.69 -1.44
N LEU A 156 -6.80 0.50 -1.60
CA LEU A 156 -7.90 0.30 -2.53
C LEU A 156 -9.17 -0.11 -1.77
N MET A 157 -10.15 0.79 -1.72
CA MET A 157 -11.37 0.54 -0.95
C MET A 157 -12.60 0.98 -1.74
N HIS A 158 -13.74 0.38 -1.43
CA HIS A 158 -14.99 0.75 -2.06
C HIS A 158 -16.12 0.83 -1.03
N HIS A 159 -16.78 1.98 -0.97
CA HIS A 159 -17.83 2.20 0.02
C HIS A 159 -17.22 2.47 1.40
N GLN A 160 -17.53 1.60 2.36
CA GLN A 160 -17.02 1.78 3.71
C GLN A 160 -16.09 0.63 4.08
N GLU A 161 -15.92 -0.30 3.15
CA GLU A 161 -15.11 -1.49 3.41
C GLU A 161 -13.80 -1.43 2.63
N LEU A 162 -12.82 -2.22 3.06
CA LEU A 162 -11.54 -2.30 2.36
C LEU A 162 -11.41 -3.61 1.61
N TRP A 163 -11.07 -3.52 0.33
CA TRP A 163 -10.97 -4.72 -0.50
C TRP A 163 -9.51 -5.16 -0.65
N GLY A 164 -8.63 -4.19 -0.87
CA GLY A 164 -7.22 -4.50 -1.10
C GLY A 164 -6.34 -3.29 -0.79
N LEU A 165 -5.04 -3.44 -1.04
CA LEU A 165 -4.08 -2.36 -0.77
C LEU A 165 -3.05 -2.27 -1.89
N LEU A 166 -2.85 -1.06 -2.40
CA LEU A 166 -1.86 -0.83 -3.45
C LEU A 166 -0.55 -0.37 -2.84
N VAL A 167 0.57 -0.78 -3.43
CA VAL A 167 1.88 -0.44 -2.89
C VAL A 167 2.91 -0.31 -4.01
N SER A 168 3.64 0.81 -3.99
CA SER A 168 4.69 1.05 -4.97
C SER A 168 6.04 1.16 -4.28
N HIS A 169 7.03 0.44 -4.79
CA HIS A 169 8.35 0.43 -4.16
C HIS A 169 9.38 1.12 -5.06
N HIS A 170 10.19 1.98 -4.46
CA HIS A 170 11.24 2.67 -5.21
C HIS A 170 12.58 2.53 -4.47
N ALA A 171 13.61 2.13 -5.22
CA ALA A 171 14.93 1.96 -4.63
C ALA A 171 15.55 3.30 -4.27
N GLU A 172 15.13 4.34 -4.99
CA GLU A 172 15.67 5.68 -4.75
C GLU A 172 14.79 6.43 -3.75
N PRO A 173 15.36 7.34 -3.02
CA PRO A 173 14.62 8.17 -2.03
C PRO A 173 13.76 9.24 -2.68
N ARG A 174 13.57 9.11 -4.00
CA ARG A 174 12.77 10.09 -4.73
C ARG A 174 11.45 10.33 -4.02
N PRO A 175 11.14 11.57 -3.75
CA PRO A 175 9.87 11.96 -3.07
C PRO A 175 8.68 11.97 -4.04
N TYR A 176 7.49 12.13 -3.48
CA TYR A 176 6.29 12.18 -4.31
C TYR A 176 5.88 13.63 -4.57
N SER A 177 5.49 13.91 -5.81
CA SER A 177 5.09 15.26 -6.19
C SER A 177 3.60 15.47 -5.91
N GLN A 178 3.21 16.72 -5.68
CA GLN A 178 1.83 17.04 -5.39
C GLN A 178 0.94 16.67 -6.59
N GLU A 179 1.51 16.77 -7.78
CA GLU A 179 0.76 16.45 -8.99
C GLU A 179 0.51 14.96 -9.09
N GLU A 180 1.56 14.16 -8.91
CA GLU A 180 1.43 12.71 -8.97
C GLU A 180 0.70 12.19 -7.73
N LEU A 181 0.55 13.05 -6.73
CA LEU A 181 -0.13 12.67 -5.50
C LEU A 181 -1.61 12.39 -5.78
N GLN A 182 -2.34 13.43 -6.13
CA GLN A 182 -3.77 13.30 -6.38
C GLN A 182 -4.00 12.53 -7.69
N VAL A 183 -3.33 12.97 -8.75
CA VAL A 183 -3.47 12.31 -10.05
C VAL A 183 -3.47 10.80 -9.86
N VAL A 184 -2.52 10.31 -9.07
CA VAL A 184 -2.44 8.86 -8.82
C VAL A 184 -3.54 8.44 -7.88
N GLN A 185 -3.74 9.20 -6.80
CA GLN A 185 -4.80 8.90 -5.86
C GLN A 185 -6.10 8.59 -6.60
N LEU A 186 -6.26 9.23 -7.75
CA LEU A 186 -7.44 9.01 -8.58
C LEU A 186 -7.36 7.63 -9.23
N LEU A 187 -6.18 7.30 -9.75
CA LEU A 187 -5.99 6.01 -10.40
C LEU A 187 -6.36 4.89 -9.44
N ALA A 188 -5.82 4.97 -8.22
CA ALA A 188 -6.11 3.97 -7.20
C ALA A 188 -7.61 3.94 -6.92
N ASP A 189 -8.17 5.12 -6.69
CA ASP A 189 -9.60 5.24 -6.44
C ASP A 189 -10.38 4.69 -7.63
N GLN A 190 -9.83 4.90 -8.83
CA GLN A 190 -10.45 4.40 -10.05
C GLN A 190 -10.31 2.89 -10.12
N VAL A 191 -9.23 2.37 -9.53
CA VAL A 191 -8.98 0.94 -9.51
C VAL A 191 -9.90 0.27 -8.48
N SER A 192 -9.91 0.81 -7.27
CA SER A 192 -10.77 0.28 -6.23
C SER A 192 -12.21 0.23 -6.71
N ILE A 193 -12.58 1.19 -7.55
CA ILE A 193 -13.91 1.24 -8.12
C ILE A 193 -14.13 0.07 -9.07
N ALA A 194 -13.05 -0.35 -9.73
CA ALA A 194 -13.11 -1.47 -10.65
C ALA A 194 -13.34 -2.77 -9.87
N ILE A 195 -12.69 -2.89 -8.72
CA ILE A 195 -12.84 -4.06 -7.88
C ILE A 195 -14.32 -4.29 -7.56
N ALA A 196 -14.96 -3.26 -7.03
CA ALA A 196 -16.37 -3.36 -6.65
C ALA A 196 -17.22 -3.58 -7.89
N GLN A 197 -16.99 -2.76 -8.92
CA GLN A 197 -17.76 -2.87 -10.16
C GLN A 197 -17.57 -4.25 -10.78
N ALA A 198 -16.31 -4.69 -10.86
CA ALA A 198 -16.01 -5.98 -11.45
C ALA A 198 -16.58 -7.10 -10.59
N GLU A 199 -16.61 -6.89 -9.29
CA GLU A 199 -17.09 -7.90 -8.36
C GLU A 199 -18.48 -8.40 -8.79
N LEU A 200 -19.32 -7.46 -9.20
CA LEU A 200 -20.67 -7.82 -9.64
C LEU A 200 -20.62 -8.98 -10.62
N SER A 201 -19.57 -9.03 -11.42
CA SER A 201 -19.42 -10.10 -12.40
C SER A 201 -19.62 -11.46 -11.74
N LEU A 202 -18.78 -11.76 -10.75
CA LEU A 202 -18.87 -13.03 -10.03
C LEU A 202 -20.31 -13.28 -9.58
CHA CYC B . 2.56 -1.99 8.67
NA CYC B . 3.39 -3.58 6.96
C1A CYC B . 2.67 -2.55 7.39
C2A CYC B . 1.99 -2.03 6.28
C3A CYC B . 2.36 -2.80 5.19
C4A CYC B . 3.26 -3.79 5.66
CMA CYC B . 1.85 -2.55 3.77
CAA CYC B . 1.01 -0.82 6.27
CBA CYC B . -0.25 -1.05 7.13
CGA CYC B . -1.39 -1.68 6.33
O1A CYC B . -1.14 -2.76 5.74
O2A CYC B . -2.47 -1.08 6.31
CHB CYC B . 3.89 -4.81 4.94
NB CYC B . 4.48 -4.55 2.51
C1B CYC B . 3.98 -5.18 3.59
C2B CYC B . 3.47 -6.41 3.16
C3B CYC B . 3.68 -6.50 1.80
C4B CYC B . 4.30 -5.33 1.42
CMB CYC B . 2.78 -7.50 4.01
CAB CYC B . 3.30 -7.65 0.85
CBB CYC B . 2.73 -7.15 -0.46
OB CYC B . 4.65 -5.04 0.28
NC CYC B . 3.95 -5.78 13.30
C1C CYC B . 4.12 -6.70 14.29
C2C CYC B . 5.59 -7.05 14.44
C3C CYC B . 6.25 -6.24 13.39
C4C CYC B . 5.14 -5.44 12.72
CMC CYC B . 6.11 -6.71 15.84
CAC CYC B . 7.10 -7.03 12.35
CBC CYC B . 8.18 -7.93 12.98
OC CYC B . 3.22 -7.18 14.97
CHD CYC B . 5.44 -4.55 11.70
ND CYC B . 4.09 -3.50 9.89
C1D CYC B . 4.55 -3.64 11.15
C2D CYC B . 3.93 -2.63 11.89
C3D CYC B . 3.11 -1.90 11.04
C4D CYC B . 3.25 -2.48 9.78
CMD CYC B . 4.14 -2.35 13.40
CAD CYC B . 2.23 -0.70 11.45
CBD CYC B . 2.86 0.65 11.09
CGD CYC B . 1.96 1.85 11.44
O1D CYC B . 2.33 2.58 12.39
O2D CYC B . 0.94 2.03 10.75
HHA CYC B . 1.95 -1.21 8.80
HMA1 CYC B . 2.62 -2.58 3.13
HMA2 CYC B . 1.20 -3.27 3.53
HMA3 CYC B . 1.42 -1.64 3.73
HAA1 CYC B . 0.73 -0.65 5.32
HAA2 CYC B . 1.49 -0.02 6.62
HBA1 CYC B . -0.55 -0.18 7.49
HBA2 CYC B . 0.00 -1.65 7.88
HHB CYC B . 4.37 -5.46 5.54
HB CYC B . 4.89 -3.65 2.50
HMB1 CYC B . 1.99 -7.13 4.48
HMB2 CYC B . 2.48 -8.24 3.41
HMB3 CYC B . 3.43 -7.87 4.68
HAB1 CYC B . 4.12 -8.19 0.66
HAB2 CYC B . 2.62 -8.23 1.30
HBB1 CYC B . 3.47 -6.82 -1.05
HBB2 CYC B . 2.24 -7.89 -0.93
HBB3 CYC B . 2.09 -6.40 -0.29
HC CYC B . 3.06 -5.40 13.01
H2C CYC B . 5.71 -8.02 14.25
H3C CYC B . 6.84 -5.59 13.89
HMC1 CYC B . 7.10 -6.83 15.87
HMC2 CYC B . 5.90 -5.75 16.04
HMC3 CYC B . 5.68 -7.31 16.51
HAC2 CYC B . 6.43 -7.60 11.88
HBC1 CYC B . 7.86 -8.86 13.02
HBC2 CYC B . 9.00 -7.89 12.41
HBC3 CYC B . 8.39 -7.60 13.90
HHD CYC B . 6.39 -4.54 11.37
HD CYC B . 4.36 -4.10 9.12
HMD1 CYC B . 3.41 -2.79 13.92
HMD2 CYC B . 5.02 -2.75 13.69
HMD3 CYC B . 4.14 -1.37 13.57
HAD1 CYC B . 2.09 -0.72 12.45
HAD2 CYC B . 1.35 -0.78 11.00
HBD1 CYC B . 3.05 0.67 10.11
HBD2 CYC B . 3.73 0.74 11.59
HNE CYC B . 3.98 -4.13 7.55
N LEU A 31 -11.48 -10.63 -12.70
CA LEU A 31 -10.79 -9.63 -11.90
C LEU A 31 -9.30 -9.93 -11.83
N ASP A 32 -8.96 -11.15 -11.42
CA ASP A 32 -7.56 -11.54 -11.30
C ASP A 32 -6.80 -11.21 -12.58
N GLN A 33 -7.48 -11.33 -13.72
CA GLN A 33 -6.85 -11.04 -15.01
C GLN A 33 -6.72 -9.53 -15.20
N ILE A 34 -7.82 -8.81 -15.02
CA ILE A 34 -7.81 -7.36 -15.17
C ILE A 34 -6.79 -6.73 -14.23
N LEU A 35 -6.79 -7.16 -12.97
CA LEU A 35 -5.87 -6.62 -11.98
C LEU A 35 -4.42 -6.79 -12.45
N ARG A 36 -4.17 -7.85 -13.19
CA ARG A 36 -2.82 -8.10 -13.71
C ARG A 36 -2.39 -7.00 -14.67
N ALA A 37 -3.32 -6.56 -15.52
CA ALA A 37 -3.03 -5.51 -16.48
C ALA A 37 -2.95 -4.15 -15.80
N THR A 38 -3.65 -4.01 -14.69
CA THR A 38 -3.68 -2.74 -13.96
C THR A 38 -2.32 -2.44 -13.37
N VAL A 39 -1.62 -3.47 -12.92
CA VAL A 39 -0.31 -3.31 -12.31
C VAL A 39 0.73 -2.93 -13.36
N GLU A 40 0.47 -3.29 -14.61
CA GLU A 40 1.39 -2.99 -15.70
C GLU A 40 1.37 -1.50 -16.01
N GLU A 41 0.17 -0.93 -16.12
CA GLU A 41 0.04 0.49 -16.44
C GLU A 41 0.48 1.35 -15.25
N VAL A 42 0.16 0.90 -14.04
CA VAL A 42 0.53 1.64 -12.84
C VAL A 42 2.04 1.87 -12.79
N ARG A 43 2.81 0.80 -12.92
CA ARG A 43 4.26 0.92 -12.90
C ARG A 43 4.73 1.98 -13.89
N ALA A 44 4.15 1.97 -15.09
CA ALA A 44 4.52 2.94 -16.11
C ALA A 44 4.33 4.37 -15.61
N PHE A 45 3.16 4.62 -15.03
CA PHE A 45 2.84 5.97 -14.56
C PHE A 45 3.81 6.39 -13.45
N LEU A 46 4.10 5.46 -12.54
CA LEU A 46 4.99 5.75 -11.42
C LEU A 46 6.42 5.36 -11.75
N GLY A 47 6.58 4.59 -12.83
CA GLY A 47 7.90 4.14 -13.23
C GLY A 47 8.67 3.54 -12.05
N THR A 48 7.93 3.03 -11.07
CA THR A 48 8.54 2.44 -9.90
C THR A 48 9.10 1.06 -10.22
N ASP A 49 10.25 0.73 -9.64
CA ASP A 49 10.90 -0.55 -9.92
C ASP A 49 9.90 -1.70 -9.81
N ARG A 50 9.09 -1.66 -8.77
CA ARG A 50 8.14 -2.75 -8.52
C ARG A 50 6.85 -2.22 -7.89
N VAL A 51 5.73 -2.73 -8.38
CA VAL A 51 4.43 -2.38 -7.82
C VAL A 51 3.47 -3.56 -7.96
N LYS A 52 2.76 -3.87 -6.87
CA LYS A 52 1.87 -5.03 -6.87
C LYS A 52 0.55 -4.71 -6.18
N VAL A 53 -0.49 -5.43 -6.56
CA VAL A 53 -1.80 -5.28 -5.94
C VAL A 53 -2.01 -6.39 -4.90
N TYR A 54 -2.60 -6.03 -3.76
CA TYR A 54 -2.81 -7.00 -2.70
C TYR A 54 -4.26 -7.05 -2.27
N ARG A 55 -4.83 -8.26 -2.31
CA ARG A 55 -6.23 -8.45 -1.93
C ARG A 55 -6.31 -8.98 -0.50
N PHE A 56 -7.26 -8.44 0.27
CA PHE A 56 -7.42 -8.85 1.66
C PHE A 56 -8.56 -9.86 1.80
N ASP A 57 -8.29 -10.96 2.50
CA ASP A 57 -9.31 -11.97 2.71
C ASP A 57 -9.96 -11.81 4.08
N PRO A 58 -11.18 -12.22 4.21
CA PRO A 58 -11.96 -12.06 5.47
C PRO A 58 -11.27 -12.69 6.67
N GLU A 59 -10.37 -13.63 6.39
CA GLU A 59 -9.63 -14.32 7.46
C GLU A 59 -8.39 -13.52 7.85
N GLY A 60 -8.09 -12.49 7.07
CA GLY A 60 -6.96 -11.63 7.39
C GLY A 60 -5.79 -11.89 6.44
N HIS A 61 -5.84 -13.03 5.77
CA HIS A 61 -4.76 -13.41 4.85
C HIS A 61 -4.95 -12.72 3.49
N GLY A 62 -3.85 -12.50 2.79
CA GLY A 62 -3.90 -11.84 1.49
C GLY A 62 -3.00 -12.54 0.49
N THR A 63 -3.24 -12.30 -0.81
CA THR A 63 -2.45 -12.92 -1.86
C THR A 63 -2.08 -11.88 -2.92
N VAL A 64 -1.01 -12.16 -3.66
CA VAL A 64 -0.58 -11.27 -4.72
C VAL A 64 -1.16 -11.70 -6.06
N VAL A 65 -2.09 -10.90 -6.59
CA VAL A 65 -2.74 -11.22 -7.84
C VAL A 65 -2.23 -10.33 -8.96
N ALA A 66 -1.33 -9.41 -8.61
CA ALA A 66 -0.77 -8.49 -9.59
C ALA A 66 0.60 -7.98 -9.13
N GLU A 67 1.60 -8.13 -9.97
CA GLU A 67 2.95 -7.71 -9.63
C GLU A 67 3.78 -7.49 -10.90
N ALA A 68 4.60 -6.44 -10.89
CA ALA A 68 5.47 -6.16 -12.03
C ALA A 68 6.88 -5.84 -11.56
N ARG A 69 7.87 -6.39 -12.25
CA ARG A 69 9.27 -6.19 -11.87
C ARG A 69 10.03 -5.45 -12.97
N GLY A 70 10.90 -4.54 -12.56
CA GLY A 70 11.69 -3.77 -13.51
C GLY A 70 13.09 -4.36 -13.66
N GLY A 71 13.44 -4.79 -14.87
CA GLY A 71 14.75 -5.35 -15.12
C GLY A 71 15.04 -6.51 -14.16
N GLU A 72 14.02 -7.32 -13.92
CA GLU A 72 14.16 -8.45 -13.01
C GLU A 72 15.00 -8.08 -11.80
N ARG A 73 15.06 -6.77 -11.51
CA ARG A 73 15.84 -6.29 -10.38
C ARG A 73 15.33 -6.88 -9.07
N LEU A 74 14.03 -6.81 -8.87
CA LEU A 74 13.41 -7.36 -7.65
C LEU A 74 12.85 -8.75 -7.93
N PRO A 75 12.81 -9.58 -6.92
CA PRO A 75 12.27 -10.96 -7.04
C PRO A 75 10.75 -10.98 -7.19
N SER A 76 10.24 -11.95 -7.93
CA SER A 76 8.80 -12.05 -8.16
C SER A 76 8.13 -12.77 -6.99
N LEU A 77 7.33 -12.03 -6.22
CA LEU A 77 6.62 -12.61 -5.09
C LEU A 77 5.20 -12.98 -5.50
N LEU A 78 4.91 -12.88 -6.79
CA LEU A 78 3.57 -13.17 -7.28
C LEU A 78 3.15 -14.59 -6.89
N GLY A 79 1.92 -14.73 -6.43
CA GLY A 79 1.38 -16.04 -6.09
C GLY A 79 1.71 -16.40 -4.64
N LEU A 80 2.49 -15.56 -3.99
CA LEU A 80 2.86 -15.78 -2.60
C LEU A 80 1.83 -15.15 -1.67
N THR A 81 1.57 -15.81 -0.55
CA THR A 81 0.61 -15.30 0.43
C THR A 81 1.32 -14.83 1.68
N PHE A 82 0.77 -13.80 2.33
CA PHE A 82 1.36 -13.28 3.56
C PHE A 82 0.42 -13.49 4.74
N PRO A 83 0.97 -13.72 5.90
CA PRO A 83 0.18 -13.95 7.14
C PRO A 83 -0.50 -12.67 7.62
N ALA A 84 -1.67 -12.83 8.23
CA ALA A 84 -2.42 -11.69 8.74
C ALA A 84 -1.73 -11.10 9.96
N GLY A 85 -1.20 -11.97 10.81
CA GLY A 85 -0.51 -11.51 12.02
C GLY A 85 0.53 -10.44 11.69
N ASP A 86 0.88 -10.35 10.42
CA ASP A 86 1.86 -9.36 9.98
C ASP A 86 1.25 -7.96 10.00
N ILE A 87 -0.08 -7.89 9.95
CA ILE A 87 -0.77 -6.62 9.94
C ILE A 87 -1.67 -6.49 11.18
N PRO A 88 -1.22 -5.77 12.16
CA PRO A 88 -1.98 -5.55 13.41
C PRO A 88 -3.45 -5.20 13.15
N GLU A 89 -3.85 -4.01 13.56
CA GLU A 89 -5.22 -3.57 13.36
C GLU A 89 -5.33 -2.06 13.47
N GLU A 90 -4.84 -1.51 14.58
CA GLU A 90 -4.87 -0.07 14.79
C GLU A 90 -4.42 0.68 13.54
N ALA A 91 -3.35 0.18 12.92
CA ALA A 91 -2.82 0.82 11.72
C ALA A 91 -3.74 0.59 10.53
N ARG A 92 -4.23 -0.64 10.39
CA ARG A 92 -5.12 -0.97 9.28
C ARG A 92 -6.35 -0.06 9.28
N ARG A 93 -6.79 0.31 10.48
CA ARG A 93 -7.97 1.18 10.61
C ARG A 93 -7.71 2.53 9.94
N LEU A 94 -6.45 2.97 9.98
CA LEU A 94 -6.10 4.26 9.39
C LEU A 94 -6.28 4.23 7.89
N PHE A 95 -6.08 3.06 7.29
CA PHE A 95 -6.23 2.91 5.84
C PHE A 95 -7.71 2.97 5.44
N ARG A 96 -8.57 2.44 6.31
CA ARG A 96 -10.00 2.45 6.02
C ARG A 96 -10.63 3.77 6.51
N LEU A 97 -9.95 4.45 7.42
CA LEU A 97 -10.48 5.67 8.01
C LEU A 97 -9.79 6.88 7.40
N ALA A 98 -8.47 6.83 7.33
CA ALA A 98 -7.68 7.98 6.89
C ALA A 98 -7.19 7.77 5.46
N GLN A 99 -7.15 6.52 5.04
CA GLN A 99 -6.68 6.18 3.70
C GLN A 99 -5.40 6.92 3.38
N VAL A 100 -4.39 6.75 4.22
CA VAL A 100 -3.11 7.42 4.03
C VAL A 100 -1.99 6.63 4.67
N ARG A 101 -1.00 6.25 3.87
CA ARG A 101 0.15 5.51 4.37
C ARG A 101 1.33 5.65 3.41
N VAL A 102 2.47 6.09 3.94
CA VAL A 102 3.67 6.22 3.11
C VAL A 102 4.92 5.98 3.96
N ILE A 103 5.96 5.45 3.34
CA ILE A 103 7.21 5.18 4.03
C ILE A 103 8.31 6.09 3.52
N VAL A 104 9.01 6.74 4.45
CA VAL A 104 10.06 7.69 4.08
C VAL A 104 11.39 6.96 3.87
N ASP A 105 12.41 7.70 3.46
CA ASP A 105 13.71 7.12 3.21
C ASP A 105 14.18 6.30 4.40
N VAL A 106 14.36 4.99 4.19
CA VAL A 106 14.81 4.12 5.26
C VAL A 106 16.09 4.67 5.91
N GLU A 107 16.72 5.62 5.21
CA GLU A 107 17.94 6.24 5.74
C GLU A 107 17.59 7.24 6.83
N ALA A 108 16.47 7.92 6.66
CA ALA A 108 16.02 8.90 7.65
C ALA A 108 15.82 8.23 9.00
N GLN A 109 15.77 6.91 9.00
CA GLN A 109 15.58 6.16 10.25
C GLN A 109 14.35 6.64 10.98
N SER A 110 13.17 6.39 10.41
CA SER A 110 11.92 6.73 11.07
C SER A 110 11.45 5.57 11.95
N ARG A 111 11.25 5.85 13.23
CA ARG A 111 10.87 4.82 14.18
C ARG A 111 9.43 4.98 14.63
N SER A 112 8.69 3.89 14.63
CA SER A 112 7.30 3.90 15.09
C SER A 112 7.16 3.05 16.35
N ILE A 113 6.29 3.46 17.25
CA ILE A 113 6.10 2.72 18.49
C ILE A 113 4.65 2.82 18.97
N SER A 114 4.23 1.83 19.75
CA SER A 114 2.88 1.81 20.29
C SER A 114 2.77 2.78 21.47
N GLN A 115 1.54 3.05 21.89
CA GLN A 115 1.31 3.97 23.00
C GLN A 115 -0.02 3.68 23.67
N PRO A 116 -0.11 3.90 24.95
CA PRO A 116 -1.36 3.69 25.74
C PRO A 116 -2.59 4.16 24.98
N GLU A 117 -3.62 3.31 24.95
CA GLU A 117 -4.86 3.65 24.27
C GLU A 117 -4.57 4.33 22.93
N SER A 118 -4.41 5.65 22.96
CA SER A 118 -4.13 6.41 21.74
C SER A 118 -5.42 6.68 20.98
N TRP A 119 -5.33 7.50 19.93
CA TRP A 119 -6.49 7.84 19.13
C TRP A 119 -7.13 6.58 18.55
N GLY A 120 -8.46 6.55 18.57
CA GLY A 120 -9.19 5.40 18.04
C GLY A 120 -9.58 5.61 16.59
N LEU A 121 -10.57 6.47 16.36
CA LEU A 121 -11.04 6.76 15.01
C LEU A 121 -10.27 7.93 14.42
N SER A 122 -9.77 7.75 13.21
CA SER A 122 -9.02 8.81 12.53
C SER A 122 -9.93 9.63 11.63
N ALA A 123 -11.20 9.23 11.57
CA ALA A 123 -12.17 9.93 10.74
C ALA A 123 -12.33 11.38 11.20
N ARG A 124 -12.60 11.55 12.49
CA ARG A 124 -12.78 12.88 13.05
C ARG A 124 -11.46 13.64 13.04
N VAL A 125 -10.36 12.92 13.24
CA VAL A 125 -9.04 13.54 13.26
C VAL A 125 -8.12 12.86 12.25
N PRO A 126 -8.06 13.38 11.05
CA PRO A 126 -7.15 12.85 9.99
C PRO A 126 -5.68 13.07 10.32
N LEU A 127 -4.82 12.27 9.70
CA LEU A 127 -3.39 12.40 9.92
C LEU A 127 -3.10 12.62 11.41
N GLY A 128 -2.93 13.89 11.78
CA GLY A 128 -2.64 14.23 13.17
C GLY A 128 -1.16 14.01 13.49
N GLU A 129 -0.34 13.96 12.44
CA GLU A 129 1.09 13.75 12.62
C GLU A 129 1.89 14.54 11.59
N PRO A 130 3.15 14.73 11.83
CA PRO A 130 4.05 15.47 10.90
C PRO A 130 3.85 15.06 9.44
N LEU A 131 4.43 15.82 8.53
CA LEU A 131 4.29 15.53 7.10
C LEU A 131 4.92 14.19 6.76
N GLN A 132 5.19 13.39 7.80
CA GLN A 132 5.82 12.09 7.60
C GLN A 132 5.18 11.04 8.50
N ARG A 133 5.28 9.78 8.10
CA ARG A 133 4.71 8.70 8.89
C ARG A 133 5.75 7.63 9.18
N PRO A 134 6.12 7.47 10.41
CA PRO A 134 7.13 6.46 10.83
C PRO A 134 6.56 5.05 10.94
N VAL A 135 7.35 4.07 10.54
CA VAL A 135 6.90 2.67 10.61
C VAL A 135 7.88 1.86 11.45
N ASP A 136 7.33 1.03 12.33
CA ASP A 136 8.15 0.18 13.20
C ASP A 136 9.35 -0.36 12.45
N PRO A 137 10.49 -0.37 13.07
CA PRO A 137 11.76 -0.87 12.45
C PRO A 137 11.53 -2.15 11.66
N CYS A 138 10.42 -2.83 11.95
CA CYS A 138 10.09 -4.07 11.26
C CYS A 138 9.89 -3.81 9.76
N HIS A 139 9.05 -2.83 9.44
CA HIS A 139 8.78 -2.49 8.05
C HIS A 139 10.00 -1.82 7.43
N VAL A 140 10.77 -1.11 8.26
CA VAL A 140 11.96 -0.42 7.78
C VAL A 140 12.93 -1.42 7.17
N HIS A 141 13.35 -2.41 7.98
CA HIS A 141 14.27 -3.43 7.51
C HIS A 141 13.63 -4.28 6.43
N TYR A 142 12.39 -4.70 6.70
CA TYR A 142 11.66 -5.52 5.73
C TYR A 142 11.79 -4.95 4.33
N LEU A 143 11.71 -3.63 4.23
CA LEU A 143 11.87 -2.96 2.95
C LEU A 143 13.34 -2.94 2.52
N LYS A 144 14.22 -2.69 3.47
CA LYS A 144 15.65 -2.71 3.19
C LYS A 144 16.07 -4.08 2.65
N SER A 145 15.57 -5.14 3.29
CA SER A 145 15.86 -6.49 2.84
C SER A 145 15.28 -6.71 1.44
N MET A 146 14.33 -5.86 1.05
CA MET A 146 13.71 -5.98 -0.26
C MET A 146 14.42 -5.08 -1.27
N GLY A 147 15.45 -4.37 -0.81
CA GLY A 147 16.20 -3.49 -1.68
C GLY A 147 15.44 -2.19 -1.95
N VAL A 148 14.52 -1.87 -1.05
CA VAL A 148 13.71 -0.67 -1.21
C VAL A 148 14.08 0.38 -0.15
N ALA A 149 14.05 1.65 -0.55
CA ALA A 149 14.39 2.73 0.36
C ALA A 149 13.17 3.56 0.67
N SER A 150 12.41 3.90 -0.38
CA SER A 150 11.21 4.71 -0.21
C SER A 150 10.05 4.09 -0.99
N SER A 151 8.97 3.76 -0.29
CA SER A 151 7.81 3.15 -0.94
C SER A 151 6.54 3.88 -0.56
N LEU A 152 5.66 4.05 -1.55
CA LEU A 152 4.37 4.69 -1.30
C LEU A 152 3.26 3.65 -1.21
N VAL A 153 2.40 3.79 -0.21
CA VAL A 153 1.33 2.82 -0.02
C VAL A 153 -0.04 3.47 -0.24
N VAL A 154 -0.86 2.83 -1.09
CA VAL A 154 -2.19 3.34 -1.37
C VAL A 154 -3.22 2.21 -1.26
N PRO A 155 -4.13 2.34 -0.34
CA PRO A 155 -5.13 1.28 -0.05
C PRO A 155 -6.23 1.20 -1.10
N LEU A 156 -6.78 -0.01 -1.29
CA LEU A 156 -7.88 -0.21 -2.22
C LEU A 156 -9.14 -0.61 -1.47
N MET A 157 -10.12 0.27 -1.43
CA MET A 157 -11.34 0.02 -0.67
C MET A 157 -12.58 0.44 -1.46
N HIS A 158 -13.72 -0.12 -1.09
CA HIS A 158 -14.98 0.23 -1.73
C HIS A 158 -16.06 0.52 -0.69
N HIS A 159 -16.64 1.72 -0.77
CA HIS A 159 -17.66 2.13 0.19
C HIS A 159 -17.09 2.22 1.59
N GLN A 160 -17.41 1.25 2.43
CA GLN A 160 -16.94 1.26 3.81
C GLN A 160 -16.05 0.05 4.08
N GLU A 161 -15.97 -0.85 3.10
CA GLU A 161 -15.21 -2.08 3.27
C GLU A 161 -13.87 -2.00 2.57
N LEU A 162 -12.90 -2.75 3.07
CA LEU A 162 -11.58 -2.80 2.46
C LEU A 162 -11.38 -4.12 1.70
N TRP A 163 -11.03 -4.00 0.42
CA TRP A 163 -10.89 -5.19 -0.42
C TRP A 163 -9.42 -5.59 -0.54
N GLY A 164 -8.55 -4.60 -0.72
CA GLY A 164 -7.13 -4.86 -0.91
C GLY A 164 -6.30 -3.60 -0.69
N LEU A 165 -5.00 -3.71 -0.93
CA LEU A 165 -4.09 -2.58 -0.74
C LEU A 165 -3.05 -2.52 -1.86
N LEU A 166 -2.74 -1.31 -2.30
CA LEU A 166 -1.74 -1.12 -3.36
C LEU A 166 -0.44 -0.61 -2.74
N VAL A 167 0.68 -0.94 -3.38
CA VAL A 167 1.98 -0.52 -2.87
C VAL A 167 3.01 -0.46 -3.99
N SER A 168 3.76 0.64 -4.04
CA SER A 168 4.81 0.80 -5.04
C SER A 168 6.17 0.92 -4.36
N HIS A 169 7.16 0.23 -4.92
CA HIS A 169 8.50 0.23 -4.33
C HIS A 169 9.47 1.04 -5.18
N HIS A 170 10.21 1.93 -4.52
CA HIS A 170 11.20 2.75 -5.21
C HIS A 170 12.55 2.67 -4.50
N ALA A 171 13.59 2.36 -5.26
CA ALA A 171 14.93 2.23 -4.68
C ALA A 171 15.47 3.60 -4.30
N GLU A 172 15.01 4.64 -4.98
CA GLU A 172 15.46 6.00 -4.72
C GLU A 172 14.43 6.74 -3.87
N PRO A 173 14.88 7.72 -3.12
CA PRO A 173 13.99 8.54 -2.25
C PRO A 173 13.07 9.46 -3.06
N ARG A 174 13.52 10.69 -3.30
CA ARG A 174 12.73 11.64 -4.05
C ARG A 174 11.39 11.88 -3.38
N PRO A 175 11.06 13.11 -3.13
CA PRO A 175 9.76 13.49 -2.48
C PRO A 175 8.59 13.43 -3.46
N TYR A 176 7.37 13.44 -2.91
CA TYR A 176 6.18 13.40 -3.74
C TYR A 176 5.50 14.77 -3.77
N SER A 177 4.86 15.08 -4.89
CA SER A 177 4.17 16.36 -5.02
C SER A 177 2.72 16.24 -4.58
N GLN A 178 2.16 17.35 -4.11
CA GLN A 178 0.77 17.37 -3.66
C GLN A 178 -0.17 17.02 -4.80
N GLU A 179 0.24 17.38 -6.01
CA GLU A 179 -0.58 17.09 -7.19
C GLU A 179 -0.39 15.65 -7.65
N GLU A 180 0.86 15.28 -7.91
CA GLU A 180 1.16 13.93 -8.35
C GLU A 180 0.70 12.91 -7.31
N LEU A 181 0.82 13.28 -6.04
CA LEU A 181 0.42 12.39 -4.96
C LEU A 181 -1.07 12.09 -5.05
N GLN A 182 -1.86 13.12 -5.31
CA GLN A 182 -3.31 12.97 -5.42
C GLN A 182 -3.65 12.20 -6.69
N VAL A 183 -3.10 12.64 -7.82
CA VAL A 183 -3.35 11.98 -9.08
C VAL A 183 -3.28 10.46 -8.91
N VAL A 184 -2.29 10.01 -8.15
CA VAL A 184 -2.12 8.60 -7.89
C VAL A 184 -3.17 8.12 -6.90
N GLN A 185 -3.30 8.83 -5.78
CA GLN A 185 -4.29 8.48 -4.78
C GLN A 185 -5.65 8.28 -5.45
N LEU A 186 -5.91 9.06 -6.49
CA LEU A 186 -7.15 8.95 -7.23
C LEU A 186 -7.14 7.67 -8.06
N LEU A 187 -6.01 7.41 -8.72
CA LEU A 187 -5.89 6.21 -9.54
C LEU A 187 -6.25 4.98 -8.71
N ALA A 188 -5.74 4.93 -7.48
CA ALA A 188 -6.05 3.84 -6.58
C ALA A 188 -7.55 3.79 -6.31
N ASP A 189 -8.13 4.96 -6.01
CA ASP A 189 -9.56 5.04 -5.77
C ASP A 189 -10.32 4.58 -7.01
N GLN A 190 -9.79 4.93 -8.18
CA GLN A 190 -10.40 4.50 -9.43
C GLN A 190 -10.26 3.01 -9.61
N VAL A 191 -9.18 2.46 -9.06
CA VAL A 191 -8.94 1.02 -9.14
C VAL A 191 -9.84 0.29 -8.14
N SER A 192 -9.84 0.75 -6.90
CA SER A 192 -10.69 0.16 -5.88
C SER A 192 -12.14 0.13 -6.34
N ILE A 193 -12.51 1.13 -7.13
CA ILE A 193 -13.86 1.21 -7.67
C ILE A 193 -14.09 0.09 -8.68
N ALA A 194 -13.04 -0.25 -9.42
CA ALA A 194 -13.12 -1.33 -10.39
C ALA A 194 -13.33 -2.67 -9.70
N ILE A 195 -12.68 -2.84 -8.55
CA ILE A 195 -12.83 -4.06 -7.78
C ILE A 195 -14.29 -4.29 -7.43
N ALA A 196 -14.95 -3.25 -6.94
CA ALA A 196 -16.36 -3.34 -6.55
C ALA A 196 -17.23 -3.57 -7.79
N GLN A 197 -17.02 -2.73 -8.80
CA GLN A 197 -17.83 -2.81 -10.02
C GLN A 197 -17.63 -4.18 -10.67
N ALA A 198 -16.37 -4.59 -10.79
CA ALA A 198 -16.06 -5.86 -11.44
C ALA A 198 -16.61 -7.02 -10.61
N GLU A 199 -16.60 -6.85 -9.29
CA GLU A 199 -17.06 -7.90 -8.39
C GLU A 199 -18.44 -8.39 -8.81
N LEU A 200 -19.31 -7.47 -9.18
CA LEU A 200 -20.67 -7.82 -9.59
C LEU A 200 -20.62 -8.95 -10.63
N SER A 201 -19.60 -8.93 -11.47
CA SER A 201 -19.45 -9.95 -12.50
C SER A 201 -19.51 -11.35 -11.87
N LEU A 202 -18.56 -11.63 -10.98
CA LEU A 202 -18.52 -12.93 -10.32
C LEU A 202 -19.66 -13.05 -9.32
CHA CYC B . 2.38 -1.98 8.19
NA CYC B . 3.36 -3.52 6.51
C1A CYC B . 2.55 -2.54 6.91
C2A CYC B . 1.85 -2.08 5.80
C3A CYC B . 2.30 -2.84 4.72
C4A CYC B . 3.25 -3.76 5.21
CMA CYC B . 1.79 -2.65 3.29
CAA CYC B . 0.80 -0.95 5.74
CBA CYC B . -0.64 -1.48 5.67
CGA CYC B . -1.26 -1.68 7.06
O1A CYC B . -2.45 -1.29 7.22
O2A CYC B . -0.55 -2.22 7.92
CHB CYC B . 3.98 -4.74 4.53
NB CYC B . 4.51 -4.82 2.06
C1B CYC B . 3.97 -5.25 3.21
C2B CYC B . 3.28 -6.42 2.93
C3B CYC B . 3.43 -6.70 1.59
C4B CYC B . 4.21 -5.68 1.07
CMB CYC B . 2.46 -7.32 3.90
CAB CYC B . 2.88 -7.87 0.77
CBB CYC B . 2.36 -7.45 -0.59
OB CYC B . 4.57 -5.58 -0.10
NC CYC B . 3.86 -5.86 12.60
C1C CYC B . 4.02 -6.96 13.37
C2C CYC B . 5.50 -7.34 13.45
C3C CYC B . 6.18 -6.29 12.64
C4C CYC B . 5.06 -5.39 12.13
CMC CYC B . 5.98 -7.44 14.90
CAC CYC B . 7.08 -6.82 11.48
CBC CYC B . 8.19 -7.76 11.94
OC CYC B . 3.13 -7.57 13.94
CHD CYC B . 5.36 -4.32 11.31
ND CYC B . 3.99 -3.38 9.46
C1D CYC B . 4.42 -3.47 10.71
C2D CYC B . 3.74 -2.49 11.44
C3D CYC B . 2.89 -1.82 10.58
C4D CYC B . 3.08 -2.41 9.33
CMD CYC B . 3.89 -2.18 12.95
CAD CYC B . 1.93 -0.67 10.95
CBD CYC B . 2.66 0.68 11.15
CGD CYC B . 1.70 1.88 11.18
O1D CYC B . 1.04 2.05 12.24
O2D CYC B . 1.65 2.60 10.18
HHA CYC B . 1.72 -1.23 8.30
HMA1 CYC B . 1.55 -1.69 3.15
HMA2 CYC B . 2.53 -2.90 2.65
HMA3 CYC B . 0.99 -3.23 3.14
HAA1 CYC B . 0.97 -0.38 4.95
HAA2 CYC B . 0.89 -0.39 6.58
HBA1 CYC B . -0.64 -2.34 5.18
HBA2 CYC B . -1.19 -0.81 5.16
HHB CYC B . 4.63 -5.21 5.11
HB CYC B . 5.07 -4.00 1.96
HMB1 CYC B . 2.34 -6.84 4.78
HMB2 CYC B . 1.55 -7.48 3.51
HMB3 CYC B . 2.93 -8.19 4.05
HAB1 CYC B . 3.60 -8.55 0.66
HAB2 CYC B . 2.12 -8.29 1.28
HBB1 CYC B . 1.87 -8.21 -1.02
HBB2 CYC B . 1.74 -6.67 -0.49
HBB3 CYC B . 3.13 -7.18 -1.17
HC CYC B . 2.98 -5.42 12.40
H2C CYC B . 5.64 -8.21 12.97
H3C CYC B . 6.74 -5.75 13.29
HMC1 CYC B . 6.63 -8.19 14.97
HMC2 CYC B . 6.44 -6.59 15.14
HMC3 CYC B . 5.20 -7.60 15.51
HAC2 CYC B . 6.43 -7.32 10.90
HBC1 CYC B . 9.03 -7.55 11.44
HBC2 CYC B . 8.35 -7.62 12.92
HBC3 CYC B . 7.92 -8.71 11.79
HHD CYC B . 6.33 -4.11 11.16
HD CYC B . 4.31 -3.96 8.70
HMD1 CYC B . 4.82 -2.41 13.24
HMD2 CYC B . 3.75 -1.20 13.10
HMD3 CYC B . 3.23 -2.71 13.48
HAD1 CYC B . 1.46 -0.90 11.80
HAD2 CYC B . 1.26 -0.56 10.21
HBD1 CYC B . 3.31 0.80 10.40
HBD2 CYC B . 3.16 0.63 12.01
HNE CYC B . 3.98 -4.02 7.12
N LEU A 31 -11.55 -10.70 -12.16
CA LEU A 31 -10.84 -9.62 -11.47
C LEU A 31 -9.35 -9.92 -11.42
N ASP A 32 -9.00 -11.13 -10.99
CA ASP A 32 -7.60 -11.52 -10.90
C ASP A 32 -6.87 -11.21 -12.20
N GLN A 33 -7.56 -11.34 -13.31
CA GLN A 33 -6.96 -11.08 -14.62
C GLN A 33 -6.82 -9.57 -14.85
N ILE A 34 -7.92 -8.85 -14.64
CA ILE A 34 -7.90 -7.39 -14.81
C ILE A 34 -6.87 -6.75 -13.90
N LEU A 35 -6.86 -7.18 -12.64
CA LEU A 35 -5.93 -6.62 -11.66
C LEU A 35 -4.49 -6.80 -12.13
N ARG A 36 -4.24 -7.88 -12.88
CA ARG A 36 -2.90 -8.13 -13.39
C ARG A 36 -2.48 -7.04 -14.38
N ALA A 37 -3.42 -6.62 -15.22
CA ALA A 37 -3.13 -5.58 -16.20
C ALA A 37 -3.05 -4.20 -15.54
N THR A 38 -3.75 -4.06 -14.42
CA THR A 38 -3.77 -2.78 -13.71
C THR A 38 -2.39 -2.46 -13.12
N VAL A 39 -1.70 -3.50 -12.65
CA VAL A 39 -0.39 -3.32 -12.05
C VAL A 39 0.66 -2.98 -13.11
N GLU A 40 0.39 -3.41 -14.34
CA GLU A 40 1.32 -3.16 -15.44
C GLU A 40 1.28 -1.68 -15.85
N GLU A 41 0.08 -1.13 -15.96
CA GLU A 41 -0.07 0.26 -16.34
C GLU A 41 0.38 1.19 -15.21
N VAL A 42 0.11 0.76 -13.97
CA VAL A 42 0.49 1.56 -12.81
C VAL A 42 1.99 1.78 -12.77
N ARG A 43 2.75 0.69 -12.85
CA ARG A 43 4.21 0.78 -12.82
C ARG A 43 4.71 1.79 -13.85
N ALA A 44 4.15 1.73 -15.05
CA ALA A 44 4.55 2.64 -16.12
C ALA A 44 4.38 4.10 -15.67
N PHE A 45 3.23 4.40 -15.08
CA PHE A 45 2.93 5.76 -14.66
C PHE A 45 3.90 6.21 -13.57
N LEU A 46 4.21 5.31 -12.64
CA LEU A 46 5.09 5.64 -11.53
C LEU A 46 6.52 5.20 -11.84
N GLY A 47 6.67 4.39 -12.89
CA GLY A 47 7.99 3.88 -13.27
C GLY A 47 8.73 3.34 -12.07
N THR A 48 7.99 2.89 -11.06
CA THR A 48 8.60 2.33 -9.86
C THR A 48 9.14 0.93 -10.12
N ASP A 49 10.28 0.61 -9.53
CA ASP A 49 10.92 -0.67 -9.75
C ASP A 49 9.91 -1.81 -9.61
N ARG A 50 9.09 -1.73 -8.57
CA ARG A 50 8.14 -2.80 -8.30
C ARG A 50 6.85 -2.24 -7.70
N VAL A 51 5.71 -2.75 -8.17
CA VAL A 51 4.42 -2.38 -7.62
C VAL A 51 3.46 -3.54 -7.69
N LYS A 52 2.76 -3.82 -6.60
CA LYS A 52 1.87 -4.97 -6.55
C LYS A 52 0.56 -4.62 -5.85
N VAL A 53 -0.49 -5.36 -6.19
CA VAL A 53 -1.80 -5.16 -5.57
C VAL A 53 -2.02 -6.25 -4.51
N TYR A 54 -2.60 -5.85 -3.38
CA TYR A 54 -2.83 -6.80 -2.29
C TYR A 54 -4.29 -6.86 -1.90
N ARG A 55 -4.86 -8.06 -1.95
CA ARG A 55 -6.27 -8.25 -1.60
C ARG A 55 -6.37 -8.89 -0.22
N PHE A 56 -7.41 -8.50 0.52
CA PHE A 56 -7.60 -9.05 1.87
C PHE A 56 -8.69 -10.12 1.86
N ASP A 57 -8.39 -11.25 2.49
CA ASP A 57 -9.35 -12.34 2.58
C ASP A 57 -10.11 -12.29 3.90
N PRO A 58 -11.28 -12.85 3.94
CA PRO A 58 -12.14 -12.87 5.15
C PRO A 58 -11.33 -13.07 6.42
N GLU A 59 -10.49 -14.11 6.43
CA GLU A 59 -9.69 -14.43 7.60
C GLU A 59 -8.60 -13.39 7.80
N GLY A 60 -8.39 -12.55 6.79
CA GLY A 60 -7.40 -11.49 6.88
C GLY A 60 -6.14 -11.86 6.12
N HIS A 61 -6.09 -13.08 5.62
CA HIS A 61 -4.94 -13.55 4.86
C HIS A 61 -5.03 -13.10 3.41
N GLY A 62 -4.29 -12.05 3.07
CA GLY A 62 -4.34 -11.50 1.71
C GLY A 62 -3.36 -12.24 0.80
N THR A 63 -3.49 -12.01 -0.51
CA THR A 63 -2.62 -12.66 -1.47
C THR A 63 -2.19 -11.67 -2.55
N VAL A 64 -1.11 -12.02 -3.25
CA VAL A 64 -0.62 -11.16 -4.33
C VAL A 64 -1.17 -11.62 -5.67
N VAL A 65 -2.06 -10.83 -6.25
CA VAL A 65 -2.69 -11.18 -7.51
C VAL A 65 -2.18 -10.29 -8.64
N ALA A 66 -1.29 -9.36 -8.29
CA ALA A 66 -0.74 -8.44 -9.27
C ALA A 66 0.62 -7.93 -8.82
N GLU A 67 1.62 -8.06 -9.68
CA GLU A 67 2.97 -7.62 -9.35
C GLU A 67 3.81 -7.47 -10.62
N ALA A 68 4.64 -6.43 -10.65
CA ALA A 68 5.51 -6.20 -11.81
C ALA A 68 6.92 -5.86 -11.35
N ARG A 69 7.91 -6.33 -12.10
CA ARG A 69 9.30 -6.10 -11.75
C ARG A 69 10.05 -5.44 -12.91
N GLY A 70 10.96 -4.53 -12.57
CA GLY A 70 11.74 -3.84 -13.60
C GLY A 70 13.15 -4.43 -13.68
N GLY A 71 13.64 -4.58 -14.91
CA GLY A 71 14.98 -5.13 -15.12
C GLY A 71 15.24 -6.29 -14.17
N GLU A 72 14.26 -7.17 -14.04
CA GLU A 72 14.38 -8.32 -13.15
C GLU A 72 15.22 -7.96 -11.93
N ARG A 73 15.15 -6.70 -11.52
CA ARG A 73 15.93 -6.24 -10.37
C ARG A 73 15.39 -6.86 -9.09
N LEU A 74 14.07 -6.84 -8.93
CA LEU A 74 13.45 -7.42 -7.74
C LEU A 74 12.77 -8.74 -8.08
N PRO A 75 13.09 -9.77 -7.35
CA PRO A 75 12.51 -11.13 -7.57
C PRO A 75 10.99 -11.09 -7.68
N SER A 76 10.42 -12.11 -8.33
CA SER A 76 8.98 -12.16 -8.52
C SER A 76 8.31 -12.81 -7.30
N LEU A 77 7.44 -12.04 -6.64
CA LEU A 77 6.72 -12.57 -5.49
C LEU A 77 5.29 -12.96 -5.88
N LEU A 78 5.01 -12.93 -7.18
CA LEU A 78 3.67 -13.23 -7.67
C LEU A 78 3.28 -14.65 -7.29
N GLY A 79 2.04 -14.81 -6.84
CA GLY A 79 1.52 -16.14 -6.51
C GLY A 79 1.83 -16.50 -5.05
N LEU A 80 2.59 -15.64 -4.39
CA LEU A 80 2.93 -15.86 -2.99
C LEU A 80 1.86 -15.26 -2.08
N THR A 81 1.55 -15.96 -1.00
CA THR A 81 0.53 -15.51 -0.07
C THR A 81 1.18 -14.88 1.17
N PHE A 82 0.66 -13.73 1.58
CA PHE A 82 1.20 -13.05 2.76
C PHE A 82 0.25 -13.22 3.94
N PRO A 83 0.63 -14.01 4.91
CA PRO A 83 -0.17 -14.24 6.12
C PRO A 83 -0.69 -12.94 6.73
N ALA A 84 -1.90 -13.00 7.29
CA ALA A 84 -2.50 -11.82 7.89
C ALA A 84 -1.70 -11.35 9.11
N GLY A 85 -1.14 -12.30 9.84
CA GLY A 85 -0.37 -11.98 11.03
C GLY A 85 0.62 -10.84 10.76
N ASP A 86 0.90 -10.61 9.48
CA ASP A 86 1.83 -9.56 9.09
C ASP A 86 1.25 -8.19 9.44
N ILE A 87 -0.06 -8.08 9.39
CA ILE A 87 -0.73 -6.82 9.72
C ILE A 87 -1.54 -6.96 11.00
N PRO A 88 -1.40 -6.02 11.90
CA PRO A 88 -2.15 -6.02 13.19
C PRO A 88 -3.60 -5.60 13.01
N GLU A 89 -3.92 -4.38 13.41
CA GLU A 89 -5.28 -3.86 13.27
C GLU A 89 -5.29 -2.34 13.35
N GLU A 90 -4.64 -1.81 14.38
CA GLU A 90 -4.59 -0.36 14.57
C GLU A 90 -4.10 0.33 13.31
N ALA A 91 -3.06 -0.21 12.71
CA ALA A 91 -2.48 0.37 11.50
C ALA A 91 -3.40 0.15 10.31
N ARG A 92 -4.03 -1.02 10.25
CA ARG A 92 -4.94 -1.34 9.16
C ARG A 92 -6.14 -0.39 9.15
N ARG A 93 -6.54 0.05 10.33
CA ARG A 93 -7.67 0.96 10.45
C ARG A 93 -7.35 2.29 9.79
N LEU A 94 -6.11 2.74 9.93
CA LEU A 94 -5.69 4.02 9.36
C LEU A 94 -5.92 4.03 7.85
N PHE A 95 -5.69 2.89 7.22
CA PHE A 95 -5.89 2.77 5.78
C PHE A 95 -7.37 2.86 5.44
N ARG A 96 -8.22 2.33 6.32
CA ARG A 96 -9.66 2.35 6.07
C ARG A 96 -10.28 3.63 6.62
N LEU A 97 -9.61 4.25 7.58
CA LEU A 97 -10.15 5.43 8.24
C LEU A 97 -9.61 6.70 7.58
N ALA A 98 -8.30 6.76 7.42
CA ALA A 98 -7.64 7.97 6.93
C ALA A 98 -7.16 7.76 5.50
N GLN A 99 -7.11 6.50 5.07
CA GLN A 99 -6.67 6.16 3.73
C GLN A 99 -5.41 6.95 3.36
N VAL A 100 -4.38 6.84 4.21
CA VAL A 100 -3.13 7.53 3.98
C VAL A 100 -2.00 6.88 4.74
N ARG A 101 -0.94 6.50 4.02
CA ARG A 101 0.22 5.90 4.65
C ARG A 101 1.37 5.76 3.65
N VAL A 102 2.54 6.26 4.03
CA VAL A 102 3.71 6.18 3.16
C VAL A 102 4.98 5.97 3.99
N ILE A 103 5.98 5.36 3.37
CA ILE A 103 7.25 5.11 4.06
C ILE A 103 8.33 6.05 3.55
N VAL A 104 8.98 6.74 4.48
CA VAL A 104 10.00 7.72 4.11
C VAL A 104 11.35 7.03 3.88
N ASP A 105 12.31 7.77 3.36
CA ASP A 105 13.63 7.21 3.09
C ASP A 105 14.18 6.52 4.33
N VAL A 106 14.38 5.21 4.22
CA VAL A 106 14.91 4.43 5.34
C VAL A 106 16.15 5.09 5.91
N GLU A 107 16.76 5.98 5.13
CA GLU A 107 17.95 6.69 5.57
C GLU A 107 17.59 7.76 6.60
N ALA A 108 16.45 8.42 6.37
CA ALA A 108 15.99 9.47 7.28
C ALA A 108 15.77 8.89 8.68
N GLN A 109 15.68 7.57 8.77
CA GLN A 109 15.49 6.92 10.05
C GLN A 109 14.25 7.47 10.76
N SER A 110 13.08 7.24 10.16
CA SER A 110 11.83 7.64 10.79
C SER A 110 11.29 6.52 11.67
N ARG A 111 11.05 6.83 12.94
CA ARG A 111 10.59 5.82 13.90
C ARG A 111 9.15 6.07 14.31
N SER A 112 8.35 5.02 14.27
CA SER A 112 6.95 5.10 14.69
C SER A 112 6.71 4.19 15.88
N ILE A 113 5.75 4.56 16.73
CA ILE A 113 5.48 3.78 17.92
C ILE A 113 4.00 3.89 18.32
N SER A 114 3.53 2.92 19.09
CA SER A 114 2.15 2.92 19.56
C SER A 114 1.97 3.97 20.65
N GLN A 115 0.73 4.16 21.08
CA GLN A 115 0.44 5.15 22.11
C GLN A 115 -0.68 4.66 23.03
N PRO A 116 -0.70 5.11 24.25
CA PRO A 116 -1.73 4.71 25.25
C PRO A 116 -3.10 5.25 24.88
N GLU A 117 -3.17 6.05 23.81
CA GLU A 117 -4.43 6.61 23.37
C GLU A 117 -5.45 5.51 23.09
N SER A 118 -4.98 4.41 22.53
CA SER A 118 -5.85 3.28 22.22
C SER A 118 -6.85 3.67 21.14
N TRP A 119 -7.73 4.62 21.45
CA TRP A 119 -8.73 5.08 20.50
C TRP A 119 -8.06 5.76 19.30
N GLY A 120 -8.55 5.45 18.11
CA GLY A 120 -8.01 6.05 16.90
C GLY A 120 -8.94 7.12 16.35
N LEU A 121 -10.02 6.70 15.72
CA LEU A 121 -10.99 7.63 15.15
C LEU A 121 -10.27 8.76 14.42
N SER A 122 -9.70 8.44 13.26
CA SER A 122 -8.98 9.42 12.47
C SER A 122 -9.95 10.17 11.56
N ALA A 123 -11.23 9.83 11.64
CA ALA A 123 -12.24 10.48 10.82
C ALA A 123 -12.38 11.95 11.21
N ARG A 124 -12.62 12.20 12.49
CA ARG A 124 -12.77 13.58 12.98
C ARG A 124 -11.41 14.30 12.96
N VAL A 125 -10.34 13.53 13.13
CA VAL A 125 -9.01 14.10 13.14
C VAL A 125 -8.12 13.40 12.11
N PRO A 126 -7.92 14.02 10.98
CA PRO A 126 -7.08 13.46 9.89
C PRO A 126 -5.59 13.78 10.10
N LEU A 127 -4.73 12.84 9.70
CA LEU A 127 -3.29 13.04 9.85
C LEU A 127 -2.98 13.70 11.19
N GLY A 128 -2.50 14.93 11.14
CA GLY A 128 -2.18 15.67 12.35
C GLY A 128 -0.71 15.48 12.73
N GLU A 129 0.06 14.89 11.81
CA GLU A 129 1.48 14.67 12.04
C GLU A 129 2.31 15.40 10.99
N PRO A 130 3.61 15.42 11.17
CA PRO A 130 4.54 16.09 10.23
C PRO A 130 4.30 15.68 8.78
N LEU A 131 4.92 16.41 7.86
CA LEU A 131 4.75 16.12 6.44
C LEU A 131 5.33 14.76 6.10
N GLN A 132 5.57 13.95 7.12
CA GLN A 132 6.14 12.62 6.92
C GLN A 132 5.44 11.60 7.83
N ARG A 133 5.39 10.35 7.36
CA ARG A 133 4.75 9.30 8.14
C ARG A 133 5.77 8.24 8.54
N PRO A 134 6.05 8.13 9.81
CA PRO A 134 7.02 7.12 10.34
C PRO A 134 6.39 5.73 10.50
N VAL A 135 7.15 4.70 10.15
CA VAL A 135 6.67 3.33 10.27
C VAL A 135 7.59 2.52 11.17
N ASP A 136 7.00 1.76 12.09
CA ASP A 136 7.77 0.94 13.01
C ASP A 136 8.94 0.27 12.29
N PRO A 137 10.06 0.14 12.95
CA PRO A 137 11.27 -0.52 12.39
C PRO A 137 10.93 -1.83 11.68
N CYS A 138 9.69 -2.29 11.89
CA CYS A 138 9.25 -3.53 11.26
C CYS A 138 9.31 -3.42 9.75
N HIS A 139 8.93 -2.25 9.23
CA HIS A 139 8.95 -2.04 7.78
C HIS A 139 10.34 -1.59 7.34
N VAL A 140 11.10 -1.04 8.27
CA VAL A 140 12.45 -0.57 7.96
C VAL A 140 13.29 -1.71 7.39
N HIS A 141 13.51 -2.73 8.22
CA HIS A 141 14.30 -3.88 7.79
C HIS A 141 13.59 -4.64 6.68
N TYR A 142 12.31 -4.95 6.91
CA TYR A 142 11.53 -5.68 5.92
C TYR A 142 11.75 -5.07 4.54
N LEU A 143 11.74 -3.74 4.46
CA LEU A 143 11.96 -3.06 3.20
C LEU A 143 13.43 -3.12 2.80
N LYS A 144 14.31 -2.84 3.75
CA LYS A 144 15.73 -2.90 3.49
C LYS A 144 16.13 -4.28 2.97
N SER A 145 15.62 -5.33 3.62
CA SER A 145 15.88 -6.68 3.18
C SER A 145 15.27 -6.93 1.80
N MET A 146 14.36 -6.05 1.40
CA MET A 146 13.70 -6.18 0.10
C MET A 146 14.38 -5.28 -0.93
N GLY A 147 15.39 -4.54 -0.48
CA GLY A 147 16.12 -3.64 -1.36
C GLY A 147 15.32 -2.37 -1.64
N VAL A 148 14.38 -2.06 -0.73
CA VAL A 148 13.55 -0.87 -0.89
C VAL A 148 13.92 0.18 0.13
N ALA A 149 13.88 1.44 -0.28
CA ALA A 149 14.23 2.54 0.61
C ALA A 149 13.00 3.42 0.87
N SER A 150 12.30 3.77 -0.20
CA SER A 150 11.13 4.62 -0.08
C SER A 150 9.99 4.05 -0.92
N SER A 151 8.87 3.72 -0.28
CA SER A 151 7.73 3.16 -0.98
C SER A 151 6.44 3.89 -0.59
N LEU A 152 5.55 4.05 -1.56
CA LEU A 152 4.27 4.70 -1.30
C LEU A 152 3.17 3.64 -1.19
N VAL A 153 2.31 3.79 -0.18
CA VAL A 153 1.23 2.84 0.04
C VAL A 153 -0.12 3.50 -0.19
N VAL A 154 -0.93 2.88 -1.03
CA VAL A 154 -2.28 3.40 -1.31
C VAL A 154 -3.30 2.26 -1.24
N PRO A 155 -4.23 2.37 -0.34
CA PRO A 155 -5.24 1.29 -0.08
C PRO A 155 -6.32 1.24 -1.15
N LEU A 156 -6.91 0.05 -1.32
CA LEU A 156 -8.00 -0.12 -2.26
C LEU A 156 -9.27 -0.54 -1.52
N MET A 157 -10.25 0.37 -1.47
CA MET A 157 -11.46 0.12 -0.68
C MET A 157 -12.70 0.51 -1.48
N HIS A 158 -13.85 -0.05 -1.09
CA HIS A 158 -15.10 0.28 -1.74
C HIS A 158 -16.17 0.60 -0.70
N HIS A 159 -16.74 1.80 -0.78
CA HIS A 159 -17.74 2.23 0.18
C HIS A 159 -17.13 2.36 1.57
N GLN A 160 -17.46 1.41 2.44
CA GLN A 160 -16.96 1.43 3.80
C GLN A 160 -16.07 0.22 4.07
N GLU A 161 -15.99 -0.67 3.09
CA GLU A 161 -15.25 -1.92 3.26
C GLU A 161 -13.91 -1.84 2.55
N LEU A 162 -12.92 -2.54 3.09
CA LEU A 162 -11.59 -2.59 2.46
C LEU A 162 -11.40 -3.92 1.74
N TRP A 163 -11.03 -3.84 0.46
CA TRP A 163 -10.87 -5.04 -0.35
C TRP A 163 -9.40 -5.41 -0.48
N GLY A 164 -8.55 -4.42 -0.72
CA GLY A 164 -7.13 -4.67 -0.93
C GLY A 164 -6.31 -3.40 -0.72
N LEU A 165 -5.00 -3.49 -0.96
CA LEU A 165 -4.11 -2.36 -0.78
C LEU A 165 -3.08 -2.31 -1.89
N LEU A 166 -2.79 -1.09 -2.37
CA LEU A 166 -1.78 -0.91 -3.42
C LEU A 166 -0.50 -0.35 -2.81
N VAL A 167 0.63 -0.64 -3.46
CA VAL A 167 1.92 -0.17 -2.95
C VAL A 167 2.96 -0.16 -4.06
N SER A 168 3.76 0.91 -4.09
CA SER A 168 4.83 1.03 -5.07
C SER A 168 6.18 1.14 -4.37
N HIS A 169 7.15 0.35 -4.83
CA HIS A 169 8.47 0.34 -4.20
C HIS A 169 9.49 1.11 -5.04
N HIS A 170 10.24 1.99 -4.38
CA HIS A 170 11.26 2.77 -5.07
C HIS A 170 12.60 2.61 -4.36
N ALA A 171 13.60 2.11 -5.08
CA ALA A 171 14.92 1.90 -4.51
C ALA A 171 15.53 3.24 -4.06
N GLU A 172 15.04 4.32 -4.66
CA GLU A 172 15.55 5.65 -4.31
C GLU A 172 14.48 6.44 -3.55
N PRO A 173 14.89 7.49 -2.89
CA PRO A 173 13.97 8.35 -2.10
C PRO A 173 13.02 9.15 -2.99
N ARG A 174 13.46 10.34 -3.41
CA ARG A 174 12.65 11.19 -4.26
C ARG A 174 11.32 11.52 -3.57
N PRO A 175 11.06 12.78 -3.37
CA PRO A 175 9.81 13.25 -2.71
C PRO A 175 8.61 13.22 -3.66
N TYR A 176 7.42 13.32 -3.10
CA TYR A 176 6.20 13.32 -3.91
C TYR A 176 5.59 14.71 -3.97
N SER A 177 5.00 15.05 -5.10
CA SER A 177 4.39 16.36 -5.28
C SER A 177 2.92 16.33 -4.85
N GLN A 178 2.41 17.49 -4.43
CA GLN A 178 1.02 17.58 -4.00
C GLN A 178 0.09 17.13 -5.12
N GLU A 179 0.50 17.35 -6.36
CA GLU A 179 -0.31 16.96 -7.51
C GLU A 179 -0.01 15.53 -7.90
N GLU A 180 1.28 15.20 -8.01
CA GLU A 180 1.68 13.86 -8.40
C GLU A 180 1.24 12.85 -7.34
N LEU A 181 1.13 13.31 -6.10
CA LEU A 181 0.73 12.43 -5.00
C LEU A 181 -0.77 12.17 -5.06
N GLN A 182 -1.54 13.23 -5.24
CA GLN A 182 -3.00 13.11 -5.27
C GLN A 182 -3.44 12.43 -6.57
N VAL A 183 -2.99 12.97 -7.70
CA VAL A 183 -3.36 12.41 -8.99
C VAL A 183 -3.23 10.90 -8.96
N VAL A 184 -2.17 10.41 -8.33
CA VAL A 184 -1.94 8.97 -8.22
C VAL A 184 -2.94 8.35 -7.25
N GLN A 185 -3.03 8.94 -6.05
CA GLN A 185 -3.97 8.46 -5.06
C GLN A 185 -5.34 8.25 -5.69
N LEU A 186 -5.63 9.03 -6.74
CA LEU A 186 -6.88 8.90 -7.45
C LEU A 186 -6.90 7.61 -8.26
N LEU A 187 -5.79 7.34 -8.95
CA LEU A 187 -5.68 6.12 -9.74
C LEU A 187 -6.05 4.92 -8.89
N ALA A 188 -5.53 4.87 -7.67
CA ALA A 188 -5.83 3.77 -6.76
C ALA A 188 -7.33 3.75 -6.47
N ASP A 189 -7.90 4.94 -6.25
CA ASP A 189 -9.33 5.03 -6.00
C ASP A 189 -10.11 4.54 -7.22
N GLN A 190 -9.62 4.88 -8.39
CA GLN A 190 -10.25 4.44 -9.63
C GLN A 190 -10.15 2.93 -9.75
N VAL A 191 -9.10 2.36 -9.17
CA VAL A 191 -8.91 0.92 -9.18
C VAL A 191 -9.83 0.27 -8.16
N SER A 192 -9.83 0.81 -6.95
CA SER A 192 -10.70 0.28 -5.90
C SER A 192 -12.14 0.23 -6.39
N ILE A 193 -12.52 1.22 -7.19
CA ILE A 193 -13.87 1.28 -7.74
C ILE A 193 -14.09 0.12 -8.71
N ALA A 194 -13.03 -0.24 -9.44
CA ALA A 194 -13.11 -1.35 -10.38
C ALA A 194 -13.34 -2.66 -9.64
N ILE A 195 -12.69 -2.79 -8.48
CA ILE A 195 -12.86 -3.99 -7.67
C ILE A 195 -14.34 -4.20 -7.35
N ALA A 196 -14.99 -3.14 -6.89
CA ALA A 196 -16.40 -3.22 -6.51
C ALA A 196 -17.25 -3.49 -7.75
N GLN A 197 -17.03 -2.70 -8.80
CA GLN A 197 -17.81 -2.84 -10.02
C GLN A 197 -17.61 -4.23 -10.62
N ALA A 198 -16.36 -4.66 -10.72
CA ALA A 198 -16.04 -5.95 -11.30
C ALA A 198 -16.59 -7.07 -10.42
N GLU A 199 -16.57 -6.84 -9.11
CA GLU A 199 -17.02 -7.85 -8.16
C GLU A 199 -18.41 -8.36 -8.54
N LEU A 200 -19.28 -7.44 -8.94
CA LEU A 200 -20.64 -7.80 -9.33
C LEU A 200 -20.62 -8.97 -10.31
N SER A 201 -19.59 -9.00 -11.15
CA SER A 201 -19.46 -10.06 -12.14
C SER A 201 -19.57 -11.42 -11.48
N LEU A 202 -18.66 -11.70 -10.55
CA LEU A 202 -18.68 -12.97 -9.83
C LEU A 202 -19.87 -13.05 -8.89
CHA CYC B . 2.88 -2.13 8.76
NA CYC B . 3.47 -3.67 6.91
C1A CYC B . 2.94 -2.56 7.42
C2A CYC B . 2.44 -1.81 6.37
C3A CYC B . 2.69 -2.54 5.21
C4A CYC B . 3.34 -3.73 5.58
CMA CYC B . 2.29 -2.07 3.81
CAA CYC B . 1.72 -0.44 6.44
CBA CYC B . 2.64 0.68 6.97
CGA CYC B . 3.19 1.56 5.85
O1A CYC B . 2.37 2.27 5.22
O2A CYC B . 4.42 1.50 5.63
CHB CYC B . 3.81 -4.80 4.79
NB CYC B . 4.28 -4.33 2.36
C1B CYC B . 3.85 -5.05 3.41
C2B CYC B . 3.38 -6.27 2.92
C3B CYC B . 3.54 -6.27 1.55
C4B CYC B . 4.10 -5.03 1.23
CMB CYC B . 2.78 -7.46 3.71
CAB CYC B . 3.18 -7.35 0.53
CBB CYC B . 2.59 -6.79 -0.76
OB CYC B . 4.39 -4.66 0.10
NC CYC B . 5.29 -6.89 9.51
C1C CYC B . 5.94 -8.04 9.19
C2C CYC B . 6.73 -8.55 10.38
C3C CYC B . 6.66 -7.40 11.36
C4C CYC B . 5.56 -6.52 10.79
CMC CYC B . 6.11 -9.82 10.96
CAC CYC B . 7.98 -6.62 11.59
CBC CYC B . 9.15 -7.48 12.07
OC CYC B . 5.91 -8.58 8.09
CHD CYC B . 5.02 -5.51 11.59
ND CYC B . 4.02 -4.03 9.85
C1D CYC B . 4.36 -4.38 11.10
C2D CYC B . 3.91 -3.35 11.93
C3D CYC B . 3.30 -2.38 11.14
C4D CYC B . 3.39 -2.86 9.83
CMD CYC B . 4.07 -3.29 13.47
CAD CYC B . 2.66 -1.08 11.65
CBD CYC B . 3.69 0.03 11.91
CGD CYC B . 3.67 1.13 10.84
O1D CYC B . 3.47 2.31 11.23
O2D CYC B . 3.88 0.80 9.66
HHA CYC B . 2.44 -1.24 8.95
HMA1 CYC B . 2.96 -2.39 3.15
HMA2 CYC B . 1.40 -2.45 3.58
HMA3 CYC B . 2.24 -1.07 3.79
HAA1 CYC B . 0.94 -0.51 7.04
HAA2 CYC B . 1.42 -0.19 5.52
HBA1 CYC B . 3.40 0.27 7.46
HBA2 CYC B . 2.11 1.25 7.60
HHB CYC B . 4.15 -5.55 5.34
HB CYC B . 4.66 -3.41 2.41
HMB1 CYC B . 3.42 -8.23 3.71
HMB2 CYC B . 2.62 -7.17 4.66
HMB3 CYC B . 1.92 -7.75 3.30
HAB1 CYC B . 4.00 -7.87 0.31
HAB2 CYC B . 2.50 -7.97 0.95
HBB1 CYC B . 3.33 -6.45 -1.34
HBB2 CYC B . 2.09 -7.51 -1.24
HBB3 CYC B . 1.97 -6.04 -0.53
HC CYC B . 4.68 -6.37 8.89
H2C CYC B . 7.68 -8.74 10.09
H3C CYC B . 6.33 -7.78 12.23
HMC1 CYC B . 5.86 -10.44 10.23
HMC2 CYC B . 6.78 -10.27 11.56
HMC3 CYC B . 5.30 -9.59 11.49
HAC2 CYC B . 8.19 -6.24 10.68
HBC1 CYC B . 8.85 -8.44 12.13
HBC2 CYC B . 9.91 -7.42 11.40
HBC3 CYC B . 9.47 -7.17 12.97
HHD CYC B . 5.06 -5.63 12.58
HD CYC B . 4.21 -4.59 9.04
HMD1 CYC B . 4.54 -2.45 13.73
HMD2 CYC B . 3.14 -3.28 13.89
HMD3 CYC B . 4.58 -4.08 13.80
HAD1 CYC B . 2.17 -1.26 12.50
HAD2 CYC B . 2.02 -0.75 10.96
HBD1 CYC B . 4.60 -0.37 11.94
HBD2 CYC B . 3.49 0.44 12.80
HNE CYC B . 3.91 -4.39 7.46
N LEU A 31 -11.56 -10.90 -12.33
CA LEU A 31 -10.87 -9.92 -11.49
C LEU A 31 -9.37 -10.17 -11.50
N ASP A 32 -8.98 -11.41 -11.21
CA ASP A 32 -7.57 -11.78 -11.18
C ASP A 32 -6.88 -11.34 -12.46
N GLN A 33 -7.60 -11.39 -13.58
CA GLN A 33 -7.04 -11.00 -14.86
C GLN A 33 -6.93 -9.49 -14.98
N ILE A 34 -8.01 -8.80 -14.67
CA ILE A 34 -8.03 -7.34 -14.73
C ILE A 34 -6.98 -6.76 -13.78
N LEU A 35 -6.95 -7.27 -12.56
CA LEU A 35 -6.02 -6.77 -11.55
C LEU A 35 -4.58 -6.90 -12.04
N ARG A 36 -4.33 -7.93 -12.84
CA ARG A 36 -2.98 -8.15 -13.37
C ARG A 36 -2.61 -7.07 -14.38
N ALA A 37 -3.58 -6.66 -15.19
CA ALA A 37 -3.34 -5.63 -16.19
C ALA A 37 -3.27 -4.25 -15.53
N THR A 38 -3.91 -4.12 -14.38
CA THR A 38 -3.93 -2.83 -13.68
C THR A 38 -2.56 -2.49 -13.12
N VAL A 39 -1.86 -3.51 -12.62
CA VAL A 39 -0.55 -3.31 -12.03
C VAL A 39 0.47 -2.91 -13.10
N GLU A 40 0.21 -3.33 -14.34
CA GLU A 40 1.12 -3.02 -15.44
C GLU A 40 0.94 -1.58 -15.92
N GLU A 41 -0.31 -1.11 -15.92
CA GLU A 41 -0.61 0.23 -16.39
C GLU A 41 -0.20 1.26 -15.35
N VAL A 42 -0.68 1.09 -14.12
CA VAL A 42 -0.39 2.04 -13.05
C VAL A 42 1.11 2.24 -12.91
N ARG A 43 1.85 1.14 -12.87
CA ARG A 43 3.30 1.20 -12.73
C ARG A 43 3.90 2.14 -13.77
N ALA A 44 3.46 1.99 -15.01
CA ALA A 44 3.97 2.82 -16.11
C ALA A 44 3.87 4.30 -15.74
N PHE A 45 2.76 4.68 -15.12
CA PHE A 45 2.53 6.07 -14.74
C PHE A 45 3.51 6.48 -13.65
N LEU A 46 3.82 5.55 -12.74
CA LEU A 46 4.73 5.85 -11.65
C LEU A 46 6.15 5.42 -12.00
N GLY A 47 6.28 4.61 -13.05
CA GLY A 47 7.59 4.13 -13.47
C GLY A 47 8.37 3.56 -12.30
N THR A 48 7.65 3.08 -11.29
CA THR A 48 8.29 2.51 -10.11
C THR A 48 8.83 1.12 -10.41
N ASP A 49 10.00 0.81 -9.84
CA ASP A 49 10.64 -0.47 -10.11
C ASP A 49 9.64 -1.62 -9.96
N ARG A 50 8.88 -1.59 -8.89
CA ARG A 50 7.95 -2.68 -8.59
C ARG A 50 6.66 -2.15 -7.98
N VAL A 51 5.53 -2.66 -8.48
CA VAL A 51 4.23 -2.31 -7.92
C VAL A 51 3.34 -3.54 -7.88
N LYS A 52 2.72 -3.78 -6.72
CA LYS A 52 1.90 -4.97 -6.55
C LYS A 52 0.57 -4.62 -5.87
N VAL A 53 -0.46 -5.37 -6.23
CA VAL A 53 -1.77 -5.19 -5.62
C VAL A 53 -1.97 -6.25 -4.53
N TYR A 54 -2.53 -5.84 -3.40
CA TYR A 54 -2.73 -6.76 -2.28
C TYR A 54 -4.21 -6.96 -1.98
N ARG A 55 -4.68 -8.19 -2.19
CA ARG A 55 -6.08 -8.52 -1.92
C ARG A 55 -6.23 -9.03 -0.49
N PHE A 56 -7.18 -8.47 0.25
CA PHE A 56 -7.38 -8.86 1.64
C PHE A 56 -8.50 -9.88 1.77
N ASP A 57 -8.21 -10.97 2.46
CA ASP A 57 -9.21 -12.02 2.68
C ASP A 57 -9.95 -11.77 4.00
N PRO A 58 -11.17 -12.20 4.08
CA PRO A 58 -12.02 -12.00 5.28
C PRO A 58 -11.39 -12.58 6.54
N GLU A 59 -10.45 -13.49 6.35
CA GLU A 59 -9.77 -14.13 7.48
C GLU A 59 -8.51 -13.36 7.85
N GLY A 60 -8.27 -12.26 7.13
CA GLY A 60 -7.11 -11.42 7.42
C GLY A 60 -5.95 -11.74 6.49
N HIS A 61 -6.03 -12.91 5.85
CA HIS A 61 -4.98 -13.33 4.93
C HIS A 61 -5.10 -12.61 3.59
N GLY A 62 -3.97 -12.40 2.93
CA GLY A 62 -3.96 -11.74 1.64
C GLY A 62 -3.04 -12.45 0.66
N THR A 63 -3.26 -12.23 -0.63
CA THR A 63 -2.45 -12.86 -1.67
C THR A 63 -2.04 -11.84 -2.73
N VAL A 64 -0.98 -12.16 -3.46
CA VAL A 64 -0.53 -11.28 -4.54
C VAL A 64 -1.19 -11.67 -5.86
N VAL A 65 -2.13 -10.85 -6.31
CA VAL A 65 -2.87 -11.13 -7.54
C VAL A 65 -2.36 -10.24 -8.67
N ALA A 66 -1.45 -9.33 -8.35
CA ALA A 66 -0.89 -8.42 -9.35
C ALA A 66 0.49 -7.94 -8.91
N GLU A 67 1.48 -8.12 -9.79
CA GLU A 67 2.84 -7.71 -9.48
C GLU A 67 3.64 -7.52 -10.76
N ALA A 68 4.46 -6.48 -10.80
CA ALA A 68 5.29 -6.22 -11.97
C ALA A 68 6.73 -5.89 -11.54
N ARG A 69 7.70 -6.50 -12.21
CA ARG A 69 9.10 -6.32 -11.86
C ARG A 69 9.84 -5.59 -12.98
N GLY A 70 10.73 -4.68 -12.60
CA GLY A 70 11.51 -3.94 -13.58
C GLY A 70 12.90 -4.54 -13.75
N GLY A 71 13.36 -4.64 -14.99
CA GLY A 71 14.68 -5.19 -15.26
C GLY A 71 14.98 -6.37 -14.36
N GLU A 72 13.94 -7.14 -14.05
CA GLU A 72 14.09 -8.31 -13.18
C GLU A 72 14.97 -7.98 -11.98
N ARG A 73 15.14 -6.68 -11.72
CA ARG A 73 15.97 -6.25 -10.61
C ARG A 73 15.52 -6.91 -9.31
N LEU A 74 14.20 -6.90 -9.07
CA LEU A 74 13.66 -7.51 -7.88
C LEU A 74 13.01 -8.86 -8.20
N PRO A 75 13.05 -9.77 -7.27
CA PRO A 75 12.46 -11.12 -7.45
C PRO A 75 10.94 -11.08 -7.54
N SER A 76 10.36 -12.11 -8.15
CA SER A 76 8.91 -12.17 -8.32
C SER A 76 8.26 -12.84 -7.12
N LEU A 77 7.39 -12.10 -6.44
CA LEU A 77 6.68 -12.65 -5.29
C LEU A 77 5.24 -12.99 -5.66
N LEU A 78 4.94 -12.92 -6.95
CA LEU A 78 3.59 -13.21 -7.42
C LEU A 78 3.20 -14.65 -7.11
N GLY A 79 1.95 -14.85 -6.69
CA GLY A 79 1.45 -16.18 -6.42
C GLY A 79 1.77 -16.60 -4.98
N LEU A 80 2.55 -15.77 -4.30
CA LEU A 80 2.90 -16.06 -2.90
C LEU A 80 1.83 -15.51 -1.96
N THR A 81 1.61 -16.21 -0.87
CA THR A 81 0.61 -15.79 0.12
C THR A 81 1.30 -15.18 1.33
N PHE A 82 0.81 -14.02 1.77
CA PHE A 82 1.37 -13.35 2.93
C PHE A 82 0.51 -13.60 4.16
N PRO A 83 1.14 -13.84 5.29
CA PRO A 83 0.42 -14.08 6.56
C PRO A 83 -0.22 -12.81 7.12
N ALA A 84 -1.45 -12.94 7.60
CA ALA A 84 -2.17 -11.80 8.15
C ALA A 84 -1.41 -11.20 9.33
N GLY A 85 -0.83 -12.05 10.15
CA GLY A 85 -0.07 -11.58 11.32
C GLY A 85 0.95 -10.53 10.91
N ASP A 86 1.27 -10.48 9.63
CA ASP A 86 2.23 -9.51 9.12
C ASP A 86 1.65 -8.10 9.16
N ILE A 87 0.33 -8.02 9.07
CA ILE A 87 -0.34 -6.72 9.11
C ILE A 87 -1.22 -6.61 10.35
N PRO A 88 -0.67 -6.09 11.42
CA PRO A 88 -1.39 -5.94 12.71
C PRO A 88 -2.85 -5.55 12.50
N GLU A 89 -3.20 -4.34 12.92
CA GLU A 89 -4.57 -3.86 12.78
C GLU A 89 -4.61 -2.33 12.84
N GLU A 90 -4.04 -1.78 13.91
CA GLU A 90 -4.03 -0.32 14.08
C GLU A 90 -3.56 0.37 12.81
N ALA A 91 -2.53 -0.19 12.18
CA ALA A 91 -1.98 0.39 10.97
C ALA A 91 -2.93 0.18 9.79
N ARG A 92 -3.53 -1.01 9.72
CA ARG A 92 -4.46 -1.33 8.64
C ARG A 92 -5.69 -0.44 8.72
N ARG A 93 -6.09 -0.09 9.94
CA ARG A 93 -7.26 0.75 10.14
C ARG A 93 -7.04 2.13 9.53
N LEU A 94 -5.81 2.63 9.64
CA LEU A 94 -5.48 3.95 9.13
C LEU A 94 -5.73 4.01 7.62
N PHE A 95 -5.49 2.90 6.94
CA PHE A 95 -5.71 2.84 5.50
C PHE A 95 -7.20 2.92 5.18
N ARG A 96 -8.02 2.34 6.04
CA ARG A 96 -9.47 2.34 5.84
C ARG A 96 -10.10 3.58 6.47
N LEU A 97 -9.38 4.20 7.39
CA LEU A 97 -9.92 5.35 8.12
C LEU A 97 -9.51 6.64 7.43
N ALA A 98 -8.21 6.79 7.18
CA ALA A 98 -7.67 8.04 6.66
C ALA A 98 -7.16 7.85 5.24
N GLN A 99 -7.09 6.59 4.81
CA GLN A 99 -6.58 6.27 3.47
C GLN A 99 -5.32 7.08 3.16
N VAL A 100 -4.38 7.07 4.09
CA VAL A 100 -3.15 7.84 3.93
C VAL A 100 -2.03 7.24 4.76
N ARG A 101 -1.00 6.76 4.08
CA ARG A 101 0.16 6.18 4.77
C ARG A 101 1.30 5.95 3.78
N VAL A 102 2.49 6.45 4.12
CA VAL A 102 3.65 6.28 3.27
C VAL A 102 4.91 6.12 4.11
N ILE A 103 5.92 5.48 3.53
CA ILE A 103 7.18 5.25 4.24
C ILE A 103 8.27 6.17 3.70
N VAL A 104 8.95 6.87 4.61
CA VAL A 104 9.98 7.83 4.20
C VAL A 104 11.31 7.12 4.00
N ASP A 105 12.30 7.86 3.50
CA ASP A 105 13.61 7.27 3.23
C ASP A 105 14.14 6.55 4.47
N VAL A 106 14.34 5.25 4.35
CA VAL A 106 14.86 4.45 5.45
C VAL A 106 16.15 5.09 6.00
N GLU A 107 16.79 5.92 5.19
CA GLU A 107 18.01 6.60 5.61
C GLU A 107 17.71 7.61 6.71
N ALA A 108 16.59 8.31 6.56
CA ALA A 108 16.19 9.31 7.56
C ALA A 108 16.05 8.66 8.93
N GLN A 109 16.06 7.32 8.95
CA GLN A 109 15.93 6.59 10.21
C GLN A 109 14.71 7.07 11.00
N SER A 110 13.53 6.76 10.47
CA SER A 110 12.29 7.09 11.17
C SER A 110 11.83 5.91 12.02
N ARG A 111 11.66 6.14 13.32
CA ARG A 111 11.29 5.05 14.22
C ARG A 111 9.87 5.26 14.74
N SER A 112 9.09 4.18 14.76
CA SER A 112 7.73 4.22 15.27
C SER A 112 7.59 3.31 16.48
N ILE A 113 6.65 3.61 17.36
CA ILE A 113 6.46 2.81 18.56
C ILE A 113 5.03 2.92 19.08
N SER A 114 4.62 1.97 19.90
CA SER A 114 3.28 1.98 20.48
C SER A 114 3.16 3.08 21.52
N GLN A 115 1.93 3.44 21.85
CA GLN A 115 1.69 4.50 22.82
C GLN A 115 0.30 4.37 23.43
N PRO A 116 0.14 4.82 24.65
CA PRO A 116 -1.17 4.78 25.36
C PRO A 116 -2.20 5.70 24.72
N GLU A 117 -3.40 5.17 24.49
CA GLU A 117 -4.47 5.96 23.88
C GLU A 117 -3.94 6.71 22.65
N SER A 118 -3.77 5.99 21.55
CA SER A 118 -3.27 6.59 20.32
C SER A 118 -4.23 7.66 19.82
N TRP A 119 -5.09 7.29 18.88
CA TRP A 119 -6.05 8.23 18.31
C TRP A 119 -7.38 7.53 18.04
N GLY A 120 -8.44 8.31 17.90
CA GLY A 120 -9.76 7.76 17.63
C GLY A 120 -9.95 7.50 16.14
N LEU A 121 -11.14 7.05 15.77
CA LEU A 121 -11.43 6.76 14.37
C LEU A 121 -11.21 8.00 13.51
N SER A 122 -11.71 9.13 13.98
CA SER A 122 -11.56 10.39 13.25
C SER A 122 -11.73 10.15 11.74
N ALA A 123 -12.63 9.25 11.40
CA ALA A 123 -12.87 8.94 9.99
C ALA A 123 -13.43 10.16 9.26
N ARG A 124 -14.52 10.71 9.77
CA ARG A 124 -15.14 11.88 9.16
C ARG A 124 -14.09 12.96 8.90
N VAL A 125 -12.90 12.77 9.48
CA VAL A 125 -11.83 13.74 9.30
C VAL A 125 -10.83 13.26 8.25
N PRO A 126 -10.50 14.11 7.32
CA PRO A 126 -9.54 13.78 6.23
C PRO A 126 -8.09 13.78 6.72
N LEU A 127 -7.21 13.13 5.97
CA LEU A 127 -5.80 13.05 6.35
C LEU A 127 -5.66 12.43 7.74
N GLY A 128 -5.89 13.23 8.77
CA GLY A 128 -5.81 12.75 10.13
C GLY A 128 -4.36 12.40 10.50
N GLU A 129 -3.59 12.01 9.49
CA GLU A 129 -2.20 11.64 9.72
C GLU A 129 -1.28 12.41 8.76
N PRO A 130 -0.19 12.92 9.27
CA PRO A 130 0.81 13.68 8.46
C PRO A 130 1.14 12.98 7.15
N LEU A 131 1.63 13.75 6.18
CA LEU A 131 1.99 13.19 4.88
C LEU A 131 3.04 12.09 5.05
N GLN A 132 3.89 12.24 6.06
CA GLN A 132 4.95 11.27 6.32
C GLN A 132 4.94 10.85 7.78
N ARG A 133 5.00 9.54 8.01
CA ARG A 133 5.01 9.02 9.37
C ARG A 133 6.11 7.98 9.54
N PRO A 134 6.58 7.79 10.75
CA PRO A 134 7.64 6.80 11.07
C PRO A 134 7.09 5.37 11.13
N VAL A 135 7.86 4.43 10.60
CA VAL A 135 7.45 3.04 10.60
C VAL A 135 8.30 2.24 11.59
N ASP A 136 7.63 1.53 12.50
CA ASP A 136 8.32 0.74 13.51
C ASP A 136 9.57 0.08 12.93
N PRO A 137 10.65 0.10 13.66
CA PRO A 137 11.93 -0.52 13.22
C PRO A 137 11.72 -1.93 12.68
N CYS A 138 10.89 -2.71 13.36
CA CYS A 138 10.63 -4.08 12.95
C CYS A 138 10.18 -4.12 11.49
N HIS A 139 9.54 -3.06 11.03
CA HIS A 139 9.12 -2.97 9.65
C HIS A 139 10.24 -2.36 8.80
N VAL A 140 11.07 -1.54 9.42
CA VAL A 140 12.16 -0.90 8.71
C VAL A 140 13.10 -1.94 8.12
N HIS A 141 13.52 -2.90 8.95
CA HIS A 141 14.40 -3.96 8.49
C HIS A 141 13.69 -4.82 7.44
N TYR A 142 12.45 -5.19 7.74
CA TYR A 142 11.68 -5.99 6.79
C TYR A 142 11.78 -5.40 5.39
N LEU A 143 11.65 -4.08 5.30
CA LEU A 143 11.75 -3.40 4.01
C LEU A 143 13.19 -3.38 3.53
N LYS A 144 14.11 -3.05 4.42
CA LYS A 144 15.53 -3.06 4.08
C LYS A 144 15.94 -4.41 3.51
N SER A 145 15.48 -5.49 4.14
CA SER A 145 15.75 -6.83 3.65
C SER A 145 15.10 -7.04 2.29
N MET A 146 14.15 -6.17 1.95
CA MET A 146 13.45 -6.28 0.67
C MET A 146 14.09 -5.35 -0.36
N GLY A 147 15.06 -4.57 0.09
CA GLY A 147 15.75 -3.63 -0.80
C GLY A 147 14.90 -2.39 -1.05
N VAL A 148 13.95 -2.14 -0.16
CA VAL A 148 13.07 -0.98 -0.29
C VAL A 148 13.53 0.15 0.62
N ALA A 149 13.53 1.36 0.09
CA ALA A 149 13.95 2.53 0.85
C ALA A 149 12.76 3.47 1.06
N SER A 150 12.15 3.89 -0.04
CA SER A 150 11.00 4.79 0.01
C SER A 150 9.86 4.25 -0.84
N SER A 151 8.76 3.89 -0.19
CA SER A 151 7.63 3.32 -0.92
C SER A 151 6.33 4.01 -0.51
N LEU A 152 5.44 4.19 -1.48
CA LEU A 152 4.13 4.79 -1.21
C LEU A 152 3.06 3.71 -1.14
N VAL A 153 2.26 3.75 -0.09
CA VAL A 153 1.21 2.75 0.10
C VAL A 153 -0.17 3.36 -0.08
N VAL A 154 -0.80 3.07 -1.22
CA VAL A 154 -2.14 3.55 -1.48
C VAL A 154 -3.13 2.38 -1.44
N PRO A 155 -4.12 2.48 -0.60
CA PRO A 155 -5.11 1.39 -0.37
C PRO A 155 -6.17 1.31 -1.47
N LEU A 156 -6.76 0.13 -1.64
CA LEU A 156 -7.84 -0.05 -2.60
C LEU A 156 -9.13 -0.43 -1.87
N MET A 157 -10.08 0.49 -1.82
CA MET A 157 -11.31 0.26 -1.07
C MET A 157 -12.53 0.71 -1.88
N HIS A 158 -13.70 0.21 -1.50
CA HIS A 158 -14.94 0.60 -2.15
C HIS A 158 -16.08 0.70 -1.14
N HIS A 159 -16.69 1.87 -1.06
CA HIS A 159 -17.76 2.10 -0.10
C HIS A 159 -17.18 2.32 1.30
N GLN A 160 -17.47 1.39 2.20
CA GLN A 160 -17.00 1.49 3.57
C GLN A 160 -16.08 0.33 3.92
N GLU A 161 -15.94 -0.60 2.98
CA GLU A 161 -15.14 -1.80 3.21
C GLU A 161 -13.83 -1.73 2.45
N LEU A 162 -12.85 -2.50 2.89
CA LEU A 162 -11.55 -2.56 2.21
C LEU A 162 -11.38 -3.89 1.49
N TRP A 163 -11.01 -3.82 0.21
CA TRP A 163 -10.86 -5.04 -0.58
C TRP A 163 -9.38 -5.42 -0.70
N GLY A 164 -8.53 -4.42 -0.91
CA GLY A 164 -7.11 -4.68 -1.10
C GLY A 164 -6.29 -3.42 -0.87
N LEU A 165 -4.98 -3.52 -1.10
CA LEU A 165 -4.08 -2.38 -0.90
C LEU A 165 -3.05 -2.31 -2.01
N LEU A 166 -2.77 -1.10 -2.47
CA LEU A 166 -1.76 -0.89 -3.52
C LEU A 166 -0.49 -0.31 -2.91
N VAL A 167 0.64 -0.57 -3.56
CA VAL A 167 1.92 -0.09 -3.05
C VAL A 167 2.99 -0.08 -4.15
N SER A 168 3.78 0.98 -4.17
CA SER A 168 4.87 1.08 -5.14
C SER A 168 6.22 1.11 -4.43
N HIS A 169 7.19 0.39 -4.97
CA HIS A 169 8.50 0.31 -4.35
C HIS A 169 9.52 1.13 -5.15
N HIS A 170 10.24 2.01 -4.46
CA HIS A 170 11.26 2.84 -5.09
C HIS A 170 12.60 2.67 -4.38
N ALA A 171 13.60 2.20 -5.11
CA ALA A 171 14.92 1.99 -4.53
C ALA A 171 15.53 3.32 -4.08
N GLU A 172 15.05 4.40 -4.67
CA GLU A 172 15.55 5.73 -4.33
C GLU A 172 14.47 6.55 -3.64
N PRO A 173 14.87 7.53 -2.87
CA PRO A 173 13.92 8.42 -2.13
C PRO A 173 13.00 9.18 -3.08
N ARG A 174 13.50 10.27 -3.64
CA ARG A 174 12.71 11.08 -4.57
C ARG A 174 11.35 11.41 -3.96
N PRO A 175 11.26 12.53 -3.31
CA PRO A 175 10.00 13.00 -2.66
C PRO A 175 8.82 13.00 -3.63
N TYR A 176 7.62 13.10 -3.09
CA TYR A 176 6.42 13.11 -3.92
C TYR A 176 5.77 14.49 -3.90
N SER A 177 5.14 14.87 -5.00
CA SER A 177 4.48 16.16 -5.10
C SER A 177 3.05 16.09 -4.59
N GLN A 178 2.54 17.20 -4.08
CA GLN A 178 1.19 17.24 -3.55
C GLN A 178 0.18 17.04 -4.68
N GLU A 179 0.56 17.43 -5.88
CA GLU A 179 -0.33 17.32 -7.03
C GLU A 179 -0.31 15.90 -7.59
N GLU A 180 0.89 15.42 -7.93
CA GLU A 180 1.03 14.08 -8.47
C GLU A 180 0.57 13.04 -7.46
N LEU A 181 0.85 13.29 -6.18
CA LEU A 181 0.46 12.38 -5.13
C LEU A 181 -1.04 12.10 -5.18
N GLN A 182 -1.81 13.16 -5.33
CA GLN A 182 -3.27 13.02 -5.38
C GLN A 182 -3.69 12.38 -6.70
N VAL A 183 -3.19 12.94 -7.80
CA VAL A 183 -3.53 12.41 -9.12
C VAL A 183 -3.43 10.88 -9.11
N VAL A 184 -2.38 10.37 -8.48
CA VAL A 184 -2.19 8.92 -8.38
C VAL A 184 -3.20 8.32 -7.41
N GLN A 185 -3.29 8.91 -6.22
CA GLN A 185 -4.25 8.44 -5.23
C GLN A 185 -5.61 8.25 -5.88
N LEU A 186 -5.89 9.06 -6.89
CA LEU A 186 -7.16 8.95 -7.61
C LEU A 186 -7.18 7.65 -8.41
N LEU A 187 -6.09 7.37 -9.11
CA LEU A 187 -6.00 6.14 -9.89
C LEU A 187 -6.38 4.94 -9.03
N ALA A 188 -5.86 4.93 -7.80
CA ALA A 188 -6.18 3.87 -6.86
C ALA A 188 -7.69 3.83 -6.61
N ASP A 189 -8.26 4.99 -6.34
CA ASP A 189 -9.70 5.09 -6.13
C ASP A 189 -10.44 4.61 -7.36
N GLN A 190 -9.90 4.95 -8.53
CA GLN A 190 -10.50 4.52 -9.79
C GLN A 190 -10.37 3.01 -9.94
N VAL A 191 -9.28 2.47 -9.41
CA VAL A 191 -9.05 1.03 -9.48
C VAL A 191 -9.94 0.31 -8.46
N SER A 192 -9.92 0.80 -7.23
CA SER A 192 -10.76 0.22 -6.19
C SER A 192 -12.20 0.17 -6.65
N ILE A 193 -12.60 1.16 -7.45
CA ILE A 193 -13.95 1.22 -7.98
C ILE A 193 -14.19 0.06 -8.94
N ALA A 194 -13.13 -0.31 -9.67
CA ALA A 194 -13.22 -1.42 -10.60
C ALA A 194 -13.40 -2.74 -9.86
N ILE A 195 -12.69 -2.87 -8.75
CA ILE A 195 -12.80 -4.08 -7.93
C ILE A 195 -14.25 -4.34 -7.56
N ALA A 196 -14.88 -3.36 -6.92
CA ALA A 196 -16.27 -3.51 -6.49
C ALA A 196 -17.18 -3.67 -7.71
N GLN A 197 -17.00 -2.78 -8.69
CA GLN A 197 -17.82 -2.81 -9.90
C GLN A 197 -17.64 -4.15 -10.61
N ALA A 198 -16.40 -4.56 -10.78
CA ALA A 198 -16.10 -5.81 -11.46
C ALA A 198 -16.60 -7.00 -10.64
N GLU A 199 -16.53 -6.86 -9.33
CA GLU A 199 -16.94 -7.94 -8.43
C GLU A 199 -18.34 -8.44 -8.81
N LEU A 200 -19.21 -7.51 -9.18
CA LEU A 200 -20.57 -7.87 -9.56
C LEU A 200 -20.56 -9.03 -10.54
N SER A 201 -19.53 -9.08 -11.38
CA SER A 201 -19.42 -10.14 -12.38
C SER A 201 -19.57 -11.50 -11.71
N LEU A 202 -18.69 -11.80 -10.75
CA LEU A 202 -18.74 -13.08 -10.05
C LEU A 202 -19.96 -13.12 -9.13
CHA CYC B . 2.97 -2.27 8.06
NA CYC B . 3.85 -3.52 6.11
C1A CYC B . 3.08 -2.60 6.70
C2A CYC B . 2.35 -1.97 5.71
C3A CYC B . 2.73 -2.56 4.50
C4A CYC B . 3.68 -3.55 4.79
CMA CYC B . 2.16 -2.15 3.15
CAA CYC B . 1.32 -0.82 5.88
CBA CYC B . 1.97 0.54 6.14
CGA CYC B . 2.02 0.89 7.63
O1A CYC B . 3.10 0.69 8.23
O2A CYC B . 0.98 1.35 8.13
CHB CYC B . 4.37 -4.42 3.92
NB CYC B . 4.48 -4.18 1.42
C1B CYC B . 4.20 -4.80 2.58
C2B CYC B . 3.69 -6.07 2.28
C3B CYC B . 3.65 -6.19 0.90
C4B CYC B . 4.15 -5.00 0.39
CMB CYC B . 3.23 -7.17 3.26
CAB CYC B . 3.16 -7.36 0.06
CBB CYC B . 2.64 -6.93 -1.31
OB CYC B . 4.28 -4.73 -0.79
NC CYC B . 5.57 -7.50 10.69
C1C CYC B . 5.20 -8.39 11.65
C2C CYC B . 5.15 -7.71 13.01
C3C CYC B . 5.80 -6.37 12.74
C4C CYC B . 5.83 -6.28 11.21
CMC CYC B . 3.70 -7.55 13.50
CAC CYC B . 7.21 -6.18 13.37
CBC CYC B . 7.25 -6.32 14.89
OC CYC B . 4.95 -9.57 11.46
CHD CYC B . 6.09 -5.05 10.62
ND CYC B . 4.63 -3.84 9.01
C1D CYC B . 5.11 -4.14 10.22
C2D CYC B . 4.45 -3.31 11.12
C3D CYC B . 3.56 -2.51 10.41
C4D CYC B . 3.71 -2.88 9.08
CMD CYC B . 4.64 -3.28 12.65
CAD CYC B . 2.61 -1.46 11.02
CBD CYC B . 3.27 -0.09 11.21
CGD CYC B . 3.02 0.52 12.60
O1D CYC B . 1.92 1.10 12.77
O2D CYC B . 3.91 0.39 13.46
HHA CYC B . 2.31 -1.55 8.31
HMA1 CYC B . 2.87 -2.17 2.46
HMA2 CYC B . 1.44 -2.79 2.89
HMA3 CYC B . 1.76 -1.23 3.20
HAA1 CYC B . 0.72 -1.04 6.65
HAA2 CYC B . 0.77 -0.77 5.04
HBA1 CYC B . 1.47 1.24 5.66
HBA2 CYC B . 2.92 0.51 5.78
HHB CYC B . 5.11 -4.90 4.38
HB CYC B . 4.89 -3.29 1.33
HMB1 CYC B . 2.45 -7.66 2.86
HMB2 CYC B . 3.98 -7.81 3.40
HMB3 CYC B . 2.96 -6.77 4.13
HAB1 CYC B . 3.92 -8.00 -0.07
HAB2 CYC B . 2.42 -7.82 0.54
HBB1 CYC B . 1.90 -6.26 -1.19
HBB2 CYC B . 3.39 -6.51 -1.83
HBB3 CYC B . 2.30 -7.73 -1.81
HC CYC B . 5.66 -7.72 9.71
H2C CYC B . 5.67 -8.25 13.67
H3C CYC B . 5.17 -5.66 13.09
HMC1 CYC B . 3.20 -6.96 12.86
HMC2 CYC B . 3.26 -8.45 13.53
HMC3 CYC B . 3.70 -7.13 14.40
HAC2 CYC B . 7.77 -6.90 12.93
HBC1 CYC B . 6.36 -6.65 15.22
HBC2 CYC B . 7.95 -7.02 15.13
HBC3 CYC B . 7.47 -5.45 15.32
HHD CYC B . 7.05 -4.78 10.50
HD CYC B . 4.92 -4.28 8.15
HMD1 CYC B . 4.99 -2.38 12.93
HMD2 CYC B . 3.76 -3.43 13.11
HMD3 CYC B . 5.30 -3.98 12.93
HAD1 CYC B . 2.28 -1.78 11.90
HAD2 CYC B . 1.82 -1.34 10.40
HBD1 CYC B . 2.93 0.53 10.51
HBD2 CYC B . 4.26 -0.20 11.08
HNE CYC B . 4.49 -4.13 6.61
N LEU A 31 -11.08 -11.15 -12.61
CA LEU A 31 -10.47 -10.20 -11.69
C LEU A 31 -8.95 -10.40 -11.68
N ASP A 32 -8.52 -11.64 -11.47
CA ASP A 32 -7.09 -11.95 -11.42
C ASP A 32 -6.40 -11.45 -12.69
N GLN A 33 -7.12 -11.47 -13.81
CA GLN A 33 -6.56 -11.03 -15.08
C GLN A 33 -6.49 -9.51 -15.15
N ILE A 34 -7.61 -8.86 -14.83
CA ILE A 34 -7.66 -7.40 -14.84
C ILE A 34 -6.59 -6.81 -13.92
N LEU A 35 -6.56 -7.29 -12.68
CA LEU A 35 -5.61 -6.79 -11.71
C LEU A 35 -4.18 -6.92 -12.22
N ARG A 36 -3.94 -7.97 -13.01
CA ARG A 36 -2.62 -8.20 -13.56
C ARG A 36 -2.21 -7.08 -14.52
N ALA A 37 -3.17 -6.62 -15.32
CA ALA A 37 -2.91 -5.55 -16.27
C ALA A 37 -2.82 -4.21 -15.56
N THR A 38 -3.51 -4.09 -14.43
CA THR A 38 -3.53 -2.84 -13.69
C THR A 38 -2.17 -2.54 -13.09
N VAL A 39 -1.47 -3.60 -12.64
CA VAL A 39 -0.17 -3.43 -12.03
C VAL A 39 0.88 -3.04 -13.07
N GLU A 40 0.64 -3.43 -14.31
CA GLU A 40 1.58 -3.13 -15.39
C GLU A 40 1.42 -1.67 -15.85
N GLU A 41 0.18 -1.21 -15.92
CA GLU A 41 -0.09 0.15 -16.38
C GLU A 41 0.27 1.16 -15.30
N VAL A 42 -0.28 0.97 -14.10
CA VAL A 42 -0.03 1.89 -12.99
C VAL A 42 1.47 2.10 -12.79
N ARG A 43 2.21 1.01 -12.76
CA ARG A 43 3.66 1.09 -12.57
C ARG A 43 4.29 2.03 -13.60
N ALA A 44 3.87 1.88 -14.85
CA ALA A 44 4.40 2.71 -15.93
C ALA A 44 4.27 4.19 -15.57
N PHE A 45 3.13 4.56 -15.00
CA PHE A 45 2.87 5.94 -14.64
C PHE A 45 3.83 6.39 -13.53
N LEU A 46 4.14 5.47 -12.62
CA LEU A 46 5.03 5.79 -11.50
C LEU A 46 6.45 5.37 -11.84
N GLY A 47 6.61 4.58 -12.89
CA GLY A 47 7.92 4.10 -13.29
C GLY A 47 8.70 3.55 -12.11
N THR A 48 7.98 3.08 -11.10
CA THR A 48 8.60 2.51 -9.92
C THR A 48 9.16 1.13 -10.20
N ASP A 49 10.31 0.81 -9.60
CA ASP A 49 10.96 -0.47 -9.84
C ASP A 49 9.95 -1.61 -9.81
N ARG A 50 9.08 -1.59 -8.81
CA ARG A 50 8.10 -2.65 -8.64
C ARG A 50 6.81 -2.12 -8.04
N VAL A 51 5.69 -2.68 -8.46
CA VAL A 51 4.39 -2.34 -7.89
C VAL A 51 3.49 -3.57 -7.83
N LYS A 52 2.83 -3.78 -6.70
CA LYS A 52 2.00 -4.96 -6.52
C LYS A 52 0.67 -4.60 -5.87
N VAL A 53 -0.36 -5.36 -6.21
CA VAL A 53 -1.67 -5.17 -5.59
C VAL A 53 -1.88 -6.23 -4.51
N TYR A 54 -2.45 -5.81 -3.38
CA TYR A 54 -2.65 -6.72 -2.26
C TYR A 54 -4.13 -6.88 -1.94
N ARG A 55 -4.64 -8.09 -2.15
CA ARG A 55 -6.05 -8.36 -1.87
C ARG A 55 -6.20 -8.95 -0.47
N PHE A 56 -7.23 -8.50 0.24
CA PHE A 56 -7.46 -8.99 1.60
C PHE A 56 -8.57 -10.02 1.63
N ASP A 57 -8.39 -11.06 2.45
CA ASP A 57 -9.39 -12.10 2.59
C ASP A 57 -10.20 -11.88 3.87
N PRO A 58 -11.44 -12.31 3.87
CA PRO A 58 -12.36 -12.13 5.03
C PRO A 58 -11.75 -12.66 6.33
N GLU A 59 -10.76 -13.54 6.20
CA GLU A 59 -10.10 -14.12 7.36
C GLU A 59 -8.87 -13.32 7.74
N GLY A 60 -8.62 -12.24 7.01
CA GLY A 60 -7.48 -11.38 7.29
C GLY A 60 -6.30 -11.73 6.41
N HIS A 61 -6.35 -12.90 5.79
CA HIS A 61 -5.28 -13.34 4.91
C HIS A 61 -5.33 -12.60 3.57
N GLY A 62 -4.17 -12.35 3.00
CA GLY A 62 -4.10 -11.65 1.71
C GLY A 62 -3.16 -12.37 0.75
N THR A 63 -3.38 -12.16 -0.55
CA THR A 63 -2.55 -12.81 -1.56
C THR A 63 -2.11 -11.80 -2.62
N VAL A 64 -1.03 -12.11 -3.32
CA VAL A 64 -0.55 -11.25 -4.38
C VAL A 64 -1.15 -11.65 -5.73
N VAL A 65 -2.07 -10.83 -6.23
CA VAL A 65 -2.74 -11.13 -7.48
C VAL A 65 -2.18 -10.27 -8.61
N ALA A 66 -1.24 -9.39 -8.26
CA ALA A 66 -0.64 -8.50 -9.25
C ALA A 66 0.73 -8.03 -8.77
N GLU A 67 1.75 -8.24 -9.60
CA GLU A 67 3.11 -7.84 -9.24
C GLU A 67 3.95 -7.66 -10.50
N ALA A 68 4.77 -6.61 -10.52
CA ALA A 68 5.63 -6.36 -11.67
C ALA A 68 7.04 -6.00 -11.20
N ARG A 69 8.03 -6.44 -11.96
CA ARG A 69 9.43 -6.18 -11.61
C ARG A 69 10.16 -5.50 -12.77
N GLY A 70 11.01 -4.54 -12.43
CA GLY A 70 11.77 -3.82 -13.45
C GLY A 70 13.19 -4.38 -13.57
N GLY A 71 13.68 -4.44 -14.81
CA GLY A 71 15.02 -4.95 -15.05
C GLY A 71 15.31 -6.18 -14.19
N GLU A 72 14.33 -7.08 -14.12
CA GLU A 72 14.47 -8.29 -13.32
C GLU A 72 15.33 -8.00 -12.08
N ARG A 73 15.28 -6.77 -11.60
CA ARG A 73 16.07 -6.39 -10.44
C ARG A 73 15.57 -7.11 -9.19
N LEU A 74 14.25 -7.16 -9.03
CA LEU A 74 13.65 -7.82 -7.89
C LEU A 74 12.80 -9.00 -8.33
N PRO A 75 12.75 -10.03 -7.54
CA PRO A 75 11.96 -11.26 -7.85
C PRO A 75 10.46 -11.00 -7.80
N SER A 76 9.69 -11.94 -8.33
CA SER A 76 8.23 -11.79 -8.36
C SER A 76 7.59 -12.54 -7.20
N LEU A 77 6.77 -11.84 -6.43
CA LEU A 77 6.09 -12.46 -5.29
C LEU A 77 4.68 -12.89 -5.70
N LEU A 78 4.41 -12.86 -7.00
CA LEU A 78 3.08 -13.22 -7.50
C LEU A 78 2.72 -14.64 -7.11
N GLY A 79 1.49 -14.82 -6.62
CA GLY A 79 1.01 -16.16 -6.28
C GLY A 79 1.37 -16.51 -4.85
N LEU A 80 2.23 -15.70 -4.24
CA LEU A 80 2.63 -15.91 -2.85
C LEU A 80 1.60 -15.33 -1.90
N THR A 81 1.40 -15.98 -0.76
CA THR A 81 0.44 -15.52 0.23
C THR A 81 1.16 -14.95 1.45
N PHE A 82 0.65 -13.85 1.97
CA PHE A 82 1.23 -13.22 3.15
C PHE A 82 0.34 -13.43 4.36
N PRO A 83 0.93 -13.67 5.49
CA PRO A 83 0.18 -13.86 6.77
C PRO A 83 -0.41 -12.55 7.29
N ALA A 84 -1.65 -12.62 7.75
CA ALA A 84 -2.33 -11.44 8.27
C ALA A 84 -1.61 -10.89 9.50
N GLY A 85 -1.08 -11.80 10.31
CA GLY A 85 -0.37 -11.39 11.52
C GLY A 85 0.65 -10.29 11.22
N ASP A 86 0.98 -10.14 9.95
CA ASP A 86 1.94 -9.12 9.53
C ASP A 86 1.34 -7.73 9.68
N ILE A 87 0.01 -7.65 9.58
CA ILE A 87 -0.68 -6.37 9.70
C ILE A 87 -1.53 -6.33 10.96
N PRO A 88 -1.05 -5.69 11.98
CA PRO A 88 -1.77 -5.57 13.28
C PRO A 88 -3.25 -5.24 13.08
N GLU A 89 -3.66 -4.07 13.57
CA GLU A 89 -5.05 -3.65 13.44
C GLU A 89 -5.14 -2.12 13.51
N GLU A 90 -4.61 -1.55 14.59
CA GLU A 90 -4.65 -0.10 14.78
C GLU A 90 -4.22 0.62 13.50
N ALA A 91 -3.17 0.12 12.86
CA ALA A 91 -2.66 0.73 11.64
C ALA A 91 -3.63 0.47 10.48
N ARG A 92 -4.06 -0.77 10.34
CA ARG A 92 -4.95 -1.14 9.24
C ARG A 92 -6.19 -0.24 9.22
N ARG A 93 -6.63 0.16 10.41
CA ARG A 93 -7.80 1.02 10.51
C ARG A 93 -7.54 2.38 9.86
N LEU A 94 -6.31 2.86 10.00
CA LEU A 94 -5.95 4.16 9.46
C LEU A 94 -6.14 4.19 7.94
N PHE A 95 -5.87 3.06 7.29
CA PHE A 95 -6.01 2.96 5.84
C PHE A 95 -7.48 3.02 5.45
N ARG A 96 -8.35 2.53 6.32
CA ARG A 96 -9.78 2.55 6.05
C ARG A 96 -10.42 3.82 6.61
N LEU A 97 -9.76 4.43 7.59
CA LEU A 97 -10.33 5.60 8.26
C LEU A 97 -9.86 6.88 7.56
N ALA A 98 -8.55 6.97 7.33
CA ALA A 98 -7.96 8.19 6.79
C ALA A 98 -7.46 7.97 5.37
N GLN A 99 -7.41 6.69 4.98
CA GLN A 99 -6.94 6.33 3.64
C GLN A 99 -5.69 7.14 3.27
N VAL A 100 -4.65 7.02 4.10
CA VAL A 100 -3.41 7.72 3.84
C VAL A 100 -2.25 7.05 4.56
N ARG A 101 -1.22 6.69 3.81
CA ARG A 101 -0.05 6.05 4.39
C ARG A 101 1.12 6.08 3.41
N VAL A 102 2.27 6.55 3.87
CA VAL A 102 3.46 6.59 3.03
C VAL A 102 4.71 6.37 3.87
N ILE A 103 5.74 5.80 3.26
CA ILE A 103 6.99 5.53 3.96
C ILE A 103 8.12 6.38 3.40
N VAL A 104 8.85 7.05 4.30
CA VAL A 104 9.91 7.95 3.87
C VAL A 104 11.22 7.19 3.72
N ASP A 105 12.25 7.89 3.23
CA ASP A 105 13.54 7.26 3.04
C ASP A 105 13.99 6.53 4.29
N VAL A 106 14.15 5.21 4.18
CA VAL A 106 14.59 4.40 5.31
C VAL A 106 15.85 5.00 5.93
N GLU A 107 16.49 5.92 5.21
CA GLU A 107 17.68 6.58 5.72
C GLU A 107 17.33 7.47 6.91
N ALA A 108 16.22 8.17 6.81
CA ALA A 108 15.76 9.03 7.89
C ALA A 108 15.46 8.21 9.15
N GLN A 109 15.68 6.91 9.05
CA GLN A 109 15.44 6.01 10.18
C GLN A 109 14.21 6.45 10.97
N SER A 110 13.03 6.28 10.35
CA SER A 110 11.78 6.60 11.03
C SER A 110 11.26 5.40 11.80
N ARG A 111 11.05 5.57 13.09
CA ARG A 111 10.61 4.46 13.94
C ARG A 111 9.18 4.67 14.42
N SER A 112 8.41 3.59 14.45
CA SER A 112 7.04 3.63 14.92
C SER A 112 6.85 2.66 16.07
N ILE A 113 5.84 2.90 16.91
CA ILE A 113 5.59 2.03 18.05
C ILE A 113 4.14 2.12 18.50
N SER A 114 3.72 1.14 19.29
CA SER A 114 2.35 1.14 19.81
C SER A 114 2.20 2.18 20.92
N GLN A 115 0.96 2.41 21.34
CA GLN A 115 0.70 3.40 22.37
C GLN A 115 -0.77 3.36 22.79
N PRO A 116 -1.19 2.29 23.39
CA PRO A 116 -2.60 2.12 23.85
C PRO A 116 -3.23 3.45 24.28
N GLU A 117 -4.54 3.56 24.09
CA GLU A 117 -5.25 4.79 24.46
C GLU A 117 -4.60 5.99 23.81
N SER A 118 -5.10 6.38 22.64
CA SER A 118 -4.55 7.52 21.92
C SER A 118 -5.64 8.22 21.10
N TRP A 119 -5.28 9.31 20.44
CA TRP A 119 -6.24 10.06 19.63
C TRP A 119 -6.79 9.19 18.52
N GLY A 120 -8.03 9.46 18.12
CA GLY A 120 -8.67 8.70 17.05
C GLY A 120 -10.18 8.77 17.16
N LEU A 121 -10.70 9.98 17.33
CA LEU A 121 -12.14 10.18 17.45
C LEU A 121 -12.87 9.56 16.26
N SER A 122 -12.51 10.01 15.06
CA SER A 122 -13.15 9.50 13.85
C SER A 122 -12.38 9.97 12.61
N ALA A 123 -12.81 9.49 11.45
CA ALA A 123 -12.16 9.87 10.19
C ALA A 123 -12.63 11.25 9.74
N ARG A 124 -13.56 11.83 10.49
CA ARG A 124 -14.07 13.15 10.16
C ARG A 124 -12.95 14.17 10.11
N VAL A 125 -11.85 13.86 10.80
CA VAL A 125 -10.70 14.77 10.83
C VAL A 125 -9.64 14.33 9.82
N PRO A 126 -9.21 15.23 8.99
CA PRO A 126 -8.18 14.95 7.95
C PRO A 126 -6.77 14.88 8.54
N LEU A 127 -5.90 14.13 7.88
CA LEU A 127 -4.53 14.00 8.34
C LEU A 127 -4.48 13.46 9.76
N GLY A 128 -4.20 14.34 10.71
CA GLY A 128 -4.14 13.93 12.12
C GLY A 128 -2.71 13.61 12.52
N GLU A 129 -1.88 13.26 11.54
CA GLU A 129 -0.49 12.93 11.80
C GLU A 129 0.44 13.68 10.86
N PRO A 130 1.68 13.81 11.23
CA PRO A 130 2.70 14.51 10.39
C PRO A 130 2.67 14.06 8.94
N LEU A 131 3.33 14.81 8.07
CA LEU A 131 3.35 14.50 6.65
C LEU A 131 4.04 13.15 6.41
N GLN A 132 4.37 12.47 7.50
CA GLN A 132 5.05 11.17 7.40
C GLN A 132 4.48 10.20 8.42
N ARG A 133 4.68 8.91 8.18
CA ARG A 133 4.18 7.88 9.08
C ARG A 133 5.24 6.81 9.33
N PRO A 134 6.08 7.03 10.32
CA PRO A 134 7.16 6.08 10.67
C PRO A 134 6.66 4.64 10.80
N VAL A 135 7.48 3.69 10.33
CA VAL A 135 7.11 2.29 10.40
C VAL A 135 8.07 1.53 11.32
N ASP A 136 7.50 0.76 12.24
CA ASP A 136 8.30 -0.03 13.17
C ASP A 136 9.49 -0.66 12.45
N PRO A 137 10.54 -0.95 13.17
CA PRO A 137 11.78 -1.55 12.59
C PRO A 137 11.50 -2.87 11.88
N CYS A 138 10.30 -3.40 12.09
CA CYS A 138 9.90 -4.65 11.45
C CYS A 138 9.73 -4.46 9.95
N HIS A 139 9.16 -3.32 9.57
CA HIS A 139 8.96 -3.02 8.16
C HIS A 139 10.22 -2.41 7.56
N VAL A 140 10.99 -1.74 8.40
CA VAL A 140 12.24 -1.14 7.95
C VAL A 140 13.13 -2.18 7.28
N HIS A 141 13.57 -3.16 8.08
CA HIS A 141 14.42 -4.23 7.55
C HIS A 141 13.71 -4.94 6.40
N TYR A 142 12.41 -5.18 6.57
CA TYR A 142 11.63 -5.81 5.52
C TYR A 142 11.87 -5.13 4.18
N LEU A 143 11.83 -3.80 4.19
CA LEU A 143 12.07 -3.03 2.98
C LEU A 143 13.54 -3.08 2.57
N LYS A 144 14.41 -2.83 3.54
CA LYS A 144 15.84 -2.88 3.28
C LYS A 144 16.25 -4.25 2.75
N SER A 145 15.73 -5.30 3.39
CA SER A 145 15.99 -6.67 2.93
C SER A 145 15.39 -6.89 1.54
N MET A 146 14.47 -6.02 1.16
CA MET A 146 13.83 -6.13 -0.15
C MET A 146 14.50 -5.20 -1.15
N GLY A 147 15.49 -4.43 -0.68
CA GLY A 147 16.20 -3.51 -1.54
C GLY A 147 15.39 -2.24 -1.76
N VAL A 148 14.47 -1.96 -0.86
CA VAL A 148 13.62 -0.78 -0.98
C VAL A 148 14.03 0.28 0.04
N ALA A 149 14.02 1.54 -0.38
CA ALA A 149 14.40 2.64 0.50
C ALA A 149 13.18 3.51 0.80
N SER A 150 12.45 3.86 -0.25
CA SER A 150 11.26 4.70 -0.10
C SER A 150 10.12 4.13 -0.92
N SER A 151 9.00 3.86 -0.25
CA SER A 151 7.84 3.30 -0.93
C SER A 151 6.56 4.04 -0.55
N LEU A 152 5.69 4.25 -1.53
CA LEU A 152 4.41 4.91 -1.29
C LEU A 152 3.30 3.88 -1.17
N VAL A 153 2.43 4.05 -0.19
CA VAL A 153 1.34 3.09 0.03
C VAL A 153 -0.01 3.76 -0.23
N VAL A 154 -0.80 3.12 -1.10
CA VAL A 154 -2.12 3.62 -1.42
C VAL A 154 -3.15 2.50 -1.28
N PRO A 155 -4.04 2.62 -0.33
CA PRO A 155 -5.03 1.56 -0.01
C PRO A 155 -6.15 1.46 -1.04
N LEU A 156 -6.71 0.26 -1.18
CA LEU A 156 -7.82 0.04 -2.11
C LEU A 156 -9.07 -0.38 -1.33
N MET A 157 -10.07 0.50 -1.30
CA MET A 157 -11.29 0.23 -0.55
C MET A 157 -12.52 0.61 -1.36
N HIS A 158 -13.64 -0.05 -1.05
CA HIS A 158 -14.90 0.26 -1.73
C HIS A 158 -15.97 0.65 -0.72
N HIS A 159 -16.52 1.85 -0.88
CA HIS A 159 -17.52 2.36 0.05
C HIS A 159 -16.96 2.43 1.46
N GLN A 160 -17.32 1.46 2.29
CA GLN A 160 -16.87 1.45 3.68
C GLN A 160 -15.99 0.24 3.95
N GLU A 161 -15.92 -0.67 2.97
CA GLU A 161 -15.20 -1.92 3.15
C GLU A 161 -13.81 -1.83 2.51
N LEU A 162 -12.85 -2.55 3.09
CA LEU A 162 -11.51 -2.59 2.52
C LEU A 162 -11.27 -3.93 1.83
N TRP A 163 -10.88 -3.87 0.56
CA TRP A 163 -10.69 -5.09 -0.23
C TRP A 163 -9.22 -5.44 -0.34
N GLY A 164 -8.38 -4.42 -0.57
CA GLY A 164 -6.95 -4.65 -0.77
C GLY A 164 -6.16 -3.37 -0.59
N LEU A 165 -4.85 -3.45 -0.84
CA LEU A 165 -3.98 -2.29 -0.68
C LEU A 165 -2.94 -2.24 -1.80
N LEU A 166 -2.62 -1.03 -2.25
CA LEU A 166 -1.62 -0.85 -3.29
C LEU A 166 -0.34 -0.26 -2.71
N VAL A 167 0.78 -0.53 -3.35
CA VAL A 167 2.07 -0.03 -2.86
C VAL A 167 3.12 -0.04 -3.96
N SER A 168 3.91 1.03 -4.02
CA SER A 168 4.98 1.12 -5.00
C SER A 168 6.32 1.29 -4.30
N HIS A 169 7.35 0.62 -4.83
CA HIS A 169 8.67 0.67 -4.21
C HIS A 169 9.70 1.29 -5.17
N HIS A 170 10.55 2.15 -4.63
CA HIS A 170 11.60 2.78 -5.43
C HIS A 170 12.94 2.66 -4.72
N ALA A 171 13.97 2.24 -5.45
CA ALA A 171 15.30 2.07 -4.88
C ALA A 171 15.84 3.40 -4.36
N GLU A 172 15.31 4.49 -4.91
CA GLU A 172 15.77 5.82 -4.51
C GLU A 172 14.61 6.62 -3.91
N PRO A 173 14.91 7.53 -3.02
CA PRO A 173 13.88 8.38 -2.35
C PRO A 173 12.77 8.80 -3.31
N ARG A 174 13.10 9.70 -4.23
CA ARG A 174 12.11 10.18 -5.20
C ARG A 174 10.81 10.56 -4.49
N PRO A 175 10.80 11.68 -3.83
CA PRO A 175 9.60 12.18 -3.11
C PRO A 175 8.38 12.27 -4.03
N TYR A 176 7.22 12.57 -3.44
CA TYR A 176 5.99 12.69 -4.21
C TYR A 176 5.42 14.11 -4.09
N SER A 177 4.92 14.62 -5.21
CA SER A 177 4.35 15.97 -5.21
C SER A 177 2.90 15.94 -4.74
N GLN A 178 2.46 17.05 -4.16
CA GLN A 178 1.08 17.15 -3.67
C GLN A 178 0.09 16.95 -4.81
N GLU A 179 0.51 17.32 -6.02
CA GLU A 179 -0.35 17.20 -7.18
C GLU A 179 -0.26 15.80 -7.77
N GLU A 180 0.96 15.36 -8.06
CA GLU A 180 1.18 14.03 -8.62
C GLU A 180 0.73 12.96 -7.65
N LEU A 181 0.75 13.28 -6.36
CA LEU A 181 0.36 12.32 -5.33
C LEU A 181 -1.16 12.18 -5.30
N GLN A 182 -1.86 13.29 -5.49
CA GLN A 182 -3.32 13.28 -5.45
C GLN A 182 -3.87 12.56 -6.68
N VAL A 183 -3.51 13.05 -7.85
CA VAL A 183 -3.99 12.45 -9.10
C VAL A 183 -3.80 10.95 -9.04
N VAL A 184 -2.71 10.50 -8.42
CA VAL A 184 -2.43 9.08 -8.28
C VAL A 184 -3.37 8.47 -7.26
N GLN A 185 -3.40 9.05 -6.07
CA GLN A 185 -4.29 8.57 -5.01
C GLN A 185 -5.68 8.31 -5.58
N LEU A 186 -6.08 9.16 -6.53
CA LEU A 186 -7.38 9.01 -7.17
C LEU A 186 -7.37 7.79 -8.09
N LEU A 187 -6.24 7.59 -8.78
CA LEU A 187 -6.10 6.45 -9.67
C LEU A 187 -6.41 5.17 -8.91
N ALA A 188 -5.83 5.05 -7.71
CA ALA A 188 -6.08 3.88 -6.88
C ALA A 188 -7.55 3.81 -6.51
N ASP A 189 -8.11 4.95 -6.11
CA ASP A 189 -9.53 5.02 -5.78
C ASP A 189 -10.35 4.54 -6.96
N GLN A 190 -9.87 4.82 -8.17
CA GLN A 190 -10.55 4.40 -9.38
C GLN A 190 -10.37 2.89 -9.57
N VAL A 191 -9.26 2.37 -9.06
CA VAL A 191 -8.98 0.94 -9.15
C VAL A 191 -9.84 0.18 -8.14
N SER A 192 -9.82 0.64 -6.90
CA SER A 192 -10.63 0.01 -5.85
C SER A 192 -12.09 -0.08 -6.32
N ILE A 193 -12.48 0.85 -7.20
CA ILE A 193 -13.83 0.85 -7.72
C ILE A 193 -14.00 -0.25 -8.77
N ALA A 194 -12.91 -0.55 -9.47
CA ALA A 194 -12.95 -1.55 -10.52
C ALA A 194 -13.20 -2.93 -9.92
N ILE A 195 -12.55 -3.21 -8.80
CA ILE A 195 -12.70 -4.49 -8.13
C ILE A 195 -14.11 -4.61 -7.55
N ALA A 196 -14.70 -3.47 -7.22
CA ALA A 196 -16.04 -3.46 -6.64
C ALA A 196 -17.08 -3.73 -7.72
N GLN A 197 -17.03 -2.96 -8.80
CA GLN A 197 -17.98 -3.12 -9.90
C GLN A 197 -17.75 -4.44 -10.60
N ALA A 198 -16.48 -4.83 -10.72
CA ALA A 198 -16.15 -6.09 -11.38
C ALA A 198 -16.66 -7.27 -10.56
N GLU A 199 -16.62 -7.12 -9.24
CA GLU A 199 -17.06 -8.18 -8.34
C GLU A 199 -18.45 -8.67 -8.72
N LEU A 200 -19.33 -7.73 -9.05
CA LEU A 200 -20.69 -8.08 -9.43
C LEU A 200 -20.69 -9.20 -10.46
N SER A 201 -19.63 -9.27 -11.26
CA SER A 201 -19.51 -10.30 -12.27
C SER A 201 -19.66 -11.69 -11.64
N LEU A 202 -18.79 -12.00 -10.69
CA LEU A 202 -18.83 -13.28 -10.01
C LEU A 202 -20.19 -13.49 -9.36
CHA CYC B . 2.88 -1.75 8.12
NA CYC B . 3.55 -3.38 6.38
C1A CYC B . 2.98 -2.27 6.82
C2A CYC B . 2.42 -1.62 5.71
C3A CYC B . 2.70 -2.43 4.61
C4A CYC B . 3.42 -3.54 5.06
CMA CYC B . 2.27 -2.08 3.18
CAA CYC B . 1.65 -0.28 5.70
CBA CYC B . 2.58 0.95 5.77
CGA CYC B . 2.78 1.44 7.20
O1A CYC B . 1.92 2.22 7.67
O2A CYC B . 3.79 1.01 7.80
CHB CYC B . 3.94 -4.62 4.34
NB CYC B . 4.53 -4.32 1.92
C1B CYC B . 4.03 -4.97 2.97
C2B CYC B . 3.50 -6.18 2.52
C3B CYC B . 3.72 -6.25 1.16
C4B CYC B . 4.36 -5.07 0.82
CMB CYC B . 2.81 -7.30 3.34
CAB CYC B . 3.34 -7.35 0.19
CBB CYC B . 2.77 -6.83 -1.12
OB CYC B . 4.71 -4.76 -0.32
NC CYC B . 3.62 -5.81 12.72
C1C CYC B . 3.66 -6.70 13.74
C2C CYC B . 5.09 -7.17 13.98
C3C CYC B . 5.88 -6.41 12.96
C4C CYC B . 4.85 -5.57 12.20
CMC CYC B . 5.57 -6.86 15.39
CAC CYC B . 6.77 -7.27 12.01
CBC CYC B . 7.75 -8.20 12.73
OC CYC B . 2.70 -7.09 14.40
CHD CYC B . 5.28 -4.77 11.15
ND CYC B . 4.15 -3.49 9.34
C1D CYC B . 4.52 -3.74 10.59
C2D CYC B . 4.02 -2.69 11.36
C3D CYC B . 3.34 -1.82 10.51
C4D CYC B . 3.45 -2.37 9.23
CMD CYC B . 4.19 -2.49 12.89
CAD CYC B . 2.62 -0.52 10.94
CBD CYC B . 3.49 0.73 10.81
CGD CYC B . 2.79 2.01 11.28
O1D CYC B . 3.31 2.63 12.24
O2D CYC B . 1.75 2.35 10.68
HHA CYC B . 2.39 -0.90 8.25
HMA1 CYC B . 2.21 -1.08 3.09
HMA2 CYC B . 2.96 -2.42 2.54
HMA3 CYC B . 1.38 -2.49 2.99
HAA1 CYC B . 1.02 -0.26 6.48
HAA2 CYC B . 1.11 -0.24 4.85
HBA1 CYC B . 2.18 1.68 5.22
HBA2 CYC B . 3.46 0.68 5.37
HHB CYC B . 4.29 -5.36 4.93
HB CYC B . 4.96 -3.42 1.93
HMB1 CYC B . 3.39 -7.57 4.11
HMB2 CYC B . 1.95 -6.93 3.72
HMB3 CYC B . 2.62 -8.08 2.76
HAB1 CYC B . 4.14 -7.90 -0.01
HAB2 CYC B . 2.64 -7.95 0.61
HBB1 CYC B . 2.10 -6.11 -0.93
HBB2 CYC B . 3.51 -6.44 -1.68
HBB3 CYC B . 2.33 -7.57 -1.63
HC CYC B . 2.78 -5.36 12.38
H2C CYC B . 5.15 -8.15 13.80
H3C CYC B . 6.46 -5.78 13.50
HMC1 CYC B . 5.06 -6.08 15.76
HMC2 CYC B . 5.40 -7.66 15.97
HMC3 CYC B . 6.55 -6.65 15.39
HAC2 CYC B . 6.10 -7.80 11.49
HBC1 CYC B . 7.43 -9.14 12.68
HBC2 CYC B . 8.64 -8.14 12.29
HBC3 CYC B . 7.82 -7.92 13.69
HHD CYC B . 6.20 -4.92 10.79
HD CYC B . 4.38 -4.09 8.55
HMD1 CYC B . 4.12 -1.53 13.11
HMD2 CYC B . 3.44 -2.98 13.35
HMD3 CYC B . 5.07 -2.86 13.18
HAD1 CYC B . 2.32 -0.61 11.89
HAD2 CYC B . 1.80 -0.40 10.35
HBD1 CYC B . 3.76 0.83 9.86
HBD2 CYC B . 4.31 0.59 11.36
HNE CYC B . 4.03 -4.04 6.98
N LEU A 31 -11.46 -10.78 -12.43
CA LEU A 31 -10.77 -9.72 -11.71
C LEU A 31 -9.27 -10.01 -11.65
N ASP A 32 -8.91 -11.21 -11.21
CA ASP A 32 -7.52 -11.60 -11.10
C ASP A 32 -6.77 -11.27 -12.39
N GLN A 33 -7.46 -11.40 -13.52
CA GLN A 33 -6.86 -11.12 -14.82
C GLN A 33 -6.72 -9.60 -15.03
N ILE A 34 -7.81 -8.88 -14.80
CA ILE A 34 -7.80 -7.43 -14.94
C ILE A 34 -6.76 -6.81 -14.01
N LEU A 35 -6.76 -7.25 -12.76
CA LEU A 35 -5.82 -6.71 -11.78
C LEU A 35 -4.39 -6.88 -12.24
N ARG A 36 -4.13 -7.97 -12.97
CA ARG A 36 -2.80 -8.23 -13.49
C ARG A 36 -2.37 -7.16 -14.49
N ALA A 37 -3.30 -6.74 -15.33
CA ALA A 37 -3.00 -5.73 -16.33
C ALA A 37 -2.93 -4.34 -15.69
N THR A 38 -3.62 -4.18 -14.57
CA THR A 38 -3.64 -2.90 -13.87
C THR A 38 -2.28 -2.59 -13.25
N VAL A 39 -1.61 -3.63 -12.77
CA VAL A 39 -0.30 -3.45 -12.12
C VAL A 39 0.76 -3.14 -13.16
N GLU A 40 0.52 -3.55 -14.41
CA GLU A 40 1.48 -3.32 -15.48
C GLU A 40 1.44 -1.86 -15.92
N GLU A 41 0.23 -1.34 -16.14
CA GLU A 41 0.07 0.05 -16.56
C GLU A 41 0.41 1.00 -15.42
N VAL A 42 -0.06 0.67 -14.22
CA VAL A 42 0.21 1.51 -13.06
C VAL A 42 1.70 1.77 -12.91
N ARG A 43 2.48 0.70 -12.82
CA ARG A 43 3.93 0.83 -12.70
C ARG A 43 4.48 1.81 -13.73
N ALA A 44 3.98 1.72 -14.95
CA ALA A 44 4.43 2.60 -16.02
C ALA A 44 4.27 4.06 -15.61
N PHE A 45 3.12 4.40 -15.04
CA PHE A 45 2.84 5.77 -14.63
C PHE A 45 3.83 6.22 -13.56
N LEU A 46 4.14 5.32 -12.64
CA LEU A 46 5.05 5.63 -11.54
C LEU A 46 6.48 5.22 -11.89
N GLY A 47 6.62 4.45 -12.96
CA GLY A 47 7.93 3.97 -13.38
C GLY A 47 8.72 3.41 -12.20
N THR A 48 8.00 2.96 -11.18
CA THR A 48 8.64 2.41 -9.99
C THR A 48 9.17 1.01 -10.27
N ASP A 49 10.29 0.67 -9.65
CA ASP A 49 10.92 -0.62 -9.88
C ASP A 49 9.87 -1.73 -9.90
N ARG A 50 8.99 -1.72 -8.91
CA ARG A 50 7.97 -2.76 -8.79
C ARG A 50 6.72 -2.23 -8.11
N VAL A 51 5.57 -2.72 -8.54
CA VAL A 51 4.30 -2.36 -7.92
C VAL A 51 3.37 -3.57 -7.87
N LYS A 52 2.73 -3.77 -6.72
CA LYS A 52 1.88 -4.94 -6.54
C LYS A 52 0.56 -4.56 -5.86
N VAL A 53 -0.48 -5.31 -6.18
CA VAL A 53 -1.78 -5.12 -5.54
C VAL A 53 -1.99 -6.18 -4.46
N TYR A 54 -2.53 -5.76 -3.32
CA TYR A 54 -2.72 -6.67 -2.21
C TYR A 54 -4.20 -6.81 -1.86
N ARG A 55 -4.70 -8.04 -1.97
CA ARG A 55 -6.10 -8.33 -1.67
C ARG A 55 -6.20 -9.02 -0.32
N PHE A 56 -7.24 -8.69 0.45
CA PHE A 56 -7.43 -9.29 1.76
C PHE A 56 -8.50 -10.37 1.71
N ASP A 57 -8.32 -11.40 2.54
CA ASP A 57 -9.30 -12.49 2.61
C ASP A 57 -10.17 -12.33 3.85
N PRO A 58 -11.38 -12.80 3.78
CA PRO A 58 -12.36 -12.72 4.91
C PRO A 58 -11.73 -13.14 6.23
N GLU A 59 -10.65 -13.92 6.16
CA GLU A 59 -10.00 -14.42 7.36
C GLU A 59 -8.79 -13.55 7.71
N GLY A 60 -8.54 -12.52 6.89
CA GLY A 60 -7.44 -11.62 7.14
C GLY A 60 -6.24 -11.96 6.26
N HIS A 61 -6.28 -13.16 5.66
CA HIS A 61 -5.20 -13.60 4.78
C HIS A 61 -5.23 -12.82 3.47
N GLY A 62 -4.04 -12.54 2.94
CA GLY A 62 -3.94 -11.79 1.69
C GLY A 62 -3.04 -12.51 0.70
N THR A 63 -3.29 -12.29 -0.59
CA THR A 63 -2.49 -12.92 -1.63
C THR A 63 -2.08 -11.91 -2.69
N VAL A 64 -1.00 -12.21 -3.42
CA VAL A 64 -0.54 -11.33 -4.49
C VAL A 64 -1.21 -11.70 -5.81
N VAL A 65 -2.13 -10.86 -6.26
CA VAL A 65 -2.85 -11.12 -7.50
C VAL A 65 -2.31 -10.24 -8.62
N ALA A 66 -1.39 -9.34 -8.28
CA ALA A 66 -0.80 -8.44 -9.25
C ALA A 66 0.57 -7.97 -8.80
N GLU A 67 1.58 -8.18 -9.65
CA GLU A 67 2.94 -7.79 -9.31
C GLU A 67 3.77 -7.58 -10.58
N ALA A 68 4.60 -6.55 -10.58
CA ALA A 68 5.46 -6.28 -11.73
C ALA A 68 6.88 -5.97 -11.25
N ARG A 69 7.87 -6.45 -12.01
CA ARG A 69 9.26 -6.24 -11.65
C ARG A 69 10.01 -5.53 -12.78
N GLY A 70 10.89 -4.61 -12.42
CA GLY A 70 11.66 -3.86 -13.41
C GLY A 70 13.06 -4.46 -13.56
N GLY A 71 13.53 -4.50 -14.80
CA GLY A 71 14.86 -5.04 -15.07
C GLY A 71 15.12 -6.28 -14.23
N GLU A 72 14.08 -7.06 -13.99
CA GLU A 72 14.20 -8.27 -13.18
C GLU A 72 15.08 -8.02 -11.95
N ARG A 73 15.24 -6.75 -11.61
CA ARG A 73 16.06 -6.37 -10.46
C ARG A 73 15.60 -7.11 -9.22
N LEU A 74 14.28 -7.16 -9.02
CA LEU A 74 13.73 -7.85 -7.86
C LEU A 74 12.80 -8.98 -8.31
N PRO A 75 12.72 -10.02 -7.53
CA PRO A 75 11.87 -11.20 -7.85
C PRO A 75 10.39 -10.87 -7.80
N SER A 76 9.56 -11.76 -8.32
CA SER A 76 8.12 -11.53 -8.35
C SER A 76 7.44 -12.28 -7.22
N LEU A 77 6.57 -11.58 -6.49
CA LEU A 77 5.84 -12.19 -5.38
C LEU A 77 4.43 -12.60 -5.83
N LEU A 78 4.22 -12.61 -7.14
CA LEU A 78 2.90 -12.93 -7.68
C LEU A 78 2.55 -14.39 -7.41
N GLY A 79 1.32 -14.64 -6.96
CA GLY A 79 0.86 -15.99 -6.74
C GLY A 79 1.24 -16.47 -5.33
N LEU A 80 2.09 -15.69 -4.66
CA LEU A 80 2.51 -16.03 -3.31
C LEU A 80 1.48 -15.53 -2.30
N THR A 81 1.35 -16.26 -1.19
CA THR A 81 0.40 -15.89 -0.15
C THR A 81 1.13 -15.35 1.07
N PHE A 82 0.60 -14.25 1.62
CA PHE A 82 1.21 -13.65 2.82
C PHE A 82 0.39 -13.99 4.06
N PRO A 83 1.05 -14.30 5.14
CA PRO A 83 0.38 -14.62 6.42
C PRO A 83 -0.26 -13.40 7.06
N ALA A 84 -1.46 -13.58 7.62
CA ALA A 84 -2.17 -12.49 8.25
C ALA A 84 -1.41 -11.97 9.47
N GLY A 85 -0.86 -12.89 10.25
CA GLY A 85 -0.10 -12.50 11.45
C GLY A 85 0.92 -11.42 11.12
N ASP A 86 1.26 -11.30 9.85
CA ASP A 86 2.22 -10.30 9.42
C ASP A 86 1.65 -8.89 9.56
N ILE A 87 0.35 -8.81 9.83
CA ILE A 87 -0.31 -7.53 9.99
C ILE A 87 -1.25 -7.55 11.18
N PRO A 88 -1.17 -6.54 12.02
CA PRO A 88 -2.05 -6.42 13.21
C PRO A 88 -3.46 -5.97 12.85
N GLU A 89 -3.74 -4.69 13.09
CA GLU A 89 -5.06 -4.14 12.76
C GLU A 89 -5.05 -2.63 12.91
N GLU A 90 -4.45 -2.14 14.00
CA GLU A 90 -4.40 -0.70 14.26
C GLU A 90 -3.90 0.05 13.04
N ALA A 91 -2.83 -0.45 12.44
CA ALA A 91 -2.25 0.18 11.26
C ALA A 91 -3.17 0.03 10.05
N ARG A 92 -3.80 -1.13 9.95
CA ARG A 92 -4.72 -1.40 8.84
C ARG A 92 -5.92 -0.45 8.89
N ARG A 93 -6.32 -0.09 10.10
CA ARG A 93 -7.47 0.81 10.28
C ARG A 93 -7.17 2.17 9.68
N LEU A 94 -5.93 2.64 9.84
CA LEU A 94 -5.55 3.94 9.32
C LEU A 94 -5.75 3.99 7.80
N PHE A 95 -5.51 2.89 7.12
CA PHE A 95 -5.70 2.81 5.69
C PHE A 95 -7.19 2.89 5.34
N ARG A 96 -8.03 2.42 6.25
CA ARG A 96 -9.48 2.45 6.03
C ARG A 96 -10.10 3.70 6.64
N LEU A 97 -9.43 4.27 7.63
CA LEU A 97 -9.97 5.41 8.37
C LEU A 97 -9.52 6.71 7.71
N ALA A 98 -8.22 6.82 7.45
CA ALA A 98 -7.65 8.06 6.92
C ALA A 98 -7.14 7.83 5.50
N GLN A 99 -7.09 6.56 5.09
CA GLN A 99 -6.60 6.21 3.76
C GLN A 99 -5.38 7.04 3.40
N VAL A 100 -4.33 6.94 4.21
CA VAL A 100 -3.12 7.70 3.99
C VAL A 100 -1.95 7.06 4.74
N ARG A 101 -0.90 6.71 4.00
CA ARG A 101 0.28 6.12 4.62
C ARG A 101 1.42 6.04 3.61
N VAL A 102 2.59 6.54 4.01
CA VAL A 102 3.76 6.50 3.14
C VAL A 102 5.03 6.29 3.97
N ILE A 103 6.04 5.70 3.35
CA ILE A 103 7.31 5.44 4.04
C ILE A 103 8.39 6.37 3.52
N VAL A 104 9.09 7.05 4.42
CA VAL A 104 10.12 7.99 4.04
C VAL A 104 11.45 7.27 3.82
N ASP A 105 12.43 8.01 3.32
CA ASP A 105 13.75 7.43 3.07
C ASP A 105 14.27 6.69 4.30
N VAL A 106 14.46 5.38 4.16
CA VAL A 106 14.97 4.58 5.27
C VAL A 106 16.24 5.21 5.85
N GLU A 107 16.86 6.09 5.07
CA GLU A 107 18.08 6.77 5.52
C GLU A 107 17.74 7.81 6.58
N ALA A 108 16.61 8.48 6.40
CA ALA A 108 16.17 9.51 7.36
C ALA A 108 16.01 8.90 8.75
N GLN A 109 15.98 7.57 8.81
CA GLN A 109 15.85 6.87 10.09
C GLN A 109 14.62 7.38 10.84
N SER A 110 13.44 7.10 10.30
CA SER A 110 12.20 7.46 10.98
C SER A 110 11.70 6.28 11.82
N ARG A 111 11.50 6.53 13.11
CA ARG A 111 11.08 5.47 14.02
C ARG A 111 9.64 5.69 14.50
N SER A 112 8.87 4.62 14.55
CA SER A 112 7.50 4.68 15.03
C SER A 112 7.29 3.68 16.17
N ILE A 113 6.30 3.95 17.01
CA ILE A 113 6.05 3.08 18.16
C ILE A 113 4.60 3.16 18.60
N SER A 114 4.16 2.15 19.34
CA SER A 114 2.78 2.13 19.84
C SER A 114 2.61 3.11 21.00
N GLN A 115 1.38 3.27 21.46
CA GLN A 115 1.11 4.19 22.56
C GLN A 115 0.00 3.64 23.45
N PRO A 116 0.34 2.75 24.33
CA PRO A 116 -0.64 2.11 25.25
C PRO A 116 -1.01 3.02 26.42
N GLU A 117 -1.95 3.94 26.18
CA GLU A 117 -2.38 4.86 27.22
C GLU A 117 -3.89 5.08 27.14
N SER A 118 -4.60 4.67 28.16
CA SER A 118 -6.05 4.82 28.21
C SER A 118 -6.71 3.87 27.22
N TRP A 119 -6.00 3.54 26.14
CA TRP A 119 -6.53 2.63 25.12
C TRP A 119 -7.92 3.07 24.70
N GLY A 120 -8.48 2.36 23.72
CA GLY A 120 -9.81 2.68 23.21
C GLY A 120 -9.71 3.56 21.96
N LEU A 121 -8.52 4.07 21.69
CA LEU A 121 -8.31 4.92 20.51
C LEU A 121 -7.78 4.09 19.36
N SER A 122 -8.49 3.03 19.00
CA SER A 122 -8.07 2.17 17.90
C SER A 122 -7.89 2.99 16.63
N ALA A 123 -8.80 3.91 16.38
CA ALA A 123 -8.73 4.76 15.20
C ALA A 123 -7.47 5.63 15.24
N ARG A 124 -6.93 5.82 16.43
CA ARG A 124 -5.73 6.63 16.60
C ARG A 124 -6.10 8.11 16.59
N VAL A 125 -5.13 8.95 16.21
CA VAL A 125 -5.35 10.39 16.16
C VAL A 125 -5.72 10.82 14.75
N PRO A 126 -6.77 11.57 14.60
CA PRO A 126 -7.24 12.07 13.28
C PRO A 126 -6.37 13.22 12.76
N LEU A 127 -6.08 13.20 11.46
CA LEU A 127 -5.27 14.24 10.86
C LEU A 127 -3.92 14.35 11.58
N GLY A 128 -3.22 15.45 11.36
CA GLY A 128 -1.92 15.67 11.98
C GLY A 128 -0.89 14.69 11.44
N GLU A 129 -0.94 14.45 10.13
CA GLU A 129 -0.03 13.50 9.51
C GLU A 129 0.91 14.22 8.54
N PRO A 130 2.09 14.54 8.99
CA PRO A 130 3.11 15.24 8.15
C PRO A 130 3.28 14.59 6.77
N LEU A 131 3.84 15.35 5.84
CA LEU A 131 4.04 14.84 4.49
C LEU A 131 4.71 13.48 4.52
N GLN A 132 5.22 13.11 5.68
CA GLN A 132 5.90 11.83 5.84
C GLN A 132 5.38 11.09 7.07
N ARG A 133 5.09 9.81 6.90
CA ARG A 133 4.59 9.00 8.01
C ARG A 133 5.64 7.99 8.45
N PRO A 134 6.00 8.00 9.70
CA PRO A 134 7.03 7.08 10.28
C PRO A 134 6.47 5.67 10.50
N VAL A 135 7.28 4.67 10.20
CA VAL A 135 6.88 3.29 10.39
C VAL A 135 7.83 2.59 11.35
N ASP A 136 7.27 1.89 12.34
CA ASP A 136 8.09 1.18 13.33
C ASP A 136 9.33 0.58 12.68
N PRO A 137 10.38 0.43 13.43
CA PRO A 137 11.68 -0.12 12.92
C PRO A 137 11.52 -1.52 12.37
N CYS A 138 10.62 -2.29 12.97
CA CYS A 138 10.38 -3.66 12.54
C CYS A 138 9.88 -3.69 11.10
N HIS A 139 9.15 -2.65 10.71
CA HIS A 139 8.65 -2.55 9.34
C HIS A 139 9.69 -1.89 8.45
N VAL A 140 10.48 -0.99 9.03
CA VAL A 140 11.51 -0.30 8.27
C VAL A 140 12.52 -1.29 7.71
N HIS A 141 12.99 -2.20 8.56
CA HIS A 141 13.96 -3.20 8.14
C HIS A 141 13.35 -4.14 7.11
N TYR A 142 12.13 -4.60 7.38
CA TYR A 142 11.45 -5.49 6.46
C TYR A 142 11.54 -4.95 5.04
N LEU A 143 11.46 -3.63 4.90
CA LEU A 143 11.58 -3.00 3.59
C LEU A 143 13.03 -2.96 3.14
N LYS A 144 13.93 -2.67 4.07
CA LYS A 144 15.35 -2.68 3.78
C LYS A 144 15.78 -4.05 3.27
N SER A 145 15.33 -5.10 3.93
CA SER A 145 15.62 -6.46 3.49
C SER A 145 15.02 -6.73 2.13
N MET A 146 14.08 -5.88 1.72
CA MET A 146 13.42 -6.02 0.43
C MET A 146 14.10 -5.15 -0.62
N GLY A 147 15.12 -4.41 -0.19
CA GLY A 147 15.86 -3.52 -1.09
C GLY A 147 15.06 -2.25 -1.37
N VAL A 148 14.10 -1.95 -0.50
CA VAL A 148 13.28 -0.77 -0.67
C VAL A 148 13.70 0.33 0.30
N ALA A 149 13.70 1.57 -0.18
CA ALA A 149 14.10 2.70 0.65
C ALA A 149 12.91 3.63 0.88
N SER A 150 12.29 4.05 -0.22
CA SER A 150 11.14 4.93 -0.13
C SER A 150 9.99 4.40 -0.98
N SER A 151 8.88 4.06 -0.33
CA SER A 151 7.74 3.49 -1.04
C SER A 151 6.46 4.22 -0.66
N LEU A 152 5.57 4.40 -1.63
CA LEU A 152 4.28 5.04 -1.37
C LEU A 152 3.18 3.98 -1.29
N VAL A 153 2.35 4.08 -0.26
CA VAL A 153 1.28 3.11 -0.07
C VAL A 153 -0.09 3.74 -0.31
N VAL A 154 -0.89 3.09 -1.15
CA VAL A 154 -2.23 3.58 -1.44
C VAL A 154 -3.23 2.42 -1.35
N PRO A 155 -4.21 2.56 -0.49
CA PRO A 155 -5.20 1.49 -0.22
C PRO A 155 -6.28 1.40 -1.30
N LEU A 156 -6.81 0.19 -1.49
CA LEU A 156 -7.90 -0.02 -2.44
C LEU A 156 -9.17 -0.42 -1.70
N MET A 157 -10.14 0.49 -1.64
CA MET A 157 -11.35 0.25 -0.88
C MET A 157 -12.58 0.69 -1.66
N HIS A 158 -13.76 0.22 -1.24
CA HIS A 158 -15.00 0.62 -1.88
C HIS A 158 -16.13 0.69 -0.85
N HIS A 159 -16.75 1.86 -0.74
CA HIS A 159 -17.80 2.05 0.26
C HIS A 159 -17.21 2.29 1.63
N GLN A 160 -17.46 1.35 2.54
CA GLN A 160 -16.96 1.48 3.92
C GLN A 160 -16.02 0.32 4.25
N GLU A 161 -15.87 -0.59 3.30
CA GLU A 161 -15.06 -1.79 3.52
C GLU A 161 -13.75 -1.69 2.74
N LEU A 162 -12.76 -2.48 3.16
CA LEU A 162 -11.47 -2.51 2.47
C LEU A 162 -11.32 -3.82 1.70
N TRP A 163 -10.96 -3.72 0.43
CA TRP A 163 -10.84 -4.89 -0.42
C TRP A 163 -9.37 -5.30 -0.56
N GLY A 164 -8.50 -4.33 -0.77
CA GLY A 164 -7.09 -4.61 -0.99
C GLY A 164 -6.22 -3.39 -0.71
N LEU A 165 -4.93 -3.52 -0.96
CA LEU A 165 -4.00 -2.42 -0.70
C LEU A 165 -2.98 -2.31 -1.83
N LEU A 166 -2.75 -1.09 -2.30
CA LEU A 166 -1.79 -0.85 -3.37
C LEU A 166 -0.51 -0.23 -2.79
N VAL A 167 0.61 -0.44 -3.47
CA VAL A 167 1.88 0.09 -3.00
C VAL A 167 2.93 0.08 -4.12
N SER A 168 3.70 1.15 -4.19
CA SER A 168 4.78 1.24 -5.18
C SER A 168 6.13 1.34 -4.48
N HIS A 169 7.11 0.58 -4.97
CA HIS A 169 8.43 0.55 -4.34
C HIS A 169 9.48 1.17 -5.25
N HIS A 170 10.33 2.01 -4.67
CA HIS A 170 11.40 2.65 -5.42
C HIS A 170 12.74 2.43 -4.72
N ALA A 171 13.76 2.09 -5.50
CA ALA A 171 15.07 1.80 -4.94
C ALA A 171 15.91 3.08 -4.85
N GLU A 172 15.23 4.21 -4.67
CA GLU A 172 15.93 5.49 -4.57
C GLU A 172 15.09 6.48 -3.77
N PRO A 173 15.71 7.19 -2.87
CA PRO A 173 15.02 8.20 -2.02
C PRO A 173 14.74 9.50 -2.77
N ARG A 174 13.46 9.77 -3.02
CA ARG A 174 13.08 10.97 -3.74
C ARG A 174 11.73 11.47 -3.24
N PRO A 175 11.56 12.76 -3.16
CA PRO A 175 10.29 13.40 -2.71
C PRO A 175 9.20 13.34 -3.77
N TYR A 176 7.95 13.30 -3.33
CA TYR A 176 6.82 13.27 -4.25
C TYR A 176 6.14 14.62 -4.31
N SER A 177 5.46 14.89 -5.42
CA SER A 177 4.77 16.17 -5.60
C SER A 177 3.33 16.06 -5.11
N GLN A 178 2.80 17.18 -4.64
CA GLN A 178 1.42 17.21 -4.14
C GLN A 178 0.44 16.89 -5.26
N GLU A 179 0.82 17.25 -6.48
CA GLU A 179 -0.04 17.02 -7.64
C GLU A 179 0.02 15.55 -8.06
N GLU A 180 1.24 15.03 -8.16
CA GLU A 180 1.43 13.64 -8.57
C GLU A 180 0.83 12.70 -7.52
N LEU A 181 0.96 13.07 -6.26
CA LEU A 181 0.43 12.25 -5.17
C LEU A 181 -1.06 12.04 -5.34
N GLN A 182 -1.77 13.11 -5.69
CA GLN A 182 -3.22 13.03 -5.87
C GLN A 182 -3.54 12.23 -7.13
N VAL A 183 -2.96 12.63 -8.26
CA VAL A 183 -3.19 11.93 -9.52
C VAL A 183 -3.15 10.43 -9.29
N VAL A 184 -2.15 9.98 -8.53
CA VAL A 184 -2.01 8.56 -8.24
C VAL A 184 -3.04 8.12 -7.21
N GLN A 185 -3.13 8.87 -6.11
CA GLN A 185 -4.12 8.55 -5.08
C GLN A 185 -5.49 8.36 -5.71
N LEU A 186 -5.79 9.17 -6.72
CA LEU A 186 -7.06 9.06 -7.41
C LEU A 186 -7.08 7.81 -8.29
N LEU A 187 -5.97 7.58 -9.00
CA LEU A 187 -5.86 6.41 -9.85
C LEU A 187 -6.22 5.16 -9.06
N ALA A 188 -5.66 5.06 -7.86
CA ALA A 188 -5.95 3.92 -6.99
C ALA A 188 -7.43 3.89 -6.65
N ASP A 189 -7.99 5.06 -6.35
CA ASP A 189 -9.40 5.17 -6.05
C ASP A 189 -10.23 4.70 -7.24
N GLN A 190 -9.72 4.99 -8.44
CA GLN A 190 -10.39 4.55 -9.65
C GLN A 190 -10.26 3.03 -9.81
N VAL A 191 -9.17 2.49 -9.27
CA VAL A 191 -8.95 1.05 -9.33
C VAL A 191 -9.84 0.34 -8.31
N SER A 192 -9.82 0.85 -7.07
CA SER A 192 -10.66 0.28 -6.02
C SER A 192 -12.12 0.23 -6.48
N ILE A 193 -12.50 1.22 -7.29
CA ILE A 193 -13.86 1.28 -7.81
C ILE A 193 -14.10 0.14 -8.78
N ALA A 194 -13.05 -0.26 -9.49
CA ALA A 194 -13.15 -1.36 -10.44
C ALA A 194 -13.34 -2.68 -9.69
N ILE A 195 -12.64 -2.81 -8.56
CA ILE A 195 -12.76 -4.02 -7.75
C ILE A 195 -14.22 -4.27 -7.39
N ALA A 196 -14.85 -3.28 -6.79
CA ALA A 196 -16.24 -3.40 -6.36
C ALA A 196 -17.14 -3.57 -7.58
N GLN A 197 -16.95 -2.72 -8.57
CA GLN A 197 -17.77 -2.78 -9.78
C GLN A 197 -17.59 -4.11 -10.48
N ALA A 198 -16.34 -4.54 -10.62
CA ALA A 198 -16.04 -5.80 -11.29
C ALA A 198 -16.57 -6.96 -10.45
N GLU A 199 -16.52 -6.80 -9.13
CA GLU A 199 -16.96 -7.87 -8.23
C GLU A 199 -18.35 -8.36 -8.62
N LEU A 200 -19.22 -7.43 -9.00
CA LEU A 200 -20.57 -7.79 -9.40
C LEU A 200 -20.55 -8.94 -10.39
N SER A 201 -19.49 -9.02 -11.18
CA SER A 201 -19.36 -10.08 -12.17
C SER A 201 -19.58 -11.44 -11.52
N LEU A 202 -18.76 -11.76 -10.53
CA LEU A 202 -18.88 -13.04 -9.83
C LEU A 202 -20.02 -12.99 -8.82
CHA CYC B . 2.48 -2.43 7.73
NA CYC B . 3.45 -3.71 5.84
C1A CYC B . 2.63 -2.81 6.39
C2A CYC B . 1.86 -2.27 5.36
C3A CYC B . 2.28 -2.87 4.19
C4A CYC B . 3.30 -3.80 4.53
CMA CYC B . 1.70 -2.55 2.82
CAA CYC B . 0.75 -1.19 5.49
CBA CYC B . -0.65 -1.78 5.74
CGA CYC B . -0.95 -1.97 7.23
O1A CYC B . -1.73 -1.13 7.75
O2A CYC B . -0.40 -2.91 7.81
CHB CYC B . 4.02 -4.66 3.70
NB CYC B . 4.49 -4.20 1.25
C1B CYC B . 4.06 -4.92 2.31
C2B CYC B . 3.56 -6.14 1.82
C3B CYC B . 3.71 -6.13 0.45
C4B CYC B . 4.30 -4.91 0.14
CMB CYC B . 2.96 -7.31 2.62
CAB CYC B . 3.34 -7.22 -0.56
CBB CYC B . 2.72 -6.63 -1.84
OB CYC B . 4.60 -4.54 -1.00
NC CYC B . 5.37 -7.36 10.58
C1C CYC B . 5.08 -8.24 11.58
C2C CYC B . 5.04 -7.51 12.92
C3C CYC B . 5.62 -6.16 12.58
C4C CYC B . 5.58 -6.10 11.05
CMC CYC B . 3.63 -7.44 13.48
CAC CYC B . 7.05 -5.90 13.13
CBC CYC B . 7.15 -5.98 14.67
OC CYC B . 4.86 -9.43 11.44
CHD CYC B . 5.78 -4.89 10.41
ND CYC B . 4.24 -3.85 8.75
C1D CYC B . 4.74 -4.06 9.97
C2D CYC B . 4.03 -3.23 10.84
C3D CYC B . 3.08 -2.53 10.09
C4D CYC B . 3.26 -2.94 8.77
CMD CYC B . 4.23 -3.11 12.36
CAD CYC B . 2.07 -1.50 10.65
CBD CYC B . 2.72 -0.16 10.99
CGD CYC B . 2.20 1.00 10.13
O1D CYC B . 1.62 1.95 10.72
O2D CYC B . 2.39 0.93 8.89
HHA CYC B . 1.78 -1.75 7.96
HMA1 CYC B . 1.35 -1.61 2.82
HMA2 CYC B . 2.42 -2.62 2.13
HMA3 CYC B . 0.95 -3.18 2.59
HAA1 CYC B . 0.73 -0.65 4.65
HAA2 CYC B . 0.99 -0.59 6.26
HBA1 CYC B . -0.71 -2.67 5.29
HBA2 CYC B . -1.32 -1.17 5.33
HHB CYC B . 4.64 -5.25 4.20
HB CYC B . 4.91 -3.30 1.32
HMB1 CYC B . 2.20 -7.72 2.10
HMB2 CYC B . 3.66 -8.01 2.75
HMB3 CYC B . 2.62 -6.99 3.51
HAB1 CYC B . 4.16 -7.72 -0.81
HAB2 CYC B . 2.67 -7.83 -0.14
HBB1 CYC B . 2.28 -7.37 -2.36
HBB2 CYC B . 2.05 -5.94 -1.59
HBB3 CYC B . 3.44 -6.21 -2.39
HC CYC B . 5.42 -7.61 9.60
H2C CYC B . 5.65 -7.98 13.56
H3C CYC B . 4.99 -5.45 12.93
HMC1 CYC B . 3.26 -8.36 13.61
HMC2 CYC B . 3.66 -6.98 14.38
HMC3 CYC B . 3.03 -6.93 12.86
HAC2 CYC B . 7.61 -6.62 12.72
HBC1 CYC B . 7.31 -5.07 15.05
HBC2 CYC B . 6.28 -6.33 15.03
HBC3 CYC B . 7.90 -6.60 14.93
HHD CYC B . 6.71 -4.58 10.28
HD CYC B . 4.56 -4.31 7.91
HMD1 CYC B . 4.88 -3.79 12.67
HMD2 CYC B . 4.59 -2.20 12.57
HMD3 CYC B . 3.35 -3.25 12.84
HAD1 CYC B . 1.65 -1.88 11.47
HAD2 CYC B . 1.37 -1.36 9.96
HBD1 CYC B . 3.70 -0.23 10.88
HBD2 CYC B . 2.51 0.05 11.95
HNE CYC B . 4.11 -4.25 6.36
N LEU A 31 -11.38 -10.90 -12.53
CA LEU A 31 -10.73 -9.94 -11.64
C LEU A 31 -9.22 -10.17 -11.59
N ASP A 32 -8.83 -11.43 -11.40
CA ASP A 32 -7.41 -11.78 -11.34
C ASP A 32 -6.69 -11.27 -12.58
N GLN A 33 -7.39 -11.23 -13.70
CA GLN A 33 -6.81 -10.76 -14.95
C GLN A 33 -6.71 -9.24 -14.96
N ILE A 34 -7.80 -8.58 -14.59
CA ILE A 34 -7.81 -7.12 -14.55
C ILE A 34 -6.73 -6.58 -13.62
N LEU A 35 -6.68 -7.13 -12.41
CA LEU A 35 -5.71 -6.68 -11.42
C LEU A 35 -4.29 -6.85 -11.94
N ARG A 36 -4.08 -7.90 -12.73
CA ARG A 36 -2.75 -8.17 -13.29
C ARG A 36 -2.35 -7.07 -14.28
N ALA A 37 -3.31 -6.63 -15.08
CA ALA A 37 -3.04 -5.58 -16.06
C ALA A 37 -2.91 -4.22 -15.38
N THR A 38 -3.55 -4.08 -14.22
CA THR A 38 -3.52 -2.82 -13.50
C THR A 38 -2.11 -2.55 -12.95
N VAL A 39 -1.42 -3.61 -12.57
CA VAL A 39 -0.08 -3.48 -12.00
C VAL A 39 0.92 -3.06 -13.08
N GLU A 40 0.64 -3.43 -14.32
CA GLU A 40 1.53 -3.10 -15.43
C GLU A 40 1.31 -1.65 -15.87
N GLU A 41 0.04 -1.25 -15.97
CA GLU A 41 -0.29 0.09 -16.41
C GLU A 41 0.14 1.12 -15.36
N VAL A 42 -0.29 0.92 -14.12
CA VAL A 42 0.05 1.84 -13.05
C VAL A 42 1.55 2.08 -12.99
N ARG A 43 2.32 1.00 -13.08
CA ARG A 43 3.78 1.11 -13.05
C ARG A 43 4.26 2.20 -14.01
N ALA A 44 3.68 2.23 -15.20
CA ALA A 44 4.06 3.22 -16.20
C ALA A 44 3.89 4.62 -15.65
N PHE A 45 2.73 4.89 -15.03
CA PHE A 45 2.44 6.22 -14.50
C PHE A 45 3.44 6.59 -13.42
N LEU A 46 3.75 5.63 -12.55
CA LEU A 46 4.68 5.89 -11.45
C LEU A 46 6.09 5.46 -11.82
N GLY A 47 6.22 4.75 -12.93
CA GLY A 47 7.53 4.29 -13.40
C GLY A 47 8.34 3.72 -12.23
N THR A 48 7.64 3.22 -11.22
CA THR A 48 8.32 2.65 -10.05
C THR A 48 8.87 1.27 -10.38
N ASP A 49 10.04 0.97 -9.83
CA ASP A 49 10.70 -0.30 -10.12
C ASP A 49 9.74 -1.47 -9.91
N ARG A 50 8.95 -1.38 -8.85
CA ARG A 50 8.04 -2.48 -8.51
C ARG A 50 6.75 -1.94 -7.90
N VAL A 51 5.62 -2.52 -8.32
CA VAL A 51 4.33 -2.17 -7.74
C VAL A 51 3.43 -3.40 -7.70
N LYS A 52 2.79 -3.64 -6.56
CA LYS A 52 1.97 -4.83 -6.41
C LYS A 52 0.64 -4.49 -5.75
N VAL A 53 -0.39 -5.25 -6.11
CA VAL A 53 -1.71 -5.08 -5.51
C VAL A 53 -1.95 -6.18 -4.48
N TYR A 54 -2.54 -5.83 -3.35
CA TYR A 54 -2.77 -6.79 -2.29
C TYR A 54 -4.25 -6.90 -1.94
N ARG A 55 -4.79 -8.11 -2.04
CA ARG A 55 -6.19 -8.35 -1.74
C ARG A 55 -6.32 -9.00 -0.37
N PHE A 56 -7.36 -8.62 0.38
CA PHE A 56 -7.56 -9.17 1.71
C PHE A 56 -8.68 -10.21 1.70
N ASP A 57 -8.53 -11.24 2.52
CA ASP A 57 -9.56 -12.28 2.62
C ASP A 57 -10.38 -12.09 3.88
N PRO A 58 -11.63 -12.47 3.84
CA PRO A 58 -12.55 -12.33 5.00
C PRO A 58 -11.93 -12.83 6.30
N GLU A 59 -10.91 -13.67 6.16
CA GLU A 59 -10.26 -14.25 7.34
C GLU A 59 -9.03 -13.44 7.72
N GLY A 60 -8.80 -12.36 6.99
CA GLY A 60 -7.66 -11.49 7.28
C GLY A 60 -6.46 -11.83 6.39
N HIS A 61 -6.51 -13.01 5.79
CA HIS A 61 -5.43 -13.45 4.92
C HIS A 61 -5.49 -12.74 3.58
N GLY A 62 -4.33 -12.50 2.98
CA GLY A 62 -4.26 -11.79 1.71
C GLY A 62 -3.32 -12.51 0.74
N THR A 63 -3.50 -12.26 -0.55
CA THR A 63 -2.66 -12.88 -1.56
C THR A 63 -2.20 -11.86 -2.60
N VAL A 64 -1.12 -12.17 -3.28
CA VAL A 64 -0.60 -11.28 -4.32
C VAL A 64 -1.16 -11.67 -5.68
N VAL A 65 -2.04 -10.83 -6.21
CA VAL A 65 -2.68 -11.11 -7.50
C VAL A 65 -2.11 -10.22 -8.59
N ALA A 66 -1.16 -9.37 -8.20
CA ALA A 66 -0.54 -8.46 -9.16
C ALA A 66 0.84 -8.01 -8.66
N GLU A 67 1.85 -8.23 -9.49
CA GLU A 67 3.22 -7.88 -9.12
C GLU A 67 4.05 -7.57 -10.36
N ALA A 68 4.86 -6.53 -10.28
CA ALA A 68 5.74 -6.18 -11.39
C ALA A 68 7.15 -5.88 -10.90
N ARG A 69 8.15 -6.37 -11.63
CA ARG A 69 9.54 -6.18 -11.24
C ARG A 69 10.34 -5.57 -12.39
N GLY A 70 11.31 -4.72 -12.05
CA GLY A 70 12.15 -4.10 -13.06
C GLY A 70 13.54 -4.70 -13.06
N GLY A 71 14.17 -4.75 -14.23
CA GLY A 71 15.51 -5.30 -14.35
C GLY A 71 15.65 -6.56 -13.50
N GLU A 72 14.54 -7.29 -13.34
CA GLU A 72 14.55 -8.52 -12.55
C GLU A 72 15.35 -8.31 -11.26
N ARG A 73 15.58 -7.04 -10.91
CA ARG A 73 16.32 -6.73 -9.70
C ARG A 73 15.72 -7.45 -8.49
N LEU A 74 14.39 -7.54 -8.47
CA LEU A 74 13.70 -8.22 -7.38
C LEU A 74 12.96 -9.44 -7.90
N PRO A 75 13.12 -10.56 -7.24
CA PRO A 75 12.46 -11.83 -7.63
C PRO A 75 10.93 -11.71 -7.63
N SER A 76 10.28 -12.41 -8.54
CA SER A 76 8.83 -12.35 -8.66
C SER A 76 8.18 -13.03 -7.46
N LEU A 77 7.38 -12.26 -6.71
CA LEU A 77 6.68 -12.81 -5.57
C LEU A 77 5.25 -13.20 -5.94
N LEU A 78 4.93 -13.09 -7.23
CA LEU A 78 3.59 -13.40 -7.71
C LEU A 78 3.19 -14.82 -7.33
N GLY A 79 1.96 -14.99 -6.87
CA GLY A 79 1.45 -16.31 -6.54
C GLY A 79 1.76 -16.68 -5.10
N LEU A 80 2.57 -15.85 -4.45
CA LEU A 80 2.93 -16.07 -3.05
C LEU A 80 1.87 -15.46 -2.12
N THR A 81 1.58 -16.16 -1.03
CA THR A 81 0.58 -15.69 -0.09
C THR A 81 1.25 -15.10 1.15
N PHE A 82 0.74 -13.96 1.62
CA PHE A 82 1.30 -13.33 2.80
C PHE A 82 0.38 -13.53 3.99
N PRO A 83 0.94 -13.82 5.14
CA PRO A 83 0.16 -14.04 6.39
C PRO A 83 -0.39 -12.74 6.94
N ALA A 84 -1.59 -12.83 7.53
CA ALA A 84 -2.24 -11.64 8.08
C ALA A 84 -1.52 -11.17 9.35
N GLY A 85 -1.00 -12.13 10.12
CA GLY A 85 -0.30 -11.79 11.35
C GLY A 85 0.75 -10.71 11.11
N ASP A 86 1.11 -10.52 9.85
CA ASP A 86 2.10 -9.52 9.49
C ASP A 86 1.55 -8.12 9.69
N ILE A 87 0.25 -8.04 9.94
CA ILE A 87 -0.41 -6.74 10.14
C ILE A 87 -1.53 -6.86 11.17
N PRO A 88 -1.26 -6.45 12.37
CA PRO A 88 -2.25 -6.49 13.49
C PRO A 88 -3.64 -6.07 13.02
N GLU A 89 -3.95 -4.79 13.20
CA GLU A 89 -5.25 -4.26 12.80
C GLU A 89 -5.29 -2.75 12.96
N GLU A 90 -4.68 -2.25 14.01
CA GLU A 90 -4.66 -0.82 14.29
C GLU A 90 -4.17 -0.05 13.06
N ALA A 91 -3.09 -0.53 12.45
CA ALA A 91 -2.52 0.12 11.28
C ALA A 91 -3.45 -0.01 10.08
N ARG A 92 -4.14 -1.15 9.99
CA ARG A 92 -5.05 -1.39 8.88
C ARG A 92 -6.24 -0.43 8.94
N ARG A 93 -6.64 -0.07 10.16
CA ARG A 93 -7.77 0.84 10.33
C ARG A 93 -7.45 2.21 9.73
N LEU A 94 -6.21 2.65 9.91
CA LEU A 94 -5.80 3.96 9.40
C LEU A 94 -6.03 4.04 7.90
N PHE A 95 -5.82 2.93 7.20
CA PHE A 95 -6.02 2.88 5.76
C PHE A 95 -7.50 2.98 5.42
N ARG A 96 -8.35 2.50 6.33
CA ARG A 96 -9.79 2.52 6.10
C ARG A 96 -10.38 3.86 6.51
N LEU A 97 -9.70 4.56 7.42
CA LEU A 97 -10.21 5.83 7.93
C LEU A 97 -9.41 6.99 7.35
N ALA A 98 -8.08 6.83 7.35
CA ALA A 98 -7.19 7.92 6.94
C ALA A 98 -6.83 7.79 5.46
N GLN A 99 -6.91 6.56 4.95
CA GLN A 99 -6.57 6.29 3.56
C GLN A 99 -5.32 7.07 3.15
N VAL A 100 -4.24 6.87 3.90
CA VAL A 100 -2.99 7.58 3.63
C VAL A 100 -1.85 6.96 4.43
N ARG A 101 -0.77 6.60 3.72
CA ARG A 101 0.40 6.06 4.38
C ARG A 101 1.57 5.96 3.41
N VAL A 102 2.74 6.42 3.84
CA VAL A 102 3.93 6.35 3.00
C VAL A 102 5.18 6.15 3.85
N ILE A 103 6.20 5.56 3.26
CA ILE A 103 7.45 5.31 3.97
C ILE A 103 8.56 6.22 3.45
N VAL A 104 9.23 6.92 4.36
CA VAL A 104 10.26 7.87 3.97
C VAL A 104 11.60 7.15 3.77
N ASP A 105 12.59 7.89 3.28
CA ASP A 105 13.89 7.30 3.02
C ASP A 105 14.40 6.55 4.25
N VAL A 106 14.59 5.24 4.10
CA VAL A 106 15.09 4.42 5.19
C VAL A 106 16.35 5.04 5.79
N GLU A 107 16.98 5.95 5.05
CA GLU A 107 18.18 6.62 5.52
C GLU A 107 17.83 7.58 6.65
N ALA A 108 16.69 8.25 6.51
CA ALA A 108 16.25 9.20 7.53
C ALA A 108 16.04 8.50 8.87
N GLN A 109 16.02 7.18 8.84
CA GLN A 109 15.84 6.39 10.05
C GLN A 109 14.61 6.86 10.82
N SER A 110 13.44 6.59 10.26
CA SER A 110 12.19 6.91 10.94
C SER A 110 11.66 5.69 11.69
N ARG A 111 11.45 5.84 12.99
CA ARG A 111 11.02 4.72 13.82
C ARG A 111 9.59 4.92 14.31
N SER A 112 8.83 3.84 14.36
CA SER A 112 7.46 3.89 14.85
C SER A 112 7.27 2.84 15.95
N ILE A 113 6.24 3.02 16.76
CA ILE A 113 5.97 2.08 17.86
C ILE A 113 4.52 2.16 18.30
N SER A 114 4.09 1.15 19.05
CA SER A 114 2.73 1.12 19.58
C SER A 114 2.59 2.06 20.78
N GLN A 115 1.37 2.21 21.27
CA GLN A 115 1.13 3.08 22.41
C GLN A 115 0.27 2.37 23.45
N PRO A 116 0.85 1.44 24.17
CA PRO A 116 0.13 0.67 25.21
C PRO A 116 -0.66 1.57 26.16
N GLU A 117 -1.72 1.03 26.74
CA GLU A 117 -2.55 1.79 27.67
C GLU A 117 -2.90 3.15 27.07
N SER A 118 -3.69 3.12 26.01
CA SER A 118 -4.10 4.36 25.34
C SER A 118 -5.40 4.15 24.57
N TRP A 119 -6.24 5.19 24.55
CA TRP A 119 -7.51 5.11 23.85
C TRP A 119 -7.30 4.69 22.39
N GLY A 120 -6.13 5.02 21.85
CA GLY A 120 -5.82 4.69 20.47
C GLY A 120 -6.04 5.87 19.55
N LEU A 121 -6.45 7.00 20.13
CA LEU A 121 -6.70 8.21 19.34
C LEU A 121 -7.52 7.88 18.10
N SER A 122 -8.82 8.16 18.17
CA SER A 122 -9.71 7.90 17.04
C SER A 122 -9.19 8.58 15.78
N ALA A 123 -9.36 7.93 14.64
CA ALA A 123 -8.90 8.49 13.37
C ALA A 123 -9.89 9.53 12.86
N ARG A 124 -11.06 9.60 13.50
CA ARG A 124 -12.08 10.56 13.10
C ARG A 124 -11.46 11.93 12.88
N VAL A 125 -10.25 12.13 13.39
CA VAL A 125 -9.56 13.40 13.24
C VAL A 125 -8.47 13.29 12.16
N PRO A 126 -8.11 14.40 11.58
CA PRO A 126 -7.06 14.46 10.52
C PRO A 126 -5.83 13.62 10.90
N LEU A 127 -4.95 13.42 9.93
CA LEU A 127 -3.74 12.64 10.17
C LEU A 127 -3.12 12.99 11.51
N GLY A 128 -2.92 14.29 11.73
CA GLY A 128 -2.32 14.75 12.98
C GLY A 128 -0.89 14.26 13.13
N GLU A 129 -0.17 14.22 12.01
CA GLU A 129 1.21 13.75 12.02
C GLU A 129 2.04 14.52 11.01
N PRO A 130 3.34 14.55 11.20
CA PRO A 130 4.29 15.26 10.30
C PRO A 130 4.12 14.82 8.84
N LEU A 131 4.77 15.55 7.93
CA LEU A 131 4.68 15.24 6.52
C LEU A 131 5.23 13.85 6.23
N GLN A 132 5.44 13.08 7.30
CA GLN A 132 5.98 11.73 7.16
C GLN A 132 5.28 10.77 8.11
N ARG A 133 5.38 9.48 7.82
CA ARG A 133 4.75 8.47 8.65
C ARG A 133 5.73 7.37 9.02
N PRO A 134 6.52 7.58 10.04
CA PRO A 134 7.53 6.60 10.51
C PRO A 134 6.95 5.20 10.65
N VAL A 135 7.74 4.19 10.30
CA VAL A 135 7.31 2.80 10.43
C VAL A 135 8.27 2.04 11.35
N ASP A 136 7.71 1.31 12.31
CA ASP A 136 8.51 0.56 13.26
C ASP A 136 9.71 -0.08 12.57
N PRO A 137 10.85 -0.02 13.20
CA PRO A 137 12.12 -0.58 12.66
C PRO A 137 11.88 -1.96 12.02
N CYS A 138 10.95 -2.72 12.59
CA CYS A 138 10.66 -4.05 12.08
C CYS A 138 10.18 -3.98 10.64
N HIS A 139 9.44 -2.93 10.32
CA HIS A 139 8.96 -2.74 8.95
C HIS A 139 10.03 -2.07 8.11
N VAL A 140 10.86 -1.24 8.75
CA VAL A 140 11.94 -0.56 8.06
C VAL A 140 12.85 -1.58 7.38
N HIS A 141 13.37 -2.51 8.17
CA HIS A 141 14.26 -3.54 7.64
C HIS A 141 13.56 -4.36 6.57
N TYR A 142 12.32 -4.74 6.85
CA TYR A 142 11.54 -5.52 5.89
C TYR A 142 11.69 -4.94 4.50
N LEU A 143 11.63 -3.61 4.40
CA LEU A 143 11.78 -2.94 3.12
C LEU A 143 13.24 -2.95 2.68
N LYS A 144 14.14 -2.69 3.62
CA LYS A 144 15.56 -2.72 3.34
C LYS A 144 15.97 -4.08 2.79
N SER A 145 15.47 -5.14 3.43
CA SER A 145 15.75 -6.49 2.97
C SER A 145 15.14 -6.72 1.59
N MET A 146 14.21 -5.85 1.20
CA MET A 146 13.56 -5.97 -0.10
C MET A 146 14.24 -5.06 -1.11
N GLY A 147 15.24 -4.31 -0.66
CA GLY A 147 15.97 -3.40 -1.54
C GLY A 147 15.18 -2.13 -1.78
N VAL A 148 14.25 -1.83 -0.87
CA VAL A 148 13.42 -0.63 -0.99
C VAL A 148 13.78 0.38 0.09
N ALA A 149 13.75 1.66 -0.28
CA ALA A 149 14.09 2.72 0.66
C ALA A 149 12.88 3.62 0.90
N SER A 150 12.23 4.02 -0.19
CA SER A 150 11.06 4.89 -0.10
C SER A 150 9.93 4.33 -0.96
N SER A 151 8.82 3.99 -0.32
CA SER A 151 7.68 3.44 -1.03
C SER A 151 6.39 4.15 -0.64
N LEU A 152 5.50 4.32 -1.60
CA LEU A 152 4.21 4.94 -1.34
C LEU A 152 3.11 3.89 -1.26
N VAL A 153 2.25 3.99 -0.25
CA VAL A 153 1.18 3.03 -0.08
C VAL A 153 -0.18 3.67 -0.35
N VAL A 154 -0.97 3.03 -1.20
CA VAL A 154 -2.30 3.52 -1.52
C VAL A 154 -3.31 2.39 -1.43
N PRO A 155 -4.26 2.51 -0.54
CA PRO A 155 -5.26 1.44 -0.27
C PRO A 155 -6.36 1.37 -1.34
N LEU A 156 -6.90 0.18 -1.54
CA LEU A 156 -8.00 -0.02 -2.48
C LEU A 156 -9.26 -0.42 -1.73
N MET A 157 -10.23 0.49 -1.66
CA MET A 157 -11.43 0.25 -0.88
C MET A 157 -12.67 0.70 -1.65
N HIS A 158 -13.82 0.14 -1.30
CA HIS A 158 -15.08 0.52 -1.93
C HIS A 158 -16.20 0.61 -0.89
N HIS A 159 -16.80 1.79 -0.78
CA HIS A 159 -17.85 2.01 0.22
C HIS A 159 -17.24 2.22 1.59
N GLN A 160 -17.50 1.29 2.50
CA GLN A 160 -17.00 1.41 3.87
C GLN A 160 -16.06 0.25 4.18
N GLU A 161 -15.91 -0.65 3.23
CA GLU A 161 -15.09 -1.85 3.44
C GLU A 161 -13.78 -1.75 2.66
N LEU A 162 -12.79 -2.53 3.09
CA LEU A 162 -11.51 -2.56 2.39
C LEU A 162 -11.36 -3.86 1.61
N TRP A 163 -10.99 -3.74 0.33
CA TRP A 163 -10.87 -4.92 -0.52
C TRP A 163 -9.41 -5.33 -0.67
N GLY A 164 -8.53 -4.35 -0.88
CA GLY A 164 -7.12 -4.65 -1.10
C GLY A 164 -6.25 -3.43 -0.81
N LEU A 165 -4.95 -3.56 -1.06
CA LEU A 165 -4.02 -2.46 -0.80
C LEU A 165 -2.99 -2.36 -1.92
N LEU A 166 -2.75 -1.14 -2.38
CA LEU A 166 -1.77 -0.90 -3.44
C LEU A 166 -0.49 -0.32 -2.85
N VAL A 167 0.63 -0.54 -3.53
CA VAL A 167 1.90 -0.03 -3.04
C VAL A 167 2.95 -0.01 -4.15
N SER A 168 3.71 1.08 -4.20
CA SER A 168 4.78 1.21 -5.20
C SER A 168 6.14 1.27 -4.50
N HIS A 169 7.13 0.59 -5.07
CA HIS A 169 8.45 0.54 -4.46
C HIS A 169 9.46 1.35 -5.28
N HIS A 170 10.20 2.22 -4.60
CA HIS A 170 11.23 3.01 -5.26
C HIS A 170 12.57 2.81 -4.56
N ALA A 171 13.59 2.47 -5.34
CA ALA A 171 14.91 2.21 -4.79
C ALA A 171 15.74 3.49 -4.74
N GLU A 172 15.07 4.62 -4.59
CA GLU A 172 15.74 5.91 -4.54
C GLU A 172 14.87 6.96 -3.86
N PRO A 173 15.48 7.91 -3.21
CA PRO A 173 14.75 9.01 -2.52
C PRO A 173 14.05 9.94 -3.50
N ARG A 174 12.84 9.57 -3.92
CA ARG A 174 12.08 10.37 -4.86
C ARG A 174 10.77 10.83 -4.25
N PRO A 175 10.78 11.97 -3.63
CA PRO A 175 9.56 12.55 -2.98
C PRO A 175 8.37 12.62 -3.93
N TYR A 176 7.17 12.77 -3.37
CA TYR A 176 5.97 12.83 -4.18
C TYR A 176 5.44 14.26 -4.23
N SER A 177 4.92 14.66 -5.39
CA SER A 177 4.39 16.01 -5.56
C SER A 177 2.91 16.05 -5.18
N GLN A 178 2.44 17.22 -4.76
CA GLN A 178 1.04 17.37 -4.37
C GLN A 178 0.13 16.99 -5.53
N GLU A 179 0.57 17.28 -6.75
CA GLU A 179 -0.22 16.98 -7.94
C GLU A 179 -0.26 15.47 -8.18
N GLU A 180 0.92 14.86 -8.27
CA GLU A 180 1.02 13.43 -8.49
C GLU A 180 0.29 12.67 -7.40
N LEU A 181 0.29 13.24 -6.20
CA LEU A 181 -0.37 12.61 -5.06
C LEU A 181 -1.81 12.24 -5.42
N GLN A 182 -2.58 13.25 -5.83
CA GLN A 182 -3.97 13.03 -6.21
C GLN A 182 -4.06 12.08 -7.39
N VAL A 183 -3.27 12.35 -8.42
CA VAL A 183 -3.27 11.50 -9.60
C VAL A 183 -3.26 10.03 -9.20
N VAL A 184 -2.33 9.67 -8.32
CA VAL A 184 -2.21 8.29 -7.87
C VAL A 184 -3.32 7.98 -6.87
N GLN A 185 -3.45 8.80 -5.85
CA GLN A 185 -4.49 8.61 -4.84
C GLN A 185 -5.83 8.41 -5.53
N LEU A 186 -6.07 9.16 -6.60
CA LEU A 186 -7.31 9.04 -7.34
C LEU A 186 -7.30 7.76 -8.17
N LEU A 187 -6.19 7.50 -8.85
CA LEU A 187 -6.06 6.28 -9.65
C LEU A 187 -6.44 5.07 -8.81
N ALA A 188 -5.91 5.03 -7.59
CA ALA A 188 -6.23 3.94 -6.68
C ALA A 188 -7.73 3.89 -6.42
N ASP A 189 -8.30 5.05 -6.12
CA ASP A 189 -9.74 5.14 -5.89
C ASP A 189 -10.49 4.68 -7.14
N GLN A 190 -9.95 5.02 -8.30
CA GLN A 190 -10.54 4.61 -9.57
C GLN A 190 -10.41 3.10 -9.74
N VAL A 191 -9.33 2.55 -9.20
CA VAL A 191 -9.10 1.12 -9.27
C VAL A 191 -10.00 0.39 -8.29
N SER A 192 -10.01 0.85 -7.04
CA SER A 192 -10.87 0.26 -6.02
C SER A 192 -12.30 0.22 -6.52
N ILE A 193 -12.67 1.19 -7.34
CA ILE A 193 -14.01 1.25 -7.90
C ILE A 193 -14.22 0.10 -8.88
N ALA A 194 -13.14 -0.27 -9.59
CA ALA A 194 -13.21 -1.38 -10.53
C ALA A 194 -13.41 -2.70 -9.80
N ILE A 195 -12.74 -2.83 -8.65
CA ILE A 195 -12.88 -4.03 -7.85
C ILE A 195 -14.33 -4.25 -7.47
N ALA A 196 -14.97 -3.19 -6.99
CA ALA A 196 -16.38 -3.28 -6.58
C ALA A 196 -17.25 -3.55 -7.79
N GLN A 197 -17.05 -2.78 -8.85
CA GLN A 197 -17.86 -2.93 -10.07
C GLN A 197 -17.65 -4.32 -10.65
N ALA A 198 -16.41 -4.75 -10.73
CA ALA A 198 -16.09 -6.06 -11.30
C ALA A 198 -16.66 -7.17 -10.40
N GLU A 199 -16.69 -6.91 -9.10
CA GLU A 199 -17.17 -7.90 -8.15
C GLU A 199 -18.56 -8.38 -8.55
N LEU A 200 -19.43 -7.45 -8.93
CA LEU A 200 -20.78 -7.79 -9.32
C LEU A 200 -20.76 -8.95 -10.33
N SER A 201 -19.75 -8.95 -11.19
CA SER A 201 -19.62 -9.99 -12.20
C SER A 201 -19.69 -11.37 -11.55
N LEU A 202 -18.76 -11.64 -10.65
CA LEU A 202 -18.71 -12.93 -9.97
C LEU A 202 -19.99 -13.13 -9.14
CHA CYC B . 2.57 -2.05 7.47
NA CYC B . 3.45 -3.53 5.69
C1A CYC B . 2.71 -2.54 6.16
C2A CYC B . 2.00 -2.00 5.09
C3A CYC B . 2.39 -2.72 3.96
C4A CYC B . 3.31 -3.69 4.38
CMA CYC B . 1.86 -2.44 2.56
CAA CYC B . 0.98 -0.83 5.12
CBA CYC B . -0.48 -1.29 5.02
CGA CYC B . -1.03 -1.78 6.36
O1A CYC B . -2.12 -1.30 6.75
O2A CYC B . -0.35 -2.64 6.97
CHB CYC B . 3.99 -4.65 3.62
NB CYC B . 4.52 -4.40 1.17
C1B CYC B . 4.02 -5.01 2.25
C2B CYC B . 3.47 -6.21 1.84
C3B CYC B . 3.63 -6.30 0.47
C4B CYC B . 4.29 -5.15 0.08
CMB CYC B . 2.77 -7.30 2.70
CAB CYC B . 3.18 -7.42 -0.48
CBB CYC B . 2.64 -6.89 -1.81
OB CYC B . 4.62 -4.88 -1.07
NC CYC B . 5.92 -6.14 8.40
C1C CYC B . 6.48 -7.35 8.20
C2C CYC B . 7.07 -7.89 9.49
C3C CYC B . 6.92 -6.75 10.44
C4C CYC B . 6.06 -5.73 9.70
CMC CYC B . 6.38 -9.16 9.96
CAC CYC B . 8.27 -6.12 10.94
CBC CYC B . 9.17 -7.11 11.68
OC CYC B . 6.50 -7.95 7.12
CHD CYC B . 5.59 -4.62 10.37
ND CYC B . 4.18 -3.54 8.62
C1D CYC B . 4.65 -3.71 9.86
C2D CYC B . 3.99 -2.78 10.65
C3D CYC B . 3.12 -2.05 9.84
C4D CYC B . 3.29 -2.56 8.55
CMD CYC B . 4.19 -2.57 12.17
CAD CYC B . 2.20 -0.90 10.31
CBD CYC B . 2.75 0.49 10.00
CGD CYC B . 2.64 1.47 11.18
O1D CYC B . 1.75 2.34 11.11
O2D CYC B . 3.43 1.32 12.12
HHA CYC B . 1.92 -1.30 7.63
HMA1 CYC B . 1.07 -3.02 2.36
HMA2 CYC B . 1.54 -1.48 2.52
HMA3 CYC B . 2.57 -2.58 1.88
HAA1 CYC B . 1.17 -0.21 4.37
HAA2 CYC B . 1.10 -0.33 5.99
HBA1 CYC B . -0.53 -2.03 4.35
HBA2 CYC B . -1.03 -0.52 4.70
HHB CYC B . 4.55 -5.27 4.18
HB CYC B . 5.00 -3.52 1.17
HMB1 CYC B . 3.40 -7.66 3.38
HMB2 CYC B . 1.99 -6.89 3.18
HMB3 CYC B . 2.45 -8.05 2.11
HAB1 CYC B . 3.96 -8.02 -0.67
HAB2 CYC B . 2.46 -7.96 -0.04
HBB1 CYC B . 3.40 -6.58 -2.37
HBB2 CYC B . 2.14 -7.61 -2.28
HBB3 CYC B . 2.02 -6.12 -1.62
HC CYC B . 5.45 -5.59 7.70
H2C CYC B . 8.06 -8.07 9.35
H3C CYC B . 6.39 -7.09 11.23
HMC1 CYC B . 5.75 -8.94 10.71
HMC2 CYC B . 5.84 -9.54 9.19
HMC3 CYC B . 7.05 -9.83 10.26
HAC2 CYC B . 8.71 -5.82 10.09
HBC1 CYC B . 8.93 -7.14 12.64
HBC2 CYC B . 9.04 -8.03 11.30
HBC3 CYC B . 10.13 -6.84 11.57
HHD CYC B . 5.90 -4.46 11.31
HD CYC B . 4.48 -4.09 7.82
HMD1 CYC B . 4.85 -1.83 12.33
HMD2 CYC B . 3.31 -2.30 12.58
HMD3 CYC B . 4.52 -3.41 12.60
HAD1 CYC B . 2.06 -0.98 11.29
HAD2 CYC B . 1.32 -1.01 9.86
HBD1 CYC B . 2.26 0.87 9.22
HBD2 CYC B . 3.72 0.39 9.76
HNE CYC B . 4.07 -4.09 6.26
N LEU A 31 -11.38 -10.82 -12.54
CA LEU A 31 -10.66 -9.81 -11.79
C LEU A 31 -9.16 -10.12 -11.77
N ASP A 32 -8.82 -11.35 -11.41
CA ASP A 32 -7.43 -11.77 -11.33
C ASP A 32 -6.68 -11.36 -12.60
N GLN A 33 -7.39 -11.41 -13.74
CA GLN A 33 -6.77 -11.05 -15.01
C GLN A 33 -6.65 -9.53 -15.14
N ILE A 34 -7.74 -8.82 -14.87
CA ILE A 34 -7.74 -7.37 -14.95
C ILE A 34 -6.72 -6.79 -13.97
N LEU A 35 -6.68 -7.35 -12.76
CA LEU A 35 -5.74 -6.87 -11.74
C LEU A 35 -4.31 -7.04 -12.21
N ARG A 36 -4.06 -8.08 -13.01
CA ARG A 36 -2.72 -8.35 -13.52
C ARG A 36 -2.34 -7.34 -14.60
N ALA A 37 -3.30 -7.02 -15.47
CA ALA A 37 -3.04 -6.07 -16.55
C ALA A 37 -3.00 -4.64 -16.03
N THR A 38 -3.77 -4.37 -14.99
CA THR A 38 -3.84 -3.03 -14.42
C THR A 38 -2.56 -2.68 -13.69
N VAL A 39 -1.94 -3.69 -13.08
CA VAL A 39 -0.71 -3.48 -12.34
C VAL A 39 0.45 -3.15 -13.27
N GLU A 40 0.31 -3.56 -14.53
CA GLU A 40 1.36 -3.29 -15.52
C GLU A 40 1.36 -1.83 -15.93
N GLU A 41 0.17 -1.28 -16.14
CA GLU A 41 0.04 0.12 -16.54
C GLU A 41 0.42 1.05 -15.39
N VAL A 42 0.01 0.68 -14.18
CA VAL A 42 0.33 1.48 -13.00
C VAL A 42 1.82 1.75 -12.91
N ARG A 43 2.62 0.69 -12.93
CA ARG A 43 4.07 0.82 -12.86
C ARG A 43 4.56 1.85 -13.87
N ALA A 44 4.01 1.80 -15.08
CA ALA A 44 4.41 2.72 -16.14
C ALA A 44 4.21 4.16 -15.68
N PHE A 45 3.04 4.46 -15.13
CA PHE A 45 2.72 5.81 -14.71
C PHE A 45 3.69 6.27 -13.62
N LEU A 46 3.99 5.38 -12.69
CA LEU A 46 4.88 5.71 -11.58
C LEU A 46 6.31 5.30 -11.90
N GLY A 47 6.48 4.53 -12.97
CA GLY A 47 7.80 4.06 -13.36
C GLY A 47 8.57 3.52 -12.16
N THR A 48 7.84 3.06 -11.15
CA THR A 48 8.46 2.53 -9.95
C THR A 48 9.02 1.13 -10.21
N ASP A 49 10.14 0.80 -9.57
CA ASP A 49 10.78 -0.49 -9.77
C ASP A 49 9.74 -1.60 -9.83
N ARG A 50 8.83 -1.60 -8.86
CA ARG A 50 7.81 -2.64 -8.79
C ARG A 50 6.54 -2.12 -8.11
N VAL A 51 5.40 -2.63 -8.55
CA VAL A 51 4.13 -2.29 -7.92
C VAL A 51 3.19 -3.49 -7.94
N LYS A 52 2.56 -3.76 -6.81
CA LYS A 52 1.70 -4.94 -6.69
C LYS A 52 0.40 -4.61 -5.99
N VAL A 53 -0.64 -5.37 -6.31
CA VAL A 53 -1.94 -5.22 -5.66
C VAL A 53 -2.11 -6.30 -4.60
N TYR A 54 -2.66 -5.91 -3.45
CA TYR A 54 -2.83 -6.86 -2.35
C TYR A 54 -4.28 -6.97 -1.94
N ARG A 55 -4.82 -8.18 -2.00
CA ARG A 55 -6.21 -8.42 -1.64
C ARG A 55 -6.29 -9.06 -0.26
N PHE A 56 -7.30 -8.68 0.52
CA PHE A 56 -7.45 -9.22 1.86
C PHE A 56 -8.55 -10.27 1.90
N ASP A 57 -8.32 -11.34 2.66
CA ASP A 57 -9.31 -12.40 2.80
C ASP A 57 -10.08 -12.25 4.11
N PRO A 58 -11.30 -12.70 4.14
CA PRO A 58 -12.17 -12.60 5.34
C PRO A 58 -11.41 -12.94 6.62
N GLU A 59 -10.62 -14.00 6.57
CA GLU A 59 -9.87 -14.44 7.74
C GLU A 59 -8.71 -13.49 8.03
N GLY A 60 -8.46 -12.58 7.10
CA GLY A 60 -7.39 -11.60 7.27
C GLY A 60 -6.19 -11.93 6.40
N HIS A 61 -6.23 -13.12 5.78
CA HIS A 61 -5.15 -13.54 4.90
C HIS A 61 -5.22 -12.79 3.57
N GLY A 62 -4.05 -12.51 3.00
CA GLY A 62 -3.98 -11.78 1.73
C GLY A 62 -3.06 -12.49 0.74
N THR A 63 -3.30 -12.26 -0.54
CA THR A 63 -2.49 -12.88 -1.59
C THR A 63 -2.10 -11.85 -2.64
N VAL A 64 -1.02 -12.13 -3.37
CA VAL A 64 -0.58 -11.25 -4.44
C VAL A 64 -1.16 -11.68 -5.78
N VAL A 65 -2.10 -10.89 -6.28
CA VAL A 65 -2.77 -11.22 -7.54
C VAL A 65 -2.25 -10.34 -8.66
N ALA A 66 -1.35 -9.42 -8.33
CA ALA A 66 -0.78 -8.52 -9.32
C ALA A 66 0.58 -8.00 -8.85
N GLU A 67 1.58 -8.08 -9.73
CA GLU A 67 2.92 -7.62 -9.39
C GLU A 67 3.76 -7.47 -10.66
N ALA A 68 4.57 -6.42 -10.69
CA ALA A 68 5.43 -6.18 -11.85
C ALA A 68 6.83 -5.78 -11.39
N ARG A 69 7.84 -6.16 -12.19
CA ARG A 69 9.22 -5.85 -11.85
C ARG A 69 9.97 -5.35 -13.08
N GLY A 70 10.91 -4.44 -12.85
CA GLY A 70 11.71 -3.88 -13.95
C GLY A 70 13.14 -4.41 -13.90
N GLY A 71 13.75 -4.52 -15.07
CA GLY A 71 15.12 -5.02 -15.15
C GLY A 71 15.32 -6.21 -14.20
N GLU A 72 14.27 -6.99 -14.02
CA GLU A 72 14.34 -8.14 -13.13
C GLU A 72 15.11 -7.80 -11.85
N ARG A 73 15.27 -6.51 -11.60
CA ARG A 73 15.99 -6.06 -10.41
C ARG A 73 15.34 -6.61 -9.15
N LEU A 74 14.01 -6.60 -9.11
CA LEU A 74 13.28 -7.12 -7.96
C LEU A 74 12.44 -8.33 -8.35
N PRO A 75 12.72 -9.47 -7.78
CA PRO A 75 11.98 -10.73 -8.08
C PRO A 75 10.47 -10.54 -8.01
N SER A 76 9.74 -11.52 -8.50
CA SER A 76 8.27 -11.44 -8.51
C SER A 76 7.68 -12.20 -7.34
N LEU A 77 6.89 -11.49 -6.53
CA LEU A 77 6.24 -12.13 -5.38
C LEU A 77 4.83 -12.59 -5.76
N LEU A 78 4.53 -12.55 -7.06
CA LEU A 78 3.20 -12.93 -7.53
C LEU A 78 2.87 -14.36 -7.10
N GLY A 79 1.66 -14.55 -6.58
CA GLY A 79 1.20 -15.87 -6.21
C GLY A 79 1.59 -16.21 -4.78
N LEU A 80 2.47 -15.39 -4.20
CA LEU A 80 2.90 -15.59 -2.83
C LEU A 80 1.88 -14.99 -1.85
N THR A 81 1.68 -15.66 -0.72
CA THR A 81 0.73 -15.20 0.27
C THR A 81 1.46 -14.73 1.53
N PHE A 82 0.88 -13.75 2.22
CA PHE A 82 1.47 -13.25 3.45
C PHE A 82 0.51 -13.46 4.62
N PRO A 83 1.06 -13.68 5.79
CA PRO A 83 0.25 -13.87 7.02
C PRO A 83 -0.36 -12.56 7.53
N ALA A 84 -1.60 -12.62 7.96
CA ALA A 84 -2.30 -11.43 8.46
C ALA A 84 -1.59 -10.88 9.68
N GLY A 85 -1.04 -11.77 10.51
CA GLY A 85 -0.35 -11.34 11.71
C GLY A 85 0.69 -10.27 11.40
N ASP A 86 1.04 -10.15 10.13
CA ASP A 86 2.03 -9.16 9.71
C ASP A 86 1.44 -7.76 9.75
N ILE A 87 0.12 -7.69 9.94
CA ILE A 87 -0.57 -6.41 9.99
C ILE A 87 -1.54 -6.37 11.17
N PRO A 88 -1.10 -5.84 12.27
CA PRO A 88 -1.95 -5.72 13.49
C PRO A 88 -3.38 -5.33 13.17
N GLU A 89 -3.74 -4.09 13.48
CA GLU A 89 -5.09 -3.59 13.21
C GLU A 89 -5.13 -2.08 13.31
N GLU A 90 -4.62 -1.55 14.41
CA GLU A 90 -4.63 -0.11 14.63
C GLU A 90 -4.14 0.63 13.38
N ALA A 91 -3.08 0.11 12.77
CA ALA A 91 -2.53 0.72 11.56
C ALA A 91 -3.44 0.50 10.36
N ARG A 92 -3.98 -0.70 10.25
CA ARG A 92 -4.87 -1.04 9.14
C ARG A 92 -6.09 -0.12 9.15
N ARG A 93 -6.52 0.28 10.34
CA ARG A 93 -7.69 1.14 10.46
C ARG A 93 -7.42 2.50 9.82
N LEU A 94 -6.18 2.96 9.95
CA LEU A 94 -5.81 4.26 9.39
C LEU A 94 -6.01 4.29 7.88
N PHE A 95 -5.75 3.15 7.23
CA PHE A 95 -5.92 3.06 5.79
C PHE A 95 -7.40 3.12 5.41
N ARG A 96 -8.25 2.53 6.25
CA ARG A 96 -9.68 2.54 5.98
C ARG A 96 -10.33 3.80 6.55
N LEU A 97 -9.65 4.44 7.49
CA LEU A 97 -10.21 5.61 8.17
C LEU A 97 -9.72 6.89 7.49
N ALA A 98 -8.40 6.97 7.31
CA ALA A 98 -7.79 8.21 6.82
C ALA A 98 -7.27 8.02 5.40
N GLN A 99 -7.18 6.76 4.98
CA GLN A 99 -6.69 6.44 3.65
C GLN A 99 -5.43 7.23 3.33
N VAL A 100 -4.42 7.08 4.18
CA VAL A 100 -3.16 7.80 3.98
C VAL A 100 -2.04 7.12 4.76
N ARG A 101 -0.97 6.76 4.06
CA ARG A 101 0.18 6.14 4.69
C ARG A 101 1.33 6.02 3.70
N VAL A 102 2.50 6.51 4.10
CA VAL A 102 3.68 6.43 3.25
C VAL A 102 4.94 6.18 4.08
N ILE A 103 5.94 5.56 3.47
CA ILE A 103 7.19 5.27 4.18
C ILE A 103 8.32 6.14 3.65
N VAL A 104 9.04 6.79 4.56
CA VAL A 104 10.11 7.69 4.16
C VAL A 104 11.41 6.93 3.97
N ASP A 105 12.43 7.61 3.48
CA ASP A 105 13.73 6.97 3.24
C ASP A 105 14.17 6.18 4.47
N VAL A 106 14.30 4.86 4.28
CA VAL A 106 14.73 4.00 5.38
C VAL A 106 16.00 4.54 6.03
N GLU A 107 16.64 5.49 5.37
CA GLU A 107 17.84 6.11 5.90
C GLU A 107 17.50 7.10 7.00
N ALA A 108 16.37 7.77 6.86
CA ALA A 108 15.92 8.74 7.85
C ALA A 108 15.71 8.06 9.20
N GLN A 109 15.68 6.72 9.19
CA GLN A 109 15.50 5.97 10.41
C GLN A 109 14.27 6.45 11.18
N SER A 110 13.09 6.19 10.61
CA SER A 110 11.85 6.53 11.28
C SER A 110 11.38 5.37 12.16
N ARG A 111 11.18 5.65 13.44
CA ARG A 111 10.80 4.61 14.39
C ARG A 111 9.35 4.78 14.83
N SER A 112 8.61 3.67 14.84
CA SER A 112 7.22 3.68 15.27
C SER A 112 7.00 2.60 16.31
N ILE A 113 6.81 3.00 17.57
CA ILE A 113 6.59 2.03 18.64
C ILE A 113 5.17 2.14 19.19
N SER A 114 4.79 1.16 20.01
CA SER A 114 3.47 1.15 20.61
C SER A 114 3.37 2.20 21.71
N GLN A 115 2.15 2.47 22.16
CA GLN A 115 1.94 3.47 23.21
C GLN A 115 0.48 3.50 23.62
N PRO A 116 0.14 2.81 24.69
CA PRO A 116 -1.26 2.75 25.19
C PRO A 116 -1.61 3.97 26.06
N GLU A 117 -1.66 5.13 25.42
CA GLU A 117 -1.99 6.37 26.14
C GLU A 117 -2.72 7.33 25.23
N SER A 118 -3.84 7.86 25.72
CA SER A 118 -4.64 8.80 24.94
C SER A 118 -4.78 8.32 23.50
N TRP A 119 -3.85 8.74 22.64
CA TRP A 119 -3.88 8.33 21.25
C TRP A 119 -5.28 8.46 20.68
N GLY A 120 -5.54 9.57 19.97
CA GLY A 120 -6.86 9.80 19.39
C GLY A 120 -7.00 9.02 18.08
N LEU A 121 -8.17 9.17 17.44
CA LEU A 121 -8.43 8.49 16.19
C LEU A 121 -9.53 9.19 15.40
N SER A 122 -10.54 8.42 15.00
CA SER A 122 -11.67 8.98 14.25
C SER A 122 -11.17 9.60 12.94
N ALA A 123 -11.90 9.34 11.86
CA ALA A 123 -11.53 9.87 10.56
C ALA A 123 -11.86 11.36 10.48
N ARG A 124 -12.49 11.88 11.53
CA ARG A 124 -12.85 13.29 11.56
C ARG A 124 -11.60 14.16 11.64
N VAL A 125 -10.50 13.57 12.09
CA VAL A 125 -9.24 14.30 12.19
C VAL A 125 -8.20 13.72 11.25
N PRO A 126 -8.06 14.29 10.08
CA PRO A 126 -7.08 13.84 9.07
C PRO A 126 -5.65 13.83 9.61
N LEU A 127 -4.78 13.07 8.95
CA LEU A 127 -3.38 12.99 9.36
C LEU A 127 -3.28 12.92 10.89
N GLY A 128 -3.02 14.07 11.51
CA GLY A 128 -2.87 14.11 12.96
C GLY A 128 -1.41 13.96 13.36
N GLU A 129 -0.55 13.76 12.38
CA GLU A 129 0.88 13.60 12.64
C GLU A 129 1.70 14.36 11.60
N PRO A 130 2.99 14.45 11.82
CA PRO A 130 3.92 15.16 10.90
C PRO A 130 3.72 14.75 9.44
N LEU A 131 4.33 15.50 8.54
CA LEU A 131 4.20 15.21 7.11
C LEU A 131 4.81 13.85 6.79
N GLN A 132 5.06 13.05 7.81
CA GLN A 132 5.66 11.74 7.63
C GLN A 132 5.01 10.72 8.55
N ARG A 133 5.12 9.44 8.18
CA ARG A 133 4.54 8.38 8.99
C ARG A 133 5.58 7.30 9.29
N PRO A 134 5.96 7.18 10.53
CA PRO A 134 6.98 6.19 10.97
C PRO A 134 6.40 4.77 11.09
N VAL A 135 7.19 3.78 10.69
CA VAL A 135 6.76 2.39 10.78
C VAL A 135 7.74 1.58 11.62
N ASP A 136 7.21 0.76 12.52
CA ASP A 136 8.05 -0.07 13.38
C ASP A 136 9.23 -0.63 12.60
N PRO A 137 10.39 -0.67 13.21
CA PRO A 137 11.62 -1.20 12.59
C PRO A 137 11.37 -2.50 11.83
N CYS A 138 10.26 -3.15 12.16
CA CYS A 138 9.90 -4.41 11.50
C CYS A 138 9.65 -4.18 10.01
N HIS A 139 8.93 -3.12 9.69
CA HIS A 139 8.63 -2.80 8.30
C HIS A 139 9.83 -2.11 7.66
N VAL A 140 10.58 -1.36 8.46
CA VAL A 140 11.75 -0.66 7.95
C VAL A 140 12.72 -1.64 7.30
N HIS A 141 13.25 -2.56 8.11
CA HIS A 141 14.19 -3.56 7.60
C HIS A 141 13.53 -4.38 6.49
N TYR A 142 12.26 -4.74 6.70
CA TYR A 142 11.53 -5.51 5.70
C TYR A 142 11.73 -4.90 4.32
N LEU A 143 11.69 -3.57 4.26
CA LEU A 143 11.90 -2.86 3.00
C LEU A 143 13.37 -2.91 2.60
N LYS A 144 14.25 -2.66 3.56
CA LYS A 144 15.67 -2.72 3.30
C LYS A 144 16.08 -4.10 2.78
N SER A 145 15.55 -5.14 3.43
CA SER A 145 15.82 -6.50 2.99
C SER A 145 15.21 -6.76 1.62
N MET A 146 14.28 -5.90 1.22
CA MET A 146 13.63 -6.03 -0.08
C MET A 146 14.33 -5.15 -1.11
N GLY A 147 15.34 -4.41 -0.67
CA GLY A 147 16.07 -3.53 -1.56
C GLY A 147 15.30 -2.24 -1.81
N VAL A 148 14.36 -1.93 -0.92
CA VAL A 148 13.56 -0.72 -1.07
C VAL A 148 13.93 0.31 0.00
N ALA A 149 13.92 1.58 -0.38
CA ALA A 149 14.27 2.65 0.54
C ALA A 149 13.06 3.52 0.83
N SER A 150 12.36 3.91 -0.24
CA SER A 150 11.19 4.76 -0.12
C SER A 150 10.02 4.18 -0.91
N SER A 151 8.93 3.88 -0.22
CA SER A 151 7.77 3.29 -0.88
C SER A 151 6.50 4.02 -0.48
N LEU A 152 5.58 4.16 -1.43
CA LEU A 152 4.30 4.80 -1.16
C LEU A 152 3.20 3.76 -1.04
N VAL A 153 2.34 3.91 -0.04
CA VAL A 153 1.26 2.96 0.18
C VAL A 153 -0.10 3.59 -0.08
N VAL A 154 -0.89 2.93 -0.93
CA VAL A 154 -2.23 3.42 -1.24
C VAL A 154 -3.23 2.27 -1.15
N PRO A 155 -4.21 2.41 -0.29
CA PRO A 155 -5.21 1.34 -0.03
C PRO A 155 -6.29 1.25 -1.11
N LEU A 156 -6.82 0.05 -1.30
CA LEU A 156 -7.91 -0.16 -2.25
C LEU A 156 -9.18 -0.58 -1.52
N MET A 157 -10.16 0.31 -1.48
CA MET A 157 -11.37 0.06 -0.70
C MET A 157 -12.61 0.43 -1.52
N HIS A 158 -13.76 -0.10 -1.11
CA HIS A 158 -15.02 0.22 -1.77
C HIS A 158 -16.09 0.58 -0.74
N HIS A 159 -16.65 1.77 -0.88
CA HIS A 159 -17.67 2.24 0.07
C HIS A 159 -17.08 2.34 1.47
N GLN A 160 -17.42 1.38 2.32
CA GLN A 160 -16.96 1.40 3.70
C GLN A 160 -16.06 0.19 3.98
N GLU A 161 -15.99 -0.71 3.01
CA GLU A 161 -15.26 -1.96 3.20
C GLU A 161 -13.89 -1.88 2.51
N LEU A 162 -12.92 -2.60 3.06
CA LEU A 162 -11.60 -2.66 2.46
C LEU A 162 -11.39 -3.98 1.73
N TRP A 163 -11.03 -3.90 0.46
CA TRP A 163 -10.89 -5.10 -0.36
C TRP A 163 -9.41 -5.50 -0.47
N GLY A 164 -8.54 -4.52 -0.66
CA GLY A 164 -7.12 -4.79 -0.85
C GLY A 164 -6.27 -3.56 -0.59
N LEU A 165 -4.96 -3.69 -0.79
CA LEU A 165 -4.05 -2.57 -0.57
C LEU A 165 -3.04 -2.46 -1.70
N LEU A 166 -2.78 -1.24 -2.14
CA LEU A 166 -1.81 -0.99 -3.21
C LEU A 166 -0.53 -0.42 -2.62
N VAL A 167 0.59 -0.69 -3.28
CA VAL A 167 1.88 -0.20 -2.79
C VAL A 167 2.92 -0.16 -3.91
N SER A 168 3.66 0.94 -3.98
CA SER A 168 4.72 1.08 -4.97
C SER A 168 6.08 1.22 -4.29
N HIS A 169 7.07 0.51 -4.81
CA HIS A 169 8.40 0.53 -4.22
C HIS A 169 9.42 1.13 -5.19
N HIS A 170 10.27 2.01 -4.67
CA HIS A 170 11.30 2.65 -5.49
C HIS A 170 12.65 2.56 -4.80
N ALA A 171 13.69 2.24 -5.56
CA ALA A 171 15.03 2.10 -5.01
C ALA A 171 15.71 3.46 -4.93
N GLU A 172 14.94 4.50 -4.62
CA GLU A 172 15.47 5.85 -4.53
C GLU A 172 14.58 6.73 -3.67
N PRO A 173 15.15 7.74 -3.06
CA PRO A 173 14.39 8.69 -2.20
C PRO A 173 13.42 9.55 -3.00
N ARG A 174 13.84 10.76 -3.35
CA ARG A 174 13.00 11.66 -4.13
C ARG A 174 11.66 11.87 -3.43
N PRO A 175 11.32 13.10 -3.14
CA PRO A 175 10.04 13.45 -2.47
C PRO A 175 8.86 13.41 -3.45
N TYR A 176 7.65 13.44 -2.90
CA TYR A 176 6.44 13.41 -3.72
C TYR A 176 5.77 14.77 -3.73
N SER A 177 5.12 15.10 -4.84
CA SER A 177 4.45 16.39 -4.96
C SER A 177 3.00 16.27 -4.50
N GLN A 178 2.43 17.38 -4.04
CA GLN A 178 1.05 17.39 -3.56
C GLN A 178 0.10 17.07 -4.71
N GLU A 179 0.49 17.45 -5.92
CA GLU A 179 -0.34 17.22 -7.09
C GLU A 179 -0.21 15.78 -7.57
N GLU A 180 1.01 15.36 -7.83
CA GLU A 180 1.27 13.99 -8.29
C GLU A 180 0.78 12.98 -7.26
N LEU A 181 0.95 13.31 -5.98
CA LEU A 181 0.53 12.43 -4.90
C LEU A 181 -0.95 12.12 -5.03
N GLN A 182 -1.75 13.16 -5.27
CA GLN A 182 -3.19 12.99 -5.41
C GLN A 182 -3.51 12.26 -6.71
N VAL A 183 -2.95 12.75 -7.81
CA VAL A 183 -3.19 12.14 -9.11
C VAL A 183 -3.10 10.63 -9.00
N VAL A 184 -2.07 10.16 -8.31
CA VAL A 184 -1.88 8.73 -8.13
C VAL A 184 -2.89 8.17 -7.12
N GLN A 185 -2.98 8.83 -5.98
CA GLN A 185 -3.94 8.42 -4.95
C GLN A 185 -5.31 8.21 -5.58
N LEU A 186 -5.61 9.02 -6.59
CA LEU A 186 -6.89 8.90 -7.30
C LEU A 186 -6.88 7.64 -8.16
N LEU A 187 -5.78 7.42 -8.86
CA LEU A 187 -5.67 6.25 -9.72
C LEU A 187 -6.03 4.99 -8.92
N ALA A 188 -5.51 4.91 -7.70
CA ALA A 188 -5.82 3.78 -6.83
C ALA A 188 -7.31 3.74 -6.54
N ASP A 189 -7.88 4.92 -6.29
CA ASP A 189 -9.32 5.02 -6.01
C ASP A 189 -10.10 4.55 -7.23
N GLN A 190 -9.58 4.86 -8.42
CA GLN A 190 -10.21 4.41 -9.66
C GLN A 190 -10.08 2.91 -9.80
N VAL A 191 -9.01 2.36 -9.22
CA VAL A 191 -8.79 0.92 -9.27
C VAL A 191 -9.68 0.23 -8.25
N SER A 192 -9.70 0.74 -7.02
CA SER A 192 -10.55 0.19 -5.98
C SER A 192 -12.00 0.14 -6.45
N ILE A 193 -12.37 1.11 -7.29
CA ILE A 193 -13.72 1.17 -7.83
C ILE A 193 -13.94 0.02 -8.81
N ALA A 194 -12.88 -0.36 -9.52
CA ALA A 194 -12.96 -1.47 -10.46
C ALA A 194 -13.17 -2.78 -9.72
N ILE A 195 -12.52 -2.92 -8.57
CA ILE A 195 -12.67 -4.11 -7.75
C ILE A 195 -14.14 -4.34 -7.43
N ALA A 196 -14.80 -3.29 -6.94
CA ALA A 196 -16.21 -3.40 -6.57
C ALA A 196 -17.06 -3.65 -7.80
N GLN A 197 -16.86 -2.84 -8.84
CA GLN A 197 -17.65 -2.96 -10.06
C GLN A 197 -17.44 -4.34 -10.68
N ALA A 198 -16.19 -4.75 -10.79
CA ALA A 198 -15.87 -6.04 -11.40
C ALA A 198 -16.41 -7.18 -10.54
N GLU A 199 -16.41 -6.98 -9.23
CA GLU A 199 -16.86 -8.00 -8.30
C GLU A 199 -18.24 -8.51 -8.70
N LEU A 200 -19.12 -7.57 -9.07
CA LEU A 200 -20.47 -7.94 -9.47
C LEU A 200 -20.43 -9.09 -10.49
N SER A 201 -19.42 -9.08 -11.35
CA SER A 201 -19.29 -10.12 -12.36
C SER A 201 -19.39 -11.50 -11.73
N LEU A 202 -18.49 -11.79 -10.80
CA LEU A 202 -18.49 -13.07 -10.11
C LEU A 202 -19.70 -13.19 -9.19
CHA CYC B . 2.53 -1.98 8.43
NA CYC B . 3.32 -3.58 6.70
C1A CYC B . 2.63 -2.53 7.14
C2A CYC B . 1.97 -1.98 6.04
C3A CYC B . 2.32 -2.76 4.95
C4A CYC B . 3.17 -3.79 5.40
CMA CYC B . 1.81 -2.49 3.52
CAA CYC B . 1.04 -0.75 6.02
CBA CYC B . -0.45 -1.11 6.05
CGA CYC B . -0.94 -1.46 7.46
O1A CYC B . -0.35 -2.38 8.07
O2A CYC B . -1.91 -0.80 7.89
CHB CYC B . 3.78 -4.82 4.67
NB CYC B . 4.40 -4.54 2.25
C1B CYC B . 3.88 -5.17 3.32
C2B CYC B . 3.35 -6.38 2.87
C3B CYC B . 3.57 -6.47 1.51
C4B CYC B . 4.22 -5.31 1.15
CMB CYC B . 2.66 -7.50 3.70
CAB CYC B . 3.18 -7.59 0.54
CBB CYC B . 2.60 -7.06 -0.77
OB CYC B . 4.58 -5.01 0.02
NC CYC B . 3.75 -5.89 12.99
C1C CYC B . 3.88 -6.82 13.98
C2C CYC B . 5.33 -7.22 14.15
C3C CYC B . 6.04 -6.39 13.13
C4C CYC B . 4.96 -5.57 12.45
CMC CYC B . 5.84 -6.93 15.56
CAC CYC B . 6.91 -7.18 12.11
CBC CYC B . 7.95 -8.10 12.75
OC CYC B . 2.95 -7.29 14.64
CHD CYC B . 5.31 -4.69 11.45
ND CYC B . 4.01 -3.57 9.64
C1D CYC B . 4.44 -3.73 10.89
C2D CYC B . 3.88 -2.71 11.65
C3D CYC B . 3.08 -1.94 10.79
C4D CYC B . 3.19 -2.51 9.54
CMD CYC B . 4.08 -2.45 13.15
CAD CYC B . 2.25 -0.70 11.21
CBD CYC B . 3.10 0.57 11.39
CGD CYC B . 2.67 1.42 12.59
O1D CYC B . 1.47 1.81 12.61
O2D CYC B . 3.52 1.70 13.44
HHA CYC B . 1.95 -1.19 8.56
HMA1 CYC B . 1.49 -1.55 3.46
HMA2 CYC B . 2.56 -2.63 2.88
HMA3 CYC B . 1.06 -3.11 3.30
HAA1 CYC B . 1.22 -0.21 5.21
HAA2 CYC B . 1.24 -0.19 6.84
HBA1 CYC B . -0.59 -1.90 5.45
HBA2 CYC B . -0.97 -0.34 5.70
HHB CYC B . 4.22 -5.49 5.27
HB CYC B . 4.86 -3.66 2.27
HMB1 CYC B . 2.92 -8.39 3.36
HMB2 CYC B . 2.96 -7.42 4.66
HMB3 CYC B . 1.67 -7.39 3.65
HAB1 CYC B . 4.00 -8.14 0.34
HAB2 CYC B . 2.49 -8.18 0.98
HBB1 CYC B . 3.34 -6.70 -1.34
HBB2 CYC B . 2.14 -7.81 -1.25
HBB3 CYC B . 1.95 -6.33 -0.57
HC CYC B . 2.88 -5.47 12.70
H2C CYC B . 5.43 -8.19 13.94
H3C CYC B . 6.63 -5.77 13.67
HMC1 CYC B . 6.84 -6.93 15.56
HMC2 CYC B . 5.52 -6.01 15.83
HMC3 CYC B . 5.49 -7.61 16.20
HAC2 CYC B . 6.24 -7.73 11.60
HBC1 CYC B . 8.83 -8.00 12.28
HBC2 CYC B . 8.07 -7.84 13.71
HBC3 CYC B . 7.65 -9.05 12.70
HHD CYC B . 6.26 -4.70 11.12
HD CYC B . 4.26 -4.17 8.87
HMD1 CYC B . 4.88 -2.96 13.47
HMD2 CYC B . 4.25 -1.47 13.30
HMD3 CYC B . 3.27 -2.73 13.66
HAD1 CYC B . 1.79 -0.89 12.08
HAD2 CYC B . 1.56 -0.53 10.51
HBD1 CYC B . 3.03 1.11 10.56
HBD2 CYC B . 4.05 0.29 11.52
HNE CYC B . 3.89 -4.17 7.29
N LEU A 31 -11.39 -11.02 -12.80
CA LEU A 31 -10.76 -9.99 -11.98
C LEU A 31 -9.25 -10.20 -11.92
N ASP A 32 -8.84 -11.42 -11.60
CA ASP A 32 -7.43 -11.74 -11.51
C ASP A 32 -6.70 -11.34 -12.78
N GLN A 33 -7.40 -11.43 -13.92
CA GLN A 33 -6.81 -11.08 -15.20
C GLN A 33 -6.70 -9.56 -15.34
N ILE A 34 -7.80 -8.87 -15.10
CA ILE A 34 -7.83 -7.41 -15.20
C ILE A 34 -6.77 -6.80 -14.29
N LEU A 35 -6.75 -7.24 -13.03
CA LEU A 35 -5.79 -6.70 -12.06
C LEU A 35 -4.37 -6.86 -12.57
N ARG A 36 -4.12 -7.93 -13.33
CA ARG A 36 -2.80 -8.19 -13.86
C ARG A 36 -2.38 -7.08 -14.84
N ALA A 37 -3.33 -6.64 -15.66
CA ALA A 37 -3.05 -5.58 -16.63
C ALA A 37 -2.96 -4.22 -15.93
N THR A 38 -3.65 -4.09 -14.80
CA THR A 38 -3.66 -2.83 -14.07
C THR A 38 -2.29 -2.54 -13.48
N VAL A 39 -1.60 -3.60 -13.04
CA VAL A 39 -0.28 -3.43 -12.43
C VAL A 39 0.75 -3.04 -13.47
N GLU A 40 0.49 -3.40 -14.73
CA GLU A 40 1.40 -3.06 -15.81
C GLU A 40 1.33 -1.58 -16.16
N GLU A 41 0.13 -1.01 -16.04
CA GLU A 41 -0.07 0.40 -16.34
C GLU A 41 0.40 1.27 -15.17
N VAL A 42 0.17 0.80 -13.96
CA VAL A 42 0.56 1.55 -12.77
C VAL A 42 2.06 1.80 -12.76
N ARG A 43 2.84 0.73 -12.82
CA ARG A 43 4.30 0.86 -12.81
C ARG A 43 4.75 1.86 -13.87
N ALA A 44 4.16 1.79 -15.05
CA ALA A 44 4.53 2.70 -16.13
C ALA A 44 4.34 4.15 -15.70
N PHE A 45 3.17 4.46 -15.16
CA PHE A 45 2.85 5.82 -14.74
C PHE A 45 3.81 6.28 -13.65
N LEU A 46 4.10 5.39 -12.71
CA LEU A 46 4.97 5.73 -11.58
C LEU A 46 6.41 5.33 -11.88
N GLY A 47 6.58 4.52 -12.93
CA GLY A 47 7.92 4.06 -13.31
C GLY A 47 8.65 3.47 -12.11
N THR A 48 7.89 2.98 -11.14
CA THR A 48 8.48 2.39 -9.94
C THR A 48 9.04 1.01 -10.25
N ASP A 49 10.18 0.69 -9.64
CA ASP A 49 10.84 -0.59 -9.89
C ASP A 49 9.82 -1.72 -9.90
N ARG A 50 8.95 -1.75 -8.90
CA ARG A 50 7.96 -2.81 -8.79
C ARG A 50 6.71 -2.32 -8.09
N VAL A 51 5.56 -2.83 -8.51
CA VAL A 51 4.29 -2.48 -7.87
C VAL A 51 3.32 -3.65 -7.99
N LYS A 52 2.59 -3.94 -6.90
CA LYS A 52 1.69 -5.07 -6.90
C LYS A 52 0.37 -4.72 -6.20
N VAL A 53 -0.69 -5.44 -6.55
CA VAL A 53 -1.98 -5.26 -5.90
C VAL A 53 -2.19 -6.37 -4.87
N TYR A 54 -2.73 -5.99 -3.72
CA TYR A 54 -2.92 -6.95 -2.64
C TYR A 54 -4.38 -7.01 -2.19
N ARG A 55 -4.94 -8.21 -2.19
CA ARG A 55 -6.33 -8.40 -1.78
C ARG A 55 -6.39 -9.06 -0.41
N PHE A 56 -7.40 -8.70 0.38
CA PHE A 56 -7.54 -9.27 1.71
C PHE A 56 -8.65 -10.32 1.74
N ASP A 57 -8.40 -11.41 2.48
CA ASP A 57 -9.38 -12.47 2.60
C ASP A 57 -10.15 -12.35 3.91
N PRO A 58 -11.36 -12.83 3.93
CA PRO A 58 -12.23 -12.78 5.14
C PRO A 58 -11.45 -13.09 6.42
N GLU A 59 -10.64 -14.15 6.38
CA GLU A 59 -9.87 -14.56 7.54
C GLU A 59 -8.74 -13.57 7.81
N GLY A 60 -8.47 -12.71 6.84
CA GLY A 60 -7.41 -11.71 6.98
C GLY A 60 -6.22 -12.06 6.09
N HIS A 61 -6.28 -13.23 5.47
CA HIS A 61 -5.19 -13.65 4.58
C HIS A 61 -5.26 -12.88 3.27
N GLY A 62 -4.08 -12.59 2.71
CA GLY A 62 -4.00 -11.83 1.47
C GLY A 62 -3.11 -12.53 0.45
N THR A 63 -3.37 -12.30 -0.83
CA THR A 63 -2.59 -12.92 -1.89
C THR A 63 -2.20 -11.89 -2.94
N VAL A 64 -1.12 -12.17 -3.67
CA VAL A 64 -0.67 -11.28 -4.73
C VAL A 64 -1.23 -11.71 -6.08
N VAL A 65 -2.15 -10.91 -6.62
CA VAL A 65 -2.79 -11.23 -7.89
C VAL A 65 -2.24 -10.34 -9.00
N ALA A 66 -1.33 -9.44 -8.64
CA ALA A 66 -0.74 -8.53 -9.61
C ALA A 66 0.62 -8.04 -9.12
N GLU A 67 1.63 -8.16 -9.97
CA GLU A 67 2.97 -7.74 -9.62
C GLU A 67 3.84 -7.58 -10.86
N ALA A 68 4.68 -6.56 -10.88
CA ALA A 68 5.57 -6.34 -12.01
C ALA A 68 6.99 -6.03 -11.53
N ARG A 69 7.98 -6.52 -12.26
CA ARG A 69 9.37 -6.32 -11.88
C ARG A 69 10.04 -5.31 -12.82
N GLY A 70 10.79 -4.38 -12.24
CA GLY A 70 11.49 -3.38 -13.02
C GLY A 70 12.87 -3.89 -13.45
N GLY A 71 13.08 -4.01 -14.75
CA GLY A 71 14.35 -4.50 -15.27
C GLY A 71 14.80 -5.75 -14.52
N GLU A 72 13.86 -6.66 -14.29
CA GLU A 72 14.16 -7.90 -13.58
C GLU A 72 15.12 -7.62 -12.42
N ARG A 73 14.94 -6.48 -11.77
CA ARG A 73 15.80 -6.10 -10.66
C ARG A 73 15.43 -6.88 -9.40
N LEU A 74 14.14 -6.91 -9.08
CA LEU A 74 13.67 -7.62 -7.90
C LEU A 74 12.66 -8.70 -8.29
N PRO A 75 12.80 -9.87 -7.72
CA PRO A 75 11.87 -11.00 -7.96
C PRO A 75 10.41 -10.60 -7.77
N SER A 76 9.50 -11.45 -8.21
CA SER A 76 8.07 -11.16 -8.09
C SER A 76 7.43 -12.05 -7.03
N LEU A 77 6.74 -11.42 -6.08
CA LEU A 77 6.06 -12.17 -5.03
C LEU A 77 4.68 -12.63 -5.51
N LEU A 78 4.52 -12.69 -6.83
CA LEU A 78 3.23 -13.06 -7.41
C LEU A 78 2.82 -14.46 -6.99
N GLY A 79 1.60 -14.59 -6.50
CA GLY A 79 1.08 -15.91 -6.12
C GLY A 79 1.43 -16.23 -4.68
N LEU A 80 2.29 -15.41 -4.08
CA LEU A 80 2.68 -15.61 -2.70
C LEU A 80 1.67 -14.97 -1.75
N THR A 81 1.43 -15.63 -0.62
CA THR A 81 0.48 -15.12 0.36
C THR A 81 1.20 -14.66 1.62
N PHE A 82 0.64 -13.68 2.30
CA PHE A 82 1.22 -13.17 3.54
C PHE A 82 0.29 -13.41 4.71
N PRO A 83 0.84 -13.66 5.87
CA PRO A 83 0.04 -13.91 7.10
C PRO A 83 -0.64 -12.65 7.61
N ALA A 84 -1.82 -12.82 8.19
CA ALA A 84 -2.59 -11.69 8.71
C ALA A 84 -1.91 -11.12 9.95
N GLY A 85 -1.41 -12.00 10.80
CA GLY A 85 -0.74 -11.55 12.03
C GLY A 85 0.31 -10.49 11.73
N ASP A 86 0.67 -10.37 10.46
CA ASP A 86 1.66 -9.37 10.04
C ASP A 86 1.07 -7.97 10.12
N ILE A 87 -0.24 -7.87 9.98
CA ILE A 87 -0.91 -6.58 10.03
C ILE A 87 -1.79 -6.47 11.27
N PRO A 88 -1.31 -5.76 12.26
CA PRO A 88 -2.05 -5.56 13.53
C PRO A 88 -3.52 -5.20 13.30
N GLU A 89 -3.91 -4.01 13.73
CA GLU A 89 -5.29 -3.56 13.56
C GLU A 89 -5.38 -2.04 13.65
N GLU A 90 -4.87 -1.49 14.75
CA GLU A 90 -4.90 -0.05 14.96
C GLU A 90 -4.44 0.69 13.71
N ALA A 91 -3.37 0.18 13.10
CA ALA A 91 -2.85 0.80 11.88
C ALA A 91 -3.76 0.54 10.69
N ARG A 92 -4.19 -0.71 10.53
CA ARG A 92 -5.06 -1.07 9.43
C ARG A 92 -6.29 -0.18 9.40
N ARG A 93 -6.75 0.23 10.58
CA ARG A 93 -7.92 1.09 10.68
C ARG A 93 -7.65 2.44 10.02
N LEU A 94 -6.41 2.89 10.11
CA LEU A 94 -6.04 4.19 9.55
C LEU A 94 -6.21 4.19 8.04
N PHE A 95 -5.97 3.04 7.42
CA PHE A 95 -6.11 2.90 5.97
C PHE A 95 -7.58 2.96 5.56
N ARG A 96 -8.45 2.39 6.40
CA ARG A 96 -9.88 2.40 6.12
C ARG A 96 -10.53 3.67 6.64
N LEU A 97 -9.84 4.35 7.57
CA LEU A 97 -10.39 5.55 8.19
C LEU A 97 -9.79 6.79 7.54
N ALA A 98 -8.47 6.81 7.42
CA ALA A 98 -7.76 7.99 6.96
C ALA A 98 -7.27 7.79 5.53
N GLN A 99 -7.25 6.52 5.09
CA GLN A 99 -6.79 6.19 3.75
C GLN A 99 -5.51 6.96 3.42
N VAL A 100 -4.49 6.81 4.25
CA VAL A 100 -3.23 7.51 4.04
C VAL A 100 -2.09 6.79 4.74
N ARG A 101 -1.07 6.44 3.98
CA ARG A 101 0.11 5.78 4.54
C ARG A 101 1.27 5.83 3.55
N VAL A 102 2.42 6.31 4.02
CA VAL A 102 3.60 6.38 3.18
C VAL A 102 4.86 6.14 4.02
N ILE A 103 5.89 5.57 3.37
CA ILE A 103 7.15 5.30 4.07
C ILE A 103 8.24 6.25 3.58
N VAL A 104 8.90 6.91 4.52
CA VAL A 104 9.93 7.89 4.17
C VAL A 104 11.27 7.18 3.96
N ASP A 105 12.25 7.94 3.49
CA ASP A 105 13.58 7.37 3.23
C ASP A 105 14.09 6.64 4.45
N VAL A 106 14.32 5.34 4.30
CA VAL A 106 14.84 4.52 5.40
C VAL A 106 16.09 5.16 5.98
N GLU A 107 16.72 6.05 5.21
CA GLU A 107 17.91 6.74 5.68
C GLU A 107 17.58 7.67 6.85
N ALA A 108 16.47 8.37 6.73
CA ALA A 108 16.03 9.28 7.80
C ALA A 108 15.75 8.49 9.08
N GLN A 109 15.94 7.17 9.02
CA GLN A 109 15.74 6.33 10.19
C GLN A 109 14.51 6.78 10.96
N SER A 110 13.34 6.63 10.37
CA SER A 110 12.09 6.96 11.04
C SER A 110 11.52 5.73 11.73
N ARG A 111 11.29 5.84 13.04
CA ARG A 111 10.83 4.70 13.82
C ARG A 111 9.40 4.91 14.31
N SER A 112 8.61 3.85 14.27
CA SER A 112 7.24 3.89 14.76
C SER A 112 7.05 2.91 15.90
N ILE A 113 6.06 3.15 16.75
CA ILE A 113 5.82 2.27 17.88
C ILE A 113 4.37 2.35 18.35
N SER A 114 3.95 1.37 19.13
CA SER A 114 2.59 1.35 19.67
C SER A 114 2.49 2.29 20.87
N GLN A 115 1.27 2.51 21.34
CA GLN A 115 1.04 3.40 22.47
C GLN A 115 -0.16 2.94 23.29
N PRO A 116 -0.18 3.27 24.56
CA PRO A 116 -1.30 2.90 25.47
C PRO A 116 -2.60 3.59 25.07
N GLU A 117 -2.49 4.67 24.31
CA GLU A 117 -3.67 5.40 23.86
C GLU A 117 -3.43 6.02 22.49
N SER A 118 -4.36 5.81 21.57
CA SER A 118 -4.23 6.34 20.22
C SER A 118 -5.33 7.36 19.94
N TRP A 119 -5.01 8.36 19.12
CA TRP A 119 -5.98 9.39 18.78
C TRP A 119 -6.72 9.03 17.49
N GLY A 120 -8.03 9.26 17.49
CA GLY A 120 -8.85 8.95 16.32
C GLY A 120 -10.30 9.35 16.56
N LEU A 121 -11.14 8.36 16.81
CA LEU A 121 -12.56 8.62 17.05
C LEU A 121 -13.10 9.60 16.02
N SER A 122 -13.72 9.05 14.97
CA SER A 122 -14.30 9.89 13.92
C SER A 122 -13.19 10.42 13.01
N ALA A 123 -13.06 9.82 11.83
CA ALA A 123 -12.05 10.25 10.87
C ALA A 123 -12.39 11.62 10.30
N ARG A 124 -13.38 12.28 10.90
CA ARG A 124 -13.81 13.59 10.43
C ARG A 124 -12.60 14.53 10.33
N VAL A 125 -11.49 14.13 10.91
CA VAL A 125 -10.28 14.94 10.90
C VAL A 125 -9.26 14.36 9.93
N PRO A 126 -8.87 15.14 8.95
CA PRO A 126 -7.87 14.70 7.93
C PRO A 126 -6.44 14.76 8.45
N LEU A 127 -5.60 13.87 7.95
CA LEU A 127 -4.20 13.83 8.38
C LEU A 127 -4.10 13.59 9.87
N GLY A 128 -3.84 14.66 10.62
CA GLY A 128 -3.73 14.54 12.07
C GLY A 128 -2.27 14.35 12.50
N GLU A 129 -1.49 13.75 11.61
CA GLU A 129 -0.08 13.50 11.91
C GLU A 129 0.82 14.25 10.91
N PRO A 130 2.09 14.27 11.18
CA PRO A 130 3.10 14.95 10.30
C PRO A 130 2.94 14.55 8.83
N LEU A 131 3.62 15.29 7.96
CA LEU A 131 3.53 15.01 6.53
C LEU A 131 4.18 13.67 6.19
N GLN A 132 4.46 12.89 7.24
CA GLN A 132 5.09 11.59 7.05
C GLN A 132 4.46 10.56 7.98
N ARG A 133 4.60 9.28 7.62
CA ARG A 133 4.04 8.21 8.43
C ARG A 133 5.11 7.19 8.79
N PRO A 134 5.91 7.49 9.79
CA PRO A 134 7.00 6.58 10.26
C PRO A 134 6.50 5.16 10.46
N VAL A 135 7.35 4.18 10.11
CA VAL A 135 6.99 2.78 10.29
C VAL A 135 8.02 2.08 11.19
N ASP A 136 7.53 1.33 12.16
CA ASP A 136 8.40 0.63 13.10
C ASP A 136 9.57 -0.01 12.35
N PRO A 137 10.68 -0.16 13.03
CA PRO A 137 11.92 -0.75 12.43
C PRO A 137 11.62 -2.03 11.66
N CYS A 138 10.41 -2.56 11.85
CA CYS A 138 10.00 -3.77 11.15
C CYS A 138 10.03 -3.55 9.64
N HIS A 139 9.47 -2.43 9.19
CA HIS A 139 9.46 -2.12 7.77
C HIS A 139 10.84 -1.65 7.32
N VAL A 140 11.62 -1.13 8.27
CA VAL A 140 12.96 -0.67 7.95
C VAL A 140 13.79 -1.82 7.38
N HIS A 141 13.88 -2.90 8.14
CA HIS A 141 14.62 -4.08 7.69
C HIS A 141 13.87 -4.77 6.54
N TYR A 142 12.58 -5.02 6.75
CA TYR A 142 11.77 -5.66 5.73
C TYR A 142 11.99 -4.99 4.38
N LEU A 143 11.95 -3.66 4.37
CA LEU A 143 12.16 -2.90 3.15
C LEU A 143 13.62 -2.96 2.73
N LYS A 144 14.51 -2.71 3.67
CA LYS A 144 15.94 -2.77 3.40
C LYS A 144 16.33 -4.15 2.86
N SER A 145 15.78 -5.19 3.48
CA SER A 145 16.02 -6.55 3.01
C SER A 145 15.39 -6.78 1.64
N MET A 146 14.43 -5.92 1.29
CA MET A 146 13.77 -6.02 0.00
C MET A 146 14.45 -5.11 -1.02
N GLY A 147 15.45 -4.36 -0.56
CA GLY A 147 16.17 -3.45 -1.44
C GLY A 147 15.38 -2.17 -1.67
N VAL A 148 14.45 -1.88 -0.77
CA VAL A 148 13.63 -0.69 -0.90
C VAL A 148 13.99 0.33 0.18
N ALA A 149 13.96 1.61 -0.19
CA ALA A 149 14.30 2.69 0.73
C ALA A 149 13.08 3.56 0.98
N SER A 150 12.38 3.93 -0.08
CA SER A 150 11.21 4.77 0.03
C SER A 150 10.07 4.18 -0.81
N SER A 151 8.97 3.84 -0.14
CA SER A 151 7.83 3.25 -0.83
C SER A 151 6.54 3.98 -0.48
N LEU A 152 5.66 4.12 -1.47
CA LEU A 152 4.37 4.76 -1.24
C LEU A 152 3.28 3.70 -1.12
N VAL A 153 2.43 3.84 -0.11
CA VAL A 153 1.35 2.89 0.11
C VAL A 153 -0.02 3.52 -0.13
N VAL A 154 -0.81 2.89 -0.97
CA VAL A 154 -2.16 3.38 -1.25
C VAL A 154 -3.17 2.24 -1.14
N PRO A 155 -4.09 2.36 -0.22
CA PRO A 155 -5.09 1.28 0.07
C PRO A 155 -6.20 1.22 -0.97
N LEU A 156 -6.77 0.03 -1.15
CA LEU A 156 -7.88 -0.16 -2.07
C LEU A 156 -9.14 -0.56 -1.31
N MET A 157 -10.13 0.32 -1.29
CA MET A 157 -11.34 0.08 -0.52
C MET A 157 -12.58 0.44 -1.34
N HIS A 158 -13.72 -0.13 -0.95
CA HIS A 158 -14.99 0.17 -1.62
C HIS A 158 -16.07 0.47 -0.60
N HIS A 159 -16.74 1.61 -0.78
CA HIS A 159 -17.79 2.02 0.14
C HIS A 159 -17.23 2.17 1.55
N GLN A 160 -17.52 1.20 2.41
CA GLN A 160 -17.08 1.26 3.80
C GLN A 160 -16.18 0.08 4.12
N GLU A 161 -16.06 -0.84 3.17
CA GLU A 161 -15.29 -2.06 3.40
C GLU A 161 -13.94 -1.99 2.67
N LEU A 162 -12.98 -2.76 3.15
CA LEU A 162 -11.67 -2.82 2.52
C LEU A 162 -11.48 -4.13 1.78
N TRP A 163 -11.09 -4.04 0.50
CA TRP A 163 -10.93 -5.24 -0.33
C TRP A 163 -9.46 -5.60 -0.46
N GLY A 164 -8.62 -4.60 -0.69
CA GLY A 164 -7.20 -4.85 -0.91
C GLY A 164 -6.38 -3.58 -0.68
N LEU A 165 -5.07 -3.68 -0.92
CA LEU A 165 -4.18 -2.54 -0.71
C LEU A 165 -3.14 -2.47 -1.84
N LEU A 166 -2.81 -1.25 -2.26
CA LEU A 166 -1.81 -1.04 -3.29
C LEU A 166 -0.52 -0.52 -2.67
N VAL A 167 0.60 -0.81 -3.32
CA VAL A 167 1.91 -0.37 -2.79
C VAL A 167 2.95 -0.33 -3.89
N SER A 168 3.72 0.74 -3.92
CA SER A 168 4.81 0.88 -4.90
C SER A 168 6.14 0.97 -4.18
N HIS A 169 7.17 0.35 -4.77
CA HIS A 169 8.48 0.32 -4.14
C HIS A 169 9.51 1.05 -5.00
N HIS A 170 10.31 1.90 -4.36
CA HIS A 170 11.36 2.62 -5.06
C HIS A 170 12.71 2.37 -4.40
N ALA A 171 13.71 1.99 -5.19
CA ALA A 171 15.03 1.70 -4.65
C ALA A 171 15.87 2.96 -4.57
N GLU A 172 15.21 4.11 -4.48
CA GLU A 172 15.90 5.39 -4.42
C GLU A 172 15.01 6.46 -3.81
N PRO A 173 15.61 7.43 -3.18
CA PRO A 173 14.86 8.57 -2.55
C PRO A 173 14.19 9.46 -3.59
N ARG A 174 12.90 9.72 -3.41
CA ARG A 174 12.15 10.54 -4.35
C ARG A 174 10.82 10.97 -3.74
N PRO A 175 10.80 12.10 -3.10
CA PRO A 175 9.55 12.64 -2.47
C PRO A 175 8.40 12.74 -3.46
N TYR A 176 7.18 12.88 -2.93
CA TYR A 176 6.00 12.98 -3.77
C TYR A 176 5.41 14.37 -3.70
N SER A 177 4.85 14.84 -4.81
CA SER A 177 4.24 16.17 -4.85
C SER A 177 2.72 16.07 -4.86
N GLN A 178 2.05 17.15 -4.47
CA GLN A 178 0.60 17.16 -4.43
C GLN A 178 0.02 16.78 -5.79
N GLU A 179 0.63 17.33 -6.84
CA GLU A 179 0.17 17.04 -8.20
C GLU A 179 0.27 15.55 -8.49
N GLU A 180 1.39 14.95 -8.09
CA GLU A 180 1.61 13.52 -8.31
C GLU A 180 0.94 12.71 -7.21
N LEU A 181 0.51 13.39 -6.15
CA LEU A 181 -0.13 12.72 -5.04
C LEU A 181 -1.54 12.26 -5.43
N GLN A 182 -2.30 13.16 -6.03
CA GLN A 182 -3.67 12.84 -6.44
C GLN A 182 -3.65 11.87 -7.61
N VAL A 183 -2.76 12.11 -8.57
CA VAL A 183 -2.66 11.26 -9.74
C VAL A 183 -2.66 9.79 -9.31
N VAL A 184 -1.74 9.44 -8.42
CA VAL A 184 -1.64 8.06 -7.95
C VAL A 184 -2.73 7.76 -6.94
N GLN A 185 -2.84 8.60 -5.91
CA GLN A 185 -3.85 8.41 -4.89
C GLN A 185 -5.22 8.22 -5.54
N LEU A 186 -5.48 9.02 -6.57
CA LEU A 186 -6.74 8.92 -7.29
C LEU A 186 -6.77 7.65 -8.14
N LEU A 187 -5.67 7.39 -8.84
CA LEU A 187 -5.57 6.20 -9.67
C LEU A 187 -5.97 4.97 -8.86
N ALA A 188 -5.48 4.91 -7.64
CA ALA A 188 -5.81 3.80 -6.74
C ALA A 188 -7.31 3.79 -6.48
N ASP A 189 -7.87 4.97 -6.22
CA ASP A 189 -9.29 5.09 -5.98
C ASP A 189 -10.06 4.61 -7.20
N GLN A 190 -9.52 4.89 -8.38
CA GLN A 190 -10.13 4.44 -9.62
C GLN A 190 -10.03 2.93 -9.74
N VAL A 191 -8.98 2.37 -9.15
CA VAL A 191 -8.76 0.93 -9.17
C VAL A 191 -9.69 0.25 -8.16
N SER A 192 -9.71 0.79 -6.94
CA SER A 192 -10.58 0.26 -5.91
C SER A 192 -12.03 0.21 -6.41
N ILE A 193 -12.38 1.18 -7.25
CA ILE A 193 -13.72 1.24 -7.82
C ILE A 193 -13.93 0.08 -8.79
N ALA A 194 -12.86 -0.30 -9.48
CA ALA A 194 -12.92 -1.40 -10.43
C ALA A 194 -13.16 -2.72 -9.69
N ILE A 195 -12.52 -2.85 -8.53
CA ILE A 195 -12.69 -4.05 -7.72
C ILE A 195 -14.18 -4.25 -7.40
N ALA A 196 -14.83 -3.19 -6.94
CA ALA A 196 -16.24 -3.26 -6.58
C ALA A 196 -17.08 -3.51 -7.81
N GLN A 197 -16.86 -2.70 -8.85
CA GLN A 197 -17.63 -2.82 -10.08
C GLN A 197 -17.44 -4.19 -10.69
N ALA A 198 -16.20 -4.64 -10.77
CA ALA A 198 -15.88 -5.93 -11.36
C ALA A 198 -16.47 -7.06 -10.51
N GLU A 199 -16.51 -6.84 -9.20
CA GLU A 199 -17.01 -7.84 -8.28
C GLU A 199 -18.39 -8.33 -8.72
N LEU A 200 -19.24 -7.40 -9.12
CA LEU A 200 -20.58 -7.74 -9.57
C LEU A 200 -20.53 -8.91 -10.56
N SER A 201 -19.41 -9.02 -11.26
CA SER A 201 -19.25 -10.10 -12.24
C SER A 201 -19.61 -11.45 -11.63
N LEU A 202 -18.90 -11.82 -10.56
CA LEU A 202 -19.15 -13.08 -9.89
C LEU A 202 -20.46 -13.01 -9.11
CHA CYC B . 1.96 -1.88 7.94
NA CYC B . 3.03 -3.37 6.28
C1A CYC B . 2.17 -2.43 6.67
C2A CYC B . 1.47 -2.01 5.54
C3A CYC B . 1.96 -2.75 4.47
C4A CYC B . 2.95 -3.62 4.97
CMA CYC B . 1.46 -2.60 3.03
CAA CYC B . 0.36 -0.93 5.47
CBA CYC B . -1.05 -1.51 5.62
CGA CYC B . -1.46 -1.67 7.08
O1A CYC B . -2.36 -2.52 7.33
O2A CYC B . -0.88 -0.97 7.92
CHB CYC B . 3.73 -4.57 4.29
NB CYC B . 4.31 -4.57 1.84
C1B CYC B . 3.79 -5.06 2.97
C2B CYC B . 3.20 -6.29 2.66
C3B CYC B . 3.39 -6.51 1.31
C4B CYC B . 4.09 -5.42 0.84
CMB CYC B . 2.45 -7.26 3.61
CAB CYC B . 2.96 -7.71 0.48
CBB CYC B . 2.45 -7.31 -0.91
OB CYC B . 4.47 -5.27 -0.32
NC CYC B . 3.70 -5.95 11.93
C1C CYC B . 3.97 -7.17 12.46
C2C CYC B . 5.48 -7.39 12.55
C3C CYC B . 6.05 -6.14 11.98
C4C CYC B . 4.84 -5.27 11.64
CMC CYC B . 5.93 -7.69 13.97
CAC CYC B . 7.01 -6.33 10.77
CBC CYC B . 8.24 -7.21 11.08
OC CYC B . 3.14 -7.99 12.83
CHD CYC B . 5.05 -4.01 11.08
ND CYC B . 3.63 -3.18 9.22
C1D CYC B . 4.06 -3.23 10.49
C2D CYC B . 3.31 -2.30 11.20
C3D CYC B . 2.43 -1.68 10.32
C4D CYC B . 2.67 -2.26 9.07
CMD CYC B . 3.45 -1.97 12.71
CAD CYC B . 1.40 -0.59 10.68
CBD CYC B . 2.03 0.81 10.79
CGD CYC B . 1.64 1.55 12.08
O1D CYC B . 1.12 2.69 11.96
O2D CYC B . 1.87 0.98 13.16
HHA CYC B . 1.26 -1.17 8.04
HMA1 CYC B . 1.17 -1.65 2.88
HMA2 CYC B . 2.21 -2.81 2.40
HMA3 CYC B . 0.69 -3.21 2.87
HAA1 CYC B . 0.43 -0.45 4.59
HAA2 CYC B . 0.52 -0.27 6.21
HBA1 CYC B . -1.09 -2.39 5.16
HBA2 CYC B . -1.70 -0.89 5.17
HHB CYC B . 4.37 -5.04 4.90
HB CYC B . 4.81 -3.70 1.76
HMB1 CYC B . 1.52 -6.92 3.78
HMB2 CYC B . 2.39 -8.16 3.17
HMB3 CYC B . 2.93 -7.34 4.47
HAB1 CYC B . 3.73 -8.33 0.36
HAB2 CYC B . 2.22 -8.20 0.95
HBB1 CYC B . 1.77 -6.57 -0.81
HBB2 CYC B . 3.21 -6.99 -1.46
HBB3 CYC B . 2.01 -8.10 -1.34
HC CYC B . 2.79 -5.58 11.79
H2C CYC B . 5.73 -8.15 11.94
H3C CYC B . 6.54 -5.70 12.75
HMC1 CYC B . 5.27 -7.31 14.63
HMC2 CYC B . 5.97 -8.69 14.09
HMC3 CYC B . 6.83 -7.30 14.13
HAC2 CYC B . 6.44 -6.77 10.08
HBC1 CYC B . 9.00 -6.92 10.51
HBC2 CYC B . 8.49 -7.09 12.04
HBC3 CYC B . 8.01 -8.16 10.90
HHD CYC B . 5.97 -3.62 11.16
HD CYC B . 4.00 -3.74 8.47
HMD1 CYC B . 2.90 -2.62 13.24
HMD2 CYC B . 4.40 -2.07 12.98
HMD3 CYC B . 3.13 -1.04 12.88
HAD1 CYC B . 0.99 -0.83 11.56
HAD2 CYC B . 0.69 -0.58 9.98
HBD1 CYC B . 1.73 1.35 10.00
HBD2 CYC B . 3.02 0.70 10.76
HNE CYC B . 3.66 -3.85 6.89
N LEU A 31 -11.33 -10.62 -12.51
CA LEU A 31 -10.65 -9.87 -11.46
C LEU A 31 -9.16 -10.13 -11.49
N ASP A 32 -8.78 -11.40 -11.34
CA ASP A 32 -7.37 -11.78 -11.34
C ASP A 32 -6.69 -11.26 -12.60
N GLN A 33 -7.44 -11.22 -13.70
CA GLN A 33 -6.88 -10.76 -14.97
C GLN A 33 -6.78 -9.24 -14.99
N ILE A 34 -7.85 -8.57 -14.60
CA ILE A 34 -7.87 -7.11 -14.57
C ILE A 34 -6.82 -6.59 -13.59
N LEU A 35 -6.74 -7.22 -12.42
CA LEU A 35 -5.79 -6.79 -11.40
C LEU A 35 -4.35 -6.94 -11.92
N ARG A 36 -4.14 -7.93 -12.77
CA ARG A 36 -2.81 -8.17 -13.32
C ARG A 36 -2.47 -7.14 -14.39
N ALA A 37 -3.44 -6.82 -15.23
CA ALA A 37 -3.23 -5.88 -16.32
C ALA A 37 -3.17 -4.46 -15.79
N THR A 38 -3.89 -4.19 -14.71
CA THR A 38 -3.96 -2.86 -14.14
C THR A 38 -2.62 -2.48 -13.50
N VAL A 39 -1.96 -3.45 -12.90
CA VAL A 39 -0.69 -3.20 -12.24
C VAL A 39 0.42 -2.93 -13.27
N GLU A 40 0.22 -3.42 -14.48
CA GLU A 40 1.20 -3.21 -15.54
C GLU A 40 1.18 -1.77 -16.03
N GLU A 41 -0.01 -1.23 -16.23
CA GLU A 41 -0.15 0.15 -16.69
C GLU A 41 0.22 1.13 -15.59
N VAL A 42 -0.12 0.78 -14.35
CA VAL A 42 0.19 1.64 -13.21
C VAL A 42 1.69 1.89 -13.11
N ARG A 43 2.47 0.81 -13.10
CA ARG A 43 3.92 0.94 -13.02
C ARG A 43 4.45 1.87 -14.11
N ALA A 44 3.92 1.70 -15.31
CA ALA A 44 4.36 2.52 -16.43
C ALA A 44 4.21 4.01 -16.11
N PHE A 45 3.05 4.37 -15.56
CA PHE A 45 2.78 5.77 -15.24
C PHE A 45 3.73 6.27 -14.16
N LEU A 46 4.03 5.41 -13.19
CA LEU A 46 4.91 5.79 -12.10
C LEU A 46 6.35 5.38 -12.39
N GLY A 47 6.51 4.50 -13.38
CA GLY A 47 7.84 4.01 -13.75
C GLY A 47 8.59 3.50 -12.52
N THR A 48 7.83 3.10 -11.50
CA THR A 48 8.44 2.60 -10.27
C THR A 48 8.96 1.18 -10.47
N ASP A 49 10.08 0.87 -9.81
CA ASP A 49 10.69 -0.44 -9.96
C ASP A 49 9.63 -1.53 -10.02
N ARG A 50 8.77 -1.55 -9.01
CA ARG A 50 7.74 -2.58 -8.93
C ARG A 50 6.50 -2.06 -8.22
N VAL A 51 5.33 -2.57 -8.63
CA VAL A 51 4.08 -2.20 -7.98
C VAL A 51 3.17 -3.43 -7.91
N LYS A 52 2.57 -3.65 -6.75
CA LYS A 52 1.76 -4.85 -6.55
C LYS A 52 0.43 -4.49 -5.87
N VAL A 53 -0.61 -5.22 -6.24
CA VAL A 53 -1.92 -5.05 -5.62
C VAL A 53 -2.13 -6.12 -4.55
N TYR A 54 -2.69 -5.72 -3.42
CA TYR A 54 -2.87 -6.64 -2.31
C TYR A 54 -4.35 -6.75 -1.92
N ARG A 55 -4.89 -7.96 -2.04
CA ARG A 55 -6.28 -8.21 -1.70
C ARG A 55 -6.40 -8.67 -0.25
N PHE A 56 -7.35 -8.08 0.47
CA PHE A 56 -7.54 -8.43 1.88
C PHE A 56 -8.69 -9.41 2.04
N ASP A 57 -8.45 -10.47 2.80
CA ASP A 57 -9.48 -11.48 3.04
C ASP A 57 -10.12 -11.28 4.41
N PRO A 58 -11.36 -11.66 4.56
CA PRO A 58 -12.12 -11.48 5.82
C PRO A 58 -11.34 -11.99 7.04
N GLU A 59 -10.54 -13.03 6.83
CA GLU A 59 -9.78 -13.63 7.92
C GLU A 59 -8.55 -12.80 8.24
N GLY A 60 -8.28 -11.79 7.41
CA GLY A 60 -7.16 -10.88 7.64
C GLY A 60 -6.00 -11.22 6.71
N HIS A 61 -6.04 -12.42 6.13
CA HIS A 61 -4.97 -12.85 5.23
C HIS A 61 -5.16 -12.25 3.85
N GLY A 62 -4.06 -12.08 3.13
CA GLY A 62 -4.11 -11.49 1.79
C GLY A 62 -3.17 -12.23 0.84
N THR A 63 -3.36 -12.01 -0.46
CA THR A 63 -2.54 -12.67 -1.47
C THR A 63 -2.13 -11.68 -2.55
N VAL A 64 -1.07 -12.01 -3.28
CA VAL A 64 -0.61 -11.16 -4.37
C VAL A 64 -1.24 -11.57 -5.69
N VAL A 65 -2.16 -10.75 -6.19
CA VAL A 65 -2.84 -11.06 -7.43
C VAL A 65 -2.32 -10.17 -8.56
N ALA A 66 -1.37 -9.30 -8.23
CA ALA A 66 -0.79 -8.39 -9.22
C ALA A 66 0.59 -7.92 -8.76
N GLU A 67 1.56 -8.02 -9.65
CA GLU A 67 2.92 -7.60 -9.33
C GLU A 67 3.74 -7.40 -10.61
N ALA A 68 4.56 -6.36 -10.64
CA ALA A 68 5.39 -6.09 -11.79
C ALA A 68 6.80 -5.72 -11.36
N ARG A 69 7.79 -6.09 -12.18
CA ARG A 69 9.19 -5.81 -11.86
C ARG A 69 9.92 -5.29 -13.09
N GLY A 70 10.87 -4.38 -12.86
CA GLY A 70 11.64 -3.81 -13.95
C GLY A 70 13.07 -4.36 -13.96
N GLY A 71 13.67 -4.45 -15.14
CA GLY A 71 15.02 -4.96 -15.26
C GLY A 71 15.25 -6.15 -14.33
N GLU A 72 14.19 -6.91 -14.11
CA GLU A 72 14.27 -8.08 -13.23
C GLU A 72 15.08 -7.75 -11.98
N ARG A 73 15.24 -6.45 -11.71
CA ARG A 73 16.00 -6.02 -10.54
C ARG A 73 15.38 -6.58 -9.26
N LEU A 74 14.05 -6.61 -9.21
CA LEU A 74 13.36 -7.13 -8.04
C LEU A 74 12.51 -8.34 -8.42
N PRO A 75 12.78 -9.46 -7.82
CA PRO A 75 12.03 -10.73 -8.11
C PRO A 75 10.52 -10.53 -8.06
N SER A 76 9.78 -11.52 -8.55
CA SER A 76 8.32 -11.43 -8.57
C SER A 76 7.71 -12.19 -7.40
N LEU A 77 6.82 -11.53 -6.67
CA LEU A 77 6.15 -12.17 -5.54
C LEU A 77 4.74 -12.60 -5.93
N LEU A 78 4.46 -12.62 -7.23
CA LEU A 78 3.14 -12.95 -7.72
C LEU A 78 2.79 -14.39 -7.35
N GLY A 79 1.57 -14.59 -6.87
CA GLY A 79 1.08 -15.93 -6.54
C GLY A 79 1.48 -16.32 -5.12
N LEU A 80 2.32 -15.48 -4.50
CA LEU A 80 2.75 -15.74 -3.13
C LEU A 80 1.72 -15.20 -2.14
N THR A 81 1.55 -15.89 -1.03
CA THR A 81 0.58 -15.48 -0.01
C THR A 81 1.30 -14.89 1.19
N PHE A 82 0.81 -13.76 1.68
CA PHE A 82 1.42 -13.10 2.85
C PHE A 82 0.55 -13.30 4.07
N PRO A 83 1.05 -14.03 5.04
CA PRO A 83 0.32 -14.31 6.31
C PRO A 83 -0.31 -13.04 6.89
N ALA A 84 -1.48 -13.21 7.50
CA ALA A 84 -2.19 -12.08 8.09
C ALA A 84 -1.41 -11.49 9.25
N GLY A 85 -0.80 -12.36 10.05
CA GLY A 85 -0.04 -11.91 11.21
C GLY A 85 1.01 -10.88 10.81
N ASP A 86 1.35 -10.86 9.52
CA ASP A 86 2.34 -9.92 9.00
C ASP A 86 1.79 -8.50 9.03
N ILE A 87 0.50 -8.38 9.33
CA ILE A 87 -0.14 -7.07 9.37
C ILE A 87 -1.02 -6.95 10.61
N PRO A 88 -0.53 -6.27 11.62
CA PRO A 88 -1.27 -6.08 12.90
C PRO A 88 -2.74 -5.73 12.66
N GLU A 89 -3.14 -4.54 13.10
CA GLU A 89 -4.53 -4.11 12.94
C GLU A 89 -4.62 -2.59 13.07
N GLU A 90 -3.90 -2.02 14.03
CA GLU A 90 -3.92 -0.59 14.26
C GLU A 90 -3.57 0.16 12.98
N ALA A 91 -2.52 -0.30 12.31
CA ALA A 91 -2.06 0.35 11.07
C ALA A 91 -3.08 0.17 9.96
N ARG A 92 -3.70 -1.00 9.92
CA ARG A 92 -4.68 -1.30 8.88
C ARG A 92 -5.87 -0.37 8.97
N ARG A 93 -6.23 0.00 10.20
CA ARG A 93 -7.38 0.89 10.41
C ARG A 93 -7.12 2.25 9.77
N LEU A 94 -5.89 2.72 9.86
CA LEU A 94 -5.53 4.03 9.32
C LEU A 94 -5.83 4.09 7.82
N PHE A 95 -5.61 2.97 7.14
CA PHE A 95 -5.87 2.89 5.70
C PHE A 95 -7.36 2.98 5.42
N ARG A 96 -8.16 2.40 6.31
CA ARG A 96 -9.62 2.40 6.12
C ARG A 96 -10.24 3.65 6.73
N LEU A 97 -9.52 4.27 7.65
CA LEU A 97 -10.05 5.44 8.36
C LEU A 97 -9.60 6.72 7.69
N ALA A 98 -8.29 6.84 7.46
CA ALA A 98 -7.72 8.07 6.95
C ALA A 98 -7.23 7.89 5.51
N GLN A 99 -7.17 6.63 5.08
CA GLN A 99 -6.69 6.31 3.74
C GLN A 99 -5.40 7.08 3.42
N VAL A 100 -4.44 7.01 4.32
CA VAL A 100 -3.19 7.74 4.15
C VAL A 100 -2.05 7.03 4.87
N ARG A 101 -1.04 6.62 4.12
CA ARG A 101 0.12 5.97 4.70
C ARG A 101 1.26 5.90 3.69
N VAL A 102 2.43 6.39 4.08
CA VAL A 102 3.59 6.35 3.20
C VAL A 102 4.87 6.15 4.01
N ILE A 103 5.87 5.55 3.38
CA ILE A 103 7.14 5.29 4.06
C ILE A 103 8.22 6.23 3.55
N VAL A 104 8.88 6.92 4.48
CA VAL A 104 9.90 7.89 4.11
C VAL A 104 11.25 7.20 3.90
N ASP A 105 12.21 7.95 3.39
CA ASP A 105 13.53 7.39 3.12
C ASP A 105 14.08 6.68 4.35
N VAL A 106 14.28 5.37 4.25
CA VAL A 106 14.81 4.59 5.37
C VAL A 106 16.07 5.25 5.92
N GLU A 107 16.65 6.16 5.13
CA GLU A 107 17.85 6.87 5.57
C GLU A 107 17.53 7.79 6.74
N ALA A 108 16.40 8.49 6.64
CA ALA A 108 15.99 9.39 7.71
C ALA A 108 15.73 8.62 8.99
N GLN A 109 15.88 7.30 8.93
CA GLN A 109 15.68 6.46 10.10
C GLN A 109 14.48 6.93 10.91
N SER A 110 13.29 6.81 10.33
CA SER A 110 12.06 7.16 11.03
C SER A 110 11.51 5.95 11.78
N ARG A 111 11.30 6.11 13.08
CA ARG A 111 10.85 4.99 13.90
C ARG A 111 9.43 5.22 14.39
N SER A 112 8.63 4.15 14.42
CA SER A 112 7.26 4.22 14.91
C SER A 112 7.02 3.11 15.92
N ILE A 113 6.86 3.48 17.19
CA ILE A 113 6.64 2.49 18.23
C ILE A 113 5.23 2.62 18.80
N SER A 114 4.85 1.64 19.62
CA SER A 114 3.53 1.64 20.24
C SER A 114 3.47 2.65 21.38
N GLN A 115 2.27 2.86 21.92
CA GLN A 115 2.09 3.81 23.01
C GLN A 115 1.36 3.16 24.17
N PRO A 116 2.06 2.37 24.94
CA PRO A 116 1.47 1.66 26.12
C PRO A 116 0.64 2.59 26.99
N GLU A 117 0.95 3.89 26.92
CA GLU A 117 0.23 4.88 27.71
C GLU A 117 -1.24 4.90 27.33
N SER A 118 -1.53 4.60 26.07
CA SER A 118 -2.90 4.60 25.59
C SER A 118 -3.07 3.54 24.50
N TRP A 119 -4.30 3.07 24.33
CA TRP A 119 -4.60 2.06 23.32
C TRP A 119 -4.06 2.50 21.95
N GLY A 120 -4.19 3.79 21.66
CA GLY A 120 -3.73 4.33 20.39
C GLY A 120 -4.59 5.51 19.94
N LEU A 121 -4.13 6.21 18.92
CA LEU A 121 -4.88 7.36 18.39
C LEU A 121 -5.87 6.90 17.32
N SER A 122 -7.03 7.56 17.29
CA SER A 122 -8.05 7.22 16.30
C SER A 122 -8.06 8.23 15.17
N ALA A 123 -8.13 7.73 13.94
CA ALA A 123 -8.14 8.60 12.77
C ALA A 123 -9.54 9.17 12.54
N ARG A 124 -10.46 8.86 13.45
CA ARG A 124 -11.83 9.35 13.35
C ARG A 124 -11.85 10.87 13.22
N VAL A 125 -10.67 11.46 13.16
CA VAL A 125 -10.56 12.92 13.03
C VAL A 125 -9.55 13.28 11.95
N PRO A 126 -9.83 14.32 11.21
CA PRO A 126 -8.93 14.80 10.11
C PRO A 126 -7.47 14.88 10.57
N LEU A 127 -6.57 14.47 9.69
CA LEU A 127 -5.14 14.51 10.00
C LEU A 127 -4.84 13.61 11.20
N GLY A 128 -4.36 14.22 12.28
CA GLY A 128 -4.04 13.47 13.49
C GLY A 128 -2.57 13.05 13.51
N GLU A 129 -1.91 13.21 12.36
CA GLU A 129 -0.50 12.84 12.25
C GLU A 129 0.20 13.68 11.19
N PRO A 130 1.49 13.74 11.24
CA PRO A 130 2.31 14.51 10.26
C PRO A 130 2.11 14.02 8.83
N LEU A 131 2.61 14.79 7.87
CA LEU A 131 2.46 14.43 6.46
C LEU A 131 3.19 13.13 6.16
N GLN A 132 3.60 12.43 7.22
CA GLN A 132 4.35 11.19 7.06
C GLN A 132 3.97 10.19 8.15
N ARG A 133 4.28 8.93 7.92
CA ARG A 133 3.97 7.88 8.89
C ARG A 133 5.18 6.98 9.12
N PRO A 134 6.03 7.36 10.02
CA PRO A 134 7.29 6.61 10.32
C PRO A 134 7.04 5.11 10.49
N VAL A 135 7.94 4.29 9.95
CA VAL A 135 7.81 2.84 10.07
C VAL A 135 8.46 2.36 11.37
N ASP A 136 8.07 1.17 11.80
CA ASP A 136 8.60 0.60 13.04
C ASP A 136 9.87 -0.20 12.75
N PRO A 137 10.85 -0.08 13.60
CA PRO A 137 12.14 -0.79 13.45
C PRO A 137 11.95 -2.23 12.99
N CYS A 138 10.85 -2.84 13.41
CA CYS A 138 10.53 -4.20 13.00
C CYS A 138 10.10 -4.24 11.55
N HIS A 139 9.43 -3.19 11.10
CA HIS A 139 9.00 -3.10 9.71
C HIS A 139 10.11 -2.47 8.86
N VAL A 140 10.96 -1.67 9.51
CA VAL A 140 12.05 -1.03 8.81
C VAL A 140 12.94 -2.08 8.14
N HIS A 141 13.42 -3.03 8.92
CA HIS A 141 14.27 -4.09 8.40
C HIS A 141 13.52 -4.89 7.34
N TYR A 142 12.27 -5.23 7.64
CA TYR A 142 11.45 -5.98 6.69
C TYR A 142 11.57 -5.37 5.29
N LEU A 143 11.49 -4.05 5.23
CA LEU A 143 11.61 -3.35 3.95
C LEU A 143 13.05 -3.37 3.46
N LYS A 144 13.97 -3.07 4.37
CA LYS A 144 15.39 -3.09 4.02
C LYS A 144 15.78 -4.45 3.46
N SER A 145 15.30 -5.52 4.09
CA SER A 145 15.56 -6.87 3.62
C SER A 145 14.92 -7.08 2.24
N MET A 146 13.99 -6.20 1.89
CA MET A 146 13.31 -6.32 0.61
C MET A 146 13.96 -5.40 -0.42
N GLY A 147 14.99 -4.67 0.01
CA GLY A 147 15.70 -3.77 -0.89
C GLY A 147 14.89 -2.49 -1.13
N VAL A 148 13.98 -2.19 -0.22
CA VAL A 148 13.14 -1.00 -0.35
C VAL A 148 13.62 0.09 0.60
N ALA A 149 13.63 1.33 0.09
CA ALA A 149 14.07 2.47 0.91
C ALA A 149 12.89 3.43 1.12
N SER A 150 12.26 3.83 0.03
CA SER A 150 11.12 4.74 0.11
C SER A 150 9.99 4.22 -0.76
N SER A 151 8.88 3.85 -0.12
CA SER A 151 7.73 3.31 -0.85
C SER A 151 6.44 4.00 -0.41
N LEU A 152 5.53 4.17 -1.37
CA LEU A 152 4.23 4.77 -1.07
C LEU A 152 3.16 3.70 -0.96
N VAL A 153 2.37 3.78 0.10
CA VAL A 153 1.31 2.79 0.32
C VAL A 153 -0.07 3.40 0.10
N VAL A 154 -0.67 3.09 -1.04
CA VAL A 154 -2.01 3.57 -1.35
C VAL A 154 -3.01 2.41 -1.28
N PRO A 155 -3.99 2.54 -0.42
CA PRO A 155 -5.01 1.47 -0.19
C PRO A 155 -6.09 1.44 -1.27
N LEU A 156 -6.76 0.29 -1.39
CA LEU A 156 -7.85 0.15 -2.35
C LEU A 156 -9.12 -0.28 -1.62
N MET A 157 -10.11 0.61 -1.58
CA MET A 157 -11.33 0.33 -0.85
C MET A 157 -12.56 0.68 -1.69
N HIS A 158 -13.70 0.08 -1.35
CA HIS A 158 -14.94 0.37 -2.03
C HIS A 158 -16.07 0.61 -1.04
N HIS A 159 -16.69 1.78 -1.13
CA HIS A 159 -17.76 2.15 -0.20
C HIS A 159 -17.20 2.32 1.20
N GLN A 160 -17.56 1.41 2.11
CA GLN A 160 -17.10 1.49 3.49
C GLN A 160 -16.20 0.32 3.82
N GLU A 161 -16.10 -0.63 2.89
CA GLU A 161 -15.32 -1.84 3.12
C GLU A 161 -13.98 -1.77 2.39
N LEU A 162 -12.99 -2.49 2.91
CA LEU A 162 -11.68 -2.55 2.28
C LEU A 162 -11.48 -3.87 1.57
N TRP A 163 -11.11 -3.82 0.29
CA TRP A 163 -10.95 -5.04 -0.50
C TRP A 163 -9.47 -5.40 -0.61
N GLY A 164 -8.62 -4.39 -0.80
CA GLY A 164 -7.19 -4.64 -0.99
C GLY A 164 -6.39 -3.35 -0.79
N LEU A 165 -5.08 -3.44 -1.02
CA LEU A 165 -4.20 -2.29 -0.84
C LEU A 165 -3.18 -2.21 -1.97
N LEU A 166 -2.81 -1.00 -2.35
CA LEU A 166 -1.81 -0.79 -3.39
C LEU A 166 -0.52 -0.25 -2.79
N VAL A 167 0.60 -0.49 -3.45
CA VAL A 167 1.89 -0.03 -2.94
C VAL A 167 2.94 -0.01 -4.05
N SER A 168 3.75 1.05 -4.06
CA SER A 168 4.83 1.17 -5.03
C SER A 168 6.18 1.21 -4.31
N HIS A 169 7.13 0.43 -4.82
CA HIS A 169 8.45 0.36 -4.19
C HIS A 169 9.50 1.04 -5.07
N HIS A 170 10.29 1.91 -4.45
CA HIS A 170 11.34 2.64 -5.17
C HIS A 170 12.69 2.43 -4.50
N ALA A 171 13.68 2.01 -5.27
CA ALA A 171 15.02 1.78 -4.73
C ALA A 171 15.78 3.09 -4.59
N GLU A 172 15.07 4.14 -4.18
CA GLU A 172 15.70 5.45 -4.01
C GLU A 172 14.82 6.35 -3.15
N PRO A 173 15.43 7.32 -2.52
CA PRO A 173 14.69 8.29 -1.63
C PRO A 173 13.82 9.24 -2.43
N ARG A 174 14.31 10.46 -2.65
CA ARG A 174 13.56 11.46 -3.40
C ARG A 174 12.20 11.69 -2.74
N PRO A 175 11.85 12.93 -2.53
CA PRO A 175 10.55 13.30 -1.91
C PRO A 175 9.39 13.20 -2.90
N TYR A 176 8.17 13.17 -2.37
CA TYR A 176 6.98 13.08 -3.21
C TYR A 176 6.22 14.40 -3.21
N SER A 177 5.46 14.64 -4.26
CA SER A 177 4.68 15.88 -4.36
C SER A 177 3.18 15.57 -4.30
N GLN A 178 2.41 16.54 -3.82
CA GLN A 178 0.97 16.36 -3.71
C GLN A 178 0.35 16.17 -5.09
N GLU A 179 0.88 16.90 -6.07
CA GLU A 179 0.36 16.83 -7.43
C GLU A 179 0.28 15.37 -7.89
N GLU A 180 1.43 14.70 -7.89
CA GLU A 180 1.48 13.31 -8.31
C GLU A 180 0.77 12.40 -7.31
N LEU A 181 0.71 12.86 -6.07
CA LEU A 181 0.08 12.08 -5.01
C LEU A 181 -1.38 11.80 -5.35
N GLN A 182 -2.10 12.85 -5.76
CA GLN A 182 -3.51 12.71 -6.10
C GLN A 182 -3.67 11.77 -7.30
N VAL A 183 -2.94 12.07 -8.38
CA VAL A 183 -3.02 11.25 -9.57
C VAL A 183 -3.02 9.78 -9.20
N VAL A 184 -2.07 9.39 -8.35
CA VAL A 184 -1.97 7.99 -7.93
C VAL A 184 -3.06 7.67 -6.91
N GLN A 185 -3.18 8.51 -5.89
CA GLN A 185 -4.20 8.30 -4.87
C GLN A 185 -5.56 8.11 -5.52
N LEU A 186 -5.82 8.89 -6.56
CA LEU A 186 -7.08 8.79 -7.28
C LEU A 186 -7.09 7.54 -8.15
N LEU A 187 -6.01 7.34 -8.90
CA LEU A 187 -5.91 6.17 -9.76
C LEU A 187 -6.24 4.91 -8.98
N ALA A 188 -5.67 4.81 -7.77
CA ALA A 188 -5.94 3.67 -6.91
C ALA A 188 -7.42 3.62 -6.57
N ASP A 189 -7.99 4.78 -6.25
CA ASP A 189 -9.41 4.87 -5.93
C ASP A 189 -10.22 4.42 -7.13
N GLN A 190 -9.77 4.79 -8.33
CA GLN A 190 -10.43 4.40 -9.55
C GLN A 190 -10.29 2.89 -9.77
N VAL A 191 -9.18 2.34 -9.28
CA VAL A 191 -8.94 0.91 -9.39
C VAL A 191 -9.80 0.15 -8.38
N SER A 192 -9.76 0.60 -7.13
CA SER A 192 -10.57 -0.01 -6.09
C SER A 192 -12.03 -0.10 -6.54
N ILE A 193 -12.41 0.81 -7.41
CA ILE A 193 -13.78 0.84 -7.91
C ILE A 193 -13.98 -0.26 -8.96
N ALA A 194 -12.93 -0.52 -9.73
CA ALA A 194 -13.00 -1.52 -10.80
C ALA A 194 -13.24 -2.90 -10.19
N ILE A 195 -12.57 -3.18 -9.09
CA ILE A 195 -12.72 -4.48 -8.42
C ILE A 195 -14.11 -4.60 -7.81
N ALA A 196 -14.70 -3.46 -7.47
CA ALA A 196 -16.02 -3.45 -6.87
C ALA A 196 -17.09 -3.77 -7.92
N GLN A 197 -17.06 -3.03 -9.02
CA GLN A 197 -18.04 -3.22 -10.09
C GLN A 197 -17.81 -4.56 -10.78
N ALA A 198 -16.54 -4.92 -10.94
CA ALA A 198 -16.20 -6.18 -11.59
C ALA A 198 -16.66 -7.36 -10.74
N GLU A 199 -16.57 -7.20 -9.42
CA GLU A 199 -16.95 -8.28 -8.51
C GLU A 199 -18.35 -8.77 -8.81
N LEU A 200 -19.25 -7.83 -9.09
CA LEU A 200 -20.63 -8.18 -9.40
C LEU A 200 -20.68 -9.28 -10.45
N SER A 201 -19.71 -9.27 -11.36
CA SER A 201 -19.65 -10.27 -12.41
C SER A 201 -19.71 -11.67 -11.82
N LEU A 202 -18.75 -11.98 -10.96
CA LEU A 202 -18.70 -13.29 -10.32
C LEU A 202 -19.85 -13.44 -9.31
CHA CYC B . 2.68 -2.45 8.04
NA CYC B . 3.61 -3.72 6.12
C1A CYC B . 2.81 -2.83 6.69
C2A CYC B . 2.05 -2.25 5.68
C3A CYC B . 2.46 -2.85 4.49
C4A CYC B . 3.46 -3.79 4.80
CMA CYC B . 1.88 -2.48 3.12
CAA CYC B . 0.95 -1.16 5.82
CBA CYC B . -0.25 -1.62 6.64
CGA CYC B . -1.43 -2.05 5.76
O1A CYC B . -2.52 -1.44 5.93
O2A CYC B . -1.22 -2.95 4.93
CHB CYC B . 4.17 -4.64 3.96
NB CYC B . 4.52 -4.31 1.48
C1B CYC B . 4.12 -4.97 2.59
C2B CYC B . 3.58 -6.19 2.18
C3B CYC B . 3.66 -6.23 0.80
C4B CYC B . 4.25 -5.06 0.40
CMB CYC B . 2.98 -7.31 3.05
CAB CYC B . 3.20 -7.36 -0.14
CBB CYC B . 2.54 -6.81 -1.40
OB CYC B . 4.49 -4.73 -0.76
NC CYC B . 5.41 -7.53 10.72
C1C CYC B . 5.07 -8.43 11.68
C2C CYC B . 5.03 -7.76 13.05
C3C CYC B . 5.66 -6.41 12.78
C4C CYC B . 5.65 -6.29 11.26
CMC CYC B . 3.60 -7.66 13.58
CAC CYC B . 7.10 -6.24 13.38
CBC CYC B . 7.16 -6.41 14.90
OC CYC B . 4.82 -9.61 11.48
CHD CYC B . 5.89 -5.06 10.68
ND CYC B . 4.40 -3.94 9.03
C1D CYC B . 4.89 -4.19 10.24
C2D CYC B . 4.19 -3.36 11.13
C3D CYC B . 3.28 -2.60 10.39
C4D CYC B . 3.45 -3.01 9.06
CMD CYC B . 4.40 -3.26 12.66
CAD CYC B . 2.30 -1.56 10.96
CBD CYC B . 2.96 -0.20 11.23
CGD CYC B . 2.71 0.82 10.11
O1D CYC B . 1.89 1.74 10.33
O2D CYC B . 3.34 0.66 9.04
HHA CYC B . 2.01 -1.75 8.26
HMA1 CYC B . 1.57 -1.53 3.13
HMA2 CYC B . 2.60 -2.57 2.43
HMA3 CYC B . 1.12 -3.09 2.90
HAA1 CYC B . 0.64 -0.89 4.92
HAA2 CYC B . 1.37 -0.36 6.27
HBA1 CYC B . -0.54 -0.88 7.24
HBA2 CYC B . 0.03 -2.40 7.21
HHB CYC B . 4.85 -5.19 4.45
HB CYC B . 4.94 -3.40 1.47
HMB1 CYC B . 3.63 -8.05 3.15
HMB2 CYC B . 2.77 -6.94 3.97
HMB3 CYC B . 2.13 -7.65 2.64
HAB1 CYC B . 3.98 -7.91 -0.40
HAB2 CYC B . 2.53 -7.93 0.34
HBB1 CYC B . 3.24 -6.43 -2.02
HBB2 CYC B . 2.06 -7.55 -1.87
HBB3 CYC B . 1.88 -6.09 -1.17
HC CYC B . 5.48 -7.73 9.75
H2C CYC B . 5.60 -8.28 13.69
H3C CYC B . 5.05 -5.69 13.16
HMC1 CYC B . 3.61 -7.23 14.48
HMC2 CYC B . 3.06 -7.08 12.96
HMC3 CYC B . 3.19 -8.57 13.65
HAC2 CYC B . 7.62 -6.97 12.93
HBC1 CYC B . 6.28 -6.74 15.24
HBC2 CYC B . 7.86 -7.09 15.12
HBC3 CYC B . 7.38 -5.53 15.33
HHD CYC B . 6.84 -4.76 10.58
HD CYC B . 4.71 -4.39 8.18
HMD1 CYC B . 3.54 -3.05 13.10
HMD2 CYC B . 4.72 -4.16 13.00
HMD3 CYC B . 5.07 -2.55 12.87
HAD1 CYC B . 1.92 -1.90 11.82
HAD2 CYC B . 1.56 -1.43 10.30
HBD1 CYC B . 3.94 -0.34 11.33
HBD2 CYC B . 2.59 0.17 12.08
HNE CYC B . 4.28 -4.28 6.63
#